data_7S6K
#
_entry.id   7S6K
#
_cell.length_a   1.00
_cell.length_b   1.00
_cell.length_c   1.00
_cell.angle_alpha   90.00
_cell.angle_beta   90.00
_cell.angle_gamma   90.00
#
_symmetry.space_group_name_H-M   'P 1'
#
loop_
_entity.id
_entity.type
_entity.pdbx_description
1 polymer 'Spike glycoprotein'
2 polymer 'J08 fragment antigen binding heavy chain variable domain'
3 polymer 'J08 fragment antigen binding light chain variable domain'
4 branched 2-acetamido-2-deoxy-beta-D-glucopyranose-(1-4)-2-acetamido-2-deoxy-beta-D-glucopyranose
5 non-polymer 2-acetamido-2-deoxy-beta-D-glucopyranose
#
loop_
_entity_poly.entity_id
_entity_poly.type
_entity_poly.pdbx_seq_one_letter_code
_entity_poly.pdbx_strand_id
1 'polypeptide(L)'
;MFVFLVLLPLVSSQCVNLTTRTQLPPAYTNSFTRGVYYPDKVFRSSVLHSTQDLFLPFFSNVTWFHAIHVSGTNGTKRFD
NPVLPFNDGVYFASTEKSNIIRGWIFGTTLDSKTQSLLIVNNATNVVIKVCEFQFCNDPFLGVYYHKNNKSWMESEFRVY
SSANNCTFEYVSQPFLMDLEGKQGNFKNLREFVFKNIDGYFKIYSKHTPINLVRDLPQGFSALEPLVDLPIGINITRFQT
LLALHRSYLTPGDSSSGWTAGAAAYYVGYLQPRTFLLKYNENGTITDAVDCALDPLSETKCTLKSFTVEKGIYQTSNFRV
QPTESIVRFPNITNLCPFGEVFNATRFASVYAWNRKRISNCVADYSVLYNSASFSTFKCYGVCPTKLNDLCFTNVYADSF
VIRGDEVRQIAPGQTGKIADYNYKLPDDFTGCVIAWNSNNLDSKVGGNYNYLYRLFRKSNLKPFERDISTEIYQAGSTPC
NGVEGFNCYFPLQSYGFQPTNGVGYQPYRVVVLSFELLHAPATVCGPKKSTNLVKNKCVNFNFNGLTGTGVLTESNKKFL
PFQQFGRDIADTTDAVRDPQTLEILDITPCSFGGVSVITPGTNTSNQVAVLYQDVNCTEVPVAIHADQLTPTWRVYSTGS
NVFQTRAGCLIGAEHVNNSYECDIPIGAGICASYQTQTNSPGSASSVASQSIIAYTMSLGAENSVAYSNNSIAIPTNFTI
SVTTEILPVSMTKTSVDCTMYICGDSTECSNLLLQYGSFCTQLNRALTGIAVEQDKNTQEVFAQVKQIYKTPPIKDFGGF
NFSQILPDPSKPSKRSPIEDLLFNKVTLADAGFIKQYGDCLGDIAARDLICAQKFNGLTVLPPLLTDEMIAQYTSALLAG
TITSGWTFGAGPALQIPFPMQMAYRFNGIGVTQNVLYENQKLIANQFNSAIGKIQDSLSSTPSALGKLQDVVNQNAQALN
TLVKQLSSNFGAISSVLNDILSRLCPPEAEVQIDRLITGRLQSLQTYVTQQLIRAAEIRASANLAATKMSECVLGQSKRV
DFCGKGYHLMSFPQSAPHGVVFLHVTYVPAQEKNFTTAPAICHDGKAHFPREGVFVSNGTHWFVTQRNFYEPQIITTDNT
FVSGNCDVVIGIVNNTVYDPLQPELDSFKEELDKYFKNHTSPDVDLGDISGINASVVNIQKEIDRLNEVAKNLNESLIDL
QELGKYEQGSGYIPEAPRDGQAYVRKDGEWVLLSTFLGRSLEVLFQGPGSAWSHPQFEKGGGSGGGGSGGSAWSHPQFEK
;
A,B,E
2 'polypeptide(L)'
;QVQLVQSGAEVKKPGSSVKVSCKASGGTFSSYTISWVRQAPGQGLEWMGRIIPILDRVMYAQKFQGRVTITADKSTSTAY
MELSSLRSEDTAVYYCARRAIDSDTYVEQSHFDYWGQGTLVTVSSAS
;
H,C,F
3 'polypeptide(L)'
;EIVMTQSPATLSLSPGERATLSCRASQSVSSYLAWYQQKPGQAPSLLIYDASNRATGIPARFSGSGSGTDFTLTISSLEP
EDFAVYYCQQPLTFGGGTKVEIKRT
;
L,D,G
#
loop_
_chem_comp.id
_chem_comp.type
_chem_comp.name
_chem_comp.formula
NAG D-saccharide, beta linking 2-acetamido-2-deoxy-beta-D-glucopyranose 'C8 H15 N O6'
#
# COMPACT_ATOMS: atom_id res chain seq x y z
N CYS A 15 67.82 6.74 1.99
CA CYS A 15 67.54 5.65 2.90
C CYS A 15 68.49 5.74 4.12
N VAL A 16 68.12 6.60 5.10
CA VAL A 16 68.84 6.88 6.36
C VAL A 16 67.94 6.75 7.60
N ASN A 17 68.40 6.01 8.65
CA ASN A 17 67.73 5.88 9.95
C ASN A 17 68.29 6.97 10.87
N LEU A 18 67.48 7.99 11.24
CA LEU A 18 67.91 9.15 12.05
C LEU A 18 68.05 8.83 13.53
N THR A 19 69.06 9.43 14.15
CA THR A 19 69.30 9.26 15.58
C THR A 19 69.47 10.61 16.26
N THR A 20 69.80 10.58 17.56
CA THR A 20 69.98 11.70 18.53
C THR A 20 68.67 12.29 19.07
N ARG A 21 67.55 11.72 18.63
CA ARG A 21 66.23 12.12 19.09
C ARG A 21 66.00 11.58 20.47
N THR A 22 65.20 12.27 21.28
CA THR A 22 64.91 11.76 22.60
C THR A 22 63.64 10.95 22.61
N GLN A 23 63.34 10.35 23.76
CA GLN A 23 62.12 9.57 23.88
C GLN A 23 61.18 10.13 24.92
N LEU A 24 60.12 10.77 24.45
CA LEU A 24 59.13 11.38 25.29
C LEU A 24 57.75 10.95 24.82
N PRO A 25 56.75 10.85 25.70
CA PRO A 25 55.38 10.49 25.39
C PRO A 25 54.71 11.62 24.62
N PRO A 26 53.62 11.31 23.89
CA PRO A 26 52.78 12.25 23.17
C PRO A 26 51.98 13.06 24.14
N ALA A 27 51.61 14.26 23.72
CA ALA A 27 50.78 15.13 24.50
C ALA A 27 49.38 15.04 23.94
N TYR A 28 48.39 15.47 24.69
CA TYR A 28 47.06 15.46 24.11
C TYR A 28 46.43 16.82 24.25
N THR A 29 45.61 17.19 23.27
CA THR A 29 44.93 18.47 23.30
C THR A 29 43.44 18.38 23.04
N ASN A 30 42.78 19.50 23.31
CA ASN A 30 41.35 19.73 23.13
C ASN A 30 41.03 20.21 21.71
N SER A 31 40.26 19.43 20.96
CA SER A 31 39.92 19.77 19.58
C SER A 31 38.98 20.95 19.46
N PHE A 32 38.36 21.30 20.56
CA PHE A 32 37.39 22.36 20.66
C PHE A 32 36.33 22.20 19.59
N THR A 33 36.23 23.19 18.72
CA THR A 33 35.25 23.25 17.66
C THR A 33 35.80 23.15 16.25
N ARG A 34 37.00 22.64 16.12
CA ARG A 34 37.64 22.46 14.82
C ARG A 34 37.25 21.12 14.21
N GLY A 35 37.41 20.97 12.88
CA GLY A 35 37.15 19.67 12.23
C GLY A 35 35.88 19.57 11.38
N VAL A 36 35.24 20.71 11.21
CA VAL A 36 34.06 20.88 10.38
C VAL A 36 34.49 21.28 8.99
N TYR A 37 33.83 20.72 8.01
CA TYR A 37 34.11 20.99 6.62
C TYR A 37 32.83 21.03 5.86
N TYR A 38 32.85 21.64 4.67
CA TYR A 38 31.64 21.67 3.87
C TYR A 38 31.34 20.25 3.41
N PRO A 39 30.22 19.65 3.82
CA PRO A 39 29.84 18.27 3.56
C PRO A 39 29.37 18.03 2.15
N ASP A 40 29.18 19.11 1.41
CA ASP A 40 28.61 19.04 0.09
C ASP A 40 29.12 20.19 -0.75
N LYS A 41 28.69 20.23 -2.00
CA LYS A 41 29.08 21.27 -2.92
C LYS A 41 27.94 22.27 -3.10
N VAL A 42 26.74 21.88 -2.80
CA VAL A 42 25.62 22.75 -3.02
C VAL A 42 25.68 24.05 -2.21
N PHE A 43 25.42 25.17 -2.87
CA PHE A 43 25.35 26.45 -2.19
C PHE A 43 24.09 26.53 -1.37
N ARG A 44 24.23 26.96 -0.13
CA ARG A 44 23.08 27.16 0.74
C ARG A 44 23.29 28.52 1.32
N SER A 45 22.23 29.21 1.71
CA SER A 45 22.40 30.52 2.33
C SER A 45 21.34 30.86 3.35
N SER A 46 21.79 31.38 4.49
CA SER A 46 20.93 31.77 5.61
C SER A 46 19.99 30.63 6.08
N VAL A 47 20.57 29.44 6.23
CA VAL A 47 19.83 28.25 6.67
C VAL A 47 20.55 27.45 7.73
N LEU A 48 19.80 26.61 8.43
CA LEU A 48 20.43 25.66 9.32
C LEU A 48 20.20 24.30 8.70
N HIS A 49 21.28 23.61 8.40
CA HIS A 49 21.17 22.33 7.73
C HIS A 49 21.68 21.19 8.57
N SER A 50 20.86 20.17 8.73
CA SER A 50 21.25 19.00 9.51
C SER A 50 21.84 17.94 8.62
N THR A 51 23.06 17.50 8.93
CA THR A 51 23.74 16.52 8.11
C THR A 51 24.47 15.45 8.91
N GLN A 52 24.58 14.27 8.31
CA GLN A 52 25.32 13.16 8.93
C GLN A 52 26.51 12.80 8.09
N ASP A 53 27.69 12.86 8.69
CA ASP A 53 28.95 12.58 8.01
C ASP A 53 30.02 12.25 9.04
N LEU A 54 31.24 11.98 8.58
CA LEU A 54 32.34 11.73 9.49
C LEU A 54 33.05 13.03 9.76
N PHE A 55 32.95 13.49 10.99
CA PHE A 55 33.48 14.78 11.42
C PHE A 55 34.35 14.62 12.63
N LEU A 56 35.26 15.54 12.89
CA LEU A 56 35.95 15.39 14.15
C LEU A 56 34.89 15.73 15.20
N PRO A 57 34.66 14.93 16.26
CA PRO A 57 33.71 15.23 17.31
C PRO A 57 34.16 16.47 18.01
N PHE A 58 33.24 17.26 18.53
CA PHE A 58 33.67 18.42 19.28
C PHE A 58 34.23 18.02 20.61
N PHE A 59 35.25 18.75 21.03
CA PHE A 59 35.97 18.58 22.28
C PHE A 59 36.59 17.20 22.42
N SER A 60 37.08 16.64 21.31
CA SER A 60 37.71 15.35 21.28
C SER A 60 39.17 15.44 21.76
N ASN A 61 39.78 14.25 22.06
CA ASN A 61 41.17 14.09 22.47
C ASN A 61 42.06 13.87 21.24
N VAL A 62 42.85 14.90 20.88
CA VAL A 62 43.71 14.98 19.69
C VAL A 62 45.15 14.72 20.07
N THR A 63 45.85 13.86 19.35
CA THR A 63 47.21 13.57 19.75
C THR A 63 48.13 14.65 19.21
N TRP A 64 48.95 15.19 20.10
CA TRP A 64 49.89 16.26 19.81
C TRP A 64 51.33 15.77 19.70
N PHE A 65 51.86 15.95 18.50
CA PHE A 65 53.19 15.51 18.10
C PHE A 65 54.10 16.71 17.98
N HIS A 66 55.38 16.51 18.23
CA HIS A 66 56.32 17.61 18.16
C HIS A 66 57.50 17.33 17.25
N ALA A 67 57.99 18.38 16.63
CA ALA A 67 59.19 18.31 15.85
C ALA A 67 60.03 19.54 16.13
N ILE A 68 60.51 19.65 17.36
CA ILE A 68 61.26 20.80 17.84
C ILE A 68 62.62 20.41 18.43
N HIS A 69 63.69 21.05 17.97
CA HIS A 69 65.06 20.81 18.48
C HIS A 69 65.26 20.88 20.02
N VAL A 70 64.71 21.95 20.66
CA VAL A 70 64.81 22.27 22.10
C VAL A 70 66.28 22.59 22.42
N THR A 76 66.75 15.87 24.37
CA THR A 76 65.53 16.67 24.45
C THR A 76 64.81 16.90 23.08
N LYS A 77 65.51 16.63 21.95
CA LYS A 77 65.05 16.83 20.56
C LYS A 77 63.92 15.94 20.08
N ARG A 78 62.94 16.59 19.47
CA ARG A 78 61.77 15.92 18.95
C ARG A 78 61.70 16.05 17.45
N PHE A 79 61.10 15.06 16.81
CA PHE A 79 60.91 15.02 15.38
C PHE A 79 59.70 14.17 15.18
N ASP A 80 59.57 13.24 16.10
CA ASP A 80 58.53 12.24 16.08
C ASP A 80 58.40 11.54 14.72
N ASN A 81 57.36 11.91 13.96
CA ASN A 81 57.00 11.29 12.69
C ASN A 81 56.75 9.77 12.70
N PRO A 82 55.87 9.25 13.57
CA PRO A 82 55.45 7.86 13.69
C PRO A 82 54.46 7.47 12.64
N VAL A 83 54.24 6.18 12.49
CA VAL A 83 53.15 5.72 11.64
C VAL A 83 51.89 5.67 12.49
N LEU A 84 50.82 6.30 12.02
CA LEU A 84 49.57 6.37 12.72
C LEU A 84 48.47 5.61 11.99
N PRO A 85 47.45 5.10 12.67
CA PRO A 85 46.27 4.53 12.07
C PRO A 85 45.54 5.59 11.28
N PHE A 86 44.86 5.19 10.22
CA PHE A 86 44.02 6.11 9.43
C PHE A 86 42.58 5.95 9.85
N ASN A 87 42.23 4.74 10.24
CA ASN A 87 40.88 4.36 10.62
C ASN A 87 39.84 4.76 9.60
N ASP A 88 38.88 5.60 9.98
CA ASP A 88 37.79 5.98 9.09
C ASP A 88 38.02 7.30 8.38
N GLY A 89 39.21 7.84 8.52
CA GLY A 89 39.56 9.14 7.96
C GLY A 89 40.06 9.98 9.09
N VAL A 90 40.92 10.94 8.77
CA VAL A 90 41.51 11.72 9.83
C VAL A 90 41.48 13.21 9.69
N TYR A 91 41.67 13.84 10.83
CA TYR A 91 41.84 15.27 10.92
C TYR A 91 43.27 15.56 11.20
N PHE A 92 43.87 16.38 10.38
CA PHE A 92 45.25 16.71 10.57
C PHE A 92 45.39 18.20 10.66
N ALA A 93 46.15 18.67 11.61
CA ALA A 93 46.35 20.10 11.66
C ALA A 93 47.74 20.39 12.06
N SER A 94 48.25 21.48 11.57
CA SER A 94 49.59 21.82 11.98
C SER A 94 49.83 23.28 12.10
N THR A 95 50.79 23.59 12.93
CA THR A 95 51.21 24.95 13.11
C THR A 95 52.70 25.01 12.82
N GLU A 96 53.06 25.99 12.02
CA GLU A 96 54.45 26.18 11.66
C GLU A 96 54.74 27.60 11.22
N LYS A 97 56.01 27.85 10.98
CA LYS A 97 56.44 29.13 10.42
C LYS A 97 57.42 29.00 9.25
N SER A 98 57.87 27.78 8.91
CA SER A 98 58.89 27.64 7.86
C SER A 98 58.79 26.42 6.93
N ASN A 99 57.58 26.01 6.52
CA ASN A 99 57.45 24.89 5.57
C ASN A 99 58.19 23.60 5.94
N ILE A 100 57.95 23.12 7.16
CA ILE A 100 58.56 21.92 7.69
C ILE A 100 57.70 20.70 7.45
N ILE A 101 56.41 20.85 7.62
CA ILE A 101 55.51 19.72 7.46
C ILE A 101 55.06 19.73 6.01
N ARG A 102 55.50 18.73 5.24
CA ARG A 102 55.28 18.76 3.81
C ARG A 102 54.47 17.66 3.18
N GLY A 103 54.28 16.55 3.85
CA GLY A 103 53.55 15.53 3.10
C GLY A 103 53.11 14.33 3.90
N TRP A 104 52.52 13.39 3.17
CA TRP A 104 51.98 12.20 3.77
C TRP A 104 52.12 10.95 2.91
N ILE A 105 52.22 9.83 3.58
CA ILE A 105 52.22 8.53 2.94
C ILE A 105 51.00 7.77 3.41
N PHE A 106 50.18 7.26 2.50
CA PHE A 106 48.99 6.51 2.90
C PHE A 106 48.94 5.12 2.28
N GLY A 107 48.48 4.14 3.03
CA GLY A 107 48.34 2.79 2.46
C GLY A 107 48.08 1.71 3.50
N THR A 108 48.30 0.45 3.14
CA THR A 108 48.08 -0.66 4.08
C THR A 108 49.35 -1.36 4.56
N THR A 109 50.44 -1.21 3.80
CA THR A 109 51.70 -1.89 4.12
C THR A 109 52.87 -0.93 4.05
N LEU A 110 52.94 -0.23 2.92
CA LEU A 110 54.00 0.70 2.56
C LEU A 110 55.36 0.00 2.35
N ASP A 111 55.33 -1.21 1.78
CA ASP A 111 56.51 -2.02 1.53
C ASP A 111 56.71 -2.52 0.09
N SER A 112 56.10 -1.86 -0.91
CA SER A 112 56.17 -2.20 -2.35
C SER A 112 55.30 -3.39 -2.79
N LYS A 113 54.61 -4.04 -1.84
CA LYS A 113 53.78 -5.18 -2.23
C LYS A 113 52.44 -4.75 -2.82
N THR A 114 51.98 -3.55 -2.47
CA THR A 114 50.70 -3.06 -2.98
C THR A 114 50.79 -1.61 -3.40
N GLN A 115 49.70 -1.08 -3.91
CA GLN A 115 49.67 0.31 -4.31
C GLN A 115 49.54 1.20 -3.09
N SER A 116 50.40 2.22 -3.01
CA SER A 116 50.39 3.16 -1.90
C SER A 116 50.41 4.58 -2.45
N LEU A 117 49.87 5.51 -1.68
CA LEU A 117 49.77 6.92 -2.05
C LEU A 117 50.77 7.84 -1.39
N LEU A 118 51.51 8.54 -2.22
CA LEU A 118 52.49 9.49 -1.73
C LEU A 118 52.16 10.91 -2.15
N ILE A 119 51.98 11.80 -1.17
CA ILE A 119 51.73 13.21 -1.45
C ILE A 119 52.83 14.07 -0.86
N VAL A 120 53.60 14.74 -1.72
CA VAL A 120 54.69 15.57 -1.17
C VAL A 120 54.75 16.98 -1.68
N ASN A 121 54.73 17.93 -0.76
CA ASN A 121 54.87 19.31 -1.11
C ASN A 121 56.35 19.64 -1.15
N ASN A 122 56.96 19.39 -2.29
CA ASN A 122 58.38 19.61 -2.48
C ASN A 122 58.55 21.08 -2.69
N ALA A 123 59.74 21.62 -2.50
CA ALA A 123 59.87 23.05 -2.69
C ALA A 123 59.42 23.55 -4.05
N THR A 124 59.56 22.78 -5.12
CA THR A 124 59.16 23.34 -6.41
C THR A 124 57.89 22.79 -7.05
N ASN A 125 57.47 21.56 -6.72
CA ASN A 125 56.30 20.97 -7.36
C ASN A 125 55.52 20.07 -6.41
N VAL A 126 54.20 20.15 -6.41
CA VAL A 126 53.46 19.24 -5.53
C VAL A 126 53.25 17.96 -6.28
N VAL A 127 53.66 16.86 -5.69
CA VAL A 127 53.55 15.58 -6.37
C VAL A 127 52.64 14.60 -5.69
N ILE A 128 51.66 14.11 -6.44
CA ILE A 128 50.75 13.09 -5.96
C ILE A 128 50.91 11.84 -6.81
N LYS A 129 51.36 10.75 -6.20
CA LYS A 129 51.57 9.52 -6.96
C LYS A 129 51.05 8.29 -6.25
N VAL A 130 50.56 7.34 -7.04
CA VAL A 130 50.17 6.06 -6.47
C VAL A 130 50.96 4.99 -7.21
N CYS A 131 51.82 4.25 -6.47
CA CYS A 131 52.78 3.29 -7.02
C CYS A 131 53.07 2.18 -6.02
N GLU A 132 53.77 1.15 -6.50
CA GLU A 132 54.21 0.08 -5.64
C GLU A 132 55.53 0.53 -5.05
N PHE A 133 55.38 1.40 -4.08
CA PHE A 133 56.48 2.07 -3.44
C PHE A 133 57.10 1.28 -2.34
N GLN A 134 58.41 1.36 -2.29
CA GLN A 134 59.18 0.80 -1.21
C GLN A 134 59.64 1.98 -0.43
N PHE A 135 59.01 2.17 0.70
CA PHE A 135 59.28 3.33 1.50
C PHE A 135 60.43 3.07 2.44
N CYS A 136 61.08 4.15 2.82
CA CYS A 136 62.14 4.11 3.81
C CYS A 136 61.42 3.89 5.14
N ASN A 137 62.10 3.30 6.13
CA ASN A 137 61.43 3.06 7.42
C ASN A 137 61.55 4.24 8.37
N ASP A 138 62.16 5.29 7.85
CA ASP A 138 62.33 6.57 8.49
C ASP A 138 62.46 7.58 7.37
N PRO A 139 61.40 7.82 6.59
CA PRO A 139 61.43 8.68 5.43
C PRO A 139 61.54 10.12 5.85
N PHE A 140 62.23 10.91 5.05
CA PHE A 140 62.29 12.35 5.30
C PHE A 140 62.72 13.18 4.11
N LEU A 141 62.49 14.47 4.27
CA LEU A 141 62.85 15.53 3.33
C LEU A 141 63.89 16.44 4.00
N GLY A 142 64.63 17.26 3.27
CA GLY A 142 65.48 18.22 4.01
C GLY A 142 66.13 19.34 3.20
N VAL A 143 66.53 20.37 3.96
CA VAL A 143 67.13 21.64 3.51
C VAL A 143 68.45 21.95 4.20
N TYR A 144 69.43 22.38 3.41
CA TYR A 144 70.74 22.73 3.92
C TYR A 144 70.97 24.24 3.94
N TYR A 145 71.48 24.74 5.05
CA TYR A 145 71.79 26.16 5.17
C TYR A 145 73.29 26.49 5.15
N HIS A 146 73.67 27.48 4.31
CA HIS A 146 75.02 28.01 4.12
C HIS A 146 75.16 29.29 4.97
N TRP A 152 69.40 28.53 2.42
CA TRP A 152 68.33 27.58 2.70
C TRP A 152 67.84 26.97 1.36
N MET A 153 68.51 25.88 0.91
CA MET A 153 68.20 25.15 -0.35
C MET A 153 67.96 23.68 -0.09
N GLU A 154 67.06 23.05 -0.83
CA GLU A 154 66.83 21.64 -0.60
C GLU A 154 68.03 20.80 -0.92
N SER A 155 68.29 19.82 -0.06
CA SER A 155 69.38 18.89 -0.27
C SER A 155 68.92 17.44 -0.24
N GLU A 156 67.77 17.15 0.36
CA GLU A 156 67.38 15.76 0.49
C GLU A 156 65.93 15.42 0.19
N PHE A 157 65.80 14.22 -0.35
CA PHE A 157 64.56 13.52 -0.58
C PHE A 157 64.85 12.05 -0.37
N ARG A 158 64.46 11.52 0.77
CA ARG A 158 64.73 10.13 1.10
C ARG A 158 63.45 9.54 1.62
N VAL A 159 62.52 9.35 0.72
CA VAL A 159 61.19 8.88 1.09
C VAL A 159 61.04 7.43 0.72
N TYR A 160 61.51 7.07 -0.46
CA TYR A 160 61.38 5.74 -0.98
C TYR A 160 62.60 5.37 -1.81
N SER A 161 62.82 4.05 -1.93
CA SER A 161 63.87 3.48 -2.75
C SER A 161 63.32 3.01 -4.09
N SER A 162 62.01 2.81 -4.14
CA SER A 162 61.36 2.31 -5.34
C SER A 162 59.95 2.85 -5.49
N ALA A 163 59.50 3.01 -6.73
CA ALA A 163 58.15 3.46 -7.06
C ALA A 163 57.71 2.81 -8.36
N ASN A 164 57.51 1.50 -8.37
CA ASN A 164 57.26 0.89 -9.67
C ASN A 164 55.78 0.73 -9.95
N ASN A 165 55.44 0.24 -11.13
CA ASN A 165 54.05 -0.09 -11.44
C ASN A 165 53.03 1.00 -11.05
N CYS A 166 53.32 2.28 -11.39
CA CYS A 166 52.49 3.45 -11.06
C CYS A 166 51.15 3.47 -11.80
N THR A 167 50.09 3.78 -11.05
CA THR A 167 48.74 3.84 -11.59
C THR A 167 48.16 5.24 -11.62
N PHE A 168 48.72 6.14 -10.81
CA PHE A 168 48.20 7.51 -10.76
C PHE A 168 49.31 8.50 -10.60
N GLU A 169 49.27 9.58 -11.37
CA GLU A 169 50.25 10.62 -11.17
C GLU A 169 49.75 12.00 -11.56
N TYR A 170 50.01 12.95 -10.66
CA TYR A 170 49.74 14.36 -10.86
C TYR A 170 50.87 15.21 -10.32
N VAL A 171 51.28 16.21 -11.08
CA VAL A 171 52.28 17.13 -10.59
C VAL A 171 51.80 18.56 -10.81
N SER A 172 51.85 19.38 -9.77
CA SER A 172 51.40 20.76 -9.90
C SER A 172 52.43 21.62 -10.60
N GLN A 173 51.97 22.81 -10.99
CA GLN A 173 52.74 23.83 -11.65
C GLN A 173 53.90 24.29 -10.78
N PRO A 174 55.12 24.48 -11.33
CA PRO A 174 56.29 24.93 -10.60
C PRO A 174 56.02 26.21 -9.83
N PHE A 175 56.55 26.25 -8.61
CA PHE A 175 56.38 27.40 -7.72
C PHE A 175 57.59 27.58 -6.82
N LEU A 176 57.70 28.73 -6.19
CA LEU A 176 58.79 28.98 -5.25
C LEU A 176 58.37 28.80 -3.80
N MET A 177 59.05 27.92 -3.08
CA MET A 177 58.75 27.72 -1.67
C MET A 177 59.72 28.50 -0.81
N ASP A 178 59.19 29.12 0.23
CA ASP A 178 60.01 29.86 1.17
C ASP A 178 60.65 28.89 2.18
N LEU A 179 61.95 28.68 2.05
CA LEU A 179 62.64 27.71 2.89
C LEU A 179 63.37 28.37 4.06
N GLU A 180 63.20 29.69 4.19
CA GLU A 180 63.93 30.46 5.20
C GLU A 180 63.63 30.04 6.63
N GLY A 181 64.68 29.91 7.43
CA GLY A 181 64.60 29.53 8.84
C GLY A 181 64.14 30.73 9.70
N LYS A 182 62.88 31.09 9.51
CA LYS A 182 62.21 32.20 10.17
C LYS A 182 62.01 31.92 11.64
N GLN A 183 62.04 32.99 12.43
CA GLN A 183 61.86 32.90 13.87
C GLN A 183 60.53 33.48 14.35
N GLY A 184 60.25 33.39 15.66
CA GLY A 184 58.99 33.88 16.23
C GLY A 184 58.03 32.74 16.57
N ASN A 185 56.74 33.07 16.69
CA ASN A 185 55.73 32.10 17.11
C ASN A 185 55.25 31.41 15.86
N PHE A 186 54.33 30.45 15.96
CA PHE A 186 53.88 29.82 14.73
C PHE A 186 52.97 30.84 14.07
N LYS A 187 53.07 30.96 12.74
CA LYS A 187 52.34 31.97 11.99
C LYS A 187 51.27 31.41 11.07
N ASN A 188 51.40 30.15 10.69
CA ASN A 188 50.51 29.55 9.72
C ASN A 188 49.83 28.28 10.20
N LEU A 189 48.51 28.32 10.28
CA LEU A 189 47.73 27.15 10.67
C LEU A 189 47.11 26.53 9.48
N ARG A 190 47.42 25.26 9.28
CA ARG A 190 46.87 24.55 8.15
C ARG A 190 46.11 23.37 8.65
N GLU A 191 44.86 23.28 8.23
CA GLU A 191 44.04 22.18 8.67
C GLU A 191 43.58 21.39 7.48
N PHE A 192 43.58 20.08 7.62
CA PHE A 192 43.16 19.17 6.58
C PHE A 192 42.27 18.05 7.06
N VAL A 193 41.41 17.61 6.18
CA VAL A 193 40.63 16.40 6.40
C VAL A 193 40.89 15.44 5.27
N PHE A 194 41.27 14.23 5.65
CA PHE A 194 41.59 13.17 4.71
C PHE A 194 40.64 12.00 4.82
N LYS A 195 39.84 11.78 3.79
CA LYS A 195 38.85 10.71 3.82
C LYS A 195 39.00 9.76 2.64
N ASN A 196 38.57 8.53 2.79
CA ASN A 196 38.63 7.59 1.68
C ASN A 196 37.28 6.93 1.43
N ILE A 197 36.55 7.47 0.46
CA ILE A 197 35.20 6.99 0.17
C ILE A 197 35.04 6.48 -1.23
N ASP A 198 34.69 5.21 -1.34
CA ASP A 198 34.46 4.58 -2.62
C ASP A 198 35.62 4.77 -3.60
N GLY A 199 36.83 4.69 -3.08
CA GLY A 199 38.01 4.82 -3.91
C GLY A 199 38.51 6.26 -4.08
N TYR A 200 37.76 7.23 -3.55
CA TYR A 200 38.18 8.60 -3.70
C TYR A 200 38.87 9.12 -2.47
N PHE A 201 40.04 9.67 -2.68
CA PHE A 201 40.75 10.23 -1.55
C PHE A 201 40.40 11.70 -1.56
N LYS A 202 39.60 12.09 -0.59
CA LYS A 202 39.06 13.42 -0.52
C LYS A 202 39.83 14.29 0.41
N ILE A 203 40.29 15.41 -0.09
CA ILE A 203 41.06 16.31 0.73
C ILE A 203 40.39 17.66 0.85
N TYR A 204 40.22 18.08 2.09
CA TYR A 204 39.64 19.39 2.44
C TYR A 204 40.68 20.17 3.16
N SER A 205 40.66 21.49 3.08
CA SER A 205 41.60 22.26 3.88
C SER A 205 41.24 23.71 4.09
N LYS A 206 41.95 24.33 5.02
CA LYS A 206 41.85 25.75 5.31
C LYS A 206 43.19 26.28 5.79
N HIS A 207 43.54 27.48 5.37
CA HIS A 207 44.75 28.16 5.82
C HIS A 207 44.40 29.47 6.50
N THR A 208 44.72 29.58 7.78
CA THR A 208 44.42 30.79 8.52
C THR A 208 45.68 31.29 9.23
N PRO A 209 45.83 32.60 9.48
CA PRO A 209 46.91 33.18 10.25
C PRO A 209 46.75 32.87 11.72
N ILE A 210 47.88 32.63 12.37
CA ILE A 210 47.97 32.40 13.80
C ILE A 210 49.10 33.13 14.51
N ASN A 211 49.02 33.15 15.83
CA ASN A 211 50.08 33.60 16.70
C ASN A 211 50.16 32.60 17.85
N LEU A 212 50.73 31.42 17.60
CA LEU A 212 50.64 30.33 18.58
C LEU A 212 51.95 29.71 19.03
N VAL A 213 51.94 29.26 20.28
CA VAL A 213 53.10 28.57 20.81
C VAL A 213 52.89 27.14 21.33
N ARG A 214 51.64 26.68 21.50
CA ARG A 214 51.43 25.34 22.05
C ARG A 214 50.26 24.51 21.50
N ASP A 215 49.11 25.11 21.27
CA ASP A 215 47.94 24.30 20.95
C ASP A 215 47.12 24.94 19.84
N LEU A 216 46.04 24.29 19.45
CA LEU A 216 45.18 24.80 18.43
C LEU A 216 44.35 25.93 19.02
N PRO A 217 43.96 26.93 18.23
CA PRO A 217 43.14 28.02 18.66
C PRO A 217 41.72 27.56 18.91
N GLN A 218 41.05 28.16 19.87
CA GLN A 218 39.67 27.83 20.15
C GLN A 218 38.73 28.67 19.29
N GLY A 219 38.67 28.32 18.03
CA GLY A 219 37.86 29.04 17.07
C GLY A 219 37.08 28.10 16.15
N PHE A 220 36.48 28.67 15.11
CA PHE A 220 35.69 27.87 14.19
C PHE A 220 35.84 28.35 12.76
N SER A 221 36.02 27.40 11.86
CA SER A 221 36.09 27.65 10.44
C SER A 221 35.83 26.34 9.73
N ALA A 222 35.07 26.34 8.64
CA ALA A 222 34.86 25.09 7.92
C ALA A 222 35.89 24.96 6.82
N LEU A 223 36.37 23.75 6.62
CA LEU A 223 37.35 23.50 5.58
C LEU A 223 36.66 23.37 4.22
N GLU A 224 37.33 23.81 3.16
CA GLU A 224 36.76 23.72 1.83
C GLU A 224 37.38 22.55 1.11
N PRO A 225 36.72 21.89 0.17
CA PRO A 225 37.30 20.82 -0.59
C PRO A 225 38.38 21.38 -1.50
N LEU A 226 39.47 20.64 -1.67
CA LEU A 226 40.53 21.00 -2.59
C LEU A 226 40.64 20.08 -3.77
N VAL A 227 40.62 18.80 -3.48
CA VAL A 227 40.79 17.80 -4.51
C VAL A 227 40.05 16.54 -4.16
N ASP A 228 39.61 15.83 -5.18
CA ASP A 228 38.94 14.56 -4.99
C ASP A 228 39.61 13.59 -5.95
N LEU A 229 40.49 12.75 -5.42
CA LEU A 229 41.35 11.89 -6.22
C LEU A 229 40.81 10.47 -6.48
N PRO A 230 40.57 10.07 -7.75
CA PRO A 230 40.03 8.80 -8.18
C PRO A 230 41.10 7.72 -8.16
N ILE A 231 41.47 7.28 -6.96
CA ILE A 231 42.61 6.39 -6.82
C ILE A 231 42.30 4.90 -6.70
N GLY A 232 41.30 4.52 -5.92
CA GLY A 232 40.98 3.10 -5.78
C GLY A 232 41.86 2.26 -4.83
N ILE A 233 42.43 2.85 -3.78
CA ILE A 233 43.27 2.01 -2.90
C ILE A 233 42.74 2.01 -1.48
N ASN A 234 43.18 0.99 -0.76
CA ASN A 234 42.88 0.73 0.64
C ASN A 234 43.87 1.45 1.54
N ILE A 235 43.39 2.33 2.42
CA ILE A 235 44.28 3.02 3.33
C ILE A 235 43.92 2.66 4.76
N THR A 236 44.86 2.11 5.51
CA THR A 236 44.60 1.77 6.91
C THR A 236 45.54 2.48 7.86
N ARG A 237 46.68 2.95 7.34
CA ARG A 237 47.71 3.63 8.13
C ARG A 237 48.29 4.76 7.31
N PHE A 238 48.89 5.73 7.98
CA PHE A 238 49.58 6.78 7.26
C PHE A 238 50.74 7.34 8.06
N GLN A 239 51.63 8.03 7.39
CA GLN A 239 52.76 8.67 8.06
C GLN A 239 52.96 10.05 7.51
N THR A 240 53.38 11.01 8.31
CA THR A 240 53.60 12.33 7.72
C THR A 240 55.01 12.44 7.20
N LEU A 241 55.33 13.55 6.57
CA LEU A 241 56.67 13.81 6.10
C LEU A 241 57.14 15.17 6.53
N LEU A 242 58.24 15.18 7.26
CA LEU A 242 58.82 16.38 7.78
C LEU A 242 60.15 16.65 7.12
N ALA A 243 60.47 17.94 6.97
CA ALA A 243 61.78 18.32 6.50
C ALA A 243 62.75 18.44 7.67
N LEU A 244 64.00 18.11 7.41
CA LEU A 244 65.10 18.27 8.35
C LEU A 244 65.90 19.46 7.98
N HIS A 245 66.52 20.07 8.99
CA HIS A 245 67.41 21.16 8.71
C HIS A 245 68.84 20.76 9.01
N ARG A 246 69.72 21.08 8.08
CA ARG A 246 71.14 20.82 8.22
C ARG A 246 71.83 22.12 7.90
N SER A 247 73.05 22.29 8.34
CA SER A 247 73.76 23.54 8.06
C SER A 247 75.24 23.37 8.18
N TYR A 248 75.94 24.40 7.78
CA TYR A 248 77.40 24.50 7.89
C TYR A 248 77.91 24.40 9.35
N LEU A 249 77.04 24.65 10.32
CA LEU A 249 77.40 24.59 11.74
C LEU A 249 76.99 23.26 12.39
N THR A 250 76.46 22.34 11.61
CA THR A 250 75.96 21.06 12.06
C THR A 250 76.93 19.96 11.59
N PRO A 251 77.17 18.88 12.36
CA PRO A 251 77.98 17.74 11.94
C PRO A 251 77.39 17.20 10.66
N GLY A 252 78.23 16.66 9.78
CA GLY A 252 77.73 16.17 8.48
C GLY A 252 77.23 14.73 8.46
N ASP A 253 77.26 14.03 9.60
CA ASP A 253 76.82 12.64 9.62
C ASP A 253 75.36 12.58 9.22
N SER A 254 75.01 11.73 8.27
CA SER A 254 73.62 11.68 7.80
C SER A 254 72.59 11.24 8.84
N SER A 255 73.01 10.48 9.87
CA SER A 255 72.10 9.99 10.88
C SER A 255 72.00 10.96 12.06
N SER A 256 73.16 11.46 12.52
CA SER A 256 73.16 12.35 13.70
C SER A 256 73.30 13.87 13.43
N GLY A 257 73.79 14.23 12.25
CA GLY A 257 74.09 15.59 11.88
C GLY A 257 72.89 16.41 11.40
N TRP A 258 71.90 16.57 12.26
CA TRP A 258 70.71 17.31 11.86
C TRP A 258 69.92 17.90 13.02
N THR A 259 69.08 18.89 12.72
CA THR A 259 68.18 19.47 13.71
C THR A 259 66.73 19.57 13.22
N ALA A 260 65.84 19.91 14.13
CA ALA A 260 64.43 20.08 13.82
C ALA A 260 64.01 21.53 13.98
N GLY A 261 63.64 22.16 12.85
CA GLY A 261 63.21 23.53 12.92
C GLY A 261 61.92 23.38 13.68
N ALA A 262 61.52 24.34 14.47
CA ALA A 262 60.30 24.05 15.21
C ALA A 262 59.07 23.97 14.36
N ALA A 263 58.29 22.94 14.63
CA ALA A 263 56.98 22.69 14.06
C ALA A 263 56.21 21.76 14.98
N ALA A 264 54.89 21.76 14.85
CA ALA A 264 54.08 20.81 15.60
C ALA A 264 52.83 20.43 14.83
N TYR A 265 52.29 19.25 15.12
CA TYR A 265 51.06 18.85 14.47
C TYR A 265 50.17 18.04 15.37
N TYR A 266 48.91 18.00 15.01
CA TYR A 266 47.92 17.36 15.80
C TYR A 266 47.13 16.38 14.94
N VAL A 267 46.83 15.20 15.47
CA VAL A 267 46.02 14.25 14.70
C VAL A 267 44.81 13.74 15.44
N GLY A 268 43.66 13.88 14.84
CA GLY A 268 42.42 13.40 15.42
C GLY A 268 41.79 12.41 14.47
N TYR A 269 40.68 11.83 14.87
CA TYR A 269 40.01 10.87 14.01
C TYR A 269 38.59 11.26 13.80
N LEU A 270 38.08 10.99 12.62
CA LEU A 270 36.71 11.33 12.33
C LEU A 270 35.80 10.23 12.82
N GLN A 271 34.62 10.60 13.24
CA GLN A 271 33.62 9.64 13.66
C GLN A 271 32.29 10.03 13.08
N PRO A 272 31.36 9.12 12.84
CA PRO A 272 30.06 9.47 12.39
C PRO A 272 29.33 10.26 13.45
N ARG A 273 28.83 11.40 13.03
CA ARG A 273 28.10 12.33 13.86
C ARG A 273 27.08 13.09 13.08
N THR A 274 26.12 13.59 13.81
CA THR A 274 25.15 14.47 13.20
C THR A 274 25.45 15.84 13.70
N PHE A 275 25.52 16.76 12.76
CA PHE A 275 25.75 18.16 13.03
C PHE A 275 24.69 19.06 12.48
N LEU A 276 24.42 20.12 13.21
CA LEU A 276 23.55 21.15 12.70
C LEU A 276 24.48 22.24 12.23
N LEU A 277 24.52 22.53 10.93
CA LEU A 277 25.47 23.51 10.42
C LEU A 277 24.77 24.81 10.06
N LYS A 278 25.34 25.91 10.51
CA LYS A 278 24.77 27.21 10.23
C LYS A 278 25.44 27.93 9.10
N TYR A 279 24.67 28.17 8.03
CA TYR A 279 25.11 28.87 6.85
C TYR A 279 24.61 30.29 6.92
N ASN A 280 25.51 31.24 6.82
CA ASN A 280 25.16 32.64 6.88
C ASN A 280 24.79 33.17 5.52
N GLU A 281 24.54 34.47 5.43
CA GLU A 281 24.25 35.03 4.13
C GLU A 281 25.58 34.82 3.42
N ASN A 282 25.55 34.64 2.07
CA ASN A 282 26.70 34.32 1.20
C ASN A 282 27.19 32.86 1.36
N GLY A 283 26.52 32.00 2.17
CA GLY A 283 26.76 30.56 2.26
C GLY A 283 27.98 30.05 3.02
N THR A 284 28.53 30.83 3.92
CA THR A 284 29.69 30.39 4.67
C THR A 284 29.23 29.71 5.95
N ILE A 285 29.82 28.58 6.29
CA ILE A 285 29.41 27.97 7.54
C ILE A 285 30.08 28.77 8.63
N THR A 286 29.30 29.29 9.55
CA THR A 286 29.85 30.11 10.62
C THR A 286 29.76 29.44 11.95
N ASP A 287 28.87 28.47 12.07
CA ASP A 287 28.79 27.78 13.35
C ASP A 287 28.34 26.33 13.17
N ALA A 288 28.29 25.59 14.26
CA ALA A 288 27.83 24.21 14.20
C ALA A 288 27.46 23.64 15.58
N VAL A 289 26.52 22.69 15.60
CA VAL A 289 26.22 21.97 16.84
C VAL A 289 26.52 20.50 16.70
N ASP A 290 27.33 19.98 17.61
CA ASP A 290 27.63 18.55 17.62
C ASP A 290 26.52 17.92 18.44
N CYS A 291 25.59 17.22 17.78
CA CYS A 291 24.34 16.72 18.36
C CYS A 291 24.59 15.62 19.40
N ALA A 292 25.80 15.10 19.45
CA ALA A 292 26.10 14.04 20.41
C ALA A 292 26.93 14.53 21.58
N LEU A 293 27.24 15.82 21.63
CA LEU A 293 28.14 16.32 22.67
C LEU A 293 27.58 16.35 24.09
N ASP A 294 26.35 16.84 24.27
CA ASP A 294 25.74 16.94 25.60
C ASP A 294 24.22 17.13 25.40
N PRO A 295 23.38 17.14 26.46
CA PRO A 295 21.94 17.32 26.41
C PRO A 295 21.45 18.67 25.88
N LEU A 296 22.29 19.70 25.86
CA LEU A 296 21.78 20.97 25.39
C LEU A 296 21.94 20.97 23.91
N SER A 297 23.00 20.32 23.47
CA SER A 297 23.30 20.22 22.07
C SER A 297 22.19 19.37 21.46
N GLU A 298 21.77 18.33 22.19
CA GLU A 298 20.69 17.51 21.68
C GLU A 298 19.43 18.33 21.54
N THR A 299 19.16 19.21 22.50
CA THR A 299 17.98 20.05 22.43
C THR A 299 18.08 20.98 21.22
N LYS A 300 19.24 21.60 21.01
CA LYS A 300 19.42 22.49 19.87
C LYS A 300 19.21 21.81 18.51
N CYS A 301 19.71 20.55 18.34
CA CYS A 301 19.54 19.78 17.11
C CYS A 301 18.08 19.39 16.93
N THR A 302 17.42 19.01 18.01
CA THR A 302 16.02 18.60 17.98
C THR A 302 15.15 19.72 17.48
N LEU A 303 15.42 20.92 17.96
CA LEU A 303 14.66 22.11 17.62
C LEU A 303 15.15 22.86 16.41
N LYS A 304 16.22 22.41 15.75
CA LYS A 304 16.79 23.12 14.62
C LYS A 304 17.06 24.56 14.96
N SER A 305 17.76 24.79 16.06
CA SER A 305 18.06 26.15 16.47
C SER A 305 19.36 26.27 17.23
N PHE A 306 19.99 27.42 17.14
CA PHE A 306 21.19 27.67 17.93
C PHE A 306 20.88 28.41 19.24
N THR A 307 19.60 28.67 19.43
CA THR A 307 19.03 29.33 20.61
C THR A 307 17.86 28.50 21.16
N VAL A 308 17.84 28.28 22.46
CA VAL A 308 16.76 27.52 23.06
C VAL A 308 16.07 28.35 24.14
N GLU A 309 14.76 28.46 24.05
CA GLU A 309 14.03 29.23 25.03
C GLU A 309 13.81 28.42 26.28
N LYS A 310 13.17 29.01 27.26
CA LYS A 310 12.97 28.31 28.51
C LYS A 310 11.86 27.27 28.42
N GLY A 311 12.08 26.09 28.99
CA GLY A 311 11.05 25.06 29.01
C GLY A 311 11.62 23.63 28.98
N ILE A 312 10.75 22.66 28.72
CA ILE A 312 11.20 21.28 28.67
C ILE A 312 11.04 20.72 27.28
N TYR A 313 12.11 20.16 26.77
CA TYR A 313 12.06 19.61 25.44
C TYR A 313 12.36 18.13 25.48
N GLN A 314 11.74 17.35 24.61
CA GLN A 314 12.07 15.94 24.57
C GLN A 314 13.26 15.73 23.66
N THR A 315 14.24 14.98 24.12
CA THR A 315 15.44 14.72 23.33
C THR A 315 15.74 13.24 23.31
N SER A 316 15.09 12.53 22.41
CA SER A 316 15.16 11.09 22.26
C SER A 316 14.66 10.32 23.48
N ASN A 317 15.08 9.05 23.59
CA ASN A 317 14.59 8.13 24.59
C ASN A 317 15.68 7.35 25.30
N PHE A 318 15.33 6.84 26.45
CA PHE A 318 16.16 6.02 27.31
C PHE A 318 15.72 4.57 27.33
N ARG A 319 16.70 3.67 27.33
CA ARG A 319 16.39 2.26 27.45
C ARG A 319 17.49 1.45 28.12
N VAL A 320 17.08 0.60 29.06
CA VAL A 320 17.99 -0.32 29.73
C VAL A 320 18.34 -1.48 28.81
N GLN A 321 19.63 -1.74 28.69
CA GLN A 321 20.10 -2.80 27.82
C GLN A 321 20.35 -4.07 28.61
N PRO A 322 20.21 -5.26 28.01
CA PRO A 322 20.53 -6.52 28.62
C PRO A 322 22.01 -6.61 28.84
N THR A 323 22.38 -7.22 29.95
CA THR A 323 23.78 -7.40 30.31
C THR A 323 24.17 -8.86 30.40
N GLU A 324 23.25 -9.74 30.01
CA GLU A 324 23.42 -11.18 30.14
C GLU A 324 22.63 -11.94 29.09
N SER A 325 23.04 -13.19 28.82
CA SER A 325 22.36 -14.08 27.87
C SER A 325 22.08 -15.46 28.47
N ILE A 326 20.80 -15.77 28.62
CA ILE A 326 20.31 -16.98 29.29
C ILE A 326 19.49 -17.87 28.38
N VAL A 327 19.79 -19.17 28.38
CA VAL A 327 19.04 -20.04 27.51
C VAL A 327 18.11 -20.98 28.28
N ARG A 328 18.62 -21.78 29.20
CA ARG A 328 17.78 -22.76 29.93
C ARG A 328 17.01 -23.73 29.04
N PHE A 329 17.68 -24.32 28.09
CA PHE A 329 17.12 -25.30 27.18
C PHE A 329 16.98 -26.63 27.95
N PRO A 330 15.97 -27.51 27.71
CA PRO A 330 15.79 -28.84 28.30
C PRO A 330 17.01 -29.72 28.15
N ASN A 331 17.19 -30.61 29.10
CA ASN A 331 18.36 -31.47 29.08
C ASN A 331 18.17 -32.68 28.17
N ILE A 332 18.21 -32.41 26.87
CA ILE A 332 18.03 -33.43 25.85
C ILE A 332 19.40 -33.84 25.37
N THR A 333 19.72 -35.10 25.58
CA THR A 333 21.02 -35.65 25.26
C THR A 333 20.95 -36.55 24.04
N ASN A 334 19.76 -36.69 23.49
CA ASN A 334 19.51 -37.52 22.33
C ASN A 334 19.92 -36.77 21.09
N LEU A 335 20.54 -37.44 20.15
CA LEU A 335 20.88 -36.76 18.91
C LEU A 335 19.92 -37.24 17.84
N CYS A 336 19.55 -36.35 16.89
CA CYS A 336 18.63 -36.65 15.79
C CYS A 336 19.34 -37.52 14.75
N PRO A 337 18.70 -38.60 14.27
CA PRO A 337 19.24 -39.59 13.36
C PRO A 337 19.36 -39.14 11.92
N PHE A 338 20.03 -38.03 11.70
CA PHE A 338 20.22 -37.55 10.36
C PHE A 338 21.24 -38.42 9.69
N GLY A 339 22.11 -39.05 10.49
CA GLY A 339 23.14 -39.95 9.99
C GLY A 339 22.58 -41.33 9.66
N GLU A 340 21.26 -41.54 9.87
CA GLU A 340 20.64 -42.80 9.51
C GLU A 340 19.84 -42.59 8.23
N VAL A 341 19.32 -41.37 8.05
CA VAL A 341 18.58 -40.98 6.86
C VAL A 341 19.56 -40.79 5.71
N PHE A 342 20.60 -40.03 5.99
CA PHE A 342 21.68 -39.76 5.09
C PHE A 342 22.65 -40.88 5.39
N ASN A 343 23.56 -41.22 4.45
CA ASN A 343 24.54 -42.32 4.60
C ASN A 343 23.87 -43.72 4.72
N ALA A 344 22.61 -43.87 4.24
CA ALA A 344 21.83 -45.12 4.20
C ALA A 344 22.26 -45.94 2.99
N THR A 345 22.04 -47.24 3.04
CA THR A 345 22.36 -48.09 1.91
C THR A 345 21.20 -48.31 0.97
N ARG A 346 19.99 -47.99 1.42
CA ARG A 346 18.81 -48.16 0.60
C ARG A 346 17.88 -46.97 0.72
N PHE A 347 17.46 -46.50 -0.43
CA PHE A 347 16.53 -45.41 -0.62
C PHE A 347 15.38 -45.94 -1.43
N ALA A 348 14.19 -45.40 -1.27
CA ALA A 348 13.08 -45.88 -2.07
C ALA A 348 13.10 -45.29 -3.45
N SER A 349 12.52 -45.99 -4.39
CA SER A 349 12.34 -45.37 -5.68
C SER A 349 11.15 -44.46 -5.47
N VAL A 350 10.87 -43.54 -6.36
CA VAL A 350 9.78 -42.71 -5.93
C VAL A 350 8.50 -43.35 -6.37
N TYR A 351 7.89 -43.97 -5.41
CA TYR A 351 6.69 -44.78 -5.54
C TYR A 351 6.16 -44.81 -4.15
N ALA A 352 7.15 -44.80 -3.29
CA ALA A 352 7.09 -44.90 -1.86
C ALA A 352 8.26 -44.14 -1.39
N TRP A 353 8.34 -43.79 -0.13
CA TRP A 353 9.54 -43.19 0.37
C TRP A 353 9.60 -43.39 1.85
N ASN A 354 10.80 -43.35 2.40
CA ASN A 354 10.93 -43.44 3.84
C ASN A 354 10.40 -42.16 4.40
N ARG A 355 9.58 -42.19 5.46
CA ARG A 355 9.08 -40.96 6.06
C ARG A 355 9.36 -40.89 7.54
N LYS A 356 10.51 -41.38 7.94
CA LYS A 356 10.88 -41.39 9.34
C LYS A 356 10.80 -40.02 9.98
N ARG A 357 10.13 -40.01 11.12
CA ARG A 357 9.94 -38.82 11.93
C ARG A 357 11.05 -38.67 12.95
N ILE A 358 11.57 -37.47 13.03
CA ILE A 358 12.62 -37.06 13.94
C ILE A 358 12.01 -36.24 15.08
N SER A 359 12.23 -36.70 16.31
CA SER A 359 11.67 -36.04 17.50
C SER A 359 12.50 -36.25 18.77
N ASN A 360 12.26 -35.38 19.76
CA ASN A 360 12.88 -35.48 21.10
C ASN A 360 14.41 -35.63 21.07
N CYS A 361 15.07 -34.74 20.30
CA CYS A 361 16.49 -34.80 19.99
C CYS A 361 17.13 -33.46 19.57
N VAL A 362 18.45 -33.49 19.51
CA VAL A 362 19.22 -32.37 19.05
C VAL A 362 19.53 -32.51 17.56
N ALA A 363 18.91 -31.64 16.80
CA ALA A 363 19.00 -31.55 15.37
C ALA A 363 20.17 -30.71 15.02
N ASP A 364 21.32 -31.24 15.29
CA ASP A 364 22.51 -30.54 14.91
C ASP A 364 22.51 -30.74 13.42
N TYR A 365 22.42 -29.65 12.65
CA TYR A 365 22.30 -29.81 11.22
C TYR A 365 23.65 -29.82 10.54
N SER A 366 24.71 -29.79 11.35
CA SER A 366 26.11 -29.88 10.95
C SER A 366 26.44 -29.01 9.77
N VAL A 367 25.83 -27.83 9.73
CA VAL A 367 25.95 -26.95 8.58
C VAL A 367 26.16 -27.76 7.30
N LEU A 368 25.26 -28.72 7.04
CA LEU A 368 25.41 -29.61 5.89
C LEU A 368 25.46 -28.84 4.60
N TYR A 369 24.80 -27.71 4.54
CA TYR A 369 24.80 -26.88 3.35
C TYR A 369 26.21 -26.40 2.98
N ASN A 370 27.14 -26.38 3.94
CA ASN A 370 28.52 -25.97 3.72
C ASN A 370 29.48 -27.16 3.51
N SER A 371 28.96 -28.38 3.48
CA SER A 371 29.82 -29.57 3.37
C SER A 371 30.34 -29.85 1.97
N ALA A 372 29.65 -29.32 0.97
CA ALA A 372 29.93 -29.54 -0.45
C ALA A 372 29.80 -31.01 -0.83
N SER A 373 29.06 -31.79 -0.03
CA SER A 373 28.79 -33.18 -0.33
C SER A 373 27.49 -33.30 -1.09
N PHE A 374 26.81 -32.17 -1.21
CA PHE A 374 25.52 -32.15 -1.85
C PHE A 374 25.56 -31.25 -3.07
N SER A 375 24.81 -31.60 -4.10
CA SER A 375 24.74 -30.75 -5.27
C SER A 375 23.64 -29.73 -5.07
N THR A 376 22.65 -30.14 -4.29
CA THR A 376 21.51 -29.31 -3.96
C THR A 376 21.27 -29.25 -2.47
N PHE A 377 21.09 -28.05 -1.95
CA PHE A 377 20.70 -27.88 -0.56
C PHE A 377 19.89 -26.60 -0.56
N LYS A 378 18.61 -26.73 -0.82
CA LYS A 378 17.79 -25.55 -0.99
C LYS A 378 16.63 -25.49 0.02
N CYS A 379 16.62 -24.43 0.86
CA CYS A 379 15.60 -24.21 1.89
C CYS A 379 14.59 -23.19 1.41
N TYR A 380 13.34 -23.36 1.84
CA TYR A 380 12.29 -22.45 1.40
C TYR A 380 11.66 -21.55 2.47
N GLY A 381 11.16 -22.13 3.56
CA GLY A 381 10.49 -21.33 4.58
C GLY A 381 11.44 -20.89 5.68
N VAL A 382 12.67 -21.33 5.57
CA VAL A 382 13.69 -21.00 6.54
C VAL A 382 14.97 -20.63 5.78
N CYS A 383 15.86 -19.85 6.42
CA CYS A 383 17.20 -19.53 5.92
C CYS A 383 18.11 -20.70 6.29
N PRO A 384 18.88 -21.30 5.37
CA PRO A 384 19.69 -22.48 5.63
C PRO A 384 20.74 -22.27 6.72
N THR A 385 21.10 -21.02 6.97
CA THR A 385 22.10 -20.71 7.95
C THR A 385 21.54 -20.55 9.36
N LYS A 386 20.22 -20.48 9.48
CA LYS A 386 19.54 -20.25 10.75
C LYS A 386 18.95 -21.56 11.30
N LEU A 387 19.20 -22.66 10.62
CA LEU A 387 18.62 -23.93 11.00
C LEU A 387 19.03 -24.40 12.38
N ASN A 388 20.23 -24.06 12.81
CA ASN A 388 20.68 -24.48 14.13
C ASN A 388 20.16 -23.60 15.25
N ASP A 389 19.49 -22.50 14.92
CA ASP A 389 18.92 -21.65 15.95
C ASP A 389 17.44 -21.99 16.17
N LEU A 390 16.79 -22.43 15.11
CA LEU A 390 15.36 -22.73 15.11
C LEU A 390 14.99 -24.09 15.72
N CYS A 391 13.79 -24.14 16.36
CA CYS A 391 13.16 -25.35 16.89
C CYS A 391 11.91 -25.71 16.11
N PHE A 392 11.70 -27.01 16.04
CA PHE A 392 10.60 -27.63 15.38
C PHE A 392 9.91 -28.61 16.33
N THR A 393 8.62 -28.83 16.12
CA THR A 393 7.94 -29.85 16.85
C THR A 393 8.44 -31.15 16.25
N ASN A 394 8.49 -31.16 14.93
CA ASN A 394 8.94 -32.33 14.19
C ASN A 394 9.70 -32.02 12.92
N VAL A 395 10.53 -32.99 12.57
CA VAL A 395 11.18 -33.00 11.28
C VAL A 395 10.91 -34.34 10.60
N TYR A 396 10.48 -34.33 9.36
CA TYR A 396 10.26 -35.61 8.69
C TYR A 396 11.21 -35.70 7.54
N ALA A 397 11.87 -36.83 7.40
CA ALA A 397 12.79 -36.94 6.29
C ALA A 397 12.30 -37.87 5.20
N ASP A 398 11.86 -37.29 4.10
CA ASP A 398 11.32 -38.06 2.99
C ASP A 398 12.49 -38.52 2.12
N SER A 399 12.77 -39.82 2.10
CA SER A 399 13.99 -40.32 1.44
C SER A 399 13.82 -41.30 0.26
N PHE A 400 14.30 -40.84 -0.92
CA PHE A 400 14.14 -41.51 -2.21
C PHE A 400 15.18 -41.21 -3.32
N VAL A 401 15.16 -42.01 -4.41
CA VAL A 401 16.08 -41.86 -5.57
C VAL A 401 15.41 -41.43 -6.88
N ILE A 402 15.98 -40.40 -7.48
CA ILE A 402 15.52 -39.81 -8.74
C ILE A 402 16.65 -39.60 -9.76
N ARG A 403 16.29 -39.35 -11.02
CA ARG A 403 17.26 -38.97 -12.06
C ARG A 403 17.73 -37.54 -11.87
N GLY A 404 18.96 -37.24 -12.26
CA GLY A 404 19.51 -35.89 -12.16
C GLY A 404 18.70 -34.79 -12.84
N ASP A 405 18.06 -35.07 -13.95
CA ASP A 405 17.30 -34.02 -14.63
C ASP A 405 15.98 -33.73 -13.96
N GLU A 406 15.64 -34.49 -12.94
CA GLU A 406 14.40 -34.25 -12.23
C GLU A 406 14.65 -33.73 -10.82
N VAL A 407 15.89 -33.37 -10.50
CA VAL A 407 16.17 -32.85 -9.15
C VAL A 407 15.41 -31.57 -8.93
N ARG A 408 15.30 -30.77 -9.97
CA ARG A 408 14.61 -29.50 -9.95
C ARG A 408 13.10 -29.62 -9.68
N GLN A 409 12.54 -30.82 -9.82
CA GLN A 409 11.13 -31.01 -9.58
C GLN A 409 10.83 -31.22 -8.10
N ILE A 410 11.84 -31.49 -7.28
CA ILE A 410 11.52 -31.72 -5.90
C ILE A 410 11.56 -30.38 -5.20
N ALA A 411 10.47 -29.67 -5.37
CA ALA A 411 10.32 -28.34 -4.82
C ALA A 411 8.84 -28.03 -4.76
N PRO A 412 8.39 -27.18 -3.83
CA PRO A 412 7.02 -26.80 -3.70
C PRO A 412 6.56 -26.08 -4.91
N GLY A 413 5.35 -26.40 -5.33
CA GLY A 413 4.72 -25.72 -6.43
C GLY A 413 5.21 -26.16 -7.80
N GLN A 414 6.05 -27.19 -7.87
CA GLN A 414 6.53 -27.60 -9.17
C GLN A 414 5.65 -28.65 -9.76
N THR A 415 5.74 -28.78 -11.08
CA THR A 415 5.04 -29.76 -11.88
C THR A 415 6.07 -30.57 -12.64
N GLY A 416 5.66 -31.71 -13.19
CA GLY A 416 6.59 -32.57 -13.92
C GLY A 416 6.27 -34.02 -13.63
N LYS A 417 6.98 -34.96 -14.24
CA LYS A 417 6.55 -36.33 -14.00
C LYS A 417 6.67 -36.75 -12.53
N ILE A 418 7.70 -36.30 -11.85
CA ILE A 418 7.78 -36.70 -10.47
C ILE A 418 6.93 -35.80 -9.64
N ALA A 419 7.04 -34.50 -9.86
CA ALA A 419 6.28 -33.60 -9.03
C ALA A 419 4.78 -33.89 -9.08
N ASP A 420 4.24 -34.30 -10.23
CA ASP A 420 2.82 -34.54 -10.30
C ASP A 420 2.38 -35.97 -9.99
N TYR A 421 3.15 -37.02 -10.32
CA TYR A 421 2.66 -38.37 -10.07
C TYR A 421 3.40 -39.18 -9.01
N ASN A 422 4.58 -38.74 -8.61
CA ASN A 422 5.41 -39.56 -7.73
C ASN A 422 5.72 -38.98 -6.36
N TYR A 423 5.97 -37.69 -6.28
CA TYR A 423 6.29 -37.01 -5.02
C TYR A 423 5.97 -35.54 -5.11
N LYS A 424 4.91 -35.13 -4.44
CA LYS A 424 4.45 -33.76 -4.57
C LYS A 424 4.66 -32.93 -3.32
N LEU A 425 5.18 -31.71 -3.50
CA LEU A 425 5.30 -30.78 -2.40
C LEU A 425 4.28 -29.66 -2.59
N PRO A 426 3.63 -29.19 -1.51
CA PRO A 426 2.61 -28.17 -1.50
C PRO A 426 3.23 -26.83 -1.77
N ASP A 427 2.46 -25.89 -2.30
CA ASP A 427 3.00 -24.55 -2.52
C ASP A 427 3.49 -23.93 -1.22
N ASP A 428 2.76 -24.20 -0.13
CA ASP A 428 3.09 -23.72 1.20
C ASP A 428 3.97 -24.76 1.88
N PHE A 429 5.29 -24.56 1.82
CA PHE A 429 6.21 -25.55 2.34
C PHE A 429 7.31 -24.96 3.19
N THR A 430 7.52 -25.58 4.34
CA THR A 430 8.61 -25.20 5.21
C THR A 430 9.43 -26.45 5.29
N GLY A 431 10.69 -26.33 4.98
CA GLY A 431 11.59 -27.44 4.92
C GLY A 431 12.74 -27.11 3.98
N CYS A 432 13.62 -28.11 3.75
CA CYS A 432 14.82 -28.05 2.91
C CYS A 432 14.93 -29.29 2.02
N VAL A 433 15.31 -29.08 0.77
CA VAL A 433 15.52 -30.17 -0.19
C VAL A 433 17.00 -30.41 -0.40
N ILE A 434 17.44 -31.60 -0.08
CA ILE A 434 18.85 -31.93 -0.14
C ILE A 434 19.12 -33.07 -1.13
N ALA A 435 20.04 -32.90 -2.08
CA ALA A 435 20.27 -34.02 -3.03
C ALA A 435 21.74 -34.17 -3.45
N TRP A 436 22.14 -35.42 -3.74
CA TRP A 436 23.51 -35.70 -4.15
C TRP A 436 23.66 -36.94 -5.06
N ASN A 437 24.75 -37.00 -5.83
CA ASN A 437 25.01 -38.09 -6.80
C ASN A 437 25.29 -39.46 -6.16
N SER A 438 24.70 -40.53 -6.74
CA SER A 438 24.88 -41.89 -6.22
C SER A 438 25.42 -42.94 -7.21
N ASN A 439 26.34 -42.55 -8.08
CA ASN A 439 26.87 -43.51 -9.06
C ASN A 439 27.52 -44.74 -8.48
N ASN A 440 28.10 -44.62 -7.29
CA ASN A 440 28.78 -45.77 -6.74
C ASN A 440 27.93 -46.59 -5.77
N LEU A 441 26.62 -46.30 -5.69
CA LEU A 441 25.71 -47.09 -4.85
C LEU A 441 24.50 -47.57 -5.66
N ASP A 442 23.86 -46.64 -6.38
CA ASP A 442 22.59 -46.88 -7.04
C ASP A 442 22.71 -47.18 -8.53
N SER A 443 23.90 -47.42 -9.01
CA SER A 443 24.08 -47.74 -10.42
C SER A 443 24.78 -49.08 -10.58
N LYS A 444 24.37 -49.83 -11.57
CA LYS A 444 24.97 -51.13 -11.88
C LYS A 444 25.40 -51.19 -13.33
N VAL A 445 26.37 -52.02 -13.65
CA VAL A 445 26.89 -52.06 -15.02
C VAL A 445 25.84 -52.36 -16.09
N GLY A 446 24.95 -53.30 -15.82
CA GLY A 446 23.90 -53.60 -16.80
C GLY A 446 22.64 -52.75 -16.58
N GLY A 447 22.71 -51.87 -15.59
CA GLY A 447 21.63 -51.00 -15.13
C GLY A 447 21.00 -51.55 -13.84
N ASN A 448 20.71 -50.66 -12.90
CA ASN A 448 20.06 -50.99 -11.65
C ASN A 448 18.58 -50.78 -11.83
N TYR A 449 17.83 -51.85 -11.97
CA TYR A 449 16.41 -51.73 -12.30
C TYR A 449 15.51 -51.92 -11.11
N ASN A 450 16.07 -51.77 -9.91
CA ASN A 450 15.24 -51.89 -8.72
C ASN A 450 14.62 -50.56 -8.37
N TYR A 451 14.93 -49.55 -9.16
CA TYR A 451 14.37 -48.24 -8.96
C TYR A 451 13.35 -47.97 -10.04
N LEU A 452 12.10 -47.75 -9.63
CA LEU A 452 10.99 -47.53 -10.54
C LEU A 452 10.17 -46.29 -10.17
N TYR A 453 9.48 -45.71 -11.14
CA TYR A 453 8.64 -44.55 -10.87
C TYR A 453 7.29 -44.64 -11.54
N ARG A 454 6.29 -43.95 -11.00
CA ARG A 454 5.00 -44.01 -11.63
C ARG A 454 5.03 -43.20 -12.91
N LEU A 455 4.68 -43.85 -13.99
CA LEU A 455 4.67 -43.24 -15.30
C LEU A 455 3.26 -42.99 -15.79
N PHE A 456 2.39 -43.96 -15.51
CA PHE A 456 1.03 -43.90 -16.03
C PHE A 456 -0.03 -43.74 -14.95
N ARG A 457 -0.52 -42.51 -14.76
CA ARG A 457 -1.48 -42.18 -13.71
C ARG A 457 -2.64 -41.37 -14.29
N LYS A 458 -3.83 -41.49 -13.68
CA LYS A 458 -5.05 -40.82 -14.15
C LYS A 458 -5.29 -39.40 -13.62
N SER A 459 -4.66 -39.04 -12.51
CA SER A 459 -4.86 -37.74 -11.88
C SER A 459 -3.61 -37.38 -11.10
N ASN A 460 -3.52 -36.15 -10.62
CA ASN A 460 -2.33 -35.76 -9.87
C ASN A 460 -2.32 -36.33 -8.46
N LEU A 461 -1.11 -36.46 -7.92
CA LEU A 461 -0.84 -36.93 -6.58
C LEU A 461 -1.02 -35.77 -5.60
N LYS A 462 -1.57 -36.02 -4.42
CA LYS A 462 -1.70 -34.96 -3.43
C LYS A 462 -0.36 -34.73 -2.76
N PRO A 463 -0.09 -33.54 -2.19
CA PRO A 463 1.11 -33.26 -1.46
C PRO A 463 1.29 -34.29 -0.37
N PHE A 464 2.50 -34.81 -0.30
CA PHE A 464 2.94 -35.82 0.66
C PHE A 464 2.19 -37.15 0.71
N GLU A 465 1.42 -37.54 -0.31
CA GLU A 465 0.83 -38.88 -0.19
C GLU A 465 1.61 -39.83 -1.05
N ARG A 466 1.75 -41.07 -0.62
CA ARG A 466 2.46 -42.07 -1.42
C ARG A 466 1.50 -42.64 -2.42
N ASP A 467 2.01 -43.06 -3.56
CA ASP A 467 1.17 -43.70 -4.55
C ASP A 467 1.00 -45.19 -4.32
N ILE A 468 2.13 -45.88 -4.17
CA ILE A 468 2.19 -47.33 -4.03
C ILE A 468 1.09 -48.13 -4.73
N SER A 469 0.80 -47.81 -6.00
CA SER A 469 -0.23 -48.52 -6.75
C SER A 469 0.27 -49.27 -7.96
N THR A 470 -0.35 -50.43 -8.20
CA THR A 470 -0.04 -51.30 -9.34
C THR A 470 -1.24 -51.41 -10.29
N GLU A 471 -2.22 -50.53 -10.14
CA GLU A 471 -3.41 -50.53 -10.98
C GLU A 471 -3.03 -50.37 -12.43
N ILE A 472 -3.58 -51.20 -13.30
CA ILE A 472 -3.20 -51.11 -14.69
C ILE A 472 -3.90 -49.92 -15.31
N TYR A 473 -3.12 -49.08 -15.97
CA TYR A 473 -3.58 -47.84 -16.57
C TYR A 473 -3.90 -47.99 -18.03
N GLN A 474 -5.06 -47.49 -18.45
CA GLN A 474 -5.48 -47.54 -19.84
C GLN A 474 -5.25 -46.21 -20.50
N ALA A 475 -4.36 -46.20 -21.49
CA ALA A 475 -3.99 -44.99 -22.19
C ALA A 475 -4.87 -44.77 -23.42
N GLY A 476 -5.74 -45.74 -23.71
CA GLY A 476 -6.60 -45.67 -24.89
C GLY A 476 -8.06 -45.97 -24.55
N SER A 477 -8.87 -46.19 -25.59
CA SER A 477 -10.30 -46.45 -25.42
C SER A 477 -10.68 -47.92 -25.19
N THR A 478 -9.72 -48.81 -25.36
CA THR A 478 -9.97 -50.24 -25.18
C THR A 478 -9.87 -50.51 -23.67
N PRO A 479 -10.86 -51.19 -23.02
CA PRO A 479 -10.86 -51.52 -21.59
C PRO A 479 -9.56 -52.17 -21.08
N CYS A 480 -8.91 -53.04 -21.91
CA CYS A 480 -7.61 -53.69 -21.67
C CYS A 480 -7.54 -54.23 -20.23
N ASN A 481 -8.55 -54.99 -19.85
CA ASN A 481 -8.71 -55.37 -18.45
C ASN A 481 -7.85 -56.51 -17.99
N GLY A 482 -6.66 -56.15 -17.50
CA GLY A 482 -5.67 -57.10 -17.02
C GLY A 482 -4.81 -57.61 -18.14
N VAL A 483 -4.89 -56.93 -19.27
CA VAL A 483 -4.15 -57.30 -20.46
C VAL A 483 -2.70 -56.82 -20.38
N GLU A 484 -2.52 -55.61 -19.86
CA GLU A 484 -1.22 -54.95 -19.73
C GLU A 484 -0.48 -54.89 -21.06
N GLY A 485 -1.17 -54.47 -22.09
CA GLY A 485 -0.54 -54.37 -23.38
C GLY A 485 -1.47 -53.71 -24.35
N PHE A 486 -1.03 -53.58 -25.60
CA PHE A 486 -1.73 -52.90 -26.68
C PHE A 486 -1.88 -51.40 -26.42
N ASN A 487 -2.68 -51.06 -25.42
CA ASN A 487 -2.87 -49.68 -24.99
C ASN A 487 -2.91 -49.46 -23.46
N CYS A 488 -2.55 -50.47 -22.61
CA CYS A 488 -2.55 -50.31 -21.15
C CYS A 488 -1.22 -50.79 -20.61
N TYR A 489 -0.88 -50.27 -19.46
CA TYR A 489 0.41 -50.57 -18.89
C TYR A 489 0.46 -50.84 -17.42
N PHE A 490 1.41 -51.67 -17.03
CA PHE A 490 1.74 -51.78 -15.63
C PHE A 490 2.26 -50.37 -15.38
N PRO A 491 1.73 -49.63 -14.40
CA PRO A 491 1.97 -48.21 -14.18
C PRO A 491 3.34 -47.77 -13.75
N LEU A 492 4.12 -48.69 -13.23
CA LEU A 492 5.43 -48.43 -12.67
C LEU A 492 6.59 -48.83 -13.60
N GLN A 493 7.39 -47.84 -13.99
CA GLN A 493 8.49 -47.98 -14.96
C GLN A 493 9.88 -47.94 -14.35
N SER A 494 10.77 -48.84 -14.75
CA SER A 494 12.13 -48.83 -14.21
C SER A 494 13.04 -47.76 -14.81
N TYR A 495 14.11 -47.43 -14.08
CA TYR A 495 15.11 -46.49 -14.56
C TYR A 495 16.39 -47.19 -15.00
N GLY A 496 17.01 -46.68 -16.04
CA GLY A 496 18.30 -47.20 -16.51
C GLY A 496 19.47 -46.65 -15.71
N PHE A 497 19.53 -46.96 -14.43
CA PHE A 497 20.59 -46.39 -13.60
C PHE A 497 21.86 -47.20 -13.76
N GLN A 498 22.68 -46.68 -14.67
CA GLN A 498 23.89 -47.31 -15.14
C GLN A 498 25.09 -46.29 -15.00
N PRO A 499 26.32 -46.73 -14.63
CA PRO A 499 27.53 -45.94 -14.40
C PRO A 499 28.07 -45.04 -15.50
N THR A 500 27.74 -45.26 -16.76
CA THR A 500 28.28 -44.42 -17.80
C THR A 500 27.19 -43.66 -18.54
N ASN A 501 26.00 -43.58 -17.95
CA ASN A 501 24.95 -42.84 -18.61
C ASN A 501 25.23 -41.36 -18.37
N GLY A 502 24.39 -40.48 -18.91
CA GLY A 502 24.64 -39.05 -18.75
C GLY A 502 24.38 -38.58 -17.34
N VAL A 503 24.88 -37.39 -17.02
CA VAL A 503 24.75 -36.84 -15.67
C VAL A 503 23.30 -36.63 -15.26
N GLY A 504 22.43 -36.37 -16.24
CA GLY A 504 21.02 -36.16 -15.98
C GLY A 504 20.24 -37.47 -15.82
N TYR A 505 20.90 -38.60 -16.11
CA TYR A 505 20.30 -39.91 -16.03
C TYR A 505 20.84 -40.67 -14.86
N GLN A 506 21.96 -40.22 -14.34
CA GLN A 506 22.56 -40.85 -13.20
C GLN A 506 21.60 -40.64 -12.04
N PRO A 507 21.52 -41.58 -11.10
CA PRO A 507 20.71 -41.49 -9.92
C PRO A 507 21.27 -40.49 -8.95
N TYR A 508 20.37 -39.83 -8.24
CA TYR A 508 20.67 -38.94 -7.16
C TYR A 508 19.80 -39.29 -5.97
N ARG A 509 20.40 -39.20 -4.80
CA ARG A 509 19.66 -39.43 -3.60
C ARG A 509 19.13 -38.11 -3.15
N VAL A 510 17.85 -38.07 -2.85
CA VAL A 510 17.24 -36.86 -2.38
C VAL A 510 16.47 -37.09 -1.10
N VAL A 511 16.71 -36.19 -0.16
CA VAL A 511 16.04 -36.19 1.11
C VAL A 511 15.35 -34.87 1.31
N VAL A 512 14.07 -34.92 1.60
CA VAL A 512 13.38 -33.67 1.84
C VAL A 512 13.04 -33.59 3.31
N LEU A 513 13.49 -32.53 3.94
CA LEU A 513 13.20 -32.38 5.35
C LEU A 513 12.03 -31.44 5.49
N SER A 514 10.90 -32.00 5.89
CA SER A 514 9.65 -31.27 6.06
C SER A 514 9.57 -30.82 7.50
N PHE A 515 9.36 -29.53 7.71
CA PHE A 515 9.36 -28.98 9.05
C PHE A 515 8.01 -28.57 9.63
N GLU A 516 7.79 -28.94 10.89
CA GLU A 516 6.65 -28.51 11.67
C GLU A 516 7.17 -27.55 12.70
N LEU A 517 6.90 -26.26 12.54
CA LEU A 517 7.49 -25.24 13.41
C LEU A 517 7.06 -25.49 14.85
N LEU A 518 7.95 -25.21 15.80
CA LEU A 518 7.64 -25.56 17.18
C LEU A 518 6.50 -24.82 17.87
N HIS A 519 5.29 -25.38 17.78
CA HIS A 519 4.13 -24.86 18.53
C HIS A 519 4.06 -25.54 19.91
N ALA A 520 4.79 -26.64 20.01
CA ALA A 520 4.92 -27.58 21.10
C ALA A 520 6.09 -27.22 22.04
N PRO A 521 6.26 -27.88 23.19
CA PRO A 521 7.45 -27.79 24.00
C PRO A 521 8.59 -28.29 23.11
N ALA A 522 9.81 -27.80 23.31
CA ALA A 522 10.91 -28.20 22.42
C ALA A 522 10.96 -29.68 22.28
N THR A 523 11.03 -30.08 21.02
CA THR A 523 11.06 -31.45 20.62
C THR A 523 12.30 -31.69 19.77
N VAL A 524 12.41 -30.98 18.64
CA VAL A 524 13.59 -31.07 17.77
C VAL A 524 14.25 -29.69 17.69
N CYS A 525 15.52 -29.54 18.16
CA CYS A 525 16.19 -28.20 18.17
C CYS A 525 17.66 -28.31 17.85
N GLY A 526 18.27 -27.18 17.51
CA GLY A 526 19.68 -27.20 17.19
C GLY A 526 20.53 -27.45 18.44
N PRO A 527 21.85 -27.37 18.31
CA PRO A 527 22.86 -27.65 19.33
C PRO A 527 23.00 -26.51 20.30
N LYS A 528 21.94 -26.26 21.05
CA LYS A 528 21.89 -25.18 22.01
C LYS A 528 22.63 -25.59 23.25
N LYS A 529 23.21 -24.61 23.93
CA LYS A 529 23.90 -24.88 25.16
C LYS A 529 23.08 -24.35 26.30
N SER A 530 23.12 -25.02 27.43
CA SER A 530 22.44 -24.52 28.58
C SER A 530 23.28 -23.45 29.23
N THR A 531 22.62 -22.67 30.06
CA THR A 531 23.20 -21.61 30.86
C THR A 531 22.63 -21.73 32.24
N ASN A 532 23.14 -20.91 33.13
CA ASN A 532 22.60 -20.87 34.46
C ASN A 532 21.36 -20.01 34.39
N LEU A 533 20.70 -19.80 35.52
CA LEU A 533 19.52 -18.96 35.49
C LEU A 533 19.76 -17.68 36.23
N VAL A 534 19.49 -16.57 35.56
CA VAL A 534 19.67 -15.29 36.18
C VAL A 534 18.34 -14.64 36.38
N LYS A 535 18.08 -14.28 37.61
CA LYS A 535 16.84 -13.65 37.96
C LYS A 535 17.19 -12.21 38.22
N ASN A 536 16.21 -11.36 38.01
CA ASN A 536 16.38 -9.93 38.15
C ASN A 536 17.35 -9.54 37.06
N LYS A 537 17.70 -8.26 37.00
CA LYS A 537 18.59 -7.71 35.98
C LYS A 537 17.93 -7.84 34.60
N CYS A 538 18.46 -7.11 33.59
CA CYS A 538 17.92 -7.16 32.23
C CYS A 538 18.68 -8.24 31.47
N VAL A 539 17.93 -9.25 31.04
CA VAL A 539 18.44 -10.44 30.41
C VAL A 539 17.88 -10.72 29.03
N ASN A 540 18.76 -11.07 28.12
CA ASN A 540 18.37 -11.48 26.78
C ASN A 540 18.19 -13.01 26.87
N PHE A 541 16.96 -13.52 26.77
CA PHE A 541 16.73 -14.95 26.96
C PHE A 541 16.22 -15.72 25.74
N ASN A 542 16.53 -17.04 25.72
CA ASN A 542 16.07 -17.93 24.64
C ASN A 542 15.11 -19.09 24.98
N PHE A 543 15.23 -19.75 26.13
CA PHE A 543 14.38 -20.90 26.46
C PHE A 543 14.25 -21.90 25.30
N ASN A 544 13.00 -22.20 24.90
CA ASN A 544 12.69 -23.10 23.78
C ASN A 544 12.12 -22.30 22.64
N GLY A 545 12.30 -21.01 22.73
CA GLY A 545 11.71 -20.08 21.81
C GLY A 545 11.23 -18.94 22.67
N LEU A 546 10.37 -18.09 22.16
CA LEU A 546 9.94 -16.94 22.94
C LEU A 546 11.14 -16.06 23.24
N THR A 547 12.06 -15.96 22.28
CA THR A 547 13.24 -15.15 22.44
C THR A 547 12.82 -13.73 22.71
N GLY A 548 13.45 -13.12 23.68
CA GLY A 548 13.11 -11.76 24.03
C GLY A 548 13.99 -11.22 25.12
N THR A 549 13.70 -10.00 25.55
CA THR A 549 14.50 -9.36 26.58
C THR A 549 13.61 -8.89 27.70
N GLY A 550 14.04 -9.14 28.91
CA GLY A 550 13.28 -8.72 30.08
C GLY A 550 13.94 -9.13 31.37
N VAL A 551 13.24 -8.89 32.44
CA VAL A 551 13.70 -9.18 33.77
C VAL A 551 12.95 -10.39 34.27
N LEU A 552 13.66 -11.45 34.61
CA LEU A 552 13.00 -12.69 35.02
C LEU A 552 12.88 -12.78 36.53
N THR A 553 11.67 -12.87 37.06
CA THR A 553 11.54 -12.95 38.52
C THR A 553 10.68 -14.11 38.93
N GLU A 554 10.71 -14.48 40.20
CA GLU A 554 9.86 -15.58 40.63
C GLU A 554 8.40 -15.21 40.47
N SER A 555 7.62 -16.15 39.93
CA SER A 555 6.20 -15.96 39.72
C SER A 555 5.35 -16.58 40.80
N ASN A 556 4.19 -15.98 41.07
CA ASN A 556 3.23 -16.55 42.01
C ASN A 556 2.08 -17.24 41.28
N LYS A 557 2.24 -17.42 39.98
CA LYS A 557 1.21 -18.05 39.15
C LYS A 557 1.17 -19.53 39.32
N LYS A 558 -0.02 -20.07 39.26
CA LYS A 558 -0.17 -21.50 39.35
C LYS A 558 -0.53 -22.08 38.00
N PHE A 559 0.46 -22.57 37.28
CA PHE A 559 0.19 -23.12 35.97
C PHE A 559 -0.36 -24.51 36.13
N LEU A 560 -1.23 -24.89 35.22
CA LEU A 560 -1.71 -26.24 35.21
C LEU A 560 -0.49 -27.01 34.68
N PRO A 561 -0.33 -28.29 34.97
CA PRO A 561 0.82 -29.12 34.64
C PRO A 561 1.15 -29.26 33.17
N PHE A 562 0.22 -28.93 32.31
CA PHE A 562 0.44 -29.04 30.89
C PHE A 562 0.68 -27.71 30.19
N GLN A 563 0.51 -26.59 30.88
CA GLN A 563 0.55 -25.33 30.19
C GLN A 563 1.90 -24.81 29.67
N GLN A 564 2.99 -24.97 30.44
CA GLN A 564 4.36 -24.54 30.07
C GLN A 564 4.62 -23.02 29.88
N PHE A 565 3.81 -22.37 29.10
CA PHE A 565 3.87 -20.97 28.75
C PHE A 565 2.67 -20.19 29.27
N GLY A 566 2.62 -18.87 29.04
CA GLY A 566 1.51 -18.03 29.48
C GLY A 566 1.55 -16.63 28.90
N ARG A 567 0.36 -16.06 28.74
CA ARG A 567 0.16 -14.74 28.12
C ARG A 567 -0.79 -13.79 28.85
N ASP A 568 -0.62 -12.53 28.49
CA ASP A 568 -1.43 -11.40 28.90
C ASP A 568 -2.60 -11.12 27.98
N ILE A 569 -3.37 -10.10 28.33
CA ILE A 569 -4.50 -9.58 27.58
C ILE A 569 -4.06 -9.10 26.22
N ALA A 570 -2.87 -8.54 26.20
CA ALA A 570 -2.21 -7.98 25.03
C ALA A 570 -1.59 -9.06 24.12
N ASP A 571 -1.73 -10.34 24.47
CA ASP A 571 -1.18 -11.48 23.76
C ASP A 571 0.33 -11.58 23.94
N THR A 572 0.88 -10.81 24.85
CA THR A 572 2.30 -10.85 25.10
C THR A 572 2.62 -11.95 26.07
N THR A 573 3.90 -12.33 26.14
CA THR A 573 4.27 -13.34 27.12
C THR A 573 4.21 -12.74 28.50
N ASP A 574 3.54 -13.43 29.41
CA ASP A 574 3.41 -12.98 30.79
C ASP A 574 4.45 -13.69 31.63
N ALA A 575 4.52 -15.00 31.41
CA ALA A 575 5.38 -15.86 32.21
C ALA A 575 5.77 -17.08 31.42
N VAL A 576 6.90 -17.66 31.80
CA VAL A 576 7.41 -18.88 31.21
C VAL A 576 7.83 -19.90 32.25
N ARG A 577 7.48 -21.17 32.04
CA ARG A 577 7.96 -22.21 32.92
C ARG A 577 9.35 -22.56 32.47
N ASP A 578 10.28 -22.57 33.39
CA ASP A 578 11.65 -22.90 33.12
C ASP A 578 11.72 -24.35 32.66
N PRO A 579 12.20 -24.65 31.45
CA PRO A 579 12.27 -25.99 30.90
C PRO A 579 12.96 -26.97 31.86
N GLN A 580 13.84 -26.48 32.72
CA GLN A 580 14.48 -27.36 33.68
C GLN A 580 14.07 -26.89 35.07
N THR A 581 13.72 -27.83 35.94
CA THR A 581 13.26 -27.67 37.34
C THR A 581 11.83 -27.11 37.46
N LEU A 582 11.30 -26.58 36.36
CA LEU A 582 9.95 -26.09 36.20
C LEU A 582 9.50 -24.92 37.08
N GLU A 583 10.40 -24.03 37.44
CA GLU A 583 10.04 -22.84 38.19
C GLU A 583 9.28 -21.91 37.27
N ILE A 584 8.24 -21.25 37.76
CA ILE A 584 7.55 -20.31 36.89
C ILE A 584 8.16 -18.93 37.09
N LEU A 585 8.55 -18.31 35.99
CA LEU A 585 9.16 -16.99 36.04
C LEU A 585 8.30 -15.95 35.31
N ASP A 586 8.12 -14.80 35.94
CA ASP A 586 7.39 -13.71 35.33
C ASP A 586 8.35 -12.90 34.49
N ILE A 587 7.88 -12.36 33.37
CA ILE A 587 8.77 -11.54 32.58
C ILE A 587 8.36 -10.08 32.56
N THR A 588 9.21 -9.23 33.09
CA THR A 588 8.94 -7.80 33.15
C THR A 588 9.80 -7.09 32.09
N PRO A 589 9.28 -6.18 31.26
CA PRO A 589 10.06 -5.43 30.31
C PRO A 589 11.12 -4.63 31.06
N CYS A 590 12.29 -4.39 30.43
CA CYS A 590 13.41 -3.60 30.98
C CYS A 590 12.98 -2.11 30.93
N SER A 591 13.38 -1.32 31.92
CA SER A 591 12.92 0.06 32.01
C SER A 591 13.25 0.90 30.80
N PHE A 592 12.31 1.75 30.46
CA PHE A 592 12.45 2.65 29.34
C PHE A 592 11.59 3.85 29.62
N GLY A 593 11.82 4.91 28.87
CA GLY A 593 10.98 6.10 28.98
C GLY A 593 11.60 7.18 28.14
N GLY A 594 10.93 8.30 27.99
CA GLY A 594 11.54 9.34 27.19
C GLY A 594 12.51 10.10 28.06
N VAL A 595 13.32 10.92 27.42
CA VAL A 595 14.24 11.75 28.16
C VAL A 595 14.01 13.17 27.77
N SER A 596 13.85 14.03 28.74
CA SER A 596 13.63 15.41 28.42
C SER A 596 14.61 16.30 29.15
N VAL A 597 14.86 17.45 28.56
CA VAL A 597 15.82 18.36 29.10
C VAL A 597 15.16 19.64 29.55
N ILE A 598 15.43 20.00 30.78
CA ILE A 598 14.92 21.17 31.44
C ILE A 598 15.90 22.27 31.22
N THR A 599 15.49 23.25 30.44
CA THR A 599 16.40 24.28 30.01
C THR A 599 16.00 25.70 30.40
N PRO A 600 16.81 26.44 31.16
CA PRO A 600 16.65 27.85 31.45
C PRO A 600 16.91 28.42 30.10
N GLY A 601 16.42 29.57 29.75
CA GLY A 601 16.74 29.98 28.38
C GLY A 601 18.24 30.16 28.21
N THR A 602 18.73 29.94 26.99
CA THR A 602 20.16 30.02 26.65
C THR A 602 20.64 31.44 26.61
N ASN A 603 19.72 32.38 26.76
CA ASN A 603 20.06 33.78 26.82
C ASN A 603 20.35 34.17 28.26
N THR A 604 20.28 33.20 29.16
CA THR A 604 20.53 33.36 30.57
C THR A 604 21.68 32.45 31.01
N SER A 605 21.55 31.17 30.70
CA SER A 605 22.54 30.20 31.12
C SER A 605 22.54 28.94 30.26
N ASN A 606 23.60 28.15 30.39
CA ASN A 606 23.70 26.88 29.67
C ASN A 606 23.68 25.66 30.57
N GLN A 607 23.16 25.80 31.78
CA GLN A 607 23.05 24.66 32.66
C GLN A 607 21.76 23.98 32.32
N VAL A 608 21.73 22.66 32.30
CA VAL A 608 20.47 21.99 32.07
C VAL A 608 20.29 20.88 33.08
N ALA A 609 19.05 20.46 33.27
CA ALA A 609 18.78 19.29 34.10
C ALA A 609 18.13 18.25 33.23
N VAL A 610 18.39 16.98 33.48
CA VAL A 610 17.80 15.97 32.63
C VAL A 610 16.86 15.03 33.36
N LEU A 611 15.67 14.88 32.81
CA LEU A 611 14.65 14.05 33.38
C LEU A 611 14.42 12.75 32.61
N TYR A 612 14.43 11.63 33.31
CA TYR A 612 14.13 10.33 32.71
C TYR A 612 12.71 10.01 33.13
N GLN A 613 11.80 9.86 32.18
CA GLN A 613 10.39 9.75 32.55
C GLN A 613 9.96 8.60 33.44
N ASP A 614 10.53 7.42 33.30
CA ASP A 614 10.05 6.33 34.15
C ASP A 614 11.16 5.40 34.58
N VAL A 615 11.98 5.89 35.48
CA VAL A 615 13.11 5.12 35.94
C VAL A 615 13.16 5.22 37.46
N ASN A 616 13.51 4.12 38.20
CA ASN A 616 13.67 4.13 39.66
C ASN A 616 15.05 4.71 40.02
N CYS A 617 15.24 5.96 39.62
CA CYS A 617 16.37 6.88 39.69
C CYS A 617 17.53 6.35 40.52
N TRP A 633 20.57 4.51 40.39
CA TRP A 633 19.96 3.23 40.03
C TRP A 633 19.25 3.35 38.66
N ARG A 634 19.65 2.49 37.70
CA ARG A 634 19.14 2.34 36.32
C ARG A 634 19.37 3.56 35.42
N VAL A 635 20.20 4.49 35.86
CA VAL A 635 20.58 5.63 35.06
C VAL A 635 22.09 5.65 35.08
N TYR A 636 22.69 5.81 33.91
CA TYR A 636 24.14 5.79 33.77
C TYR A 636 24.80 7.17 33.68
N SER A 637 24.00 8.22 33.79
CA SER A 637 24.48 9.59 33.71
C SER A 637 25.11 10.05 35.01
N THR A 638 25.79 11.18 34.94
CA THR A 638 26.47 11.79 36.08
C THR A 638 26.08 13.26 36.25
N GLY A 639 26.74 13.91 37.22
CA GLY A 639 26.48 15.31 37.56
C GLY A 639 25.88 15.50 38.95
N SER A 640 25.70 14.39 39.68
CA SER A 640 25.15 14.40 41.03
C SER A 640 23.78 15.05 41.05
N ASN A 641 23.36 15.56 42.19
CA ASN A 641 22.05 16.18 42.27
C ASN A 641 21.00 15.23 41.72
N VAL A 642 21.00 14.00 42.21
CA VAL A 642 20.07 13.01 41.72
C VAL A 642 18.86 12.94 42.63
N PHE A 643 17.70 13.25 42.07
CA PHE A 643 16.44 13.32 42.79
C PHE A 643 15.36 12.43 42.21
N GLN A 644 14.73 11.65 43.07
CA GLN A 644 13.65 10.77 42.63
C GLN A 644 12.30 11.42 42.82
N THR A 645 11.54 11.52 41.74
CA THR A 645 10.21 12.05 41.87
C THR A 645 9.19 11.16 41.18
N ARG A 646 7.92 11.48 41.33
CA ARG A 646 6.87 10.68 40.72
C ARG A 646 6.83 10.82 39.22
N ALA A 647 7.41 11.89 38.76
CA ALA A 647 7.49 12.21 37.35
C ALA A 647 8.73 11.64 36.68
N GLY A 648 9.59 10.93 37.42
CA GLY A 648 10.80 10.39 36.81
C GLY A 648 12.07 10.65 37.63
N CYS A 649 13.25 10.39 37.02
CA CYS A 649 14.57 10.59 37.65
C CYS A 649 15.10 11.93 37.18
N LEU A 650 15.29 12.83 38.11
CA LEU A 650 15.75 14.15 37.75
C LEU A 650 17.17 14.36 38.16
N ILE A 651 18.05 14.57 37.18
CA ILE A 651 19.45 14.75 37.49
C ILE A 651 20.02 16.09 37.12
N GLY A 652 20.61 16.75 38.10
CA GLY A 652 21.24 18.06 37.92
C GLY A 652 20.51 19.20 38.61
N ALA A 653 19.25 18.99 38.97
CA ALA A 653 18.50 20.00 39.67
C ALA A 653 18.64 19.79 41.16
N GLU A 654 18.75 20.86 41.92
CA GLU A 654 18.83 20.74 43.36
C GLU A 654 17.48 20.85 44.01
N HIS A 655 17.05 19.83 44.70
CA HIS A 655 15.76 19.92 45.33
C HIS A 655 15.83 20.79 46.57
N VAL A 656 14.84 21.66 46.75
CA VAL A 656 14.78 22.53 47.92
C VAL A 656 13.44 22.39 48.61
N ASN A 657 13.36 22.81 49.87
CA ASN A 657 12.10 22.71 50.61
C ASN A 657 11.26 23.98 50.55
N ASN A 658 11.71 24.92 49.76
CA ASN A 658 11.02 26.17 49.58
C ASN A 658 10.10 26.05 48.40
N SER A 659 8.81 26.20 48.61
CA SER A 659 7.89 26.13 47.50
C SER A 659 7.90 27.47 46.82
N TYR A 660 7.48 27.50 45.58
CA TYR A 660 7.42 28.75 44.84
C TYR A 660 6.39 28.68 43.75
N GLU A 661 6.20 29.76 43.03
CA GLU A 661 5.30 29.74 41.90
C GLU A 661 5.96 28.84 40.87
N CYS A 662 5.17 28.07 40.09
CA CYS A 662 5.67 27.18 39.05
C CYS A 662 6.24 27.97 37.87
N ASP A 663 7.38 27.52 37.39
CA ASP A 663 8.04 28.14 36.25
C ASP A 663 8.10 27.07 35.16
N ILE A 664 9.07 26.16 35.23
CA ILE A 664 9.09 25.11 34.24
C ILE A 664 8.47 23.88 34.88
N PRO A 665 7.29 23.42 34.48
CA PRO A 665 6.64 22.31 35.13
C PRO A 665 7.32 21.02 34.82
N ILE A 666 7.39 20.11 35.78
CA ILE A 666 7.89 18.77 35.52
C ILE A 666 6.76 17.75 35.57
N GLY A 667 5.97 17.82 36.62
CA GLY A 667 4.86 16.90 36.79
C GLY A 667 4.71 16.45 38.23
N ALA A 668 3.53 15.98 38.60
CA ALA A 668 3.23 15.48 39.92
C ALA A 668 3.54 16.47 41.02
N GLY A 669 3.24 17.74 40.79
CA GLY A 669 3.44 18.79 41.76
C GLY A 669 4.81 19.44 41.76
N ILE A 670 5.72 18.93 40.94
CA ILE A 670 7.09 19.45 40.90
C ILE A 670 7.34 20.33 39.68
N CYS A 671 7.98 21.50 39.92
CA CYS A 671 8.40 22.50 38.94
C CYS A 671 9.89 22.79 39.17
N ALA A 672 10.55 23.35 38.16
CA ALA A 672 11.93 23.75 38.26
C ALA A 672 12.17 25.19 37.83
N SER A 673 13.23 25.77 38.35
CA SER A 673 13.60 27.16 38.04
C SER A 673 15.10 27.40 38.17
N TYR A 674 15.57 28.54 37.65
CA TYR A 674 16.99 28.90 37.76
C TYR A 674 17.14 30.03 38.77
N GLN A 675 17.65 29.70 39.94
CA GLN A 675 17.72 30.63 41.08
C GLN A 675 18.98 30.46 41.94
N THR A 676 19.38 31.53 42.69
CA THR A 676 20.49 31.53 43.66
C THR A 676 20.06 30.80 44.94
N SER A 689 26.72 30.88 41.77
CA SER A 689 25.58 31.68 42.20
C SER A 689 24.27 30.90 41.93
N GLN A 690 23.71 31.02 40.70
CA GLN A 690 22.47 30.41 40.24
C GLN A 690 22.65 29.00 39.71
N SER A 691 21.64 28.19 39.94
CA SER A 691 21.58 26.83 39.46
C SER A 691 20.14 26.38 39.33
N ILE A 692 19.93 25.25 38.67
CA ILE A 692 18.58 24.76 38.53
C ILE A 692 18.14 24.06 39.79
N ILE A 693 16.95 24.41 40.27
CA ILE A 693 16.40 23.82 41.46
C ILE A 693 15.07 23.19 41.16
N ALA A 694 14.67 22.26 42.01
CA ALA A 694 13.38 21.60 41.92
C ALA A 694 12.59 21.88 43.18
N TYR A 695 11.31 22.10 43.04
CA TYR A 695 10.48 22.39 44.19
C TYR A 695 9.05 22.02 44.00
N THR A 696 8.32 21.90 45.11
CA THR A 696 6.90 21.70 45.02
C THR A 696 6.31 23.05 44.72
N MET A 697 5.41 23.10 43.76
CA MET A 697 4.80 24.35 43.41
C MET A 697 3.81 24.80 44.46
N SER A 698 3.76 26.10 44.65
CA SER A 698 2.82 26.76 45.52
C SER A 698 1.56 27.05 44.77
N LEU A 699 0.43 27.01 45.44
CA LEU A 699 -0.81 27.31 44.75
C LEU A 699 -1.25 28.73 45.04
N GLY A 700 -0.40 29.49 45.73
CA GLY A 700 -0.73 30.87 46.07
C GLY A 700 -0.55 31.16 47.55
N ALA A 701 -0.61 32.44 47.89
CA ALA A 701 -0.46 32.92 49.26
C ALA A 701 -1.70 32.51 50.00
N GLU A 702 -1.63 32.35 51.31
CA GLU A 702 -2.83 32.03 52.05
C GLU A 702 -3.54 33.30 52.49
N ASN A 703 -4.85 33.21 52.63
CA ASN A 703 -5.65 34.34 53.10
C ASN A 703 -6.77 33.94 54.04
N SER A 704 -6.60 34.25 55.31
CA SER A 704 -7.64 33.90 56.26
C SER A 704 -8.58 35.07 56.33
N VAL A 705 -9.82 34.84 55.96
CA VAL A 705 -10.82 35.90 55.96
C VAL A 705 -11.38 36.01 57.35
N ALA A 706 -11.47 37.20 57.88
CA ALA A 706 -11.95 37.40 59.24
C ALA A 706 -13.46 37.33 59.32
N TYR A 707 -13.98 36.14 59.09
CA TYR A 707 -15.39 35.91 59.10
C TYR A 707 -15.94 36.03 60.50
N SER A 708 -17.05 36.72 60.60
CA SER A 708 -17.78 36.88 61.83
C SER A 708 -19.23 37.13 61.47
N ASN A 709 -20.15 36.65 62.32
CA ASN A 709 -21.59 36.78 62.14
C ASN A 709 -22.11 38.23 62.17
N ASN A 710 -21.30 39.20 62.71
CA ASN A 710 -21.63 40.61 62.78
C ASN A 710 -20.59 41.51 62.12
N SER A 711 -19.78 41.03 61.17
CA SER A 711 -18.76 41.94 60.59
C SER A 711 -18.69 41.93 59.08
N ILE A 712 -18.69 43.11 58.49
CA ILE A 712 -18.63 43.27 57.05
C ILE A 712 -17.51 44.19 56.58
N ALA A 713 -16.81 43.83 55.51
CA ALA A 713 -15.82 44.76 55.00
C ALA A 713 -16.39 45.51 53.81
N ILE A 714 -16.16 46.80 53.77
CA ILE A 714 -16.67 47.65 52.69
C ILE A 714 -15.57 48.52 52.11
N PRO A 715 -15.37 48.57 50.79
CA PRO A 715 -14.36 49.38 50.16
C PRO A 715 -14.70 50.83 50.38
N THR A 716 -13.69 51.63 50.65
CA THR A 716 -13.85 53.08 50.80
C THR A 716 -13.26 53.88 49.61
N ASN A 717 -12.63 53.19 48.63
CA ASN A 717 -11.94 53.70 47.46
C ASN A 717 -12.02 52.62 46.38
N PHE A 718 -11.59 52.93 45.15
CA PHE A 718 -11.57 52.05 43.98
C PHE A 718 -10.50 52.45 43.01
N THR A 719 -10.17 51.53 42.10
CA THR A 719 -9.29 51.84 41.00
C THR A 719 -9.91 51.39 39.70
N ILE A 720 -9.37 51.91 38.61
CA ILE A 720 -9.79 51.51 37.29
C ILE A 720 -8.65 50.76 36.71
N SER A 721 -8.93 49.57 36.24
CA SER A 721 -7.93 48.71 35.69
C SER A 721 -8.27 48.40 34.28
N VAL A 722 -7.28 48.37 33.40
CA VAL A 722 -7.60 48.01 32.05
C VAL A 722 -6.70 46.85 31.70
N THR A 723 -7.27 45.76 31.25
CA THR A 723 -6.45 44.61 30.92
C THR A 723 -6.57 44.21 29.48
N THR A 724 -5.74 43.29 29.05
CA THR A 724 -5.75 42.90 27.64
C THR A 724 -6.01 41.44 27.40
N GLU A 725 -6.96 41.16 26.51
CA GLU A 725 -7.29 39.79 26.14
C GLU A 725 -7.16 39.58 24.65
N ILE A 726 -6.45 38.54 24.26
CA ILE A 726 -6.18 38.32 22.84
C ILE A 726 -6.73 37.03 22.29
N LEU A 727 -7.46 37.14 21.18
CA LEU A 727 -7.99 35.96 20.53
C LEU A 727 -7.67 35.93 19.04
N PRO A 728 -7.28 34.78 18.47
CA PRO A 728 -7.17 34.54 17.06
C PRO A 728 -8.53 34.60 16.42
N VAL A 729 -8.58 35.07 15.21
CA VAL A 729 -9.80 35.07 14.43
C VAL A 729 -9.66 34.25 13.17
N SER A 730 -8.50 34.33 12.51
CA SER A 730 -8.35 33.66 11.23
C SER A 730 -6.95 33.13 11.05
N MET A 731 -6.78 32.30 10.03
CA MET A 731 -5.48 31.76 9.68
C MET A 731 -5.30 31.89 8.19
N THR A 732 -4.06 31.75 7.72
CA THR A 732 -3.76 31.88 6.31
C THR A 732 -4.58 30.91 5.47
N LYS A 733 -5.18 31.46 4.41
CA LYS A 733 -5.98 30.70 3.48
C LYS A 733 -5.10 30.16 2.39
N THR A 734 -5.09 28.86 2.18
CA THR A 734 -4.24 28.30 1.16
C THR A 734 -5.03 27.38 0.25
N SER A 735 -4.43 27.06 -0.88
CA SER A 735 -4.96 26.14 -1.85
C SER A 735 -3.84 25.33 -2.47
N VAL A 736 -4.04 24.03 -2.64
CA VAL A 736 -2.99 23.20 -3.19
C VAL A 736 -3.37 22.51 -4.48
N ASP A 737 -2.52 22.69 -5.47
CA ASP A 737 -2.68 22.05 -6.76
C ASP A 737 -2.07 20.64 -6.66
N CYS A 738 -2.93 19.58 -6.66
CA CYS A 738 -2.58 18.17 -6.46
C CYS A 738 -1.70 17.63 -7.58
N THR A 739 -1.77 18.25 -8.75
CA THR A 739 -0.97 17.75 -9.83
C THR A 739 0.40 18.31 -9.64
N MET A 740 0.49 19.59 -9.36
CA MET A 740 1.82 20.12 -9.16
C MET A 740 2.50 19.53 -7.93
N TYR A 741 1.73 19.25 -6.88
CA TYR A 741 2.32 18.69 -5.69
C TYR A 741 2.81 17.28 -5.93
N ILE A 742 1.99 16.44 -6.55
CA ILE A 742 2.35 15.04 -6.68
C ILE A 742 3.22 14.72 -7.91
N CYS A 743 2.85 15.25 -9.11
CA CYS A 743 3.44 14.90 -10.39
C CYS A 743 4.36 15.97 -10.93
N GLY A 744 4.11 17.22 -10.63
CA GLY A 744 5.05 18.20 -11.14
C GLY A 744 4.96 18.28 -12.65
N ASP A 745 3.75 18.10 -13.16
CA ASP A 745 3.41 18.08 -14.56
C ASP A 745 3.88 16.85 -15.33
N SER A 746 4.39 15.82 -14.64
CA SER A 746 4.69 14.58 -15.33
C SER A 746 3.42 13.97 -15.88
N THR A 747 3.46 13.63 -17.17
CA THR A 747 2.33 13.05 -17.86
C THR A 747 2.05 11.66 -17.40
N GLU A 748 3.12 10.89 -17.21
CA GLU A 748 2.96 9.50 -16.80
C GLU A 748 2.33 9.40 -15.41
N CYS A 749 2.76 10.29 -14.47
CA CYS A 749 2.24 10.37 -13.12
C CYS A 749 0.76 10.77 -13.17
N SER A 750 0.41 11.79 -13.95
CA SER A 750 -0.98 12.21 -13.99
C SER A 750 -1.85 11.06 -14.44
N ASN A 751 -1.40 10.32 -15.44
CA ASN A 751 -2.20 9.21 -15.93
C ASN A 751 -2.36 8.13 -14.87
N LEU A 752 -1.39 7.98 -13.98
CA LEU A 752 -1.50 7.02 -12.90
C LEU A 752 -2.41 7.56 -11.80
N LEU A 753 -2.54 8.88 -11.66
CA LEU A 753 -3.43 9.44 -10.65
C LEU A 753 -4.86 9.15 -11.01
N LEU A 754 -5.12 8.96 -12.29
CA LEU A 754 -6.47 8.68 -12.75
C LEU A 754 -6.90 7.26 -12.36
N GLN A 755 -5.97 6.45 -11.85
CA GLN A 755 -6.28 5.08 -11.45
C GLN A 755 -6.70 5.03 -9.99
N TYR A 756 -6.68 6.17 -9.32
CA TYR A 756 -7.04 6.33 -7.93
C TYR A 756 -8.43 6.90 -7.86
N GLY A 757 -8.95 7.09 -6.66
CA GLY A 757 -10.29 7.64 -6.56
C GLY A 757 -10.21 9.14 -6.77
N SER A 758 -11.31 9.85 -6.58
CA SER A 758 -11.34 11.30 -6.83
C SER A 758 -10.79 12.09 -5.66
N PHE A 759 -9.51 11.87 -5.41
CA PHE A 759 -8.84 12.49 -4.29
C PHE A 759 -8.53 13.98 -4.47
N CYS A 760 -8.34 14.48 -5.74
CA CYS A 760 -8.03 15.89 -6.01
C CYS A 760 -9.25 16.71 -5.68
N THR A 761 -10.41 16.18 -6.03
CA THR A 761 -11.62 16.88 -5.75
C THR A 761 -11.80 17.01 -4.27
N GLN A 762 -11.60 15.94 -3.52
CA GLN A 762 -11.81 16.07 -2.09
C GLN A 762 -10.76 16.94 -1.40
N LEU A 763 -9.50 16.85 -1.80
CA LEU A 763 -8.49 17.65 -1.14
C LEU A 763 -8.70 19.12 -1.43
N ASN A 764 -9.06 19.45 -2.67
CA ASN A 764 -9.20 20.83 -3.02
C ASN A 764 -10.47 21.40 -2.44
N ARG A 765 -11.54 20.60 -2.36
CA ARG A 765 -12.74 21.14 -1.80
C ARG A 765 -12.59 21.36 -0.32
N ALA A 766 -11.89 20.49 0.38
CA ALA A 766 -11.72 20.69 1.80
C ALA A 766 -10.93 21.95 2.08
N LEU A 767 -9.90 22.22 1.28
CA LEU A 767 -9.12 23.41 1.50
C LEU A 767 -9.90 24.64 1.10
N THR A 768 -10.73 24.54 0.07
CA THR A 768 -11.52 25.68 -0.33
C THR A 768 -12.50 26.01 0.78
N GLY A 769 -13.13 25.00 1.38
CA GLY A 769 -14.07 25.25 2.43
C GLY A 769 -13.42 25.97 3.59
N ILE A 770 -12.18 25.60 3.92
CA ILE A 770 -11.49 26.30 4.98
C ILE A 770 -11.25 27.73 4.57
N ALA A 771 -10.78 27.95 3.36
CA ALA A 771 -10.49 29.30 2.94
C ALA A 771 -11.73 30.19 3.02
N VAL A 772 -12.89 29.66 2.68
CA VAL A 772 -14.08 30.48 2.77
C VAL A 772 -14.40 30.82 4.21
N GLU A 773 -14.30 29.82 5.08
CA GLU A 773 -14.59 29.99 6.49
C GLU A 773 -13.71 31.07 7.09
N GLN A 774 -12.48 31.20 6.64
CA GLN A 774 -11.61 32.20 7.23
C GLN A 774 -12.11 33.63 6.98
N ASP A 775 -12.82 33.88 5.87
CA ASP A 775 -13.31 35.23 5.66
C ASP A 775 -14.57 35.38 6.45
N LYS A 776 -15.33 34.29 6.58
CA LYS A 776 -16.54 34.38 7.36
C LYS A 776 -16.20 34.74 8.80
N ASN A 777 -15.14 34.16 9.35
CA ASN A 777 -14.76 34.43 10.72
C ASN A 777 -14.39 35.88 10.92
N THR A 778 -13.66 36.44 9.97
CA THR A 778 -13.27 37.83 10.09
C THR A 778 -14.49 38.72 10.03
N GLN A 779 -15.40 38.41 9.12
CA GLN A 779 -16.58 39.22 8.95
C GLN A 779 -17.45 39.20 10.20
N GLU A 780 -17.63 38.03 10.82
CA GLU A 780 -18.47 37.98 12.02
C GLU A 780 -17.88 38.69 13.21
N VAL A 781 -16.57 38.63 13.36
CA VAL A 781 -15.93 39.29 14.48
C VAL A 781 -15.90 40.79 14.34
N PHE A 782 -15.57 41.33 13.17
CA PHE A 782 -15.45 42.78 13.09
C PHE A 782 -16.62 43.54 12.51
N ALA A 783 -17.38 42.97 11.59
CA ALA A 783 -18.43 43.75 10.95
C ALA A 783 -19.73 43.71 11.72
N GLN A 784 -19.71 44.23 12.94
CA GLN A 784 -20.89 44.20 13.79
C GLN A 784 -21.61 45.52 13.81
N VAL A 785 -21.08 46.45 13.06
CA VAL A 785 -21.62 47.77 12.98
C VAL A 785 -22.02 47.99 11.54
N LYS A 786 -23.21 48.53 11.32
CA LYS A 786 -23.67 48.72 9.95
C LYS A 786 -23.19 50.02 9.31
N GLN A 787 -22.92 51.02 10.13
CA GLN A 787 -22.46 52.29 9.63
C GLN A 787 -21.08 52.55 10.13
N ILE A 788 -20.34 53.33 9.40
CA ILE A 788 -19.05 53.69 9.88
C ILE A 788 -19.18 54.98 10.61
N TYR A 789 -19.06 54.88 11.91
CA TYR A 789 -19.21 56.01 12.76
C TYR A 789 -17.91 56.69 12.85
N LYS A 790 -17.95 57.99 12.89
CA LYS A 790 -16.74 58.74 13.06
C LYS A 790 -16.81 59.61 14.28
N THR A 791 -15.66 59.85 14.85
CA THR A 791 -15.56 60.69 16.01
C THR A 791 -15.53 62.14 15.62
N PRO A 792 -15.82 63.06 16.54
CA PRO A 792 -15.64 64.48 16.44
C PRO A 792 -14.15 64.65 16.53
N PRO A 793 -13.61 65.84 16.34
CA PRO A 793 -12.22 66.12 16.60
C PRO A 793 -12.08 65.63 18.03
N ILE A 794 -10.94 65.06 18.40
CA ILE A 794 -10.91 64.47 19.72
C ILE A 794 -10.66 65.44 20.82
N LYS A 795 -11.78 65.86 21.37
CA LYS A 795 -11.87 66.84 22.41
C LYS A 795 -13.12 66.61 23.23
N ASP A 796 -13.15 67.19 24.41
CA ASP A 796 -14.30 67.22 25.30
C ASP A 796 -14.87 65.87 25.71
N PHE A 797 -14.02 64.92 26.05
CA PHE A 797 -14.49 63.63 26.51
C PHE A 797 -14.41 63.49 28.01
N GLY A 798 -14.56 64.60 28.71
CA GLY A 798 -14.61 64.59 30.17
C GLY A 798 -13.27 64.53 30.85
N GLY A 799 -12.22 64.55 30.06
CA GLY A 799 -10.87 64.43 30.59
C GLY A 799 -10.32 63.05 30.31
N PHE A 800 -11.12 62.20 29.69
CA PHE A 800 -10.67 60.87 29.33
C PHE A 800 -9.90 61.01 28.03
N ASN A 801 -8.73 60.36 27.94
CA ASN A 801 -7.81 60.38 26.81
C ASN A 801 -7.85 59.04 26.05
N PHE A 802 -8.40 59.05 24.82
CA PHE A 802 -8.57 57.88 23.95
C PHE A 802 -7.57 57.89 22.81
N SER A 803 -6.55 58.74 22.90
CA SER A 803 -5.63 58.86 21.77
C SER A 803 -4.81 57.63 21.45
N GLN A 804 -4.63 56.70 22.37
CA GLN A 804 -3.81 55.56 22.04
C GLN A 804 -4.63 54.40 21.48
N ILE A 805 -5.97 54.55 21.48
CA ILE A 805 -6.84 53.52 20.94
C ILE A 805 -7.43 53.96 19.60
N LEU A 806 -7.59 55.28 19.42
CA LEU A 806 -8.13 55.83 18.19
C LEU A 806 -7.04 55.93 17.12
N PRO A 807 -7.38 55.89 15.83
CA PRO A 807 -6.45 55.99 14.72
C PRO A 807 -5.61 57.23 14.77
N ASP A 808 -4.33 57.08 14.41
CA ASP A 808 -3.36 58.16 14.34
C ASP A 808 -3.35 58.80 12.94
N PRO A 809 -3.85 60.04 12.76
CA PRO A 809 -3.97 60.75 11.50
C PRO A 809 -2.64 61.01 10.78
N SER A 810 -1.53 60.93 11.51
CA SER A 810 -0.24 61.22 10.89
C SER A 810 0.39 60.04 10.17
N LYS A 811 -0.17 58.85 10.33
CA LYS A 811 0.46 57.69 9.74
C LYS A 811 -0.11 57.36 8.34
N PRO A 812 0.67 56.67 7.46
CA PRO A 812 0.29 56.12 6.15
C PRO A 812 -0.86 55.13 6.21
N SER A 813 -1.05 54.55 7.38
CA SER A 813 -2.10 53.58 7.63
C SER A 813 -2.71 54.05 8.90
N LYS A 814 -3.99 54.33 8.85
CA LYS A 814 -4.68 54.96 9.96
C LYS A 814 -5.04 53.97 11.05
N ARG A 815 -4.03 53.63 11.82
CA ARG A 815 -4.12 52.68 12.89
C ARG A 815 -3.76 53.41 14.16
N SER A 816 -4.26 52.94 15.27
CA SER A 816 -3.97 53.58 16.55
C SER A 816 -2.55 53.25 16.92
N PRO A 817 -1.91 53.99 17.84
CA PRO A 817 -0.62 53.66 18.41
C PRO A 817 -0.54 52.23 18.94
N ILE A 818 -1.61 51.75 19.58
CA ILE A 818 -1.60 50.37 20.05
C ILE A 818 -1.65 49.40 18.90
N GLU A 819 -2.50 49.66 17.92
CA GLU A 819 -2.57 48.76 16.79
C GLU A 819 -1.25 48.73 16.05
N ASP A 820 -0.58 49.88 15.92
CA ASP A 820 0.67 49.88 15.20
C ASP A 820 1.67 49.00 15.92
N LEU A 821 1.66 49.03 17.26
CA LEU A 821 2.53 48.19 18.04
C LEU A 821 2.22 46.71 17.85
N LEU A 822 0.94 46.34 17.85
CA LEU A 822 0.54 44.94 17.71
C LEU A 822 0.97 44.40 16.34
N PHE A 823 0.84 45.23 15.32
CA PHE A 823 1.22 44.82 13.98
C PHE A 823 2.71 44.68 13.80
N ASN A 824 3.48 45.57 14.40
CA ASN A 824 4.92 45.46 14.27
C ASN A 824 5.49 44.28 15.07
N LYS A 825 4.85 43.92 16.18
CA LYS A 825 5.33 42.82 17.01
C LYS A 825 5.02 41.40 16.53
N VAL A 826 3.87 41.16 15.91
CA VAL A 826 3.61 39.77 15.48
C VAL A 826 4.34 39.56 14.14
N THR A 827 5.17 38.49 14.03
CA THR A 827 5.99 38.16 12.87
C THR A 827 5.22 37.19 11.96
N LYS A 854 6.05 27.76 -3.50
CA LYS A 854 5.19 27.77 -4.69
C LYS A 854 5.55 26.72 -5.76
N PHE A 855 6.79 26.17 -5.72
CA PHE A 855 7.37 25.24 -6.70
C PHE A 855 6.59 23.93 -6.85
N ASN A 856 5.81 23.62 -5.84
CA ASN A 856 5.00 22.43 -5.78
C ASN A 856 3.51 22.71 -5.72
N GLY A 857 3.08 23.87 -6.23
CA GLY A 857 1.64 24.12 -6.30
C GLY A 857 0.98 24.70 -5.06
N LEU A 858 1.75 25.30 -4.17
CA LEU A 858 1.15 25.84 -2.96
C LEU A 858 0.85 27.32 -3.15
N THR A 859 -0.42 27.66 -3.12
CA THR A 859 -0.88 29.03 -3.35
C THR A 859 -1.47 29.65 -2.10
N VAL A 860 -1.02 30.86 -1.78
CA VAL A 860 -1.56 31.61 -0.66
C VAL A 860 -2.54 32.63 -1.19
N LEU A 861 -3.74 32.63 -0.65
CA LEU A 861 -4.79 33.49 -1.12
C LEU A 861 -4.92 34.72 -0.22
N PRO A 862 -5.28 35.91 -0.75
CA PRO A 862 -5.53 37.09 0.01
C PRO A 862 -6.86 36.99 0.71
N PRO A 863 -7.06 37.69 1.83
CA PRO A 863 -8.30 37.87 2.57
C PRO A 863 -9.19 38.80 1.80
N LEU A 864 -10.48 38.73 2.02
CA LEU A 864 -11.35 39.74 1.42
C LEU A 864 -11.18 41.10 2.08
N LEU A 865 -11.08 41.11 3.40
CA LEU A 865 -10.92 42.38 4.10
C LEU A 865 -9.47 42.61 4.41
N THR A 866 -8.94 43.68 3.87
CA THR A 866 -7.55 44.02 4.02
C THR A 866 -7.38 44.66 5.38
N ASP A 867 -6.15 44.83 5.82
CA ASP A 867 -5.93 45.43 7.14
C ASP A 867 -6.56 46.80 7.24
N GLU A 868 -6.58 47.53 6.14
CA GLU A 868 -7.18 48.84 6.11
C GLU A 868 -8.69 48.78 6.40
N MET A 869 -9.37 47.73 5.94
CA MET A 869 -10.80 47.63 6.15
C MET A 869 -11.09 47.18 7.55
N ILE A 870 -10.18 46.40 8.11
CA ILE A 870 -10.37 45.97 9.48
C ILE A 870 -10.19 47.19 10.35
N ALA A 871 -9.19 48.01 10.04
CA ALA A 871 -8.97 49.21 10.80
C ALA A 871 -10.19 50.12 10.74
N GLN A 872 -10.85 50.22 9.58
CA GLN A 872 -12.04 51.04 9.52
C GLN A 872 -13.17 50.50 10.36
N TYR A 873 -13.35 49.17 10.39
CA TYR A 873 -14.40 48.65 11.24
C TYR A 873 -14.10 48.88 12.70
N THR A 874 -12.83 48.71 13.09
CA THR A 874 -12.46 48.90 14.48
C THR A 874 -12.68 50.35 14.86
N SER A 875 -12.30 51.27 13.99
CA SER A 875 -12.46 52.67 14.27
C SER A 875 -13.92 53.00 14.46
N ALA A 876 -14.79 52.45 13.60
CA ALA A 876 -16.22 52.70 13.72
C ALA A 876 -16.77 52.22 15.04
N LEU A 877 -16.30 51.07 15.50
CA LEU A 877 -16.77 50.56 16.77
C LEU A 877 -16.32 51.44 17.90
N LEU A 878 -15.10 51.95 17.84
CA LEU A 878 -14.66 52.83 18.90
C LEU A 878 -15.44 54.12 18.87
N ALA A 879 -15.70 54.66 17.68
CA ALA A 879 -16.42 55.91 17.60
C ALA A 879 -17.79 55.76 18.20
N GLY A 880 -18.42 54.61 17.94
CA GLY A 880 -19.73 54.33 18.49
C GLY A 880 -19.67 54.23 19.99
N THR A 881 -18.73 53.44 20.50
CA THR A 881 -18.60 53.19 21.92
C THR A 881 -18.36 54.47 22.68
N ILE A 882 -17.50 55.33 22.15
CA ILE A 882 -17.15 56.57 22.79
C ILE A 882 -18.24 57.63 22.74
N THR A 883 -18.91 57.83 21.60
CA THR A 883 -19.91 58.89 21.52
C THR A 883 -21.38 58.52 21.77
N SER A 884 -21.75 57.23 21.68
CA SER A 884 -23.16 56.84 21.87
C SER A 884 -23.38 55.62 22.79
N GLY A 885 -22.35 55.16 23.48
CA GLY A 885 -22.47 54.03 24.38
C GLY A 885 -22.90 52.78 23.67
N TRP A 886 -23.92 52.12 24.19
CA TRP A 886 -24.41 50.90 23.57
C TRP A 886 -25.56 51.11 22.62
N THR A 887 -25.98 52.33 22.43
CA THR A 887 -27.16 52.54 21.61
C THR A 887 -26.88 52.32 20.14
N PHE A 888 -25.63 52.45 19.70
CA PHE A 888 -25.30 52.23 18.30
C PHE A 888 -25.43 50.76 17.96
N GLY A 889 -25.45 49.93 18.99
CA GLY A 889 -25.57 48.51 18.87
C GLY A 889 -27.04 48.18 18.72
N ALA A 890 -27.80 48.40 19.78
CA ALA A 890 -29.23 48.06 19.83
C ALA A 890 -30.14 48.80 18.82
N GLY A 891 -29.85 50.06 18.50
CA GLY A 891 -30.72 50.82 17.63
C GLY A 891 -29.93 51.88 16.88
N PRO A 892 -30.44 53.09 16.69
CA PRO A 892 -29.76 54.18 16.05
C PRO A 892 -28.74 54.65 17.03
N ALA A 893 -27.64 55.23 16.60
CA ALA A 893 -26.76 55.76 17.62
C ALA A 893 -27.35 57.02 18.18
N LEU A 894 -27.34 57.14 19.49
CA LEU A 894 -27.81 58.31 20.18
C LEU A 894 -26.68 58.95 20.96
N GLN A 895 -26.35 60.20 20.67
CA GLN A 895 -25.23 60.83 21.34
C GLN A 895 -25.48 61.01 22.83
N ILE A 896 -24.41 60.86 23.61
CA ILE A 896 -24.46 61.12 25.04
C ILE A 896 -23.12 61.71 25.51
N PRO A 897 -23.04 62.65 26.46
CA PRO A 897 -21.78 63.15 26.99
C PRO A 897 -21.01 61.97 27.51
N PHE A 898 -19.70 61.93 27.29
CA PHE A 898 -18.98 60.76 27.77
C PHE A 898 -19.14 60.53 29.27
N PRO A 899 -19.00 61.51 30.17
CA PRO A 899 -19.18 61.31 31.59
C PRO A 899 -20.55 60.75 31.96
N MET A 900 -21.58 60.92 31.13
CA MET A 900 -22.85 60.37 31.53
C MET A 900 -22.86 58.94 31.14
N GLN A 901 -22.12 58.63 30.09
CA GLN A 901 -22.04 57.25 29.70
C GLN A 901 -21.40 56.48 30.81
N MET A 902 -20.37 57.08 31.41
CA MET A 902 -19.73 56.42 32.52
C MET A 902 -20.67 56.33 33.69
N ALA A 903 -21.50 57.35 33.93
CA ALA A 903 -22.41 57.28 35.05
C ALA A 903 -23.33 56.09 34.92
N TYR A 904 -23.75 55.77 33.70
CA TYR A 904 -24.64 54.65 33.55
C TYR A 904 -23.89 53.35 33.71
N ARG A 905 -22.64 53.31 33.27
CA ARG A 905 -21.84 52.12 33.43
C ARG A 905 -21.55 51.86 34.91
N PHE A 906 -21.45 52.92 35.72
CA PHE A 906 -21.28 52.77 37.16
C PHE A 906 -22.56 52.25 37.80
N ASN A 907 -23.73 52.73 37.37
CA ASN A 907 -24.96 52.20 37.96
C ASN A 907 -25.08 50.72 37.66
N GLY A 908 -24.59 50.34 36.49
CA GLY A 908 -24.61 48.99 36.00
C GLY A 908 -23.81 48.00 36.82
N ILE A 909 -22.93 48.49 37.70
CA ILE A 909 -22.13 47.61 38.54
C ILE A 909 -22.52 47.78 39.99
N GLY A 910 -23.63 48.45 40.26
CA GLY A 910 -24.07 48.62 41.64
C GLY A 910 -23.40 49.77 42.39
N VAL A 911 -22.90 50.76 41.69
CA VAL A 911 -22.26 51.90 42.33
C VAL A 911 -23.05 53.10 41.85
N THR A 912 -23.42 53.99 42.73
CA THR A 912 -24.25 55.11 42.29
C THR A 912 -23.49 56.13 41.47
N GLN A 913 -24.23 57.11 40.95
CA GLN A 913 -23.70 58.15 40.07
C GLN A 913 -22.89 59.19 40.77
N ASN A 914 -23.12 59.35 42.06
CA ASN A 914 -22.45 60.35 42.83
C ASN A 914 -20.98 60.09 42.75
N VAL A 915 -20.60 58.81 42.75
CA VAL A 915 -19.21 58.47 42.80
C VAL A 915 -18.51 58.95 41.58
N LEU A 916 -19.08 58.72 40.41
CA LEU A 916 -18.43 59.18 39.22
C LEU A 916 -18.28 60.66 39.13
N TYR A 917 -19.32 61.40 39.43
CA TYR A 917 -19.15 62.81 39.17
C TYR A 917 -18.25 63.44 40.20
N GLU A 918 -18.35 63.03 41.45
CA GLU A 918 -17.52 63.63 42.46
C GLU A 918 -16.05 63.30 42.24
N ASN A 919 -15.77 62.12 41.72
CA ASN A 919 -14.44 61.66 41.46
C ASN A 919 -14.13 61.67 39.97
N GLN A 920 -14.82 62.47 39.17
CA GLN A 920 -14.56 62.42 37.74
C GLN A 920 -13.11 62.68 37.38
N LYS A 921 -12.46 63.61 38.04
CA LYS A 921 -11.08 63.88 37.67
C LYS A 921 -10.19 62.68 38.00
N LEU A 922 -10.41 62.08 39.15
CA LEU A 922 -9.64 60.91 39.55
C LEU A 922 -9.85 59.75 38.60
N ILE A 923 -11.08 59.53 38.22
CA ILE A 923 -11.40 58.41 37.37
C ILE A 923 -10.76 58.59 36.02
N ALA A 924 -10.85 59.79 35.45
CA ALA A 924 -10.23 60.00 34.16
C ALA A 924 -8.73 59.79 34.24
N ASN A 925 -8.10 60.21 35.34
CA ASN A 925 -6.66 60.01 35.45
C ASN A 925 -6.28 58.56 35.62
N GLN A 926 -7.06 57.79 36.38
CA GLN A 926 -6.72 56.39 36.55
C GLN A 926 -6.87 55.68 35.21
N PHE A 927 -7.89 56.04 34.45
CA PHE A 927 -8.13 55.46 33.15
C PHE A 927 -6.99 55.76 32.20
N ASN A 928 -6.58 57.02 32.15
CA ASN A 928 -5.56 57.42 31.21
C ASN A 928 -4.23 56.72 31.51
N SER A 929 -3.93 56.55 32.80
CA SER A 929 -2.69 55.89 33.15
C SER A 929 -2.73 54.43 32.78
N ALA A 930 -3.88 53.78 32.97
CA ALA A 930 -3.99 52.37 32.63
C ALA A 930 -3.73 52.12 31.15
N ILE A 931 -4.19 53.03 30.29
CA ILE A 931 -3.96 52.79 28.88
C ILE A 931 -2.47 52.88 28.58
N GLY A 932 -1.79 53.87 29.16
CA GLY A 932 -0.35 53.96 28.91
C GLY A 932 0.40 52.71 29.36
N LYS A 933 -0.05 52.11 30.47
CA LYS A 933 0.58 50.89 30.96
C LYS A 933 0.45 49.75 29.97
N ILE A 934 -0.67 49.69 29.26
CA ILE A 934 -0.88 48.63 28.28
C ILE A 934 0.14 48.71 27.18
N GLN A 935 0.41 49.91 26.70
CA GLN A 935 1.42 50.02 25.67
C GLN A 935 2.78 49.54 26.15
N ASP A 936 3.14 49.87 27.39
CA ASP A 936 4.44 49.44 27.87
C ASP A 936 4.49 47.92 28.01
N SER A 937 3.38 47.32 28.43
CA SER A 937 3.32 45.89 28.59
C SER A 937 3.47 45.16 27.27
N LEU A 938 2.73 45.60 26.25
CA LEU A 938 2.80 44.95 24.96
C LEU A 938 4.17 45.13 24.33
N SER A 939 4.78 46.29 24.53
CA SER A 939 6.07 46.58 23.98
C SER A 939 7.21 45.77 24.61
N SER A 940 7.23 45.73 25.95
CA SER A 940 8.30 45.06 26.68
C SER A 940 8.16 43.55 26.86
N THR A 941 6.95 43.01 26.74
CA THR A 941 6.77 41.58 26.93
C THR A 941 6.34 40.90 25.63
N PRO A 942 7.28 40.29 24.86
CA PRO A 942 7.04 39.74 23.54
C PRO A 942 6.11 38.53 23.55
N SER A 943 5.97 37.92 24.73
CA SER A 943 5.13 36.75 24.90
C SER A 943 3.66 37.13 24.93
N ALA A 944 3.38 38.43 25.06
CA ALA A 944 2.03 38.93 25.19
C ALA A 944 1.16 38.55 24.01
N LEU A 945 1.77 38.50 22.83
CA LEU A 945 1.05 38.21 21.61
C LEU A 945 1.27 36.79 21.15
N GLY A 946 1.76 35.93 22.06
CA GLY A 946 2.08 34.56 21.72
C GLY A 946 0.94 33.80 21.09
N LYS A 947 -0.30 34.08 21.44
CA LYS A 947 -1.38 33.35 20.81
C LYS A 947 -1.47 33.57 19.31
N LEU A 948 -1.17 34.78 18.84
CA LEU A 948 -1.32 35.05 17.43
C LEU A 948 -0.08 34.54 16.73
N GLN A 949 1.05 34.64 17.41
CA GLN A 949 2.28 34.18 16.81
C GLN A 949 2.23 32.68 16.64
N ASP A 950 1.60 31.98 17.58
CA ASP A 950 1.48 30.54 17.52
C ASP A 950 0.62 30.11 16.36
N VAL A 951 -0.47 30.81 16.08
CA VAL A 951 -1.28 30.41 14.93
C VAL A 951 -0.44 30.48 13.68
N VAL A 952 0.33 31.55 13.56
CA VAL A 952 1.17 31.70 12.38
C VAL A 952 2.19 30.59 12.30
N ASN A 953 2.83 30.28 13.42
CA ASN A 953 3.88 29.29 13.40
C ASN A 953 3.36 27.89 13.08
N GLN A 954 2.18 27.53 13.59
CA GLN A 954 1.70 26.20 13.32
C GLN A 954 1.33 26.00 11.86
N ASN A 955 0.77 27.02 11.24
CA ASN A 955 0.42 26.83 9.85
C ASN A 955 1.67 26.83 8.99
N ALA A 956 2.68 27.61 9.37
CA ALA A 956 3.91 27.62 8.62
C ALA A 956 4.57 26.26 8.66
N GLN A 957 4.53 25.61 9.83
CA GLN A 957 5.11 24.30 9.96
C GLN A 957 4.34 23.27 9.18
N ALA A 958 3.01 23.36 9.15
CA ALA A 958 2.25 22.38 8.41
C ALA A 958 2.65 22.41 6.94
N LEU A 959 2.87 23.61 6.39
CA LEU A 959 3.30 23.71 5.02
C LEU A 959 4.73 23.28 4.83
N ASN A 960 5.61 23.59 5.78
CA ASN A 960 6.99 23.19 5.59
C ASN A 960 7.10 21.69 5.64
N THR A 961 6.28 21.05 6.46
CA THR A 961 6.31 19.61 6.54
C THR A 961 5.85 19.07 5.21
N LEU A 962 4.77 19.60 4.65
CA LEU A 962 4.26 19.10 3.38
C LEU A 962 5.36 19.18 2.32
N VAL A 963 6.10 20.28 2.31
CA VAL A 963 7.19 20.48 1.37
C VAL A 963 8.33 19.50 1.56
N LYS A 964 8.73 19.24 2.80
CA LYS A 964 9.83 18.33 3.03
C LYS A 964 9.44 16.87 2.83
N GLN A 965 8.17 16.50 3.06
CA GLN A 965 7.81 15.09 2.88
C GLN A 965 7.91 14.77 1.41
N LEU A 966 7.68 15.77 0.58
CA LEU A 966 7.76 15.64 -0.86
C LEU A 966 9.10 15.04 -1.31
N SER A 967 10.22 15.34 -0.61
CA SER A 967 11.53 14.85 -1.07
C SER A 967 11.92 13.47 -0.57
N SER A 968 11.07 12.82 0.24
CA SER A 968 11.33 11.44 0.67
C SER A 968 11.11 10.48 -0.47
N ASN A 969 11.86 9.37 -0.48
CA ASN A 969 11.68 8.39 -1.53
C ASN A 969 10.44 7.53 -1.36
N PHE A 970 9.99 7.31 -0.13
CA PHE A 970 8.82 6.44 0.09
C PHE A 970 8.95 5.05 -0.51
N GLY A 971 10.16 4.49 -0.55
CA GLY A 971 10.37 3.16 -1.11
C GLY A 971 10.82 3.20 -2.59
N ALA A 972 10.77 4.37 -3.19
CA ALA A 972 11.18 4.55 -4.57
C ALA A 972 12.69 4.62 -4.64
N ILE A 973 13.23 4.41 -5.84
CA ILE A 973 14.67 4.55 -6.06
C ILE A 973 15.17 5.99 -5.92
N SER A 974 14.29 6.95 -6.17
CA SER A 974 14.59 8.36 -6.06
C SER A 974 13.32 9.13 -5.82
N SER A 975 13.43 10.20 -5.04
CA SER A 975 12.32 11.10 -4.76
C SER A 975 12.11 12.09 -5.87
N VAL A 976 13.04 12.15 -6.77
CA VAL A 976 12.93 13.07 -7.86
C VAL A 976 12.29 12.35 -9.00
N LEU A 977 11.11 12.81 -9.37
CA LEU A 977 10.33 12.18 -10.40
C LEU A 977 11.08 12.26 -11.71
N ASN A 978 11.82 13.35 -11.90
CA ASN A 978 12.59 13.53 -13.10
C ASN A 978 13.75 12.54 -13.22
N ASP A 979 14.29 12.00 -12.11
CA ASP A 979 15.38 11.05 -12.24
C ASP A 979 14.80 9.75 -12.73
N ILE A 980 13.60 9.44 -12.24
CA ILE A 980 12.98 8.21 -12.64
C ILE A 980 12.67 8.30 -14.12
N LEU A 981 12.08 9.41 -14.53
CA LEU A 981 11.73 9.59 -15.92
C LEU A 981 12.96 9.67 -16.85
N SER A 982 14.04 10.30 -16.40
CA SER A 982 15.23 10.43 -17.23
C SER A 982 16.04 9.15 -17.42
N ARG A 983 16.22 8.33 -16.37
CA ARG A 983 17.03 7.13 -16.61
C ARG A 983 16.28 5.83 -16.61
N LEU A 984 15.17 5.72 -15.91
CA LEU A 984 14.55 4.43 -15.83
C LEU A 984 13.68 4.21 -17.08
N CYS A 985 13.65 2.96 -17.57
CA CYS A 985 12.98 2.54 -18.80
C CYS A 985 11.48 2.40 -18.49
N PRO A 986 10.55 2.92 -19.34
CA PRO A 986 9.11 3.07 -19.10
C PRO A 986 8.34 2.07 -18.22
N PRO A 987 8.36 0.73 -18.39
CA PRO A 987 7.60 -0.15 -17.51
C PRO A 987 8.11 -0.15 -16.07
N GLU A 988 9.39 0.19 -15.90
CA GLU A 988 9.96 0.20 -14.57
C GLU A 988 9.68 1.55 -13.99
N ALA A 989 9.62 2.56 -14.88
CA ALA A 989 9.32 3.90 -14.44
C ALA A 989 7.94 3.88 -13.85
N GLU A 990 7.01 3.16 -14.48
CA GLU A 990 5.66 3.12 -13.92
C GLU A 990 5.66 2.61 -12.49
N VAL A 991 6.44 1.58 -12.20
CA VAL A 991 6.46 1.09 -10.83
C VAL A 991 7.01 2.13 -9.85
N GLN A 992 8.11 2.77 -10.21
CA GLN A 992 8.71 3.72 -9.28
C GLN A 992 7.87 4.99 -9.11
N ILE A 993 7.19 5.39 -10.16
CA ILE A 993 6.35 6.57 -10.13
C ILE A 993 5.21 6.30 -9.19
N ASP A 994 4.62 5.11 -9.28
CA ASP A 994 3.51 4.77 -8.41
C ASP A 994 3.95 4.74 -6.94
N ARG A 995 5.18 4.32 -6.64
CA ARG A 995 5.59 4.36 -5.24
C ARG A 995 5.60 5.81 -4.74
N LEU A 996 6.07 6.74 -5.58
CA LEU A 996 6.07 8.12 -5.16
C LEU A 996 4.65 8.66 -5.04
N ILE A 997 3.74 8.25 -5.92
CA ILE A 997 2.38 8.75 -5.83
C ILE A 997 1.76 8.34 -4.53
N THR A 998 1.91 7.10 -4.12
CA THR A 998 1.28 6.73 -2.88
C THR A 998 1.80 7.57 -1.73
N GLY A 999 3.12 7.78 -1.67
CA GLY A 999 3.69 8.56 -0.60
C GLY A 999 3.21 10.02 -0.58
N ARG A 1000 3.13 10.63 -1.76
CA ARG A 1000 2.69 12.01 -1.83
C ARG A 1000 1.21 12.12 -1.49
N LEU A 1001 0.39 11.15 -1.89
CA LEU A 1001 -1.01 11.21 -1.53
C LEU A 1001 -1.18 11.14 -0.03
N GLN A 1002 -0.41 10.31 0.65
CA GLN A 1002 -0.55 10.26 2.10
C GLN A 1002 -0.14 11.57 2.73
N SER A 1003 0.87 12.22 2.17
CA SER A 1003 1.32 13.49 2.70
C SER A 1003 0.21 14.53 2.58
N LEU A 1004 -0.45 14.60 1.43
CA LEU A 1004 -1.55 15.54 1.24
C LEU A 1004 -2.75 15.23 2.10
N GLN A 1005 -3.09 13.96 2.28
CA GLN A 1005 -4.26 13.67 3.08
C GLN A 1005 -3.99 14.05 4.52
N THR A 1006 -2.75 13.84 4.98
CA THR A 1006 -2.41 14.19 6.34
C THR A 1006 -2.50 15.69 6.53
N TYR A 1007 -1.95 16.44 5.58
CA TYR A 1007 -1.99 17.88 5.64
C TYR A 1007 -3.39 18.40 5.71
N VAL A 1008 -4.26 17.94 4.83
CA VAL A 1008 -5.61 18.45 4.83
C VAL A 1008 -6.32 18.11 6.11
N THR A 1009 -6.19 16.88 6.62
CA THR A 1009 -6.88 16.54 7.85
C THR A 1009 -6.43 17.46 8.97
N GLN A 1010 -5.12 17.72 9.05
CA GLN A 1010 -4.62 18.60 10.08
C GLN A 1010 -5.14 20.00 9.91
N GLN A 1011 -5.26 20.50 8.68
CA GLN A 1011 -5.80 21.84 8.50
C GLN A 1011 -7.26 21.87 8.88
N LEU A 1012 -8.02 20.81 8.65
CA LEU A 1012 -9.43 20.83 9.04
C LEU A 1012 -9.57 20.88 10.55
N ILE A 1013 -8.73 20.15 11.26
CA ILE A 1013 -8.81 20.18 12.71
C ILE A 1013 -8.39 21.55 13.22
N ARG A 1014 -7.29 22.08 12.71
CA ARG A 1014 -6.83 23.38 13.15
C ARG A 1014 -7.86 24.44 12.80
N ALA A 1015 -8.50 24.33 11.63
CA ALA A 1015 -9.49 25.30 11.24
C ALA A 1015 -10.63 25.31 12.22
N ALA A 1016 -11.02 24.14 12.72
CA ALA A 1016 -12.08 24.07 13.69
C ALA A 1016 -11.71 24.80 14.98
N GLU A 1017 -10.44 24.71 15.38
CA GLU A 1017 -10.02 25.41 16.60
C GLU A 1017 -10.08 26.91 16.39
N ILE A 1018 -9.70 27.37 15.21
CA ILE A 1018 -9.76 28.79 14.89
C ILE A 1018 -11.19 29.24 14.87
N ARG A 1019 -12.09 28.44 14.29
CA ARG A 1019 -13.47 28.84 14.27
C ARG A 1019 -14.02 28.98 15.65
N ALA A 1020 -13.68 28.08 16.56
CA ALA A 1020 -14.18 28.21 17.91
C ALA A 1020 -13.70 29.51 18.54
N SER A 1021 -12.44 29.87 18.29
CA SER A 1021 -11.90 31.10 18.81
C SER A 1021 -12.61 32.30 18.21
N ALA A 1022 -12.85 32.26 16.89
CA ALA A 1022 -13.53 33.34 16.22
C ALA A 1022 -14.93 33.51 16.73
N ASN A 1023 -15.62 32.41 17.05
CA ASN A 1023 -16.98 32.53 17.55
C ASN A 1023 -16.96 33.18 18.90
N LEU A 1024 -15.96 32.85 19.70
CA LEU A 1024 -15.84 33.47 21.01
C LEU A 1024 -15.50 34.93 20.87
N ALA A 1025 -14.61 35.27 19.97
CA ALA A 1025 -14.24 36.65 19.79
C ALA A 1025 -15.44 37.47 19.36
N ALA A 1026 -16.27 36.92 18.46
CA ALA A 1026 -17.44 37.62 18.01
C ALA A 1026 -18.42 37.83 19.13
N THR A 1027 -18.56 36.82 19.99
CA THR A 1027 -19.47 36.92 21.12
C THR A 1027 -19.01 38.00 22.04
N LYS A 1028 -17.72 38.02 22.33
CA LYS A 1028 -17.17 39.01 23.21
C LYS A 1028 -17.32 40.38 22.66
N MET A 1029 -17.16 40.56 21.37
CA MET A 1029 -17.36 41.92 20.92
C MET A 1029 -18.80 42.35 21.12
N SER A 1030 -19.77 41.48 20.82
CA SER A 1030 -21.14 41.93 20.99
C SER A 1030 -21.44 42.24 22.43
N GLU A 1031 -20.99 41.39 23.34
CA GLU A 1031 -21.31 41.55 24.75
C GLU A 1031 -20.42 42.47 25.61
N CYS A 1032 -19.14 42.67 25.24
CA CYS A 1032 -18.16 43.47 25.98
C CYS A 1032 -18.01 44.85 25.35
N VAL A 1033 -18.20 44.96 24.04
CA VAL A 1033 -17.98 46.23 23.35
C VAL A 1033 -19.28 46.95 23.06
N LEU A 1034 -20.30 46.23 22.62
CA LEU A 1034 -21.57 46.87 22.24
C LEU A 1034 -22.58 46.81 23.37
N GLY A 1035 -22.08 46.74 24.59
CA GLY A 1035 -22.88 46.65 25.79
C GLY A 1035 -22.01 46.63 27.02
N GLN A 1036 -22.62 46.26 28.14
CA GLN A 1036 -21.96 46.13 29.42
C GLN A 1036 -22.28 44.73 29.88
N SER A 1037 -21.29 43.97 30.31
CA SER A 1037 -21.58 42.59 30.67
C SER A 1037 -21.50 42.27 32.13
N LYS A 1038 -22.43 41.43 32.57
CA LYS A 1038 -22.48 40.96 33.94
C LYS A 1038 -21.95 39.54 34.10
N ARG A 1039 -21.38 39.01 33.04
CA ARG A 1039 -20.85 37.67 33.10
C ARG A 1039 -19.49 37.73 33.77
N VAL A 1040 -19.34 37.00 34.86
CA VAL A 1040 -18.13 37.11 35.64
C VAL A 1040 -16.90 36.59 34.95
N ASP A 1041 -15.89 37.43 34.94
CA ASP A 1041 -14.59 37.22 34.35
C ASP A 1041 -14.64 36.95 32.87
N PHE A 1042 -15.77 37.26 32.25
CA PHE A 1042 -15.92 37.12 30.80
C PHE A 1042 -15.23 38.23 30.03
N CYS A 1043 -15.38 39.50 30.48
CA CYS A 1043 -14.88 40.72 29.87
C CYS A 1043 -13.80 41.26 30.83
N GLY A 1044 -12.99 40.36 31.35
CA GLY A 1044 -11.91 40.74 32.24
C GLY A 1044 -12.30 40.60 33.69
N LYS A 1045 -11.30 40.54 34.56
CA LYS A 1045 -11.49 40.43 35.99
C LYS A 1045 -11.92 41.78 36.57
N GLY A 1046 -12.89 41.76 37.48
CA GLY A 1046 -13.38 42.97 38.11
C GLY A 1046 -14.77 43.25 37.59
N TYR A 1047 -15.35 44.38 37.94
CA TYR A 1047 -16.69 44.62 37.49
C TYR A 1047 -16.58 45.29 36.14
N HIS A 1048 -17.22 44.75 35.12
CA HIS A 1048 -17.01 45.34 33.81
C HIS A 1048 -17.71 46.64 33.59
N LEU A 1049 -16.99 47.63 33.04
CA LEU A 1049 -17.57 48.91 32.70
C LEU A 1049 -17.71 49.04 31.20
N MET A 1050 -16.63 48.77 30.45
CA MET A 1050 -16.63 48.93 28.98
C MET A 1050 -15.41 48.29 28.35
N SER A 1051 -15.46 48.07 27.04
CA SER A 1051 -14.27 47.56 26.37
C SER A 1051 -14.03 48.23 25.03
N PHE A 1052 -12.79 48.20 24.60
CA PHE A 1052 -12.41 48.78 23.32
C PHE A 1052 -11.60 47.78 22.51
N PRO A 1053 -12.02 47.37 21.31
CA PRO A 1053 -11.30 46.45 20.46
C PRO A 1053 -10.15 47.16 19.79
N GLN A 1054 -9.12 46.41 19.45
CA GLN A 1054 -8.00 46.83 18.62
C GLN A 1054 -7.69 45.72 17.61
N SER A 1055 -7.36 46.08 16.38
CA SER A 1055 -6.98 45.12 15.35
C SER A 1055 -5.59 44.53 15.56
N ALA A 1056 -5.40 43.26 15.21
CA ALA A 1056 -4.07 42.65 15.25
C ALA A 1056 -3.97 41.66 14.09
N PRO A 1057 -2.78 41.29 13.62
CA PRO A 1057 -2.66 40.32 12.56
C PRO A 1057 -3.39 39.06 12.94
N HIS A 1058 -4.26 38.62 12.08
CA HIS A 1058 -5.04 37.41 12.28
C HIS A 1058 -5.85 37.33 13.56
N GLY A 1059 -6.19 38.46 14.16
CA GLY A 1059 -6.98 38.39 15.38
C GLY A 1059 -7.39 39.72 15.95
N VAL A 1060 -7.99 39.65 17.13
CA VAL A 1060 -8.51 40.83 17.77
C VAL A 1060 -8.00 40.92 19.20
N VAL A 1061 -7.70 42.12 19.60
CA VAL A 1061 -7.25 42.40 20.94
C VAL A 1061 -8.24 43.25 21.67
N PHE A 1062 -8.68 42.83 22.81
CA PHE A 1062 -9.65 43.62 23.54
C PHE A 1062 -9.04 44.26 24.76
N LEU A 1063 -9.27 45.55 24.91
CA LEU A 1063 -8.82 46.23 26.11
C LEU A 1063 -10.06 46.34 26.99
N HIS A 1064 -10.04 45.66 28.11
CA HIS A 1064 -11.22 45.60 28.97
C HIS A 1064 -11.07 46.48 30.17
N VAL A 1065 -12.00 47.40 30.35
CA VAL A 1065 -11.95 48.35 31.43
C VAL A 1065 -12.86 47.88 32.54
N THR A 1066 -12.29 47.65 33.72
CA THR A 1066 -13.08 47.17 34.82
C THR A 1066 -12.87 48.00 36.08
N TYR A 1067 -13.87 47.96 36.95
CA TYR A 1067 -13.86 48.61 38.23
C TYR A 1067 -13.44 47.65 39.29
N VAL A 1068 -12.43 48.02 40.04
CA VAL A 1068 -11.95 47.14 41.08
C VAL A 1068 -12.01 47.85 42.42
N PRO A 1069 -12.73 47.34 43.41
CA PRO A 1069 -12.81 47.92 44.73
C PRO A 1069 -11.42 47.99 45.30
N ALA A 1070 -11.11 49.01 46.06
CA ALA A 1070 -9.77 49.14 46.60
C ALA A 1070 -9.81 49.06 48.12
N GLN A 1071 -9.10 49.94 48.81
CA GLN A 1071 -8.95 49.78 50.24
C GLN A 1071 -10.25 49.73 50.99
N GLU A 1072 -10.43 48.66 51.77
CA GLU A 1072 -11.59 48.40 52.61
C GLU A 1072 -11.41 48.66 54.10
N LYS A 1073 -12.53 48.84 54.79
CA LYS A 1073 -12.53 48.92 56.25
C LYS A 1073 -13.50 47.91 56.87
N ASN A 1074 -13.22 47.50 58.14
CA ASN A 1074 -14.02 46.58 58.96
C ASN A 1074 -15.13 47.33 59.72
N PHE A 1075 -16.41 47.05 59.38
CA PHE A 1075 -17.60 47.68 59.99
C PHE A 1075 -18.44 46.63 60.68
N THR A 1076 -19.17 47.03 61.70
CA THR A 1076 -20.07 46.11 62.36
C THR A 1076 -21.37 46.16 61.59
N THR A 1077 -22.06 45.06 61.47
CA THR A 1077 -23.33 45.05 60.77
C THR A 1077 -24.49 44.43 61.51
N ALA A 1078 -25.66 44.54 60.91
CA ALA A 1078 -26.90 43.97 61.42
C ALA A 1078 -27.85 43.81 60.24
N PRO A 1079 -28.71 42.79 60.22
CA PRO A 1079 -29.71 42.58 59.20
C PRO A 1079 -30.86 43.55 59.22
N ALA A 1080 -31.11 44.17 60.38
CA ALA A 1080 -32.23 45.07 60.49
C ALA A 1080 -32.06 45.98 61.68
N ILE A 1081 -32.79 47.07 61.66
CA ILE A 1081 -32.86 48.01 62.77
C ILE A 1081 -34.23 47.96 63.41
N CYS A 1082 -34.29 47.84 64.75
CA CYS A 1082 -35.51 47.84 65.54
C CYS A 1082 -35.78 49.27 66.01
N HIS A 1083 -36.93 49.81 65.63
CA HIS A 1083 -37.20 51.20 66.01
C HIS A 1083 -38.22 51.31 67.14
N ASP A 1084 -39.49 51.10 66.83
CA ASP A 1084 -40.58 51.17 67.80
C ASP A 1084 -41.27 49.83 67.97
N GLY A 1085 -40.55 48.77 67.67
CA GLY A 1085 -41.07 47.42 67.72
C GLY A 1085 -41.19 46.90 66.30
N LYS A 1086 -41.16 47.81 65.33
CA LYS A 1086 -41.19 47.43 63.92
C LYS A 1086 -39.77 47.18 63.43
N ALA A 1087 -39.61 46.26 62.47
CA ALA A 1087 -38.29 45.97 61.88
C ALA A 1087 -38.05 46.68 60.56
N HIS A 1088 -36.95 47.44 60.51
CA HIS A 1088 -36.55 48.22 59.35
C HIS A 1088 -35.38 47.59 58.59
N PHE A 1089 -35.55 47.40 57.29
CA PHE A 1089 -34.52 46.79 56.44
C PHE A 1089 -34.08 47.84 55.43
N PRO A 1090 -32.86 47.86 54.90
CA PRO A 1090 -32.43 48.81 53.91
C PRO A 1090 -33.18 48.59 52.62
N ARG A 1091 -33.49 49.65 51.89
CA ARG A 1091 -34.10 49.47 50.58
C ARG A 1091 -33.05 49.09 49.56
N GLU A 1092 -31.92 49.77 49.61
CA GLU A 1092 -30.80 49.55 48.71
C GLU A 1092 -29.51 49.76 49.45
N GLY A 1093 -29.09 48.82 50.27
CA GLY A 1093 -27.92 49.08 51.07
C GLY A 1093 -27.72 48.12 52.20
N VAL A 1094 -26.70 48.40 52.99
CA VAL A 1094 -26.36 47.58 54.12
C VAL A 1094 -26.23 48.41 55.39
N PHE A 1095 -26.75 47.92 56.51
CA PHE A 1095 -26.57 48.69 57.72
C PHE A 1095 -25.20 48.42 58.25
N VAL A 1096 -24.50 49.47 58.61
CA VAL A 1096 -23.16 49.36 59.13
C VAL A 1096 -23.02 50.15 60.39
N SER A 1097 -21.99 49.86 61.14
CA SER A 1097 -21.77 50.70 62.29
C SER A 1097 -20.30 50.87 62.55
N ASN A 1098 -19.94 52.11 62.94
CA ASN A 1098 -18.62 52.46 63.45
C ASN A 1098 -18.70 52.22 64.96
N GLY A 1099 -17.70 52.62 65.76
CA GLY A 1099 -17.71 52.35 67.22
C GLY A 1099 -18.97 52.87 67.99
N THR A 1100 -19.60 53.96 67.54
CA THR A 1100 -20.77 54.50 68.23
C THR A 1100 -22.08 54.66 67.43
N HIS A 1101 -22.01 54.72 66.10
CA HIS A 1101 -23.23 54.99 65.33
C HIS A 1101 -23.52 54.11 64.12
N TRP A 1102 -24.81 53.87 63.94
CA TRP A 1102 -25.35 53.14 62.81
C TRP A 1102 -25.70 54.05 61.65
N PHE A 1103 -25.28 53.61 60.47
CA PHE A 1103 -25.46 54.27 59.18
C PHE A 1103 -25.85 53.27 58.14
N VAL A 1104 -26.39 53.73 57.02
CA VAL A 1104 -26.64 52.79 55.94
C VAL A 1104 -25.83 53.20 54.72
N THR A 1105 -25.14 52.23 54.10
CA THR A 1105 -24.30 52.54 52.93
C THR A 1105 -24.75 51.77 51.73
N GLN A 1106 -24.26 52.19 50.56
CA GLN A 1106 -24.50 51.40 49.37
C GLN A 1106 -23.58 50.20 49.54
N ARG A 1107 -23.98 49.06 49.02
CA ARG A 1107 -23.19 47.87 49.24
C ARG A 1107 -21.73 47.93 48.82
N ASN A 1108 -21.44 48.58 47.70
CA ASN A 1108 -20.11 48.58 47.13
C ASN A 1108 -19.25 49.80 47.39
N PHE A 1109 -19.66 50.68 48.29
CA PHE A 1109 -18.82 51.86 48.50
C PHE A 1109 -19.16 52.53 49.81
N TYR A 1110 -18.17 52.84 50.62
CA TYR A 1110 -18.49 53.43 51.90
C TYR A 1110 -18.85 54.89 51.88
N GLU A 1111 -20.14 55.10 51.69
CA GLU A 1111 -20.79 56.41 51.64
C GLU A 1111 -22.00 56.40 52.58
N PRO A 1112 -21.81 56.50 53.91
CA PRO A 1112 -22.80 56.34 54.95
C PRO A 1112 -23.82 57.43 54.99
N GLN A 1113 -25.06 57.02 55.16
CA GLN A 1113 -26.18 57.90 55.29
C GLN A 1113 -26.82 57.77 56.64
N ILE A 1114 -27.55 58.78 57.06
CA ILE A 1114 -28.33 58.67 58.27
C ILE A 1114 -29.45 57.71 57.98
N ILE A 1115 -29.74 56.81 58.89
CA ILE A 1115 -30.82 55.88 58.65
C ILE A 1115 -32.12 56.60 58.88
N THR A 1116 -32.92 56.67 57.83
CA THR A 1116 -34.18 57.37 57.82
C THR A 1116 -35.21 56.51 57.17
N THR A 1117 -36.44 56.95 57.22
CA THR A 1117 -37.57 56.26 56.61
C THR A 1117 -37.55 56.32 55.08
N ASP A 1118 -36.62 57.08 54.52
CA ASP A 1118 -36.46 57.15 53.07
C ASP A 1118 -35.47 56.10 52.60
N ASN A 1119 -34.61 55.63 53.52
CA ASN A 1119 -33.56 54.71 53.18
C ASN A 1119 -33.93 53.26 53.49
N THR A 1120 -34.88 53.09 54.39
CA THR A 1120 -35.31 51.77 54.85
C THR A 1120 -36.78 51.54 54.59
N PHE A 1121 -37.20 50.30 54.78
CA PHE A 1121 -38.60 49.94 54.64
C PHE A 1121 -38.96 49.03 55.77
N VAL A 1122 -40.24 48.92 56.07
CA VAL A 1122 -40.63 48.13 57.22
C VAL A 1122 -41.41 46.89 56.92
N SER A 1123 -40.99 45.80 57.53
CA SER A 1123 -41.72 44.55 57.39
C SER A 1123 -41.55 43.63 58.57
N GLY A 1124 -42.65 43.31 59.23
CA GLY A 1124 -42.57 42.43 60.38
C GLY A 1124 -42.17 43.20 61.61
N ASN A 1125 -42.15 42.51 62.74
CA ASN A 1125 -41.79 43.12 64.02
C ASN A 1125 -40.34 42.72 64.38
N CYS A 1126 -39.85 43.21 65.54
CA CYS A 1126 -38.49 43.00 66.04
C CYS A 1126 -38.23 41.61 66.64
N ASP A 1127 -39.23 40.76 66.72
CA ASP A 1127 -39.02 39.44 67.33
C ASP A 1127 -38.58 38.38 66.34
N VAL A 1128 -38.96 38.51 65.08
CA VAL A 1128 -38.68 37.51 64.08
C VAL A 1128 -37.26 37.52 63.50
N VAL A 1129 -36.64 38.68 63.36
CA VAL A 1129 -35.30 38.75 62.76
C VAL A 1129 -34.23 38.41 63.77
N ILE A 1130 -33.35 37.50 63.40
CA ILE A 1130 -32.27 37.09 64.26
C ILE A 1130 -31.13 38.09 64.18
N GLY A 1131 -30.71 38.63 65.31
CA GLY A 1131 -29.61 39.58 65.26
C GLY A 1131 -30.02 41.01 64.97
N ILE A 1132 -31.29 41.34 65.18
CA ILE A 1132 -31.77 42.70 64.95
C ILE A 1132 -31.22 43.59 66.05
N VAL A 1133 -30.85 44.82 65.72
CA VAL A 1133 -30.31 45.68 66.77
C VAL A 1133 -31.20 46.91 66.88
N ASN A 1134 -31.18 47.59 68.04
CA ASN A 1134 -31.92 48.82 68.32
C ASN A 1134 -31.18 50.05 67.78
N ASN A 1135 -31.91 50.97 67.14
CA ASN A 1135 -31.39 52.27 66.68
C ASN A 1135 -32.54 53.22 66.50
N THR A 1136 -32.25 54.44 66.10
CA THR A 1136 -33.28 55.38 65.81
C THR A 1136 -33.37 55.56 64.32
N VAL A 1137 -34.57 55.38 63.79
CA VAL A 1137 -34.79 55.62 62.38
C VAL A 1137 -35.42 56.98 62.32
N TYR A 1138 -34.83 57.86 61.56
CA TYR A 1138 -35.33 59.22 61.56
C TYR A 1138 -36.40 59.51 60.54
N ASP A 1139 -37.44 60.15 61.01
CA ASP A 1139 -38.54 60.59 60.17
C ASP A 1139 -38.21 62.01 59.72
N PRO A 1140 -37.93 62.25 58.42
CA PRO A 1140 -37.48 63.51 57.87
C PRO A 1140 -38.57 64.56 57.84
N LEU A 1141 -39.81 64.13 58.03
CA LEU A 1141 -40.92 65.04 57.95
C LEU A 1141 -41.48 65.45 59.27
N GLN A 1142 -41.42 64.55 60.23
CA GLN A 1142 -42.00 64.83 61.53
C GLN A 1142 -41.64 66.25 62.03
N PRO A 1143 -40.39 66.76 61.96
CA PRO A 1143 -40.06 68.10 62.42
C PRO A 1143 -40.92 69.21 61.82
N GLU A 1144 -41.39 69.03 60.57
CA GLU A 1144 -42.20 70.06 59.93
C GLU A 1144 -43.60 70.00 60.44
N LEU A 1145 -44.05 68.79 60.76
CA LEU A 1145 -45.39 68.56 61.28
C LEU A 1145 -45.43 69.12 62.71
N ASP A 1146 -44.32 69.01 63.42
CA ASP A 1146 -44.21 69.52 64.79
C ASP A 1146 -44.06 71.06 64.86
N SER A 1147 -43.32 71.68 63.89
CA SER A 1147 -43.07 73.11 63.77
C SER A 1147 -44.33 73.79 63.21
N VAL B 2 9.59 -43.55 -42.35
CA VAL B 2 10.50 -43.36 -43.49
C VAL B 2 10.82 -44.74 -44.12
N GLN B 3 11.77 -45.50 -43.51
CA GLN B 3 12.20 -46.83 -43.97
C GLN B 3 12.71 -47.70 -42.84
N LEU B 4 12.49 -49.00 -43.01
CA LEU B 4 12.99 -50.06 -42.15
C LEU B 4 13.83 -50.97 -43.04
N VAL B 5 15.13 -51.01 -42.81
CA VAL B 5 15.97 -51.81 -43.68
C VAL B 5 16.16 -53.21 -43.13
N GLN B 6 15.61 -54.16 -43.85
CA GLN B 6 15.57 -55.54 -43.43
C GLN B 6 16.71 -56.41 -43.94
N SER B 7 16.95 -57.46 -43.17
CA SER B 7 17.89 -58.53 -43.47
C SER B 7 17.39 -59.38 -44.63
N GLY B 8 18.30 -60.10 -45.29
CA GLY B 8 17.91 -60.95 -46.41
C GLY B 8 17.37 -62.31 -45.96
N ALA B 9 17.13 -63.20 -46.92
CA ALA B 9 16.56 -64.54 -46.72
C ALA B 9 17.60 -65.54 -46.25
N GLU B 10 17.15 -66.60 -45.57
CA GLU B 10 18.06 -67.66 -45.15
C GLU B 10 17.38 -69.02 -45.01
N VAL B 11 18.20 -70.07 -45.07
CA VAL B 11 17.70 -71.43 -44.87
C VAL B 11 18.51 -72.09 -43.76
N LYS B 12 17.82 -72.60 -42.74
CA LYS B 12 18.52 -73.23 -41.62
C LYS B 12 17.96 -74.55 -41.13
N LYS B 13 18.81 -75.31 -40.47
CA LYS B 13 18.48 -76.59 -39.83
C LYS B 13 17.46 -76.36 -38.70
N PRO B 14 16.43 -77.21 -38.51
CA PRO B 14 15.45 -77.05 -37.46
C PRO B 14 16.17 -76.99 -36.13
N GLY B 15 15.67 -76.12 -35.26
CA GLY B 15 16.23 -75.91 -33.94
C GLY B 15 17.23 -74.77 -33.91
N SER B 16 17.68 -74.30 -35.08
CA SER B 16 18.65 -73.21 -35.17
C SER B 16 17.96 -71.87 -35.23
N SER B 17 18.28 -70.99 -34.28
CA SER B 17 17.62 -69.70 -34.21
C SER B 17 17.86 -68.82 -35.41
N VAL B 18 16.81 -68.11 -35.78
CA VAL B 18 16.82 -67.16 -36.87
C VAL B 18 16.82 -65.74 -36.37
N LYS B 19 17.85 -64.98 -36.68
CA LYS B 19 17.88 -63.62 -36.17
C LYS B 19 18.05 -62.61 -37.28
N VAL B 20 17.12 -61.67 -37.31
CA VAL B 20 17.08 -60.62 -38.30
C VAL B 20 16.93 -59.26 -37.64
N SER B 21 17.18 -58.21 -38.39
CA SER B 21 16.98 -56.89 -37.84
C SER B 21 16.46 -55.87 -38.87
N CYS B 22 15.88 -54.76 -38.38
CA CYS B 22 15.33 -53.61 -39.12
C CYS B 22 15.98 -52.31 -38.69
N LYS B 23 16.91 -51.85 -39.52
CA LYS B 23 17.69 -50.66 -39.24
C LYS B 23 17.02 -49.41 -39.79
N ALA B 24 17.00 -48.32 -39.02
CA ALA B 24 16.43 -47.09 -39.54
C ALA B 24 17.18 -45.88 -39.05
N SER B 25 17.31 -44.88 -39.91
CA SER B 25 17.96 -43.64 -39.56
C SER B 25 16.98 -42.70 -38.87
N GLY B 26 17.52 -41.68 -38.22
CA GLY B 26 16.69 -40.65 -37.59
C GLY B 26 16.27 -41.05 -36.18
N GLY B 27 15.43 -40.23 -35.55
CA GLY B 27 15.02 -40.44 -34.16
C GLY B 27 13.85 -41.41 -34.01
N THR B 28 13.97 -42.58 -34.61
CA THR B 28 12.87 -43.50 -34.67
C THR B 28 12.80 -44.41 -33.47
N PHE B 29 13.90 -44.54 -32.73
CA PHE B 29 13.87 -45.42 -31.58
C PHE B 29 12.80 -44.91 -30.63
N SER B 30 12.85 -43.60 -30.35
CA SER B 30 11.90 -43.00 -29.46
C SER B 30 10.60 -42.53 -30.13
N SER B 31 10.62 -42.25 -31.43
CA SER B 31 9.40 -41.76 -32.06
C SER B 31 8.40 -42.82 -32.49
N TYR B 32 8.84 -44.06 -32.77
CA TYR B 32 7.87 -45.05 -33.24
C TYR B 32 8.00 -46.43 -32.59
N THR B 33 6.89 -47.15 -32.54
CA THR B 33 6.89 -48.54 -32.04
C THR B 33 7.05 -49.52 -33.21
N ILE B 34 7.90 -50.53 -33.06
CA ILE B 34 8.12 -51.47 -34.16
C ILE B 34 7.54 -52.84 -33.88
N SER B 35 6.71 -53.30 -34.81
CA SER B 35 6.01 -54.57 -34.70
C SER B 35 6.46 -55.57 -35.73
N TRP B 36 6.52 -56.83 -35.32
CA TRP B 36 6.87 -57.88 -36.23
C TRP B 36 5.64 -58.73 -36.56
N VAL B 37 5.47 -58.96 -37.85
CA VAL B 37 4.35 -59.68 -38.46
C VAL B 37 4.82 -60.83 -39.37
N ARG B 38 4.18 -61.98 -39.21
CA ARG B 38 4.47 -63.18 -39.98
C ARG B 38 3.53 -63.32 -41.18
N GLN B 39 4.09 -63.61 -42.34
CA GLN B 39 3.31 -63.86 -43.54
C GLN B 39 3.75 -65.11 -44.27
N ALA B 40 3.15 -66.24 -43.96
CA ALA B 40 3.60 -67.43 -44.68
C ALA B 40 3.32 -67.13 -46.14
N PRO B 41 4.12 -67.59 -47.11
CA PRO B 41 3.89 -67.26 -48.49
C PRO B 41 2.52 -67.76 -48.91
N GLY B 42 1.79 -66.89 -49.60
CA GLY B 42 0.45 -67.22 -50.10
C GLY B 42 -0.64 -66.99 -49.04
N GLN B 43 -0.23 -66.57 -47.84
CA GLN B 43 -1.13 -66.38 -46.72
C GLN B 43 -1.34 -64.92 -46.33
N GLY B 44 -2.19 -64.75 -45.31
CA GLY B 44 -2.51 -63.45 -44.75
C GLY B 44 -1.53 -63.17 -43.63
N LEU B 45 -1.88 -62.28 -42.73
CA LEU B 45 -0.93 -61.88 -41.71
C LEU B 45 -1.22 -62.35 -40.30
N GLU B 46 -0.15 -62.62 -39.54
CA GLU B 46 -0.24 -62.93 -38.12
C GLU B 46 0.69 -62.03 -37.31
N TRP B 47 0.20 -61.49 -36.21
CA TRP B 47 1.05 -60.64 -35.39
C TRP B 47 1.96 -61.50 -34.51
N MET B 48 3.25 -61.17 -34.41
CA MET B 48 4.14 -61.92 -33.54
C MET B 48 4.43 -61.18 -32.24
N GLY B 49 4.69 -59.89 -32.35
CA GLY B 49 5.03 -59.12 -31.16
C GLY B 49 5.46 -57.69 -31.49
N ARG B 50 5.59 -56.86 -30.46
CA ARG B 50 5.98 -55.46 -30.64
C ARG B 50 6.88 -54.94 -29.58
N ILE B 51 7.84 -54.13 -29.99
CA ILE B 51 8.69 -53.47 -29.03
C ILE B 51 8.50 -52.00 -29.07
N ILE B 52 8.31 -51.44 -27.88
CA ILE B 52 8.10 -50.04 -27.62
C ILE B 52 9.44 -49.60 -27.07
N PRO B 53 10.40 -49.19 -27.92
CA PRO B 53 11.76 -49.03 -27.52
C PRO B 53 11.91 -47.87 -26.54
N ILE B 54 10.99 -46.92 -26.62
CA ILE B 54 10.99 -45.75 -25.75
C ILE B 54 10.75 -46.11 -24.29
N LEU B 55 10.02 -47.18 -24.07
CA LEU B 55 9.63 -47.59 -22.75
C LEU B 55 10.34 -48.87 -22.34
N ASP B 56 11.25 -49.37 -23.20
CA ASP B 56 11.89 -50.65 -22.95
C ASP B 56 10.88 -51.79 -22.67
N ARG B 57 9.78 -51.86 -23.43
CA ARG B 57 8.82 -52.96 -23.19
C ARG B 57 8.43 -53.73 -24.44
N VAL B 58 8.13 -55.03 -24.26
CA VAL B 58 7.71 -55.87 -25.38
C VAL B 58 6.46 -56.69 -25.07
N MET B 59 5.55 -56.75 -26.04
CA MET B 59 4.34 -57.57 -25.93
C MET B 59 4.35 -58.63 -27.01
N TYR B 60 3.90 -59.84 -26.69
CA TYR B 60 3.84 -60.91 -27.69
C TYR B 60 2.49 -61.53 -27.85
N ALA B 61 2.25 -62.04 -29.06
CA ALA B 61 1.07 -62.83 -29.35
C ALA B 61 1.21 -64.11 -28.57
N GLN B 62 0.14 -64.65 -28.02
CA GLN B 62 0.30 -65.87 -27.22
C GLN B 62 0.83 -67.05 -27.99
N LYS B 63 0.42 -67.18 -29.24
CA LYS B 63 0.83 -68.30 -30.07
C LYS B 63 2.31 -68.26 -30.44
N PHE B 64 2.94 -67.10 -30.24
CA PHE B 64 4.33 -66.88 -30.53
C PHE B 64 5.20 -66.73 -29.27
N GLN B 65 4.64 -66.98 -28.09
CA GLN B 65 5.49 -66.84 -26.91
C GLN B 65 6.46 -67.99 -26.88
N GLY B 66 7.68 -67.76 -26.38
CA GLY B 66 8.71 -68.81 -26.34
C GLY B 66 9.48 -68.83 -27.67
N ARG B 67 8.71 -68.86 -28.76
CA ARG B 67 9.15 -68.84 -30.14
C ARG B 67 9.75 -67.50 -30.54
N VAL B 68 9.18 -66.40 -30.06
CA VAL B 68 9.68 -65.10 -30.50
C VAL B 68 10.28 -64.24 -29.40
N THR B 69 11.50 -63.75 -29.65
CA THR B 69 12.20 -62.81 -28.76
C THR B 69 12.49 -61.49 -29.49
N ILE B 70 12.07 -60.37 -28.91
CA ILE B 70 12.25 -59.07 -29.55
C ILE B 70 13.02 -58.08 -28.68
N THR B 71 13.99 -57.42 -29.29
CA THR B 71 14.80 -56.38 -28.64
C THR B 71 15.06 -55.20 -29.58
N ALA B 72 15.80 -54.20 -29.11
CA ALA B 72 16.15 -53.05 -29.94
C ALA B 72 17.46 -52.41 -29.47
N ASP B 73 18.18 -51.81 -30.41
CA ASP B 73 19.43 -51.10 -30.15
C ASP B 73 19.25 -49.59 -30.26
N LYS B 74 19.53 -48.92 -29.15
CA LYS B 74 19.43 -47.47 -29.01
C LYS B 74 20.38 -46.72 -29.95
N SER B 75 21.55 -47.29 -30.25
CA SER B 75 22.49 -46.60 -31.12
C SER B 75 22.20 -46.99 -32.57
N THR B 76 21.66 -46.02 -33.32
CA THR B 76 21.17 -46.23 -34.69
C THR B 76 20.02 -47.20 -34.61
N SER B 77 18.87 -46.65 -34.25
CA SER B 77 17.66 -47.41 -34.00
C SER B 77 17.53 -48.62 -34.87
N THR B 78 17.70 -49.78 -34.23
CA THR B 78 17.50 -51.03 -34.94
C THR B 78 16.62 -51.96 -34.15
N ALA B 79 15.61 -52.52 -34.80
CA ALA B 79 14.77 -53.51 -34.13
C ALA B 79 15.34 -54.87 -34.43
N TYR B 80 15.32 -55.76 -33.46
CA TYR B 80 15.82 -57.11 -33.69
C TYR B 80 14.81 -58.14 -33.29
N MET B 81 14.80 -59.24 -34.01
CA MET B 81 13.95 -60.34 -33.62
C MET B 81 14.61 -61.68 -33.86
N GLU B 82 14.44 -62.57 -32.87
CA GLU B 82 14.93 -63.91 -32.96
C GLU B 82 13.81 -64.94 -32.91
N LEU B 83 13.79 -65.84 -33.89
CA LEU B 83 12.81 -66.90 -33.91
C LEU B 83 13.45 -68.21 -33.48
N SER B 84 13.06 -68.66 -32.29
CA SER B 84 13.63 -69.82 -31.64
C SER B 84 12.92 -71.05 -32.15
N SER B 85 13.50 -72.22 -31.88
CA SER B 85 12.84 -73.47 -32.22
C SER B 85 12.35 -73.53 -33.67
N LEU B 86 13.22 -73.20 -34.60
CA LEU B 86 12.88 -73.26 -36.02
C LEU B 86 12.41 -74.63 -36.42
N ARG B 87 11.29 -74.68 -37.13
CA ARG B 87 10.70 -75.90 -37.65
C ARG B 87 10.48 -75.68 -39.13
N SER B 88 10.55 -76.74 -39.95
CA SER B 88 10.29 -76.58 -41.39
C SER B 88 8.84 -76.22 -41.66
N GLU B 89 7.97 -76.60 -40.74
CA GLU B 89 6.57 -76.25 -40.82
C GLU B 89 6.42 -74.73 -40.75
N ASP B 90 7.29 -74.07 -39.98
CA ASP B 90 7.22 -72.64 -39.79
C ASP B 90 8.03 -71.92 -40.86
N THR B 91 7.57 -72.05 -42.08
CA THR B 91 8.20 -71.36 -43.19
C THR B 91 7.38 -70.14 -43.51
N ALA B 92 8.04 -68.99 -43.45
CA ALA B 92 7.31 -67.77 -43.67
C ALA B 92 8.15 -66.60 -44.06
N VAL B 93 7.49 -65.62 -44.65
CA VAL B 93 8.10 -64.37 -44.96
C VAL B 93 7.75 -63.49 -43.80
N TYR B 94 8.69 -62.84 -43.18
CA TYR B 94 8.25 -62.00 -42.10
C TYR B 94 8.90 -60.65 -42.13
N TYR B 95 8.20 -59.69 -41.55
CA TYR B 95 8.61 -58.31 -41.64
C TYR B 95 8.31 -57.45 -40.43
N CYS B 96 8.98 -56.29 -40.39
CA CYS B 96 8.77 -55.23 -39.44
C CYS B 96 7.86 -54.15 -40.05
N ALA B 97 7.08 -53.53 -39.16
CA ALA B 97 6.15 -52.47 -39.50
C ALA B 97 6.18 -51.37 -38.46
N ARG B 98 5.92 -50.12 -38.88
CA ARG B 98 5.98 -49.00 -37.96
C ARG B 98 4.61 -48.54 -37.42
N ARG B 99 4.49 -48.48 -36.11
CA ARG B 99 3.27 -47.96 -35.53
C ARG B 99 3.47 -46.46 -35.44
N ALA B 100 2.92 -45.84 -36.49
CA ALA B 100 2.97 -44.43 -36.86
C ALA B 100 2.39 -43.47 -35.83
N ILE B 101 1.36 -43.89 -35.09
CA ILE B 101 0.79 -42.97 -34.14
C ILE B 101 1.39 -43.25 -32.79
N ASP B 102 2.25 -42.37 -32.33
CA ASP B 102 2.90 -42.59 -31.07
C ASP B 102 3.30 -41.25 -30.50
N SER B 103 3.86 -41.26 -29.32
CA SER B 103 4.33 -40.03 -28.70
C SER B 103 5.17 -40.33 -27.48
N ASP B 104 5.82 -39.33 -26.96
CA ASP B 104 6.56 -39.48 -25.73
C ASP B 104 5.67 -39.25 -24.51
N THR B 105 4.37 -39.10 -24.77
CA THR B 105 3.34 -38.94 -23.79
C THR B 105 2.44 -40.17 -23.80
N TYR B 106 2.80 -41.17 -24.64
CA TYR B 106 2.02 -42.40 -24.75
C TYR B 106 0.58 -42.17 -25.18
N VAL B 107 0.42 -41.47 -26.32
CA VAL B 107 -0.86 -41.16 -26.96
C VAL B 107 -1.65 -42.40 -27.42
N GLU B 108 -0.92 -43.47 -27.70
CA GLU B 108 -1.38 -44.80 -28.16
C GLU B 108 -1.60 -44.99 -29.65
N GLN B 109 -1.23 -46.20 -30.05
CA GLN B 109 -1.18 -46.67 -31.43
C GLN B 109 -2.47 -47.29 -31.92
N SER B 110 -2.64 -47.28 -33.23
CA SER B 110 -3.77 -47.90 -33.88
C SER B 110 -3.29 -48.66 -35.11
N HIS B 111 -2.97 -47.94 -36.18
CA HIS B 111 -2.55 -48.57 -37.43
C HIS B 111 -1.06 -48.52 -37.68
N PHE B 112 -0.67 -49.12 -38.79
CA PHE B 112 0.71 -49.17 -39.24
C PHE B 112 0.95 -48.68 -40.64
N ASP B 113 2.18 -48.23 -40.86
CA ASP B 113 2.66 -47.83 -42.17
C ASP B 113 4.12 -48.23 -42.34
N TYR B 114 4.70 -47.92 -43.50
CA TYR B 114 6.11 -48.20 -43.81
C TYR B 114 6.48 -49.66 -43.62
N TRP B 115 5.68 -50.56 -44.14
CA TRP B 115 5.99 -51.98 -43.99
C TRP B 115 7.18 -52.36 -44.83
N GLY B 116 8.06 -53.19 -44.26
CA GLY B 116 9.28 -53.65 -44.92
C GLY B 116 9.08 -54.83 -45.88
N GLN B 117 7.86 -55.32 -46.01
CA GLN B 117 7.50 -56.45 -46.86
C GLN B 117 7.95 -57.81 -46.32
N GLY B 118 9.25 -57.98 -46.11
CA GLY B 118 9.73 -59.18 -45.42
C GLY B 118 10.77 -60.04 -46.08
N THR B 119 11.28 -60.94 -45.25
CA THR B 119 12.32 -61.90 -45.57
C THR B 119 11.89 -63.34 -45.40
N LEU B 120 12.12 -64.15 -46.42
CA LEU B 120 11.75 -65.55 -46.31
C LEU B 120 12.75 -66.38 -45.57
N VAL B 121 12.27 -67.07 -44.57
CA VAL B 121 13.10 -67.98 -43.85
C VAL B 121 12.47 -69.36 -43.88
N THR B 122 13.30 -70.31 -44.27
CA THR B 122 12.85 -71.68 -44.40
C THR B 122 13.95 -72.66 -43.91
N VAL B 123 13.74 -73.96 -44.17
CA VAL B 123 14.58 -75.11 -43.82
C VAL B 123 14.91 -75.84 -45.13
N GLU C 1 -7.72 -63.78 -26.88
CA GLU C 1 -7.34 -62.67 -27.73
C GLU C 1 -8.55 -62.29 -28.60
N ILE C 2 -8.38 -61.26 -29.45
CA ILE C 2 -9.41 -60.73 -30.35
C ILE C 2 -9.29 -61.42 -31.71
N VAL C 3 -10.41 -61.97 -32.19
CA VAL C 3 -10.44 -62.71 -33.43
C VAL C 3 -11.43 -62.16 -34.43
N MET C 4 -11.00 -62.04 -35.69
CA MET C 4 -11.90 -61.54 -36.71
C MET C 4 -12.16 -62.45 -37.89
N THR C 5 -13.41 -62.40 -38.31
CA THR C 5 -13.95 -63.11 -39.45
C THR C 5 -14.26 -62.11 -40.55
N GLN C 6 -13.87 -62.42 -41.78
CA GLN C 6 -14.16 -61.52 -42.88
C GLN C 6 -15.06 -62.20 -43.88
N SER C 7 -15.82 -61.39 -44.61
CA SER C 7 -16.76 -61.90 -45.58
C SER C 7 -16.95 -60.98 -46.79
N PRO C 8 -17.04 -61.55 -48.00
CA PRO C 8 -17.00 -62.95 -48.42
C PRO C 8 -15.58 -63.48 -48.34
N ALA C 9 -15.39 -64.79 -48.38
CA ALA C 9 -13.99 -65.23 -48.45
C ALA C 9 -13.35 -64.71 -49.74
N THR C 10 -14.13 -64.75 -50.82
CA THR C 10 -13.73 -64.26 -52.14
C THR C 10 -14.86 -63.42 -52.73
N LEU C 11 -14.53 -62.24 -53.24
CA LEU C 11 -15.47 -61.35 -53.88
C LEU C 11 -15.26 -61.28 -55.38
N SER C 12 -16.23 -61.77 -56.16
CA SER C 12 -16.09 -61.76 -57.62
C SER C 12 -16.90 -60.63 -58.25
N LEU C 13 -16.18 -59.67 -58.83
CA LEU C 13 -16.80 -58.46 -59.42
C LEU C 13 -16.24 -58.07 -60.77
N SER C 14 -17.08 -57.51 -61.61
CA SER C 14 -16.59 -56.97 -62.87
C SER C 14 -15.90 -55.66 -62.54
N PRO C 15 -14.94 -55.17 -63.32
CA PRO C 15 -14.34 -53.87 -63.11
C PRO C 15 -15.45 -52.84 -63.20
N GLY C 16 -15.41 -51.86 -62.33
CA GLY C 16 -16.37 -50.77 -62.32
C GLY C 16 -17.56 -51.01 -61.39
N GLU C 17 -17.69 -52.24 -60.85
CA GLU C 17 -18.79 -52.54 -59.96
C GLU C 17 -18.50 -52.15 -58.52
N ARG C 18 -19.56 -51.96 -57.74
CA ARG C 18 -19.46 -51.60 -56.33
C ARG C 18 -19.05 -52.75 -55.44
N ALA C 19 -18.06 -52.53 -54.59
CA ALA C 19 -17.64 -53.58 -53.68
C ALA C 19 -17.94 -53.24 -52.24
N THR C 20 -18.45 -54.23 -51.52
CA THR C 20 -18.67 -54.08 -50.09
C THR C 20 -17.89 -55.18 -49.42
N LEU C 21 -17.07 -54.80 -48.47
CA LEU C 21 -16.24 -55.75 -47.73
C LEU C 21 -16.58 -55.73 -46.25
N SER C 22 -16.94 -56.89 -45.70
CA SER C 22 -17.34 -56.96 -44.30
C SER C 22 -16.26 -57.55 -43.38
N CYS C 23 -16.15 -56.97 -42.16
CA CYS C 23 -15.31 -57.45 -41.06
C CYS C 23 -16.12 -57.55 -39.77
N ARG C 24 -16.02 -58.69 -39.08
CA ARG C 24 -16.74 -58.90 -37.83
C ARG C 24 -15.83 -59.40 -36.71
N ALA C 25 -15.80 -58.65 -35.62
CA ALA C 25 -14.94 -59.01 -34.49
C ALA C 25 -15.68 -59.89 -33.48
N SER C 26 -14.91 -60.74 -32.77
CA SER C 26 -15.41 -61.57 -31.69
C SER C 26 -15.82 -60.76 -30.45
N GLN C 27 -15.14 -59.64 -30.24
CA GLN C 27 -15.42 -58.72 -29.15
C GLN C 27 -15.16 -57.33 -29.68
N SER C 28 -15.40 -56.31 -28.86
CA SER C 28 -15.18 -54.96 -29.31
C SER C 28 -13.74 -54.55 -29.46
N VAL C 29 -13.48 -53.80 -30.53
CA VAL C 29 -12.19 -53.18 -30.78
C VAL C 29 -12.38 -51.67 -30.79
N SER C 30 -13.55 -51.21 -30.37
CA SER C 30 -13.86 -49.79 -30.42
C SER C 30 -13.73 -49.30 -31.87
N SER C 31 -12.71 -48.48 -32.15
CA SER C 31 -12.44 -47.95 -33.48
C SER C 31 -11.01 -48.30 -33.92
N TYR C 32 -10.36 -49.23 -33.23
CA TYR C 32 -8.98 -49.56 -33.54
C TYR C 32 -8.79 -50.54 -34.66
N LEU C 33 -9.17 -50.12 -35.86
CA LEU C 33 -8.96 -50.94 -37.05
C LEU C 33 -8.24 -50.26 -38.17
N ALA C 34 -7.59 -51.05 -38.95
CA ALA C 34 -7.00 -50.51 -40.17
C ALA C 34 -7.25 -51.46 -41.32
N TRP C 35 -7.38 -50.91 -42.52
CA TRP C 35 -7.58 -51.75 -43.68
C TRP C 35 -6.34 -51.69 -44.52
N TYR C 36 -5.95 -52.84 -45.05
CA TYR C 36 -4.80 -52.96 -45.94
C TYR C 36 -5.11 -53.73 -47.26
N GLN C 37 -4.43 -53.37 -48.36
CA GLN C 37 -4.55 -54.08 -49.67
C GLN C 37 -3.34 -54.88 -50.11
N GLN C 38 -3.54 -56.20 -50.26
CA GLN C 38 -2.49 -57.15 -50.62
C GLN C 38 -2.44 -57.53 -52.08
N LYS C 39 -1.26 -57.39 -52.67
CA LYS C 39 -1.04 -57.86 -54.01
C LYS C 39 -0.43 -59.22 -53.75
N PRO C 40 -0.60 -60.24 -54.59
CA PRO C 40 -0.05 -61.56 -54.31
C PRO C 40 1.44 -61.51 -54.05
N GLY C 41 1.85 -62.18 -52.97
CA GLY C 41 3.25 -62.26 -52.57
C GLY C 41 3.75 -61.06 -51.76
N GLN C 42 2.89 -60.04 -51.59
CA GLN C 42 3.25 -58.81 -50.89
C GLN C 42 2.59 -58.69 -49.55
N ALA C 43 3.17 -57.85 -48.71
CA ALA C 43 2.56 -57.48 -47.44
C ALA C 43 1.67 -56.29 -47.81
N PRO C 44 0.37 -56.29 -47.46
CA PRO C 44 -0.59 -55.28 -47.87
C PRO C 44 -0.32 -53.84 -47.40
N SER C 45 -0.68 -52.87 -48.25
CA SER C 45 -0.48 -51.43 -47.99
C SER C 45 -1.65 -50.75 -47.29
N LEU C 46 -1.35 -49.76 -46.43
CA LEU C 46 -2.41 -49.06 -45.67
C LEU C 46 -3.39 -48.31 -46.53
N LEU C 47 -4.67 -48.56 -46.28
CA LEU C 47 -5.75 -47.94 -47.00
C LEU C 47 -6.58 -47.01 -46.08
N ILE C 48 -6.96 -47.57 -44.93
CA ILE C 48 -7.82 -46.93 -43.91
C ILE C 48 -7.30 -47.02 -42.50
N TYR C 49 -7.55 -45.97 -41.72
CA TYR C 49 -7.20 -45.97 -40.31
C TYR C 49 -8.35 -45.57 -39.37
N ASP C 50 -8.24 -46.04 -38.13
CA ASP C 50 -9.19 -45.81 -37.04
C ASP C 50 -10.59 -46.25 -37.48
N ALA C 51 -10.59 -47.36 -38.21
CA ALA C 51 -11.67 -48.11 -38.81
C ALA C 51 -12.50 -47.38 -39.87
N SER C 52 -12.13 -46.17 -40.30
CA SER C 52 -12.95 -45.52 -41.33
C SER C 52 -12.27 -44.44 -42.18
N ASN C 53 -11.24 -43.79 -41.64
CA ASN C 53 -10.62 -42.64 -42.29
C ASN C 53 -9.70 -43.04 -43.42
N ARG C 54 -9.82 -42.33 -44.51
CA ARG C 54 -8.98 -42.61 -45.66
C ARG C 54 -7.55 -42.18 -45.39
N ALA C 55 -6.59 -43.08 -45.65
CA ALA C 55 -5.18 -42.84 -45.45
C ALA C 55 -4.66 -41.87 -46.48
N THR C 56 -3.67 -41.07 -46.12
CA THR C 56 -3.08 -40.13 -47.04
C THR C 56 -2.53 -40.87 -48.24
N GLY C 57 -2.87 -40.37 -49.45
CA GLY C 57 -2.42 -40.96 -50.70
C GLY C 57 -3.46 -41.89 -51.32
N ILE C 58 -4.51 -42.19 -50.58
CA ILE C 58 -5.58 -43.06 -51.02
C ILE C 58 -6.72 -42.29 -51.69
N PRO C 59 -7.17 -42.71 -52.89
CA PRO C 59 -8.28 -42.14 -53.64
C PRO C 59 -9.58 -42.16 -52.86
N ALA C 60 -10.42 -41.15 -53.12
CA ALA C 60 -11.70 -40.90 -52.45
C ALA C 60 -12.70 -42.02 -52.57
N ARG C 61 -12.50 -42.92 -53.53
CA ARG C 61 -13.40 -44.04 -53.72
C ARG C 61 -13.35 -45.03 -52.56
N PHE C 62 -12.32 -44.96 -51.70
CA PHE C 62 -12.21 -45.90 -50.58
C PHE C 62 -12.50 -45.28 -49.21
N SER C 63 -13.56 -45.73 -48.54
CA SER C 63 -13.88 -45.22 -47.20
C SER C 63 -14.60 -46.27 -46.38
N GLY C 64 -14.57 -46.16 -45.05
CA GLY C 64 -15.30 -47.15 -44.27
C GLY C 64 -16.23 -46.58 -43.22
N SER C 65 -16.79 -47.49 -42.44
CA SER C 65 -17.72 -47.20 -41.37
C SER C 65 -17.79 -48.37 -40.39
N GLY C 66 -18.43 -48.15 -39.24
CA GLY C 66 -18.64 -49.23 -38.29
C GLY C 66 -18.04 -48.96 -36.93
N SER C 67 -18.43 -49.78 -35.98
CA SER C 67 -17.96 -49.64 -34.61
C SER C 67 -18.08 -50.90 -33.77
N GLY C 68 -17.22 -51.01 -32.75
CA GLY C 68 -17.36 -52.09 -31.80
C GLY C 68 -16.92 -53.38 -32.46
N THR C 69 -17.89 -54.07 -33.04
CA THR C 69 -17.61 -55.33 -33.70
C THR C 69 -17.92 -55.35 -35.17
N ASP C 70 -18.76 -54.41 -35.65
CA ASP C 70 -19.23 -54.49 -37.02
C ASP C 70 -18.65 -53.40 -37.89
N PHE C 71 -17.77 -53.80 -38.82
CA PHE C 71 -17.06 -52.86 -39.67
C PHE C 71 -17.16 -53.16 -41.16
N THR C 72 -17.07 -52.10 -41.97
CA THR C 72 -17.11 -52.30 -43.41
C THR C 72 -16.34 -51.26 -44.23
N LEU C 73 -15.92 -51.70 -45.41
CA LEU C 73 -15.29 -50.88 -46.44
C LEU C 73 -16.11 -50.83 -47.70
N THR C 74 -16.33 -49.60 -48.16
CA THR C 74 -17.03 -49.35 -49.40
C THR C 74 -16.05 -48.86 -50.44
N ILE C 75 -16.06 -49.53 -51.58
CA ILE C 75 -15.23 -49.10 -52.69
C ILE C 75 -16.26 -48.67 -53.71
N SER C 76 -16.37 -47.36 -53.97
CA SER C 76 -17.51 -46.92 -54.76
C SER C 76 -17.56 -47.53 -56.16
N SER C 77 -16.38 -47.76 -56.73
CA SER C 77 -16.17 -48.37 -58.02
C SER C 77 -14.87 -49.14 -57.93
N LEU C 78 -14.91 -50.44 -58.12
CA LEU C 78 -13.69 -51.22 -57.97
C LEU C 78 -12.95 -51.31 -59.31
N GLU C 79 -11.75 -50.72 -59.37
CA GLU C 79 -10.98 -50.66 -60.62
C GLU C 79 -10.15 -51.94 -60.73
N PRO C 80 -9.69 -52.38 -61.92
CA PRO C 80 -8.85 -53.57 -62.09
C PRO C 80 -7.65 -53.61 -61.12
N GLU C 81 -7.07 -52.45 -60.84
CA GLU C 81 -5.91 -52.33 -59.97
C GLU C 81 -6.22 -52.55 -58.50
N ASP C 82 -7.50 -52.48 -58.15
CA ASP C 82 -7.98 -52.56 -56.80
C ASP C 82 -8.38 -53.98 -56.41
N PHE C 83 -8.20 -54.95 -57.32
CA PHE C 83 -8.60 -56.32 -56.99
C PHE C 83 -7.50 -57.03 -56.20
N ALA C 84 -7.41 -56.60 -54.94
CA ALA C 84 -6.44 -56.96 -53.90
C ALA C 84 -7.09 -57.83 -52.84
N VAL C 85 -6.30 -58.43 -51.98
CA VAL C 85 -6.93 -59.10 -50.85
C VAL C 85 -7.04 -58.05 -49.77
N TYR C 86 -8.24 -57.84 -49.25
CA TYR C 86 -8.43 -56.80 -48.25
C TYR C 86 -8.44 -57.36 -46.85
N TYR C 87 -7.63 -56.75 -46.00
CA TYR C 87 -7.55 -57.20 -44.63
C TYR C 87 -7.89 -56.14 -43.61
N CYS C 88 -8.57 -56.56 -42.53
CA CYS C 88 -8.83 -55.76 -41.34
C CYS C 88 -7.84 -56.14 -40.24
N GLN C 89 -7.17 -55.13 -39.75
CA GLN C 89 -6.22 -55.26 -38.67
C GLN C 89 -6.87 -54.87 -37.38
N GLN C 90 -6.82 -55.76 -36.42
CA GLN C 90 -7.34 -55.60 -35.07
C GLN C 90 -6.15 -55.23 -34.22
N PRO C 91 -6.30 -54.61 -33.06
CA PRO C 91 -5.19 -54.18 -32.23
C PRO C 91 -3.93 -55.07 -32.26
N LEU C 92 -4.08 -56.37 -31.97
CA LEU C 92 -2.94 -57.27 -31.94
C LEU C 92 -3.07 -58.46 -32.91
N THR C 93 -4.09 -58.45 -33.76
CA THR C 93 -4.35 -59.60 -34.65
C THR C 93 -4.83 -59.17 -36.03
N PHE C 94 -4.92 -60.09 -36.98
CA PHE C 94 -5.47 -59.75 -38.29
C PHE C 94 -6.60 -60.70 -38.63
N GLY C 95 -7.58 -60.23 -39.40
CA GLY C 95 -8.66 -61.10 -39.86
C GLY C 95 -8.19 -61.96 -41.04
N GLY C 96 -9.05 -62.89 -41.46
CA GLY C 96 -8.73 -63.81 -42.57
C GLY C 96 -8.48 -63.15 -43.93
N GLY C 97 -9.19 -62.06 -44.20
CA GLY C 97 -9.07 -61.32 -45.45
C GLY C 97 -10.06 -61.73 -46.52
N THR C 98 -10.41 -60.79 -47.39
CA THR C 98 -11.28 -61.09 -48.54
C THR C 98 -10.53 -60.95 -49.82
N LYS C 99 -10.48 -62.03 -50.58
CA LYS C 99 -9.77 -61.96 -51.85
C LYS C 99 -10.68 -61.38 -52.88
N VAL C 100 -10.29 -60.27 -53.48
CA VAL C 100 -11.16 -59.67 -54.47
C VAL C 100 -10.62 -60.05 -55.84
N GLU C 101 -11.46 -60.66 -56.67
CA GLU C 101 -11.07 -61.16 -57.99
C GLU C 101 -11.91 -60.58 -59.10
N ILE C 102 -11.32 -60.49 -60.29
CA ILE C 102 -12.06 -59.98 -61.43
C ILE C 102 -12.93 -61.12 -61.98
N LYS C 103 -14.25 -60.85 -62.12
CA LYS C 103 -15.27 -61.79 -62.61
C LYS C 103 -14.96 -62.25 -64.05
N CYS D 15 -17.52 4.12 -65.77
CA CYS D 15 -16.25 4.81 -65.70
C CYS D 15 -16.26 6.05 -66.63
N VAL D 16 -16.86 7.16 -66.14
CA VAL D 16 -17.02 8.45 -66.82
C VAL D 16 -16.51 9.64 -65.99
N ASN D 17 -15.68 10.53 -66.57
CA ASN D 17 -15.20 11.78 -65.96
C ASN D 17 -16.17 12.90 -66.35
N LEU D 18 -16.96 13.44 -65.39
CA LEU D 18 -18.01 14.46 -65.64
C LEU D 18 -17.45 15.85 -65.85
N THR D 19 -18.08 16.58 -66.75
CA THR D 19 -17.70 17.95 -67.04
C THR D 19 -18.90 18.88 -67.00
N THR D 20 -18.68 20.16 -67.35
CA THR D 20 -19.62 21.32 -67.37
C THR D 20 -19.87 21.94 -65.98
N ARG D 21 -19.22 21.39 -64.97
CA ARG D 21 -19.31 21.89 -63.61
C ARG D 21 -18.48 23.16 -63.50
N THR D 22 -18.86 24.06 -62.60
CA THR D 22 -18.07 25.27 -62.43
C THR D 22 -17.08 25.11 -61.31
N GLN D 23 -16.23 26.12 -61.14
CA GLN D 23 -15.26 26.07 -60.06
C GLN D 23 -15.45 27.19 -59.07
N LEU D 24 -15.97 26.83 -57.91
CA LEU D 24 -16.24 27.76 -56.84
C LEU D 24 -15.68 27.20 -55.55
N PRO D 25 -15.25 28.03 -54.59
CA PRO D 25 -14.73 27.64 -53.30
C PRO D 25 -15.85 27.08 -52.43
N PRO D 26 -15.52 26.29 -51.40
CA PRO D 26 -16.41 25.75 -50.40
C PRO D 26 -16.89 26.85 -49.50
N ALA D 27 -18.06 26.65 -48.92
CA ALA D 27 -18.62 27.56 -47.96
C ALA D 27 -18.41 26.98 -46.60
N TYR D 28 -18.52 27.78 -45.56
CA TYR D 28 -18.39 27.19 -44.24
C TYR D 28 -19.58 27.57 -43.40
N THR D 29 -19.98 26.66 -42.51
CA THR D 29 -21.10 26.93 -41.62
C THR D 29 -20.81 26.63 -40.16
N ASN D 30 -21.73 27.09 -39.33
CA ASN D 30 -21.75 26.94 -37.88
C ASN D 30 -22.42 25.65 -37.47
N SER D 31 -21.68 24.74 -36.82
CA SER D 31 -22.20 23.45 -36.40
C SER D 31 -23.21 23.53 -35.27
N PHE D 32 -23.24 24.67 -34.63
CA PHE D 32 -24.09 24.95 -33.49
C PHE D 32 -23.96 23.86 -32.45
N THR D 33 -25.06 23.18 -32.17
CA THR D 33 -25.14 22.14 -31.18
C THR D 33 -25.41 20.74 -31.72
N ARG D 34 -25.14 20.53 -32.99
CA ARG D 34 -25.32 19.24 -33.63
C ARG D 34 -24.06 18.37 -33.44
N GLY D 35 -24.18 17.05 -33.60
CA GLY D 35 -23.01 16.17 -33.56
C GLY D 35 -22.86 15.30 -32.31
N VAL D 36 -23.88 15.33 -31.48
CA VAL D 36 -24.00 14.53 -30.27
C VAL D 36 -24.72 13.25 -30.61
N TYR D 37 -24.25 12.17 -30.03
CA TYR D 37 -24.82 10.86 -30.24
C TYR D 37 -24.78 10.10 -28.95
N TYR D 38 -25.59 9.05 -28.85
CA TYR D 38 -25.57 8.25 -27.64
C TYR D 38 -24.22 7.53 -27.58
N PRO D 39 -23.38 7.80 -26.57
CA PRO D 39 -22.03 7.29 -26.43
C PRO D 39 -21.99 5.85 -25.98
N ASP D 40 -23.13 5.32 -25.59
CA ASP D 40 -23.21 4.01 -25.03
C ASP D 40 -24.56 3.40 -25.31
N LYS D 41 -24.76 2.18 -24.87
CA LYS D 41 -26.01 1.47 -25.06
C LYS D 41 -26.82 1.47 -23.78
N VAL D 42 -26.18 1.67 -22.65
CA VAL D 42 -26.89 1.60 -21.40
C VAL D 42 -27.99 2.63 -21.25
N PHE D 43 -29.17 2.19 -20.80
CA PHE D 43 -30.27 3.09 -20.53
C PHE D 43 -29.98 3.90 -19.28
N ARG D 44 -30.19 5.19 -19.37
CA ARG D 44 -30.04 6.08 -18.24
C ARG D 44 -31.27 6.90 -18.22
N SER D 45 -31.69 7.41 -17.07
CA SER D 45 -32.87 8.25 -17.01
C SER D 45 -32.83 9.30 -15.94
N SER D 46 -33.21 10.53 -16.32
CA SER D 46 -33.23 11.69 -15.43
C SER D 46 -31.89 11.93 -14.71
N VAL D 47 -30.80 11.86 -15.46
CA VAL D 47 -29.44 12.07 -14.95
C VAL D 47 -28.59 12.96 -15.81
N LEU D 48 -27.52 13.49 -15.22
CA LEU D 48 -26.54 14.19 -16.02
C LEU D 48 -25.31 13.34 -16.01
N HIS D 49 -24.87 12.91 -17.18
CA HIS D 49 -23.74 12.02 -17.27
C HIS D 49 -22.56 12.64 -17.99
N SER D 50 -21.40 12.61 -17.35
CA SER D 50 -20.20 13.16 -17.95
C SER D 50 -19.45 12.09 -18.69
N THR D 51 -19.16 12.33 -19.96
CA THR D 51 -18.47 11.36 -20.79
C THR D 51 -17.41 11.94 -21.70
N GLN D 52 -16.39 11.15 -22.00
CA GLN D 52 -15.34 11.56 -22.92
C GLN D 52 -15.34 10.67 -24.14
N ASP D 53 -15.48 11.29 -25.30
CA ASP D 53 -15.55 10.60 -26.59
C ASP D 53 -15.22 11.56 -27.71
N LEU D 54 -15.24 11.07 -28.95
CA LEU D 54 -15.02 11.94 -30.09
C LEU D 54 -16.35 12.46 -30.59
N PHE D 55 -16.55 13.75 -30.43
CA PHE D 55 -17.81 14.41 -30.74
C PHE D 55 -17.56 15.59 -31.64
N LEU D 56 -18.57 16.02 -32.39
CA LEU D 56 -18.31 17.25 -33.13
C LEU D 56 -18.26 18.32 -32.04
N PRO D 57 -17.25 19.21 -31.96
CA PRO D 57 -17.19 20.28 -31.00
C PRO D 57 -18.35 21.20 -31.24
N PHE D 58 -18.85 21.86 -30.22
CA PHE D 58 -19.92 22.81 -30.46
C PHE D 58 -19.36 24.06 -31.10
N PHE D 59 -20.17 24.62 -31.99
CA PHE D 59 -19.89 25.82 -32.76
C PHE D 59 -18.63 25.72 -33.60
N SER D 60 -18.38 24.53 -34.15
CA SER D 60 -17.24 24.26 -35.00
C SER D 60 -17.49 24.78 -36.43
N ASN D 61 -16.38 24.86 -37.23
CA ASN D 61 -16.38 25.25 -38.63
C ASN D 61 -16.54 24.01 -39.53
N VAL D 62 -17.74 23.85 -40.12
CA VAL D 62 -18.19 22.71 -40.94
C VAL D 62 -18.11 23.06 -42.42
N THR D 63 -17.52 22.20 -43.23
CA THR D 63 -17.39 22.56 -44.62
C THR D 63 -18.69 22.25 -45.35
N TRP D 64 -19.19 23.22 -46.08
CA TRP D 64 -20.43 23.16 -46.82
C TRP D 64 -20.22 22.97 -48.31
N PHE D 65 -20.71 21.84 -48.80
CA PHE D 65 -20.58 21.37 -50.17
C PHE D 65 -21.91 21.49 -50.87
N HIS D 66 -21.89 21.73 -52.17
CA HIS D 66 -23.13 21.87 -52.90
C HIS D 66 -23.21 20.94 -54.09
N ALA D 67 -24.44 20.53 -54.39
CA ALA D 67 -24.71 19.77 -55.58
C ALA D 67 -25.99 20.28 -56.19
N ILE D 68 -25.94 21.52 -56.68
CA ILE D 68 -27.09 22.22 -57.23
C ILE D 68 -26.83 22.74 -58.65
N HIS D 69 -27.72 22.42 -59.59
CA HIS D 69 -27.62 22.90 -60.99
C HIS D 69 -27.45 24.43 -61.20
N VAL D 70 -28.27 25.25 -60.50
CA VAL D 70 -28.32 26.71 -60.56
C VAL D 70 -28.82 27.11 -61.97
N THR D 76 -22.04 27.78 -63.59
CA THR D 76 -22.59 28.00 -62.25
C THR D 76 -22.95 26.69 -61.48
N LYS D 77 -23.01 25.54 -62.20
CA LYS D 77 -23.39 24.21 -61.68
C LYS D 77 -22.43 23.55 -60.71
N ARG D 78 -23.00 23.06 -59.62
CA ARG D 78 -22.25 22.41 -58.57
C ARG D 78 -22.65 20.95 -58.46
N PHE D 79 -21.70 20.14 -58.02
CA PHE D 79 -21.90 18.72 -57.81
C PHE D 79 -20.91 18.35 -56.76
N ASP D 80 -19.81 19.08 -56.80
CA ASP D 80 -18.68 18.86 -55.95
C ASP D 80 -18.24 17.39 -55.91
N ASN D 81 -18.55 16.71 -54.80
CA ASN D 81 -18.14 15.33 -54.53
C ASN D 81 -16.62 15.05 -54.54
N PRO D 82 -15.80 15.81 -53.78
CA PRO D 82 -14.37 15.66 -53.60
C PRO D 82 -14.02 14.54 -52.67
N VAL D 83 -12.75 14.15 -52.66
CA VAL D 83 -12.29 13.21 -51.65
C VAL D 83 -11.87 14.02 -50.43
N LEU D 84 -12.39 13.66 -49.27
CA LEU D 84 -12.12 14.35 -48.02
C LEU D 84 -11.34 13.48 -47.06
N PRO D 85 -10.53 14.04 -46.15
CA PRO D 85 -9.90 13.32 -45.06
C PRO D 85 -10.96 12.73 -44.16
N PHE D 86 -10.66 11.61 -43.54
CA PHE D 86 -11.55 11.00 -42.55
C PHE D 86 -11.07 11.36 -41.15
N ASN D 87 -9.76 11.51 -41.02
CA ASN D 87 -9.10 11.80 -39.77
C ASN D 87 -9.50 10.85 -38.65
N ASP D 88 -10.09 11.38 -37.57
CA ASP D 88 -10.44 10.55 -36.42
C ASP D 88 -11.89 10.10 -36.41
N GLY D 89 -12.58 10.36 -37.50
CA GLY D 89 -13.99 10.05 -37.62
C GLY D 89 -14.70 11.32 -37.98
N VAL D 90 -15.82 11.20 -38.66
CA VAL D 90 -16.49 12.39 -39.14
C VAL D 90 -17.94 12.53 -38.85
N TYR D 91 -18.37 13.77 -38.96
CA TYR D 91 -19.77 14.13 -38.89
C TYR D 91 -20.24 14.48 -40.26
N PHE D 92 -21.28 13.83 -40.69
CA PHE D 92 -21.80 14.09 -42.00
C PHE D 92 -23.25 14.46 -41.90
N ALA D 93 -23.66 15.49 -42.58
CA ALA D 93 -25.06 15.81 -42.54
C ALA D 93 -25.51 16.28 -43.88
N SER D 94 -26.74 16.01 -44.19
CA SER D 94 -27.22 16.48 -45.45
C SER D 94 -28.65 16.88 -45.45
N THR D 95 -28.96 17.77 -46.36
CA THR D 95 -30.31 18.20 -46.56
C THR D 95 -30.67 17.94 -48.00
N GLU D 96 -31.83 17.35 -48.18
CA GLU D 96 -32.31 17.05 -49.51
C GLU D 96 -33.82 16.88 -49.55
N LYS D 97 -34.32 16.71 -50.76
CA LYS D 97 -35.72 16.40 -50.95
C LYS D 97 -35.99 15.24 -51.92
N SER D 98 -34.94 14.69 -52.57
CA SER D 98 -35.16 13.65 -53.58
C SER D 98 -34.15 12.50 -53.65
N ASN D 99 -33.62 12.01 -52.53
CA ASN D 99 -32.69 10.86 -52.57
C ASN D 99 -31.49 11.01 -53.53
N ILE D 100 -30.76 12.10 -53.39
CA ILE D 100 -29.61 12.41 -54.21
C ILE D 100 -28.34 11.93 -53.55
N ILE D 101 -28.23 12.12 -52.26
CA ILE D 101 -27.01 11.74 -51.56
C ILE D 101 -27.22 10.31 -51.09
N ARG D 102 -26.46 9.37 -51.68
CA ARG D 102 -26.72 7.96 -51.43
C ARG D 102 -25.64 7.13 -50.80
N GLY D 103 -24.40 7.58 -50.81
CA GLY D 103 -23.43 6.66 -50.26
C GLY D 103 -22.05 7.20 -50.03
N TRP D 104 -21.18 6.30 -49.59
CA TRP D 104 -19.82 6.67 -49.26
C TRP D 104 -18.80 5.60 -49.61
N ILE D 105 -17.60 6.05 -49.89
CA ILE D 105 -16.47 5.18 -50.10
C ILE D 105 -15.43 5.49 -49.04
N PHE D 106 -14.98 4.48 -48.30
CA PHE D 106 -13.98 4.72 -47.27
C PHE D 106 -12.74 3.85 -47.44
N GLY D 107 -11.56 4.41 -47.16
CA GLY D 107 -10.35 3.59 -47.24
C GLY D 107 -9.06 4.41 -47.18
N THR D 108 -7.94 3.82 -47.59
CA THR D 108 -6.67 4.54 -47.58
C THR D 108 -6.12 4.89 -48.96
N THR D 109 -6.57 4.20 -49.99
CA THR D 109 -6.07 4.40 -51.35
C THR D 109 -7.21 4.52 -52.35
N LEU D 110 -8.10 3.53 -52.27
CA LEU D 110 -9.25 3.37 -53.16
C LEU D 110 -8.84 3.07 -54.62
N ASP D 111 -7.76 2.27 -54.77
CA ASP D 111 -7.23 1.89 -56.07
C ASP D 111 -7.04 0.38 -56.33
N SER D 112 -7.77 -0.48 -55.60
CA SER D 112 -7.71 -1.97 -55.69
C SER D 112 -6.49 -2.62 -55.03
N LYS D 113 -5.57 -1.82 -54.47
CA LYS D 113 -4.40 -2.43 -53.84
C LYS D 113 -4.71 -2.94 -52.44
N THR D 114 -5.73 -2.39 -51.80
CA THR D 114 -6.08 -2.81 -50.44
C THR D 114 -7.58 -2.95 -50.28
N GLN D 115 -7.99 -3.38 -49.09
CA GLN D 115 -9.42 -3.51 -48.84
C GLN D 115 -10.03 -2.14 -48.59
N SER D 116 -11.14 -1.87 -49.26
CA SER D 116 -11.86 -0.61 -49.11
C SER D 116 -13.34 -0.88 -48.89
N LEU D 117 -13.99 0.05 -48.21
CA LEU D 117 -15.41 -0.06 -47.87
C LEU D 117 -16.36 0.77 -48.71
N LEU D 118 -17.32 0.10 -49.32
CA LEU D 118 -18.30 0.76 -50.12
C LEU D 118 -19.71 0.61 -49.55
N ILE D 119 -20.36 1.75 -49.26
CA ILE D 119 -21.72 1.72 -48.76
C ILE D 119 -22.63 2.47 -49.70
N VAL D 120 -23.57 1.77 -50.35
CA VAL D 120 -24.45 2.47 -51.29
C VAL D 120 -25.93 2.23 -51.10
N ASN D 121 -26.66 3.32 -50.94
CA ASN D 121 -28.10 3.23 -50.84
C ASN D 121 -28.67 3.27 -52.25
N ASN D 122 -28.74 2.12 -52.87
CA ASN D 122 -29.23 1.99 -54.23
C ASN D 122 -30.72 2.07 -54.15
N ALA D 123 -31.41 2.36 -55.24
CA ALA D 123 -32.85 2.44 -55.12
C ALA D 123 -33.51 1.20 -54.57
N THR D 124 -32.98 -0.01 -54.82
CA THR D 124 -33.70 -1.17 -54.31
C THR D 124 -33.06 -1.92 -53.13
N ASN D 125 -31.75 -1.83 -52.94
CA ASN D 125 -31.09 -2.59 -51.86
C ASN D 125 -29.92 -1.83 -51.26
N VAL D 126 -29.77 -1.82 -49.95
CA VAL D 126 -28.61 -1.15 -49.39
C VAL D 126 -27.47 -2.12 -49.37
N VAL D 127 -26.36 -1.74 -49.98
CA VAL D 127 -25.24 -2.65 -50.07
C VAL D 127 -24.01 -2.17 -49.35
N ILE D 128 -23.51 -3.02 -48.45
CA ILE D 128 -22.28 -2.75 -47.74
C ILE D 128 -21.25 -3.81 -48.09
N LYS D 129 -20.16 -3.41 -48.72
CA LYS D 129 -19.14 -4.37 -49.12
C LYS D 129 -17.73 -3.92 -48.83
N VAL D 130 -16.88 -4.86 -48.49
CA VAL D 130 -15.47 -4.56 -48.32
C VAL D 130 -14.70 -5.47 -49.27
N CYS D 131 -14.01 -4.86 -50.27
CA CYS D 131 -13.32 -5.57 -51.36
C CYS D 131 -12.11 -4.79 -51.84
N GLU D 132 -11.33 -5.44 -52.70
CA GLU D 132 -10.20 -4.80 -53.32
C GLU D 132 -10.74 -4.11 -54.56
N PHE D 133 -11.40 -3.01 -54.28
CA PHE D 133 -12.10 -2.23 -55.26
C PHE D 133 -11.23 -1.29 -56.03
N GLN D 134 -11.52 -1.21 -57.31
CA GLN D 134 -10.91 -0.24 -58.18
C GLN D 134 -11.98 0.75 -58.45
N PHE D 135 -11.87 1.88 -57.82
CA PHE D 135 -12.87 2.90 -57.91
C PHE D 135 -12.65 3.79 -59.10
N CYS D 136 -13.73 4.36 -59.57
CA CYS D 136 -13.68 5.34 -60.64
C CYS D 136 -13.10 6.60 -60.00
N ASN D 137 -12.47 7.47 -60.77
CA ASN D 137 -11.88 8.69 -60.18
C ASN D 137 -12.87 9.83 -60.11
N ASP D 138 -14.08 9.54 -60.53
CA ASP D 138 -15.23 10.41 -60.49
C ASP D 138 -16.44 9.49 -60.44
N PRO D 139 -16.64 8.75 -59.34
CA PRO D 139 -17.69 7.78 -59.21
C PRO D 139 -19.03 8.46 -59.08
N PHE D 140 -20.05 7.83 -59.61
CA PHE D 140 -21.41 8.34 -59.44
C PHE D 140 -22.51 7.33 -59.70
N LEU D 141 -23.69 7.72 -59.26
CA LEU D 141 -24.94 7.00 -59.42
C LEU D 141 -25.87 7.85 -60.31
N GLY D 142 -26.93 7.28 -60.88
CA GLY D 142 -27.86 8.21 -61.57
C GLY D 142 -29.21 7.63 -62.02
N VAL D 143 -30.14 8.57 -62.25
CA VAL D 143 -31.55 8.37 -62.62
C VAL D 143 -31.95 9.12 -63.89
N TYR D 144 -32.67 8.44 -64.77
CA TYR D 144 -33.12 9.03 -66.01
C TYR D 144 -34.63 9.32 -65.99
N TYR D 145 -35.00 10.51 -66.42
CA TYR D 145 -36.40 10.90 -66.49
C TYR D 145 -36.98 10.97 -67.92
N HIS D 146 -38.15 10.32 -68.11
CA HIS D 146 -38.93 10.25 -69.34
C HIS D 146 -40.04 11.33 -69.29
N TRP D 152 -38.80 8.61 -63.69
CA TRP D 152 -37.66 8.69 -62.80
C TRP D 152 -37.23 7.25 -62.39
N MET D 153 -36.36 6.62 -63.23
CA MET D 153 -35.85 5.24 -63.03
C MET D 153 -34.33 5.23 -63.04
N GLU D 154 -33.71 4.37 -62.24
CA GLU D 154 -32.25 4.33 -62.26
C GLU D 154 -31.71 3.88 -63.58
N SER D 155 -30.65 4.54 -64.01
CA SER D 155 -29.96 4.17 -65.23
C SER D 155 -28.48 3.93 -65.03
N GLU D 156 -27.89 4.45 -63.95
CA GLU D 156 -26.45 4.32 -63.79
C GLU D 156 -25.94 3.94 -62.42
N PHE D 157 -24.86 3.18 -62.49
CA PHE D 157 -24.01 2.81 -61.37
C PHE D 157 -22.60 2.74 -61.91
N ARG D 158 -21.82 3.76 -61.64
CA ARG D 158 -20.45 3.84 -62.14
C ARG D 158 -19.57 4.21 -60.98
N VAL D 159 -19.39 3.28 -60.08
CA VAL D 159 -18.66 3.54 -58.86
C VAL D 159 -17.28 2.91 -58.95
N TYR D 160 -17.24 1.69 -59.44
CA TYR D 160 -16.02 0.93 -59.54
C TYR D 160 -16.01 0.07 -60.78
N SER D 161 -14.81 -0.29 -61.21
CA SER D 161 -14.58 -1.19 -62.34
C SER D 161 -14.27 -2.59 -61.85
N SER D 162 -13.87 -2.71 -60.59
CA SER D 162 -13.51 -4.00 -60.01
C SER D 162 -13.82 -4.05 -58.52
N ALA D 163 -14.13 -5.25 -58.03
CA ALA D 163 -14.40 -5.51 -56.62
C ALA D 163 -13.93 -6.91 -56.27
N ASN D 164 -12.63 -7.17 -56.29
CA ASN D 164 -12.24 -8.57 -56.12
C ASN D 164 -11.88 -8.88 -54.68
N ASN D 165 -11.58 -10.14 -54.41
CA ASN D 165 -11.08 -10.53 -53.10
C ASN D 165 -11.89 -9.95 -51.91
N CYS D 166 -13.25 -10.05 -51.98
CA CYS D 166 -14.18 -9.51 -50.97
C CYS D 166 -14.10 -10.26 -49.63
N THR D 167 -14.09 -9.48 -48.56
CA THR D 167 -14.03 -10.01 -47.20
C THR D 167 -15.30 -9.79 -46.40
N PHE D 168 -16.11 -8.82 -46.80
CA PHE D 168 -17.33 -8.53 -46.07
C PHE D 168 -18.45 -8.17 -47.00
N GLU D 169 -19.63 -8.73 -46.76
CA GLU D 169 -20.77 -8.33 -47.55
C GLU D 169 -22.09 -8.46 -46.83
N TYR D 170 -22.88 -7.40 -46.94
CA TYR D 170 -24.24 -7.33 -46.44
C TYR D 170 -25.15 -6.63 -47.42
N VAL D 171 -26.33 -7.19 -47.64
CA VAL D 171 -27.31 -6.52 -48.49
C VAL D 171 -28.65 -6.48 -47.77
N SER D 172 -29.25 -5.30 -47.70
CA SER D 172 -30.54 -5.18 -47.03
C SER D 172 -31.68 -5.69 -47.88
N GLN D 173 -32.82 -5.87 -47.22
CA GLN D 173 -34.07 -6.32 -47.80
C GLN D 173 -34.54 -5.35 -48.89
N PRO D 174 -35.03 -5.85 -50.04
CA PRO D 174 -35.52 -5.03 -51.13
C PRO D 174 -36.58 -4.03 -50.67
N PHE D 175 -36.48 -2.82 -51.20
CA PHE D 175 -37.40 -1.74 -50.86
C PHE D 175 -37.62 -0.81 -52.04
N LEU D 176 -38.63 0.03 -51.96
CA LEU D 176 -38.87 1.01 -53.02
C LEU D 176 -38.37 2.40 -52.66
N MET D 177 -37.49 2.95 -53.49
CA MET D 177 -36.99 4.29 -53.25
C MET D 177 -37.76 5.29 -54.09
N ASP D 178 -38.07 6.42 -53.49
CA ASP D 178 -38.74 7.50 -54.19
C ASP D 178 -37.73 8.32 -55.00
N LEU D 179 -37.76 8.18 -56.32
CA LEU D 179 -36.80 8.83 -57.18
C LEU D 179 -37.35 10.10 -57.81
N GLU D 180 -38.55 10.48 -57.42
CA GLU D 180 -39.24 11.62 -58.01
C GLU D 180 -38.52 12.95 -57.82
N GLY D 181 -38.42 13.72 -58.90
CA GLY D 181 -37.79 15.03 -58.90
C GLY D 181 -38.70 16.09 -58.27
N LYS D 182 -38.87 15.96 -56.96
CA LYS D 182 -39.72 16.81 -56.13
C LYS D 182 -39.14 18.20 -56.00
N GLN D 183 -40.04 19.17 -55.87
CA GLN D 183 -39.65 20.57 -55.74
C GLN D 183 -39.91 21.13 -54.33
N GLY D 184 -39.52 22.40 -54.10
CA GLY D 184 -39.69 23.03 -52.78
C GLY D 184 -38.36 23.14 -52.04
N ASN D 185 -38.43 23.30 -50.71
CA ASN D 185 -37.25 23.52 -49.88
C ASN D 185 -36.73 22.16 -49.49
N PHE D 186 -35.63 22.06 -48.75
CA PHE D 186 -35.17 20.73 -48.39
C PHE D 186 -36.12 20.27 -47.32
N LYS D 187 -36.50 18.98 -47.38
CA LYS D 187 -37.50 18.42 -46.46
C LYS D 187 -36.96 17.39 -45.48
N ASN D 188 -35.82 16.79 -45.83
CA ASN D 188 -35.27 15.72 -45.04
C ASN D 188 -33.84 15.95 -44.58
N LEU D 189 -33.64 16.01 -43.27
CA LEU D 189 -32.31 16.16 -42.71
C LEU D 189 -31.83 14.87 -42.18
N ARG D 190 -30.69 14.45 -42.69
CA ARG D 190 -30.12 13.20 -42.25
C ARG D 190 -28.75 13.45 -41.70
N GLU D 191 -28.54 13.01 -40.48
CA GLU D 191 -27.25 13.22 -39.86
C GLU D 191 -26.63 11.91 -39.52
N PHE D 192 -25.34 11.80 -39.75
CA PHE D 192 -24.58 10.61 -39.46
C PHE D 192 -23.25 10.86 -38.78
N VAL D 193 -22.84 9.90 -37.99
CA VAL D 193 -21.50 9.88 -37.43
C VAL D 193 -20.82 8.60 -37.83
N PHE D 194 -19.64 8.75 -38.41
CA PHE D 194 -18.85 7.63 -38.88
C PHE D 194 -17.54 7.51 -38.14
N LYS D 195 -17.38 6.45 -37.38
CA LYS D 195 -16.18 6.25 -36.57
C LYS D 195 -15.50 4.93 -36.86
N ASN D 196 -14.19 4.85 -36.64
CA ASN D 196 -13.51 3.57 -36.84
C ASN D 196 -12.69 3.20 -35.62
N ILE D 197 -13.26 2.33 -34.79
CA ILE D 197 -12.63 1.94 -33.53
C ILE D 197 -12.37 0.46 -33.43
N ASP D 198 -11.11 0.11 -33.30
CA ASP D 198 -10.69 -1.27 -33.16
C ASP D 198 -11.25 -2.17 -34.25
N GLY D 199 -11.28 -1.66 -35.47
CA GLY D 199 -11.76 -2.43 -36.60
C GLY D 199 -13.26 -2.32 -36.84
N TYR D 200 -13.98 -1.64 -35.95
CA TYR D 200 -15.41 -1.52 -36.13
C TYR D 200 -15.80 -0.21 -36.75
N PHE D 201 -16.57 -0.29 -37.81
CA PHE D 201 -17.01 0.92 -38.43
C PHE D 201 -18.38 1.18 -37.84
N LYS D 202 -18.44 2.21 -37.01
CA LYS D 202 -19.63 2.50 -36.25
C LYS D 202 -20.43 3.60 -36.89
N ILE D 203 -21.69 3.32 -37.14
CA ILE D 203 -22.54 4.31 -37.77
C ILE D 203 -23.70 4.66 -36.88
N TYR D 204 -23.86 5.95 -36.67
CA TYR D 204 -24.97 6.52 -35.88
C TYR D 204 -25.76 7.40 -36.80
N SER D 205 -27.05 7.57 -36.55
CA SER D 205 -27.81 8.51 -37.36
C SER D 205 -29.11 8.97 -36.77
N LYS D 206 -29.65 10.02 -37.39
CA LYS D 206 -30.96 10.56 -37.05
C LYS D 206 -31.60 11.15 -38.29
N HIS D 207 -32.91 10.97 -38.43
CA HIS D 207 -33.68 11.54 -39.51
C HIS D 207 -34.77 12.45 -38.96
N THR D 208 -34.70 13.74 -39.28
CA THR D 208 -35.68 14.68 -38.80
C THR D 208 -36.24 15.48 -39.97
N PRO D 209 -37.48 15.98 -39.90
CA PRO D 209 -38.08 16.86 -40.89
C PRO D 209 -37.49 18.24 -40.81
N ILE D 210 -37.33 18.85 -41.97
CA ILE D 210 -36.85 20.22 -42.12
C ILE D 210 -37.62 21.06 -43.13
N ASN D 211 -37.38 22.36 -43.07
CA ASN D 211 -37.84 23.32 -44.06
C ASN D 211 -36.67 24.26 -44.32
N LEU D 212 -35.67 23.80 -45.08
CA LEU D 212 -34.42 24.56 -45.19
C LEU D 212 -33.95 24.90 -46.58
N VAL D 213 -33.28 26.05 -46.68
CA VAL D 213 -32.71 26.47 -47.95
C VAL D 213 -31.19 26.70 -47.98
N ARG D 214 -30.51 26.76 -46.83
CA ARG D 214 -29.07 27.06 -46.86
C ARG D 214 -28.18 26.35 -45.84
N ASP D 215 -28.61 26.22 -44.60
CA ASP D 215 -27.68 25.74 -43.58
C ASP D 215 -28.37 24.76 -42.65
N LEU D 216 -27.64 24.24 -41.68
CA LEU D 216 -28.17 23.31 -40.72
C LEU D 216 -29.01 24.10 -39.73
N PRO D 217 -30.06 23.51 -39.17
CA PRO D 217 -30.91 24.12 -38.19
C PRO D 217 -30.17 24.25 -36.87
N GLN D 218 -30.47 25.30 -36.13
CA GLN D 218 -29.87 25.50 -34.82
C GLN D 218 -30.67 24.80 -33.74
N GLY D 219 -30.57 23.49 -33.72
CA GLY D 219 -31.30 22.67 -32.77
C GLY D 219 -30.44 21.58 -32.16
N PHE D 220 -31.07 20.66 -31.44
CA PHE D 220 -30.34 19.60 -30.78
C PHE D 220 -31.09 18.28 -30.83
N SER D 221 -30.37 17.22 -31.15
CA SER D 221 -30.89 15.86 -31.15
C SER D 221 -29.71 14.93 -31.10
N ALA D 222 -29.78 13.85 -30.32
CA ALA D 222 -28.67 12.91 -30.31
C ALA D 222 -28.92 11.82 -31.34
N LEU D 223 -27.86 11.40 -32.01
CA LEU D 223 -27.99 10.34 -33.00
C LEU D 223 -27.99 8.98 -32.31
N GLU D 224 -28.72 8.02 -32.87
CA GLU D 224 -28.79 6.69 -32.31
C GLU D 224 -27.88 5.78 -33.10
N PRO D 225 -27.32 4.72 -32.54
CA PRO D 225 -26.53 3.78 -33.28
C PRO D 225 -27.40 3.02 -34.24
N LEU D 226 -26.90 2.73 -35.44
CA LEU D 226 -27.61 1.89 -36.40
C LEU D 226 -26.95 0.57 -36.65
N VAL D 227 -25.65 0.62 -36.83
CA VAL D 227 -24.91 -0.58 -37.15
C VAL D 227 -23.50 -0.48 -36.65
N ASP D 228 -22.92 -1.62 -36.31
CA ASP D 228 -21.55 -1.69 -35.86
C ASP D 228 -20.90 -2.80 -36.67
N LEU D 229 -20.13 -2.41 -37.69
CA LEU D 229 -19.59 -3.34 -38.67
C LEU D 229 -18.17 -3.87 -38.36
N PRO D 230 -17.99 -5.20 -38.18
CA PRO D 230 -16.73 -5.87 -37.84
C PRO D 230 -15.87 -6.02 -39.09
N ILE D 231 -15.29 -4.93 -39.55
CA ILE D 231 -14.57 -4.94 -40.81
C ILE D 231 -13.07 -5.11 -40.75
N GLY D 232 -12.39 -4.42 -39.85
CA GLY D 232 -10.93 -4.55 -39.78
C GLY D 232 -10.10 -3.76 -40.80
N ILE D 233 -10.56 -2.61 -41.29
CA ILE D 233 -9.73 -1.89 -42.27
C ILE D 233 -9.38 -0.51 -41.78
N ASN D 234 -8.33 0.02 -42.38
CA ASN D 234 -7.77 1.35 -42.16
C ASN D 234 -8.46 2.38 -43.03
N ILE D 235 -9.07 3.40 -42.43
CA ILE D 235 -9.72 4.44 -43.21
C ILE D 235 -9.05 5.77 -42.94
N THR D 236 -8.53 6.42 -43.97
CA THR D 236 -7.90 7.72 -43.79
C THR D 236 -8.57 8.80 -44.61
N ARG D 237 -9.32 8.40 -45.66
CA ARG D 237 -10.01 9.30 -46.57
C ARG D 237 -11.34 8.72 -46.95
N PHE D 238 -12.27 9.57 -47.38
CA PHE D 238 -13.52 9.06 -47.87
C PHE D 238 -14.11 9.97 -48.94
N GLN D 239 -15.06 9.45 -49.68
CA GLN D 239 -15.73 10.25 -50.70
C GLN D 239 -17.21 9.95 -50.66
N THR D 240 -18.07 10.93 -50.93
CA THR D 240 -19.48 10.59 -50.91
C THR D 240 -19.93 10.13 -52.28
N LEU D 241 -21.16 9.72 -52.39
CA LEU D 241 -21.73 9.33 -53.67
C LEU D 241 -23.05 10.00 -53.91
N LEU D 242 -23.11 10.73 -55.01
CA LEU D 242 -24.28 11.48 -55.39
C LEU D 242 -24.89 10.89 -56.64
N ALA D 243 -26.21 10.99 -56.75
CA ALA D 243 -26.89 10.62 -57.96
C ALA D 243 -26.95 11.80 -58.91
N LEU D 244 -26.88 11.51 -60.19
CA LEU D 244 -27.04 12.47 -61.26
C LEU D 244 -28.41 12.35 -61.86
N HIS D 245 -28.91 13.45 -62.38
CA HIS D 245 -30.17 13.39 -63.08
C HIS D 245 -29.97 13.64 -64.56
N ARG D 246 -30.59 12.79 -65.36
CA ARG D 246 -30.56 12.90 -66.80
C ARG D 246 -31.99 12.83 -67.25
N SER D 247 -32.28 13.31 -68.44
CA SER D 247 -33.65 13.28 -68.92
C SER D 247 -33.72 13.39 -70.41
N TYR D 248 -34.90 13.20 -70.92
CA TYR D 248 -35.22 13.34 -72.35
C TYR D 248 -34.95 14.76 -72.90
N LEU D 249 -34.86 15.75 -72.01
CA LEU D 249 -34.60 17.13 -72.40
C LEU D 249 -33.12 17.54 -72.23
N THR D 250 -32.30 16.58 -71.86
CA THR D 250 -30.88 16.79 -71.57
C THR D 250 -30.07 16.13 -72.71
N PRO D 251 -28.92 16.69 -73.15
CA PRO D 251 -28.04 16.08 -74.12
C PRO D 251 -27.65 14.71 -73.61
N GLY D 252 -27.43 13.75 -74.51
CA GLY D 252 -27.11 12.38 -74.07
C GLY D 252 -25.63 12.09 -73.82
N ASP D 253 -24.75 13.07 -73.99
CA ASP D 253 -23.33 12.83 -73.78
C ASP D 253 -23.09 12.41 -72.34
N SER D 254 -22.40 11.31 -72.13
CA SER D 254 -22.20 10.83 -70.77
C SER D 254 -21.40 11.76 -69.84
N SER D 255 -20.55 12.62 -70.40
CA SER D 255 -19.74 13.52 -69.60
C SER D 255 -20.45 14.85 -69.36
N SER D 256 -21.03 15.42 -70.42
CA SER D 256 -21.67 16.74 -70.30
C SER D 256 -23.21 16.76 -70.19
N GLY D 257 -23.87 15.67 -70.58
CA GLY D 257 -25.31 15.56 -70.64
C GLY D 257 -25.99 15.24 -69.33
N TRP D 258 -25.82 16.10 -68.33
CA TRP D 258 -26.40 15.82 -67.02
C TRP D 258 -26.63 17.06 -66.17
N THR D 259 -27.51 16.93 -65.17
CA THR D 259 -27.74 18.00 -64.21
C THR D 259 -27.69 17.51 -62.75
N ALA D 260 -27.70 18.47 -61.84
CA ALA D 260 -27.68 18.17 -60.41
C ALA D 260 -28.99 18.59 -59.76
N GLY D 261 -29.74 17.60 -59.27
CA GLY D 261 -30.99 17.91 -58.61
C GLY D 261 -30.47 18.61 -57.38
N ALA D 262 -31.19 19.57 -56.84
CA ALA D 262 -30.57 20.23 -55.70
C ALA D 262 -30.45 19.35 -54.49
N ALA D 263 -29.27 19.42 -53.90
CA ALA D 263 -28.92 18.79 -52.63
C ALA D 263 -27.72 19.51 -52.04
N ALA D 264 -27.52 19.36 -50.74
CA ALA D 264 -26.31 19.92 -50.11
C ALA D 264 -25.88 19.07 -48.93
N TYR D 265 -24.60 19.13 -48.61
CA TYR D 265 -24.13 18.40 -47.44
C TYR D 265 -23.03 19.12 -46.72
N TYR D 266 -22.85 18.75 -45.48
CA TYR D 266 -21.91 19.40 -44.63
C TYR D 266 -20.99 18.36 -44.00
N VAL D 267 -19.70 18.64 -43.90
CA VAL D 267 -18.79 17.71 -43.25
C VAL D 267 -17.94 18.34 -42.16
N GLY D 268 -18.00 17.74 -40.97
CA GLY D 268 -17.23 18.21 -39.85
C GLY D 268 -16.34 17.09 -39.38
N TYR D 269 -15.52 17.35 -38.39
CA TYR D 269 -14.64 16.32 -37.88
C TYR D 269 -14.81 16.17 -36.41
N LEU D 270 -14.69 14.95 -35.94
CA LEU D 270 -14.84 14.71 -34.52
C LEU D 270 -13.53 14.97 -33.82
N GLN D 271 -13.61 15.44 -32.59
CA GLN D 271 -12.44 15.67 -31.78
C GLN D 271 -12.71 15.15 -30.39
N PRO D 272 -11.70 14.74 -29.62
CA PRO D 272 -11.90 14.34 -28.27
C PRO D 272 -12.36 15.51 -27.44
N ARG D 273 -13.46 15.30 -26.74
CA ARG D 273 -14.08 16.29 -25.89
C ARG D 273 -14.79 15.64 -24.74
N THR D 274 -14.98 16.44 -23.72
CA THR D 274 -15.78 15.99 -22.61
C THR D 274 -17.07 16.74 -22.69
N PHE D 275 -18.14 16.00 -22.59
CA PHE D 275 -19.49 16.52 -22.58
C PHE D 275 -20.28 16.13 -21.38
N LEU D 276 -21.12 17.05 -20.95
CA LEU D 276 -22.07 16.72 -19.91
C LEU D 276 -23.38 16.47 -20.64
N LEU D 277 -23.89 15.26 -20.61
CA LEU D 277 -25.11 14.94 -21.36
C LEU D 277 -26.31 14.83 -20.46
N LYS D 278 -27.39 15.47 -20.84
CA LYS D 278 -28.61 15.43 -20.06
C LYS D 278 -29.62 14.47 -20.58
N TYR D 279 -29.92 13.45 -19.75
CA TYR D 279 -30.90 12.41 -20.05
C TYR D 279 -32.17 12.75 -19.32
N ASN D 280 -33.26 12.84 -20.05
CA ASN D 280 -34.55 13.16 -19.47
C ASN D 280 -35.25 11.91 -19.00
N GLU D 281 -36.48 12.06 -18.54
CA GLU D 281 -37.21 10.89 -18.14
C GLU D 281 -37.37 10.15 -19.45
N ASN D 282 -37.44 8.81 -19.44
CA ASN D 282 -37.49 7.91 -20.61
C ASN D 282 -36.12 7.79 -21.33
N GLY D 283 -35.03 8.43 -20.83
CA GLY D 283 -33.66 8.25 -21.32
C GLY D 283 -33.22 8.92 -22.61
N THR D 284 -33.90 9.96 -23.04
CA THR D 284 -33.53 10.62 -24.27
C THR D 284 -32.57 11.74 -23.96
N ILE D 285 -31.51 11.88 -24.74
CA ILE D 285 -30.62 12.99 -24.46
C ILE D 285 -31.30 14.23 -25.01
N THR D 286 -31.49 15.22 -24.15
CA THR D 286 -32.19 16.42 -24.58
C THR D 286 -31.28 17.60 -24.63
N ASP D 287 -30.16 17.54 -23.93
CA ASP D 287 -29.25 18.66 -23.98
C ASP D 287 -27.81 18.21 -23.78
N ALA D 288 -26.87 19.14 -23.86
CA ALA D 288 -25.47 18.82 -23.64
C ALA D 288 -24.60 20.06 -23.39
N VAL D 289 -23.52 19.90 -22.64
CA VAL D 289 -22.55 20.97 -22.47
C VAL D 289 -21.20 20.58 -23.02
N ASP D 290 -20.67 21.38 -23.92
CA ASP D 290 -19.33 21.13 -24.45
C ASP D 290 -18.38 21.80 -23.48
N CYS D 291 -17.67 21.01 -22.66
CA CYS D 291 -16.87 21.47 -21.53
C CYS D 291 -15.66 22.29 -21.97
N ALA D 292 -15.34 22.26 -23.26
CA ALA D 292 -14.19 23.01 -23.75
C ALA D 292 -14.59 24.27 -24.51
N LEU D 293 -15.88 24.56 -24.60
CA LEU D 293 -16.32 25.68 -25.42
C LEU D 293 -15.99 27.08 -24.89
N ASP D 294 -16.23 27.32 -23.61
CA ASP D 294 -15.98 28.64 -23.01
C ASP D 294 -15.94 28.46 -21.47
N PRO D 295 -15.62 29.50 -20.67
CA PRO D 295 -15.57 29.46 -19.21
C PRO D 295 -16.88 29.18 -18.50
N LEU D 296 -18.02 29.37 -19.15
CA LEU D 296 -19.25 29.13 -18.42
C LEU D 296 -19.56 27.68 -18.56
N SER D 297 -19.20 27.14 -19.71
CA SER D 297 -19.40 25.74 -19.98
C SER D 297 -18.50 24.98 -19.03
N GLU D 298 -17.29 25.50 -18.79
CA GLU D 298 -16.41 24.83 -17.86
C GLU D 298 -17.02 24.82 -16.47
N THR D 299 -17.65 25.93 -16.08
CA THR D 299 -18.29 25.99 -14.78
C THR D 299 -19.42 24.99 -14.70
N LYS D 300 -20.25 24.91 -15.74
CA LYS D 300 -21.36 23.95 -15.74
C LYS D 300 -20.91 22.50 -15.63
N CYS D 301 -19.81 22.10 -16.32
CA CYS D 301 -19.26 20.75 -16.26
C CYS D 301 -18.67 20.47 -14.88
N THR D 302 -17.99 21.47 -14.32
CA THR D 302 -17.37 21.34 -13.01
C THR D 302 -18.41 21.04 -11.95
N LEU D 303 -19.52 21.74 -12.04
CA LEU D 303 -20.60 21.62 -11.08
C LEU D 303 -21.64 20.56 -11.41
N LYS D 304 -21.50 19.85 -12.53
CA LYS D 304 -22.50 18.88 -12.95
C LYS D 304 -23.87 19.48 -12.98
N SER D 305 -24.01 20.61 -13.65
CA SER D 305 -25.29 21.28 -13.73
C SER D 305 -25.49 22.06 -15.00
N PHE D 306 -26.73 22.20 -15.44
CA PHE D 306 -27.03 23.04 -16.60
C PHE D 306 -27.45 24.45 -16.18
N THR D 307 -27.45 24.68 -14.87
CA THR D 307 -27.77 25.95 -14.23
C THR D 307 -26.67 26.31 -13.23
N VAL D 308 -26.22 27.56 -13.27
CA VAL D 308 -25.18 27.99 -12.34
C VAL D 308 -25.68 29.19 -11.54
N GLU D 309 -25.58 29.11 -10.23
CA GLU D 309 -26.02 30.20 -9.40
C GLU D 309 -24.97 31.28 -9.33
N LYS D 310 -25.25 32.35 -8.63
CA LYS D 310 -24.31 33.44 -8.57
C LYS D 310 -23.14 33.14 -7.64
N GLY D 311 -21.93 33.49 -8.08
CA GLY D 311 -20.74 33.30 -7.23
C GLY D 311 -19.47 33.01 -8.03
N ILE D 312 -18.43 32.56 -7.34
CA ILE D 312 -17.17 32.26 -7.99
C ILE D 312 -16.86 30.80 -7.92
N TYR D 313 -16.59 30.21 -9.05
CA TYR D 313 -16.30 28.80 -9.06
C TYR D 313 -14.91 28.56 -9.61
N GLN D 314 -14.22 27.56 -9.12
CA GLN D 314 -12.90 27.27 -9.67
C GLN D 314 -13.07 26.34 -10.87
N THR D 315 -12.43 26.67 -11.98
CA THR D 315 -12.52 25.87 -13.18
C THR D 315 -11.15 25.57 -13.73
N SER D 316 -10.52 24.54 -13.18
CA SER D 316 -9.15 24.14 -13.50
C SER D 316 -8.11 25.18 -13.15
N ASN D 317 -6.93 25.07 -13.79
CA ASN D 317 -5.76 25.88 -13.47
C ASN D 317 -5.06 26.43 -14.69
N PHE D 318 -4.30 27.47 -14.45
CA PHE D 318 -3.47 28.18 -15.42
C PHE D 318 -2.00 27.91 -15.22
N ARG D 319 -1.29 27.76 -16.34
CA ARG D 319 0.15 27.61 -16.27
C ARG D 319 0.88 28.13 -17.51
N VAL D 320 1.94 28.89 -17.27
CA VAL D 320 2.80 29.39 -18.32
C VAL D 320 3.69 28.29 -18.85
N GLN D 321 3.71 28.13 -20.16
CA GLN D 321 4.50 27.08 -20.78
C GLN D 321 5.83 27.63 -21.26
N PRO D 322 6.89 26.81 -21.31
CA PRO D 322 8.17 27.19 -21.84
C PRO D 322 8.05 27.41 -23.32
N THR D 323 8.79 28.40 -23.81
CA THR D 323 8.80 28.73 -25.22
C THR D 323 10.16 28.54 -25.85
N GLU D 324 11.09 27.99 -25.09
CA GLU D 324 12.48 27.86 -25.50
C GLU D 324 13.16 26.68 -24.83
N SER D 325 14.24 26.18 -25.44
CA SER D 325 15.05 25.07 -24.90
C SER D 325 16.55 25.41 -24.86
N ILE D 326 17.08 25.47 -23.65
CA ILE D 326 18.46 25.90 -23.38
C ILE D 326 19.30 24.84 -22.70
N VAL D 327 20.49 24.60 -23.23
CA VAL D 327 21.31 23.56 -22.60
C VAL D 327 22.52 24.14 -21.86
N ARG D 328 23.39 24.91 -22.52
CA ARG D 328 24.60 25.43 -21.87
C ARG D 328 25.51 24.37 -21.26
N PHE D 329 25.78 23.33 -22.00
CA PHE D 329 26.66 22.24 -21.59
C PHE D 329 28.12 22.76 -21.69
N PRO D 330 29.09 22.34 -20.83
CA PRO D 330 30.52 22.67 -20.90
C PRO D 330 31.14 22.38 -22.24
N ASN D 331 32.15 23.15 -22.58
CA ASN D 331 32.79 22.98 -23.88
C ASN D 331 33.82 21.86 -23.87
N ILE D 332 33.31 20.64 -23.84
CA ILE D 332 34.14 19.44 -23.83
C ILE D 332 34.21 18.91 -25.24
N THR D 333 35.42 18.90 -25.77
CA THR D 333 35.67 18.49 -27.13
C THR D 333 36.34 17.13 -27.20
N ASN D 334 36.56 16.54 -26.03
CA ASN D 334 37.20 15.25 -25.90
C ASN D 334 36.18 14.18 -26.16
N LEU D 335 36.54 13.13 -26.87
CA LEU D 335 35.59 12.05 -27.07
C LEU D 335 36.03 10.89 -26.18
N CYS D 336 35.05 10.12 -25.65
CA CYS D 336 35.29 8.97 -24.78
C CYS D 336 35.82 7.79 -25.60
N PRO D 337 36.89 7.11 -25.14
CA PRO D 337 37.59 6.05 -25.82
C PRO D 337 36.87 4.71 -25.83
N PHE D 338 35.64 4.71 -26.31
CA PHE D 338 34.89 3.49 -26.39
C PHE D 338 35.45 2.69 -27.53
N GLY D 339 36.05 3.37 -28.51
CA GLY D 339 36.66 2.72 -29.67
C GLY D 339 38.03 2.13 -29.34
N GLU D 340 38.49 2.28 -28.08
CA GLU D 340 39.75 1.69 -27.66
C GLU D 340 39.45 0.46 -26.82
N VAL D 341 38.32 0.50 -26.10
CA VAL D 341 37.84 -0.61 -25.28
C VAL D 341 37.28 -1.70 -26.19
N PHE D 342 36.42 -1.27 -27.10
CA PHE D 342 35.80 -2.08 -28.11
C PHE D 342 36.79 -1.99 -29.25
N ASN D 343 36.80 -2.96 -30.19
CA ASN D 343 37.72 -3.00 -31.35
C ASN D 343 39.21 -3.15 -30.92
N ALA D 344 39.48 -3.66 -29.70
CA ALA D 344 40.80 -3.94 -29.14
C ALA D 344 41.30 -5.28 -29.67
N THR D 345 42.61 -5.48 -29.68
CA THR D 345 43.17 -6.74 -30.12
C THR D 345 43.41 -7.72 -28.98
N ARG D 346 43.38 -7.24 -27.75
CA ARG D 346 43.59 -8.08 -26.60
C ARG D 346 42.63 -7.76 -25.48
N PHE D 347 42.03 -8.80 -24.97
CA PHE D 347 41.09 -8.80 -23.87
C PHE D 347 41.65 -9.72 -22.81
N ALA D 348 41.35 -9.47 -21.55
CA ALA D 348 41.85 -10.37 -20.53
C ALA D 348 41.03 -11.61 -20.42
N SER D 349 41.62 -12.67 -19.94
CA SER D 349 40.81 -13.83 -19.64
C SER D 349 40.17 -13.47 -18.33
N VAL D 350 39.16 -14.19 -17.86
CA VAL D 350 38.62 -13.62 -16.67
C VAL D 350 39.37 -14.19 -15.50
N TYR D 351 40.26 -13.37 -15.03
CA TYR D 351 41.21 -13.66 -13.98
C TYR D 351 41.60 -12.30 -13.49
N ALA D 352 41.58 -11.44 -14.48
CA ALA D 352 41.95 -10.07 -14.45
C ALA D 352 41.10 -9.44 -15.50
N TRP D 353 40.98 -8.14 -15.52
CA TRP D 353 40.29 -7.52 -16.63
C TRP D 353 40.75 -6.10 -16.75
N ASN D 354 40.61 -5.54 -17.93
CA ASN D 354 40.95 -4.14 -18.10
C ASN D 354 39.89 -3.35 -17.38
N ARG D 355 40.26 -2.33 -16.59
CA ARG D 355 39.27 -1.52 -15.90
C ARG D 355 39.41 -0.05 -16.19
N LYS D 356 39.77 0.27 -17.42
CA LYS D 356 39.98 1.64 -17.80
C LYS D 356 38.79 2.53 -17.52
N ARG D 357 39.10 3.65 -16.87
CA ARG D 357 38.13 4.65 -16.49
C ARG D 357 37.99 5.70 -17.60
N ILE D 358 36.76 6.01 -17.90
CA ILE D 358 36.35 6.99 -18.87
C ILE D 358 35.87 8.26 -18.17
N SER D 359 36.51 9.39 -18.48
CA SER D 359 36.18 10.67 -17.84
C SER D 359 36.48 11.88 -18.71
N ASN D 360 35.86 13.03 -18.36
CA ASN D 360 36.10 14.33 -19.01
C ASN D 360 35.99 14.28 -20.53
N CYS D 361 34.88 13.70 -21.02
CA CYS D 361 34.64 13.41 -22.43
C CYS D 361 33.16 13.25 -22.82
N VAL D 362 32.95 13.21 -24.14
CA VAL D 362 31.65 12.97 -24.70
C VAL D 362 31.46 11.49 -25.00
N ALA D 363 30.58 10.89 -24.23
CA ALA D 363 30.21 9.51 -24.28
C ALA D 363 29.15 9.33 -25.28
N ASP D 364 29.51 9.52 -26.51
CA ASP D 364 28.56 9.29 -27.55
C ASP D 364 28.48 7.78 -27.56
N TYR D 365 27.30 7.23 -27.28
CA TYR D 365 27.20 5.80 -27.16
C TYR D 365 26.87 5.15 -28.48
N SER D 366 26.81 5.97 -29.55
CA SER D 366 26.59 5.57 -30.94
C SER D 366 25.48 4.58 -31.08
N VAL D 367 24.42 4.75 -30.29
CA VAL D 367 23.35 3.79 -30.24
C VAL D 367 23.85 2.38 -30.55
N LEU D 368 24.89 1.93 -29.82
CA LEU D 368 25.50 0.64 -30.10
C LEU D 368 24.51 -0.49 -30.00
N TYR D 369 23.52 -0.35 -29.16
CA TYR D 369 22.50 -1.36 -29.00
C TYR D 369 21.73 -1.61 -30.31
N ASN D 370 21.73 -0.65 -31.23
CA ASN D 370 21.05 -0.78 -32.52
C ASN D 370 22.01 -1.19 -33.66
N SER D 371 23.28 -1.45 -33.36
CA SER D 371 24.26 -1.77 -34.40
C SER D 371 24.18 -3.19 -34.93
N ALA D 372 23.60 -4.09 -34.15
CA ALA D 372 23.51 -5.52 -34.43
C ALA D 372 24.89 -6.17 -34.54
N SER D 373 25.91 -5.53 -33.96
CA SER D 373 27.26 -6.09 -33.92
C SER D 373 27.44 -6.87 -32.65
N PHE D 374 26.44 -6.80 -31.78
CA PHE D 374 26.52 -7.44 -30.49
C PHE D 374 25.41 -8.46 -30.37
N SER D 375 25.69 -9.56 -29.66
CA SER D 375 24.66 -10.55 -29.42
C SER D 375 23.90 -10.17 -28.18
N THR D 376 24.60 -9.50 -27.28
CA THR D 376 24.05 -9.04 -26.03
C THR D 376 24.30 -7.57 -25.81
N PHE D 377 23.27 -6.84 -25.44
CA PHE D 377 23.42 -5.44 -25.05
C PHE D 377 22.33 -5.22 -24.04
N LYS D 378 22.62 -5.51 -22.80
CA LYS D 378 21.58 -5.47 -21.78
C LYS D 378 21.89 -4.48 -20.65
N CYS D 379 21.03 -3.46 -20.47
CA CYS D 379 21.18 -2.41 -19.46
C CYS D 379 20.27 -2.72 -18.28
N TYR D 380 20.72 -2.35 -17.09
CA TYR D 380 19.94 -2.62 -15.89
C TYR D 380 19.37 -1.41 -15.14
N GLY D 381 20.21 -0.46 -14.77
CA GLY D 381 19.75 0.69 -13.98
C GLY D 381 19.36 1.86 -14.87
N VAL D 382 19.56 1.68 -16.16
CA VAL D 382 19.25 2.71 -17.12
C VAL D 382 18.54 2.06 -18.31
N CYS D 383 17.76 2.84 -19.07
CA CYS D 383 17.12 2.42 -20.33
C CYS D 383 18.18 2.58 -21.43
N PRO D 384 18.46 1.58 -22.27
CA PRO D 384 19.51 1.63 -23.27
C PRO D 384 19.34 2.75 -24.28
N THR D 385 18.11 3.24 -24.43
CA THR D 385 17.83 4.27 -25.39
C THR D 385 18.02 5.67 -24.83
N LYS D 386 18.20 5.79 -23.52
CA LYS D 386 18.34 7.08 -22.84
C LYS D 386 19.80 7.36 -22.48
N LEU D 387 20.68 6.49 -22.91
CA LEU D 387 22.09 6.62 -22.55
C LEU D 387 22.73 7.89 -23.06
N ASN D 388 22.28 8.40 -24.19
CA ASN D 388 22.86 9.62 -24.73
C ASN D 388 22.30 10.88 -24.09
N ASP D 389 21.30 10.75 -23.23
CA ASP D 389 20.75 11.92 -22.56
C ASP D 389 21.36 12.05 -21.16
N LEU D 390 21.71 10.91 -20.57
CA LEU D 390 22.23 10.83 -19.21
C LEU D 390 23.72 11.18 -19.08
N CYS D 391 24.09 11.78 -17.92
CA CYS D 391 25.47 12.08 -17.52
C CYS D 391 25.89 11.22 -16.33
N PHE D 392 27.17 10.92 -16.34
CA PHE D 392 27.83 10.13 -15.33
C PHE D 392 29.06 10.87 -14.84
N THR D 393 29.46 10.61 -13.61
CA THR D 393 30.70 11.13 -13.12
C THR D 393 31.76 10.30 -13.81
N ASN D 394 31.51 9.00 -13.85
CA ASN D 394 32.43 8.07 -14.47
C ASN D 394 31.78 6.89 -15.14
N VAL D 395 32.51 6.37 -16.12
CA VAL D 395 32.17 5.11 -16.74
C VAL D 395 33.39 4.19 -16.68
N TYR D 396 33.22 2.97 -16.24
CA TYR D 396 34.37 2.07 -16.22
C TYR D 396 34.10 0.94 -17.15
N ALA D 397 35.04 0.60 -17.99
CA ALA D 397 34.79 -0.50 -18.89
C ALA D 397 35.57 -1.74 -18.54
N ASP D 398 34.88 -2.73 -17.99
CA ASP D 398 35.52 -3.97 -17.58
C ASP D 398 35.60 -4.90 -18.78
N SER D 399 36.81 -5.15 -19.28
CA SER D 399 36.97 -5.87 -20.55
C SER D 399 37.73 -7.22 -20.52
N PHE D 400 36.98 -8.28 -20.90
CA PHE D 400 37.42 -9.68 -20.83
C PHE D 400 36.75 -10.70 -21.79
N VAL D 401 37.32 -11.92 -21.89
CA VAL D 401 36.82 -13.02 -22.74
C VAL D 401 36.27 -14.23 -21.99
N ILE D 402 35.06 -14.63 -22.38
CA ILE D 402 34.34 -15.76 -21.80
C ILE D 402 33.76 -16.71 -22.86
N ARG D 403 33.33 -17.91 -22.44
CA ARG D 403 32.61 -18.85 -23.31
C ARG D 403 31.18 -18.38 -23.53
N GLY D 404 30.62 -18.70 -24.69
CA GLY D 404 29.23 -18.34 -25.01
C GLY D 404 28.18 -18.81 -24.01
N ASP D 405 28.35 -19.97 -23.41
CA ASP D 405 27.34 -20.45 -22.48
C ASP D 405 27.39 -19.76 -21.14
N GLU D 406 28.38 -18.90 -20.94
CA GLU D 406 28.49 -18.18 -19.70
C GLU D 406 28.20 -16.69 -19.87
N VAL D 407 27.71 -16.28 -21.05
CA VAL D 407 27.41 -14.86 -21.27
C VAL D 407 26.34 -14.42 -20.30
N ARG D 408 25.39 -15.30 -20.04
CA ARG D 408 24.27 -15.05 -19.15
C ARG D 408 24.70 -14.83 -17.69
N GLN D 409 25.94 -15.19 -17.34
CA GLN D 409 26.39 -15.01 -15.98
C GLN D 409 26.92 -13.61 -15.74
N ILE D 410 27.15 -12.84 -16.81
CA ILE D 410 27.69 -11.52 -16.55
C ILE D 410 26.52 -10.59 -16.37
N ALA D 411 25.98 -10.63 -15.18
CA ALA D 411 24.82 -9.86 -14.82
C ALA D 411 24.78 -9.76 -13.31
N PRO D 412 24.21 -8.69 -12.75
CA PRO D 412 24.09 -8.51 -11.33
C PRO D 412 23.24 -9.57 -10.74
N GLY D 413 23.69 -10.05 -9.60
CA GLY D 413 22.93 -11.03 -8.84
C GLY D 413 23.02 -12.44 -9.36
N GLN D 414 23.86 -12.69 -10.36
CA GLN D 414 23.93 -14.04 -10.89
C GLN D 414 24.99 -14.83 -10.18
N THR D 415 24.85 -16.15 -10.27
CA THR D 415 25.78 -17.12 -9.73
C THR D 415 26.25 -18.00 -10.86
N GLY D 416 27.32 -18.76 -10.65
CA GLY D 416 27.85 -19.63 -11.68
C GLY D 416 29.37 -19.62 -11.61
N LYS D 417 30.06 -20.37 -12.46
CA LYS D 417 31.50 -20.40 -12.27
C LYS D 417 32.15 -19.04 -12.49
N ILE D 418 31.67 -18.27 -13.44
CA ILE D 418 32.30 -16.98 -13.61
C ILE D 418 31.72 -16.02 -12.64
N ALA D 419 30.41 -15.99 -12.53
CA ALA D 419 29.82 -15.02 -11.64
C ALA D 419 30.34 -15.14 -10.21
N ASP D 420 30.61 -16.36 -9.74
CA ASP D 420 31.07 -16.49 -8.37
C ASP D 420 32.58 -16.45 -8.18
N TYR D 421 33.40 -16.97 -9.11
CA TYR D 421 34.85 -16.97 -8.85
C TYR D 421 35.70 -16.07 -9.74
N ASN D 422 35.16 -15.58 -10.84
CA ASN D 422 35.97 -14.86 -11.79
C ASN D 422 35.61 -13.40 -12.04
N TYR D 423 34.33 -13.08 -12.07
CA TYR D 423 33.85 -11.71 -12.30
C TYR D 423 32.48 -11.54 -11.73
N LYS D 424 32.38 -10.81 -10.63
CA LYS D 424 31.10 -10.69 -9.94
C LYS D 424 30.49 -9.31 -10.04
N LEU D 425 29.19 -9.25 -10.34
CA LEU D 425 28.46 -8.00 -10.32
C LEU D 425 27.52 -7.98 -9.13
N PRO D 426 27.38 -6.85 -8.43
CA PRO D 426 26.56 -6.66 -7.25
C PRO D 426 25.11 -6.66 -7.64
N ASP D 427 24.23 -7.02 -6.71
CA ASP D 427 22.81 -6.99 -7.01
C ASP D 427 22.37 -5.59 -7.41
N ASP D 428 22.95 -4.58 -6.76
CA ASP D 428 22.67 -3.18 -7.03
C ASP D 428 23.65 -2.68 -8.09
N PHE D 429 23.23 -2.69 -9.35
CA PHE D 429 24.12 -2.35 -10.44
C PHE D 429 23.54 -1.39 -11.44
N THR D 430 24.31 -0.37 -11.76
CA THR D 430 23.92 0.56 -12.79
C THR D 430 25.02 0.42 -13.81
N GLY D 431 24.63 0.16 -15.03
CA GLY D 431 25.54 -0.09 -16.11
C GLY D 431 24.85 -0.94 -17.16
N CYS D 432 25.64 -1.34 -18.19
CA CYS D 432 25.22 -2.14 -19.35
C CYS D 432 26.24 -3.25 -19.64
N VAL D 433 25.73 -4.43 -19.97
CA VAL D 433 26.58 -5.57 -20.34
C VAL D 433 26.52 -5.80 -21.84
N ILE D 434 27.67 -5.70 -22.47
CA ILE D 434 27.74 -5.80 -23.91
C ILE D 434 28.61 -6.99 -24.35
N ALA D 435 28.12 -7.88 -25.21
CA ALA D 435 28.98 -9.01 -25.62
C ALA D 435 28.81 -9.43 -27.08
N TRP D 436 29.91 -9.94 -27.68
CA TRP D 436 29.87 -10.38 -29.07
C TRP D 436 30.87 -11.51 -29.40
N ASN D 437 30.61 -12.25 -30.48
CA ASN D 437 31.44 -13.41 -30.90
C ASN D 437 32.83 -13.04 -31.42
N SER D 438 33.86 -13.80 -31.00
CA SER D 438 35.24 -13.54 -31.42
C SER D 438 35.98 -14.70 -32.11
N ASN D 439 35.29 -15.48 -32.93
CA ASN D 439 35.96 -16.61 -33.59
C ASN D 439 37.14 -16.26 -34.46
N ASN D 440 37.15 -15.06 -35.02
CA ASN D 440 38.26 -14.73 -35.89
C ASN D 440 39.37 -13.93 -35.21
N LEU D 441 39.32 -13.82 -33.87
CA LEU D 441 40.40 -13.15 -33.12
C LEU D 441 40.92 -14.05 -31.99
N ASP D 442 39.99 -14.59 -31.20
CA ASP D 442 40.31 -15.31 -29.97
C ASP D 442 40.31 -16.82 -30.11
N SER D 443 40.25 -17.33 -31.33
CA SER D 443 40.27 -18.77 -31.52
C SER D 443 41.42 -19.15 -32.44
N LYS D 444 42.03 -20.29 -32.13
CA LYS D 444 43.13 -20.82 -32.95
C LYS D 444 42.85 -22.25 -33.35
N VAL D 445 43.43 -22.71 -34.44
CA VAL D 445 43.13 -24.05 -34.94
C VAL D 445 43.39 -25.16 -33.94
N GLY D 446 44.51 -25.10 -33.22
CA GLY D 446 44.78 -26.13 -32.22
C GLY D 446 44.22 -25.77 -30.83
N GLY D 447 43.54 -24.63 -30.77
CA GLY D 447 42.96 -24.03 -29.57
C GLY D 447 43.83 -22.88 -29.06
N ASN D 448 43.19 -21.79 -28.65
CA ASN D 448 43.87 -20.63 -28.08
C ASN D 448 43.87 -20.79 -26.58
N TYR D 449 45.01 -21.13 -26.02
CA TYR D 449 45.06 -21.46 -24.60
C TYR D 449 45.62 -20.33 -23.77
N ASN D 450 45.60 -19.12 -24.31
CA ASN D 450 46.08 -17.99 -23.54
C ASN D 450 44.96 -17.40 -22.71
N TYR D 451 43.79 -17.99 -22.83
CA TYR D 451 42.65 -17.56 -22.06
C TYR D 451 42.36 -18.59 -20.99
N LEU D 452 42.43 -18.15 -19.74
CA LEU D 452 42.23 -19.02 -18.59
C LEU D 452 41.24 -18.44 -17.58
N TYR D 453 40.61 -19.29 -16.78
CA TYR D 453 39.68 -18.82 -15.76
C TYR D 453 39.87 -19.52 -14.43
N ARG D 454 39.46 -18.88 -13.34
CA ARG D 454 39.63 -19.52 -12.07
C ARG D 454 38.60 -20.63 -11.95
N LEU D 455 39.09 -21.82 -11.68
CA LEU D 455 38.26 -22.98 -11.55
C LEU D 455 38.16 -23.44 -10.12
N PHE D 456 39.30 -23.37 -9.42
CA PHE D 456 39.37 -23.87 -8.07
C PHE D 456 39.59 -22.80 -7.01
N ARG D 457 38.52 -22.40 -6.32
CA ARG D 457 38.55 -21.31 -5.35
C ARG D 457 37.85 -21.75 -4.05
N LYS D 458 38.29 -21.18 -2.91
CA LYS D 458 37.75 -21.54 -1.60
C LYS D 458 36.52 -20.76 -1.13
N SER D 459 36.27 -19.60 -1.70
CA SER D 459 35.16 -18.74 -1.30
C SER D 459 34.74 -17.89 -2.49
N ASN D 460 33.63 -17.18 -2.38
CA ASN D 460 33.19 -16.36 -3.49
C ASN D 460 34.00 -15.08 -3.63
N LEU D 461 34.03 -14.57 -4.85
CA LEU D 461 34.68 -13.33 -5.22
C LEU D 461 33.77 -12.16 -4.87
N LYS D 462 34.32 -11.05 -4.39
CA LYS D 462 33.51 -9.88 -4.10
C LYS D 462 33.19 -9.15 -5.41
N PRO D 463 32.09 -8.39 -5.47
CA PRO D 463 31.75 -7.59 -6.63
C PRO D 463 32.92 -6.71 -6.99
N PHE D 464 33.24 -6.71 -8.28
CA PHE D 464 34.31 -5.96 -8.90
C PHE D 464 35.74 -6.17 -8.38
N GLU D 465 36.05 -7.25 -7.66
CA GLU D 465 37.47 -7.39 -7.30
C GLU D 465 38.10 -8.40 -8.22
N ARG D 466 39.36 -8.20 -8.58
CA ARG D 466 40.06 -9.16 -9.43
C ARG D 466 40.59 -10.27 -8.56
N ASP D 467 40.71 -11.46 -9.12
CA ASP D 467 41.28 -12.55 -8.37
C ASP D 467 42.79 -12.61 -8.46
N ILE D 468 43.30 -12.58 -9.69
CA ILE D 468 44.72 -12.71 -9.99
C ILE D 468 45.55 -13.56 -9.03
N SER D 469 45.06 -14.76 -8.66
CA SER D 469 45.78 -15.63 -7.76
C SER D 469 46.20 -16.96 -8.35
N THR D 470 47.37 -17.42 -7.94
CA THR D 470 47.95 -18.70 -8.35
C THR D 470 48.09 -19.66 -7.18
N GLU D 471 47.42 -19.36 -6.07
CA GLU D 471 47.47 -20.21 -4.88
C GLU D 471 46.98 -21.60 -5.20
N ILE D 472 47.72 -22.62 -4.79
CA ILE D 472 47.31 -23.96 -5.12
C ILE D 472 46.16 -24.36 -4.21
N TYR D 473 45.09 -24.84 -4.84
CA TYR D 473 43.85 -25.21 -4.16
C TYR D 473 43.79 -26.68 -3.84
N GLN D 474 43.42 -27.00 -2.61
CA GLN D 474 43.29 -28.39 -2.18
C GLN D 474 41.83 -28.78 -2.18
N ALA D 475 41.49 -29.74 -3.03
CA ALA D 475 40.13 -30.20 -3.19
C ALA D 475 39.84 -31.39 -2.25
N GLY D 476 40.87 -31.85 -1.56
CA GLY D 476 40.73 -33.01 -0.68
C GLY D 476 41.32 -32.75 0.70
N SER D 477 41.48 -33.83 1.48
CA SER D 477 41.99 -33.73 2.85
C SER D 477 43.53 -33.78 2.97
N THR D 478 44.21 -34.10 1.88
CA THR D 478 45.66 -34.19 1.89
C THR D 478 46.19 -32.75 1.71
N PRO D 479 47.12 -32.26 2.57
CA PRO D 479 47.71 -30.91 2.49
C PRO D 479 48.21 -30.51 1.09
N CYS D 480 48.80 -31.48 0.31
CA CYS D 480 49.26 -31.35 -1.08
C CYS D 480 50.04 -30.03 -1.27
N ASN D 481 51.01 -29.82 -0.40
CA ASN D 481 51.66 -28.52 -0.34
C ASN D 481 52.71 -28.27 -1.38
N GLY D 482 52.25 -27.70 -2.50
CA GLY D 482 53.09 -27.39 -3.65
C GLY D 482 53.24 -28.58 -4.56
N VAL D 483 52.38 -29.56 -4.35
CA VAL D 483 52.38 -30.79 -5.12
C VAL D 483 51.70 -30.60 -6.46
N GLU D 484 50.59 -29.87 -6.45
CA GLU D 484 49.77 -29.60 -7.62
C GLU D 484 49.34 -30.88 -8.32
N GLY D 485 48.86 -31.82 -7.56
CA GLY D 485 48.41 -33.06 -8.13
C GLY D 485 47.74 -33.91 -7.09
N PHE D 486 47.32 -35.10 -7.48
CA PHE D 486 46.57 -36.05 -6.65
C PHE D 486 45.20 -35.52 -6.26
N ASN D 487 45.18 -34.48 -5.42
CA ASN D 487 43.96 -33.80 -5.03
C ASN D 487 44.04 -32.27 -4.98
N CYS D 488 45.12 -31.61 -5.50
CA CYS D 488 45.22 -30.15 -5.52
C CYS D 488 45.57 -29.68 -6.91
N TYR D 489 45.22 -28.46 -7.18
CA TYR D 489 45.40 -27.94 -8.51
C TYR D 489 45.93 -26.53 -8.63
N PHE D 490 46.65 -26.30 -9.72
CA PHE D 490 46.95 -24.94 -10.08
C PHE D 490 45.54 -24.42 -10.37
N PRO D 491 45.11 -23.33 -9.74
CA PRO D 491 43.74 -22.85 -9.74
C PRO D 491 43.14 -22.33 -11.03
N LEU D 492 44.02 -21.98 -11.96
CA LEU D 492 43.65 -21.35 -13.22
C LEU D 492 43.66 -22.33 -14.40
N GLN D 493 42.50 -22.52 -15.03
CA GLN D 493 42.27 -23.48 -16.11
C GLN D 493 42.11 -22.85 -17.48
N SER D 494 42.76 -23.40 -18.51
CA SER D 494 42.62 -22.86 -19.86
C SER D 494 41.32 -23.23 -20.56
N TYR D 495 40.96 -22.44 -21.58
CA TYR D 495 39.80 -22.72 -22.40
C TYR D 495 40.17 -23.26 -23.78
N GLY D 496 39.38 -24.19 -24.28
CA GLY D 496 39.58 -24.74 -25.63
C GLY D 496 39.00 -23.82 -26.71
N PHE D 497 39.53 -22.62 -26.84
CA PHE D 497 38.96 -21.70 -27.80
C PHE D 497 39.48 -21.98 -29.19
N GLN D 498 38.69 -22.77 -29.89
CA GLN D 498 39.01 -23.32 -31.18
C GLN D 498 37.85 -22.99 -32.19
N PRO D 499 38.13 -22.69 -33.49
CA PRO D 499 37.21 -22.29 -34.55
C PRO D 499 36.04 -23.20 -34.92
N THR D 500 36.08 -24.49 -34.61
CA THR D 500 34.98 -25.35 -34.99
C THR D 500 34.29 -25.94 -33.77
N ASN D 501 34.52 -25.37 -32.59
CA ASN D 501 33.86 -25.89 -31.42
C ASN D 501 32.42 -25.37 -31.45
N GLY D 502 31.62 -25.76 -30.47
CA GLY D 502 30.21 -25.34 -30.47
C GLY D 502 30.06 -23.87 -30.17
N VAL D 503 28.89 -23.32 -30.47
CA VAL D 503 28.63 -21.89 -30.27
C VAL D 503 28.74 -21.47 -28.81
N GLY D 504 28.45 -22.40 -27.89
CA GLY D 504 28.54 -22.12 -26.47
C GLY D 504 29.97 -22.21 -25.93
N TYR D 505 30.89 -22.71 -26.77
CA TYR D 505 32.28 -22.88 -26.39
C TYR D 505 33.14 -21.86 -27.07
N GLN D 506 32.62 -21.25 -28.11
CA GLN D 506 33.34 -20.23 -28.83
C GLN D 506 33.51 -19.07 -27.87
N PRO D 507 34.60 -18.32 -27.96
CA PRO D 507 34.88 -17.16 -27.16
C PRO D 507 33.99 -16.02 -27.57
N TYR D 508 33.64 -15.21 -26.58
CA TYR D 508 32.92 -13.97 -26.75
C TYR D 508 33.63 -12.88 -25.98
N ARG D 509 33.65 -11.71 -26.57
CA ARG D 509 34.22 -10.58 -25.90
C ARG D 509 33.12 -9.91 -25.17
N VAL D 510 33.36 -9.62 -23.90
CA VAL D 510 32.37 -8.95 -23.11
C VAL D 510 32.95 -7.73 -22.42
N VAL D 511 32.21 -6.65 -22.52
CA VAL D 511 32.56 -5.41 -21.88
C VAL D 511 31.44 -4.98 -20.98
N VAL D 512 31.75 -4.71 -19.74
CA VAL D 512 30.71 -4.25 -18.85
C VAL D 512 30.96 -2.80 -18.52
N LEU D 513 29.98 -1.98 -18.80
CA LEU D 513 30.13 -0.57 -18.51
C LEU D 513 29.45 -0.27 -17.21
N SER D 514 30.25 0.00 -16.21
CA SER D 514 29.78 0.29 -14.86
C SER D 514 29.62 1.78 -14.73
N PHE D 515 28.45 2.22 -14.30
CA PHE D 515 28.18 3.65 -14.23
C PHE D 515 28.11 4.27 -12.84
N GLU D 516 28.73 5.44 -12.71
CA GLU D 516 28.66 6.27 -11.52
C GLU D 516 27.83 7.47 -11.90
N LEU D 517 26.59 7.55 -11.41
CA LEU D 517 25.67 8.60 -11.84
C LEU D 517 26.24 9.95 -11.49
N LEU D 518 26.00 10.95 -12.33
CA LEU D 518 26.65 12.24 -12.11
C LEU D 518 26.26 13.04 -10.87
N HIS D 519 26.98 12.84 -9.78
CA HIS D 519 26.82 13.66 -8.56
C HIS D 519 27.75 14.88 -8.62
N ALA D 520 28.69 14.78 -9.53
CA ALA D 520 29.78 15.68 -9.84
C ALA D 520 29.41 16.68 -10.95
N PRO D 521 30.24 17.70 -11.24
CA PRO D 521 30.11 18.53 -12.42
C PRO D 521 30.23 17.57 -13.61
N ALA D 522 29.59 17.88 -14.74
CA ALA D 522 29.63 16.95 -15.87
C ALA D 522 31.03 16.53 -16.17
N THR D 523 31.17 15.22 -16.27
CA THR D 523 32.42 14.58 -16.53
C THR D 523 32.29 13.71 -17.76
N VAL D 524 31.37 12.73 -17.74
CA VAL D 524 31.10 11.88 -18.91
C VAL D 524 29.63 12.07 -19.32
N CYS D 525 29.36 12.58 -20.56
CA CYS D 525 27.96 12.84 -21.00
C CYS D 525 27.76 12.52 -22.46
N GLY D 526 26.51 12.41 -22.86
CA GLY D 526 26.23 12.12 -24.26
C GLY D 526 26.55 13.31 -25.16
N PRO D 527 26.23 13.21 -26.45
CA PRO D 527 26.52 14.17 -27.50
C PRO D 527 25.57 15.34 -27.46
N LYS D 528 25.65 16.11 -26.39
CA LYS D 528 24.80 17.26 -26.18
C LYS D 528 25.29 18.41 -27.00
N LYS D 529 24.37 19.26 -27.42
CA LYS D 529 24.75 20.43 -28.16
C LYS D 529 24.58 21.63 -27.28
N SER D 530 25.42 22.63 -27.47
CA SER D 530 25.27 23.84 -26.73
C SER D 530 24.22 24.69 -27.39
N THR D 531 23.73 25.64 -26.63
CA THR D 531 22.75 26.62 -27.03
C THR D 531 23.22 27.96 -26.52
N ASN D 532 22.51 28.99 -26.90
CA ASN D 532 22.80 30.30 -26.38
C ASN D 532 22.17 30.37 -25.01
N LEU D 533 22.27 31.50 -24.35
CA LEU D 533 21.66 31.62 -23.04
C LEU D 533 20.52 32.59 -23.09
N VAL D 534 19.37 32.14 -22.62
CA VAL D 534 18.21 32.98 -22.60
C VAL D 534 17.84 33.28 -21.18
N LYS D 535 17.77 34.55 -20.88
CA LYS D 535 17.43 35.00 -19.57
C LYS D 535 16.02 35.52 -19.66
N ASN D 536 15.31 35.45 -18.57
CA ASN D 536 13.94 35.86 -18.49
C ASN D 536 13.19 34.87 -19.36
N LYS D 537 11.88 35.06 -19.48
CA LYS D 537 11.01 34.17 -20.26
C LYS D 537 11.00 32.79 -19.61
N CYS D 538 10.02 31.93 -19.98
CA CYS D 538 9.89 30.58 -19.44
C CYS D 538 10.67 29.64 -20.36
N VAL D 539 11.70 29.03 -19.78
CA VAL D 539 12.65 28.20 -20.47
C VAL D 539 12.76 26.78 -19.94
N ASN D 540 12.78 25.83 -20.85
CA ASN D 540 13.01 24.44 -20.51
C ASN D 540 14.53 24.23 -20.58
N PHE D 541 15.20 24.03 -19.46
CA PHE D 541 16.67 23.95 -19.48
C PHE D 541 17.27 22.60 -19.08
N ASN D 542 18.49 22.33 -19.60
CA ASN D 542 19.24 21.11 -19.28
C ASN D 542 20.59 21.21 -18.53
N PHE D 543 21.41 22.22 -18.78
CA PHE D 543 22.74 22.32 -18.14
C PHE D 543 23.50 20.99 -18.16
N ASN D 544 23.93 20.52 -16.98
CA ASN D 544 24.65 19.26 -16.80
C ASN D 544 23.75 18.27 -16.08
N GLY D 545 22.49 18.60 -16.05
CA GLY D 545 21.52 17.86 -15.29
C GLY D 545 20.65 18.92 -14.64
N LEU D 546 19.88 18.56 -13.64
CA LEU D 546 18.99 19.53 -13.04
C LEU D 546 17.98 20.01 -14.09
N THR D 547 17.56 19.09 -14.95
CA THR D 547 16.60 19.42 -15.99
C THR D 547 15.35 19.93 -15.34
N GLY D 548 14.83 21.01 -15.88
CA GLY D 548 13.64 21.61 -15.31
C GLY D 548 13.17 22.79 -16.11
N THR D 549 12.12 23.43 -15.64
CA THR D 549 11.55 24.57 -16.33
C THR D 549 11.45 25.75 -15.40
N GLY D 550 11.85 26.91 -15.89
CA GLY D 550 11.79 28.11 -15.09
C GLY D 550 12.31 29.32 -15.82
N VAL D 551 12.40 30.40 -15.12
CA VAL D 551 12.84 31.66 -15.66
C VAL D 551 14.24 31.91 -15.11
N LEU D 552 15.21 32.07 -16.00
CA LEU D 552 16.59 32.23 -15.57
C LEU D 552 16.98 33.70 -15.49
N THR D 553 17.37 34.19 -14.33
CA THR D 553 17.73 35.61 -14.24
C THR D 553 19.08 35.77 -13.58
N GLU D 554 19.67 36.96 -13.69
CA GLU D 554 20.95 37.17 -13.05
C GLU D 554 20.82 37.05 -11.54
N SER D 555 21.75 36.34 -10.93
CA SER D 555 21.76 36.15 -9.49
C SER D 555 22.70 37.09 -8.78
N ASN D 556 22.38 37.45 -7.54
CA ASN D 556 23.26 38.25 -6.70
C ASN D 556 23.98 37.39 -5.67
N LYS D 557 23.90 36.08 -5.83
CA LYS D 557 24.52 35.14 -4.92
C LYS D 557 26.00 35.03 -5.13
N LYS D 558 26.70 34.84 -4.04
CA LYS D 558 28.13 34.67 -4.12
C LYS D 558 28.51 33.23 -3.85
N PHE D 559 28.68 32.45 -4.89
CA PHE D 559 29.01 31.06 -4.70
C PHE D 559 30.48 30.95 -4.39
N LEU D 560 30.83 29.98 -3.58
CA LEU D 560 32.22 29.70 -3.33
C LEU D 560 32.65 29.06 -4.65
N PRO D 561 33.93 29.11 -5.03
CA PRO D 561 34.47 28.65 -6.30
C PRO D 561 34.28 27.18 -6.62
N PHE D 562 33.96 26.39 -5.63
CA PHE D 562 33.77 24.97 -5.84
C PHE D 562 32.31 24.53 -5.84
N GLN D 563 31.38 25.42 -5.50
CA GLN D 563 30.02 24.97 -5.32
C GLN D 563 29.20 24.58 -6.55
N GLN D 564 29.30 25.32 -7.67
CA GLN D 564 28.60 25.05 -8.94
C GLN D 564 27.06 25.16 -8.94
N PHE D 565 26.41 24.49 -8.01
CA PHE D 565 24.97 24.41 -7.84
C PHE D 565 24.52 25.05 -6.53
N GLY D 566 23.21 25.07 -6.26
CA GLY D 566 22.67 25.64 -5.03
C GLY D 566 21.20 25.34 -4.83
N ARG D 567 20.80 25.27 -3.55
CA ARG D 567 19.46 24.91 -3.13
C ARG D 567 18.83 25.78 -2.04
N ASP D 568 17.51 25.66 -2.00
CA ASP D 568 16.62 26.26 -1.01
C ASP D 568 16.38 25.38 0.20
N ILE D 569 15.58 25.92 1.12
CA ILE D 569 15.13 25.27 2.34
C ILE D 569 14.35 24.02 2.01
N ALA D 570 13.59 24.12 0.93
CA ALA D 570 12.73 23.08 0.39
C ALA D 570 13.50 21.99 -0.37
N ASP D 571 14.82 22.10 -0.45
CA ASP D 571 15.71 21.20 -1.19
C ASP D 571 15.59 21.38 -2.69
N THR D 572 14.92 22.42 -3.12
CA THR D 572 14.77 22.68 -4.53
C THR D 572 15.96 23.43 -5.05
N THR D 573 16.13 23.46 -6.37
CA THR D 573 17.22 24.23 -6.93
C THR D 573 16.90 25.69 -6.79
N ASP D 574 17.86 26.45 -6.27
CA ASP D 574 17.70 27.89 -6.09
C ASP D 574 18.37 28.60 -7.24
N ALA D 575 19.58 28.15 -7.53
CA ALA D 575 20.42 28.78 -8.52
C ALA D 575 21.39 27.79 -9.10
N VAL D 576 21.83 28.06 -10.32
CA VAL D 576 22.81 27.27 -11.03
C VAL D 576 23.93 28.10 -11.62
N ARG D 577 25.17 27.65 -11.49
CA ARG D 577 26.27 28.33 -12.14
C ARG D 577 26.30 27.85 -13.57
N ASP D 578 26.32 28.77 -14.51
CA ASP D 578 26.35 28.45 -15.90
C ASP D 578 27.66 27.74 -16.21
N PRO D 579 27.65 26.50 -16.71
CA PRO D 579 28.83 25.71 -16.99
C PRO D 579 29.84 26.47 -17.86
N GLN D 580 29.38 27.43 -18.65
CA GLN D 580 30.30 28.22 -19.45
C GLN D 580 30.17 29.66 -18.99
N THR D 581 31.30 30.33 -18.82
CA THR D 581 31.49 31.74 -18.36
C THR D 581 31.20 31.94 -16.87
N LEU D 582 30.58 30.95 -16.24
CA LEU D 582 30.30 30.86 -14.82
C LEU D 582 29.41 31.94 -14.19
N GLU D 583 28.46 32.47 -14.95
CA GLU D 583 27.51 33.43 -14.40
C GLU D 583 26.56 32.68 -13.48
N ILE D 584 26.18 33.27 -12.35
CA ILE D 584 25.22 32.58 -11.50
C ILE D 584 23.84 33.04 -11.88
N LEU D 585 22.95 32.08 -12.13
CA LEU D 585 21.59 32.38 -12.51
C LEU D 585 20.60 31.85 -11.48
N ASP D 586 19.63 32.68 -11.12
CA ASP D 586 18.57 32.27 -10.21
C ASP D 586 17.48 31.61 -11.00
N ILE D 587 16.83 30.60 -10.43
CA ILE D 587 15.73 29.99 -11.16
C ILE D 587 14.38 30.24 -10.51
N THR D 588 13.52 30.93 -11.22
CA THR D 588 12.19 31.25 -10.71
C THR D 588 11.17 30.35 -11.42
N PRO D 589 10.22 29.69 -10.74
CA PRO D 589 9.18 28.91 -11.37
C PRO D 589 8.37 29.80 -12.29
N CYS D 590 7.82 29.25 -13.40
CA CYS D 590 6.97 29.96 -14.38
C CYS D 590 5.60 30.17 -13.70
N SER D 591 4.95 31.30 -13.98
CA SER D 591 3.71 31.64 -13.31
C SER D 591 2.61 30.62 -13.47
N PHE D 592 1.88 30.42 -12.39
CA PHE D 592 0.79 29.49 -12.35
C PHE D 592 -0.19 29.97 -11.32
N GLY D 593 -1.39 29.44 -11.35
CA GLY D 593 -2.38 29.76 -10.33
C GLY D 593 -3.67 29.14 -10.73
N GLY D 594 -4.69 29.19 -9.89
CA GLY D 594 -5.94 28.61 -10.31
C GLY D 594 -6.69 29.61 -11.15
N VAL D 595 -7.74 29.14 -11.81
CA VAL D 595 -8.55 30.04 -12.58
C VAL D 595 -9.96 29.91 -12.10
N SER D 596 -10.58 31.03 -11.83
CA SER D 596 -11.95 30.97 -11.38
C SER D 596 -12.84 31.86 -12.20
N VAL D 597 -14.10 31.50 -12.24
CA VAL D 597 -15.05 32.22 -13.06
C VAL D 597 -16.09 32.88 -12.19
N ILE D 598 -16.25 34.17 -12.43
CA ILE D 598 -17.18 35.02 -11.73
C ILE D 598 -18.45 35.02 -12.52
N THR D 599 -19.48 34.43 -11.93
CA THR D 599 -20.70 34.21 -12.65
C THR D 599 -21.94 34.85 -12.02
N PRO D 600 -22.65 35.75 -12.71
CA PRO D 600 -23.93 36.29 -12.32
C PRO D 600 -24.78 35.07 -12.46
N GLY D 601 -25.87 34.94 -11.78
CA GLY D 601 -26.58 33.68 -12.01
C GLY D 601 -27.04 33.56 -13.46
N THR D 602 -27.13 32.33 -13.94
CA THR D 602 -27.51 32.02 -15.33
C THR D 602 -28.98 32.26 -15.58
N ASN D 603 -29.71 32.56 -14.51
CA ASN D 603 -31.10 32.89 -14.61
C ASN D 603 -31.27 34.39 -14.86
N THR D 604 -30.14 35.09 -14.97
CA THR D 604 -30.08 36.51 -15.22
C THR D 604 -29.32 36.78 -16.51
N SER D 605 -28.11 36.24 -16.58
CA SER D 605 -27.25 36.47 -17.74
C SER D 605 -26.20 35.40 -17.94
N ASN D 606 -25.58 35.40 -19.11
CA ASN D 606 -24.50 34.46 -19.40
C ASN D 606 -23.15 35.12 -19.61
N GLN D 607 -22.98 36.32 -19.09
CA GLN D 607 -21.69 36.97 -19.19
C GLN D 607 -20.89 36.50 -18.03
N VAL D 608 -19.61 36.24 -18.22
CA VAL D 608 -18.79 35.87 -17.08
C VAL D 608 -17.50 36.64 -17.11
N ALA D 609 -16.85 36.74 -15.96
CA ALA D 609 -15.51 37.34 -15.91
C ALA D 609 -14.56 36.28 -15.42
N VAL D 610 -13.33 36.30 -15.90
CA VAL D 610 -12.40 35.26 -15.46
C VAL D 610 -11.20 35.80 -14.71
N LEU D 611 -10.97 35.21 -13.55
CA LEU D 611 -9.88 35.60 -12.70
C LEU D 611 -8.73 34.59 -12.67
N TYR D 612 -7.51 35.08 -12.88
CA TYR D 612 -6.31 34.24 -12.79
C TYR D 612 -5.69 34.58 -11.45
N GLN D 613 -5.57 33.61 -10.56
CA GLN D 613 -5.16 33.93 -9.20
C GLN D 613 -3.80 34.59 -8.98
N ASP D 614 -2.79 34.24 -9.74
CA ASP D 614 -1.49 34.86 -9.47
C ASP D 614 -0.70 35.13 -10.72
N VAL D 615 -1.14 36.12 -11.46
CA VAL D 615 -0.50 36.44 -12.72
C VAL D 615 -0.33 37.96 -12.77
N ASN D 616 0.82 38.47 -13.32
CA ASN D 616 1.05 39.91 -13.49
C ASN D 616 0.33 40.40 -14.77
N CYS D 617 -1.00 40.24 -14.74
CA CYS D 617 -2.06 40.49 -15.70
C CYS D 617 -1.58 41.23 -16.94
N TRP D 633 -0.33 40.81 -20.25
CA TRP D 633 0.94 40.20 -19.85
C TRP D 633 0.68 38.87 -19.11
N ARG D 634 1.29 37.78 -19.63
CA ARG D 634 1.24 36.38 -19.13
C ARG D 634 -0.14 35.72 -19.14
N VAL D 635 -1.09 36.34 -19.81
CA VAL D 635 -2.41 35.77 -19.98
C VAL D 635 -2.68 35.81 -21.46
N TYR D 636 -3.14 34.71 -22.00
CA TYR D 636 -3.40 34.58 -23.44
C TYR D 636 -4.86 34.75 -23.85
N SER D 637 -5.73 35.05 -22.90
CA SER D 637 -7.14 35.23 -23.14
C SER D 637 -7.46 36.60 -23.70
N THR D 638 -8.68 36.75 -24.19
CA THR D 638 -9.18 37.99 -24.77
C THR D 638 -10.50 38.43 -24.15
N GLY D 639 -11.05 39.52 -24.71
CA GLY D 639 -12.31 40.10 -24.22
C GLY D 639 -12.14 41.49 -23.62
N SER D 640 -10.90 41.99 -23.64
CA SER D 640 -10.57 43.32 -23.12
C SER D 640 -10.96 43.44 -21.67
N ASN D 641 -11.17 44.66 -21.18
CA ASN D 641 -11.54 44.83 -19.79
C ASN D 641 -10.55 44.10 -18.90
N VAL D 642 -9.26 44.36 -19.13
CA VAL D 642 -8.23 43.68 -18.37
C VAL D 642 -7.80 44.54 -17.20
N PHE D 643 -8.02 44.03 -16.00
CA PHE D 643 -7.73 44.74 -14.76
C PHE D 643 -6.79 43.99 -13.82
N GLN D 644 -5.77 44.68 -13.35
CA GLN D 644 -4.83 44.07 -12.43
C GLN D 644 -5.20 44.36 -10.99
N THR D 645 -5.36 43.31 -10.20
CA THR D 645 -5.63 43.50 -8.79
C THR D 645 -4.73 42.66 -7.94
N ARG D 646 -4.80 42.84 -6.63
CA ARG D 646 -3.95 42.09 -5.72
C ARG D 646 -4.36 40.64 -5.63
N ALA D 647 -5.59 40.39 -6.02
CA ALA D 647 -6.17 39.07 -6.02
C ALA D 647 -5.94 38.32 -7.32
N GLY D 648 -5.26 38.93 -8.30
CA GLY D 648 -5.06 38.23 -9.57
C GLY D 648 -5.38 39.11 -10.80
N CYS D 649 -5.44 38.48 -11.99
CA CYS D 649 -5.73 39.15 -13.27
C CYS D 649 -7.19 38.95 -13.56
N LEU D 650 -7.93 40.04 -13.61
CA LEU D 650 -9.35 39.93 -13.83
C LEU D 650 -9.72 40.39 -15.21
N ILE D 651 -10.25 39.48 -16.02
CA ILE D 651 -10.60 39.83 -17.39
C ILE D 651 -12.07 39.72 -17.72
N GLY D 652 -12.62 40.82 -18.20
CA GLY D 652 -14.02 40.90 -18.60
C GLY D 652 -14.88 41.77 -17.70
N ALA D 653 -14.40 42.07 -16.51
CA ALA D 653 -15.13 42.94 -15.61
C ALA D 653 -14.67 44.37 -15.82
N GLU D 654 -15.58 45.31 -15.76
CA GLU D 654 -15.22 46.71 -15.89
C GLU D 654 -14.97 47.34 -14.54
N HIS D 655 -13.78 47.82 -14.30
CA HIS D 655 -13.54 48.45 -13.03
C HIS D 655 -14.16 49.83 -12.97
N VAL D 656 -14.81 50.15 -11.85
CA VAL D 656 -15.42 51.46 -11.66
C VAL D 656 -14.93 52.09 -10.38
N ASN D 657 -15.09 53.41 -10.25
CA ASN D 657 -14.64 54.10 -9.05
C ASN D 657 -15.74 54.27 -8.00
N ASN D 658 -16.88 53.68 -8.27
CA ASN D 658 -18.01 53.72 -7.38
C ASN D 658 -17.96 52.52 -6.48
N SER D 659 -17.86 52.74 -5.19
CA SER D 659 -17.83 51.63 -4.27
C SER D 659 -19.26 51.20 -4.04
N TYR D 660 -19.44 49.98 -3.60
CA TYR D 660 -20.79 49.49 -3.32
C TYR D 660 -20.75 48.39 -2.29
N GLU D 661 -21.89 47.89 -1.91
CA GLU D 661 -21.93 46.76 -1.01
C GLU D 661 -21.36 45.58 -1.79
N CYS D 662 -20.62 44.68 -1.13
CA CYS D 662 -20.04 43.49 -1.75
C CYS D 662 -21.11 42.49 -2.15
N ASP D 663 -20.97 41.94 -3.36
CA ASP D 663 -21.89 40.95 -3.87
C ASP D 663 -21.07 39.68 -4.09
N ILE D 664 -20.34 39.58 -5.21
CA ILE D 664 -19.50 38.42 -5.38
C ILE D 664 -18.09 38.81 -4.98
N PRO D 665 -17.51 38.33 -3.90
CA PRO D 665 -16.21 38.75 -3.45
C PRO D 665 -15.14 38.21 -4.33
N ILE D 666 -14.10 38.99 -4.57
CA ILE D 666 -12.92 38.50 -5.28
C ILE D 666 -11.74 38.33 -4.34
N GLY D 667 -11.48 39.36 -3.57
CA GLY D 667 -10.36 39.35 -2.62
C GLY D 667 -9.64 40.68 -2.59
N ALA D 668 -8.92 40.93 -1.50
CA ALA D 668 -8.14 42.14 -1.32
C ALA D 668 -8.96 43.41 -1.48
N GLY D 669 -10.17 43.41 -0.96
CA GLY D 669 -11.04 44.57 -1.00
C GLY D 669 -11.89 44.70 -2.25
N ILE D 670 -11.71 43.82 -3.22
CA ILE D 670 -12.45 43.90 -4.47
C ILE D 670 -13.57 42.86 -4.55
N CYS D 671 -14.77 43.32 -4.99
CA CYS D 671 -15.99 42.56 -5.23
C CYS D 671 -16.48 42.85 -6.65
N ALA D 672 -17.32 41.96 -7.18
CA ALA D 672 -17.91 42.16 -8.49
C ALA D 672 -19.43 42.00 -8.46
N SER D 673 -20.08 42.64 -9.43
CA SER D 673 -21.54 42.60 -9.55
C SER D 673 -22.00 42.79 -10.99
N TYR D 674 -23.28 42.49 -11.26
CA TYR D 674 -23.84 42.69 -12.60
C TYR D 674 -24.78 43.89 -12.57
N GLN D 675 -24.32 45.00 -13.15
CA GLN D 675 -25.03 46.28 -13.09
C GLN D 675 -24.92 47.11 -14.38
N THR D 676 -25.88 48.06 -14.60
CA THR D 676 -25.88 49.02 -15.72
C THR D 676 -24.86 50.14 -15.43
N SER D 689 -26.64 47.13 -21.94
CA SER D 689 -27.15 47.68 -20.68
C SER D 689 -26.23 47.26 -19.51
N GLN D 690 -26.48 46.06 -18.92
CA GLN D 690 -25.76 45.49 -17.79
C GLN D 690 -24.52 44.70 -18.20
N SER D 691 -23.53 44.76 -17.33
CA SER D 691 -22.29 44.04 -17.50
C SER D 691 -21.64 43.80 -16.16
N ILE D 692 -20.64 42.95 -16.13
CA ILE D 692 -19.96 42.70 -14.87
C ILE D 692 -18.98 43.81 -14.58
N ILE D 693 -19.03 44.33 -13.36
CA ILE D 693 -18.13 45.38 -12.93
C ILE D 693 -17.36 44.95 -11.72
N ALA D 694 -16.23 45.61 -11.50
CA ALA D 694 -15.40 45.37 -10.34
C ALA D 694 -15.31 46.66 -9.54
N TYR D 695 -15.33 46.54 -8.23
CA TYR D 695 -15.26 47.72 -7.39
C TYR D 695 -14.70 47.44 -6.03
N THR D 696 -14.26 48.50 -5.36
CA THR D 696 -13.84 48.35 -3.99
C THR D 696 -15.10 48.30 -3.17
N MET D 697 -15.18 47.35 -2.27
CA MET D 697 -16.35 47.23 -1.44
C MET D 697 -16.43 48.33 -0.41
N SER D 698 -17.64 48.76 -0.15
CA SER D 698 -17.96 49.72 0.87
C SER D 698 -18.17 49.03 2.17
N LEU D 699 -17.81 49.66 3.27
CA LEU D 699 -18.03 49.03 4.56
C LEU D 699 -19.28 49.56 5.22
N GLY D 700 -20.03 50.39 4.51
CA GLY D 700 -21.24 50.99 5.05
C GLY D 700 -21.28 52.50 4.89
N ALA D 701 -22.45 53.06 5.15
CA ALA D 701 -22.67 54.50 5.07
C ALA D 701 -21.95 55.13 6.21
N GLU D 702 -21.56 56.39 6.08
CA GLU D 702 -20.91 57.04 7.21
C GLU D 702 -21.93 57.70 8.11
N ASN D 703 -21.60 57.81 9.39
CA ASN D 703 -22.48 58.46 10.35
C ASN D 703 -21.73 59.29 11.37
N SER D 704 -21.82 60.61 11.23
CA SER D 704 -21.13 61.46 12.18
C SER D 704 -22.10 61.74 13.30
N VAL D 705 -21.73 61.32 14.50
CA VAL D 705 -22.59 61.49 15.66
C VAL D 705 -22.34 62.88 16.20
N ALA D 706 -23.40 63.61 16.48
CA ALA D 706 -23.25 64.98 16.97
C ALA D 706 -22.91 65.03 18.44
N TYR D 707 -21.72 64.58 18.75
CA TYR D 707 -21.24 64.53 20.11
C TYR D 707 -21.02 65.90 20.65
N SER D 708 -21.48 66.12 21.85
CA SER D 708 -21.28 67.35 22.58
C SER D 708 -21.36 67.03 24.05
N ASN D 709 -20.59 67.76 24.86
CA ASN D 709 -20.50 67.58 26.32
C ASN D 709 -21.81 67.88 27.06
N ASN D 710 -22.78 68.59 26.42
CA ASN D 710 -24.08 68.92 26.98
C ASN D 710 -25.25 68.46 26.11
N SER D 711 -25.10 67.44 25.25
CA SER D 711 -26.25 67.06 24.42
C SER D 711 -26.53 65.57 24.37
N ILE D 712 -27.79 65.22 24.57
CA ILE D 712 -28.22 63.83 24.56
C ILE D 712 -29.39 63.56 23.62
N ALA D 713 -29.35 62.45 22.89
CA ALA D 713 -30.52 62.13 22.08
C ALA D 713 -31.35 61.08 22.79
N ILE D 714 -32.66 61.29 22.79
CA ILE D 714 -33.59 60.38 23.45
C ILE D 714 -34.73 59.99 22.52
N PRO D 715 -35.06 58.70 22.35
CA PRO D 715 -36.13 58.26 21.50
C PRO D 715 -37.43 58.73 22.08
N THR D 716 -38.33 59.15 21.21
CA THR D 716 -39.68 59.57 21.62
C THR D 716 -40.78 58.56 21.18
N ASN D 717 -40.39 57.48 20.46
CA ASN D 717 -41.22 56.43 19.89
C ASN D 717 -40.36 55.17 19.81
N PHE D 718 -40.96 54.02 19.45
CA PHE D 718 -40.32 52.71 19.31
C PHE D 718 -41.07 51.84 18.34
N THR D 719 -40.41 50.79 17.88
CA THR D 719 -41.05 49.78 17.08
C THR D 719 -40.76 48.41 17.64
N ILE D 720 -41.55 47.43 17.22
CA ILE D 720 -41.33 46.07 17.59
C ILE D 720 -40.91 45.37 16.34
N SER D 721 -39.80 44.68 16.44
CA SER D 721 -39.23 43.99 15.32
C SER D 721 -39.14 42.54 15.62
N VAL D 722 -39.45 41.69 14.65
CA VAL D 722 -39.29 40.30 14.93
C VAL D 722 -38.37 39.74 13.86
N THR D 723 -37.31 39.09 14.26
CA THR D 723 -36.40 38.56 13.26
C THR D 723 -36.26 37.07 13.34
N THR D 724 -35.58 36.49 12.37
CA THR D 724 -35.47 35.04 12.34
C THR D 724 -34.04 34.52 12.36
N GLU D 725 -33.79 33.59 13.26
CA GLU D 725 -32.48 32.96 13.37
C GLU D 725 -32.57 31.47 13.22
N ILE D 726 -31.75 30.90 12.36
CA ILE D 726 -31.84 29.47 12.09
C ILE D 726 -30.61 28.68 12.43
N LEU D 727 -30.80 27.60 13.17
CA LEU D 727 -29.68 26.73 13.52
C LEU D 727 -29.98 25.27 13.22
N PRO D 728 -29.04 24.51 12.65
CA PRO D 728 -29.08 23.07 12.53
C PRO D 728 -29.03 22.44 13.89
N VAL D 729 -29.71 21.34 14.04
CA VAL D 729 -29.65 20.55 15.26
C VAL D 729 -29.10 19.16 15.01
N SER D 730 -29.50 18.55 13.89
CA SER D 730 -29.12 17.16 13.65
C SER D 730 -28.87 16.91 12.19
N MET D 731 -28.28 15.76 11.90
CA MET D 731 -28.05 15.33 10.54
C MET D 731 -28.48 13.89 10.39
N THR D 732 -28.63 13.42 9.17
CA THR D 732 -29.07 12.06 8.92
C THR D 732 -28.16 11.04 9.58
N LYS D 733 -28.77 10.10 10.28
CA LYS D 733 -28.08 9.03 10.96
C LYS D 733 -27.92 7.87 10.02
N THR D 734 -26.69 7.43 9.80
CA THR D 734 -26.48 6.32 8.89
C THR D 734 -25.62 5.26 9.53
N SER D 735 -25.63 4.10 8.90
CA SER D 735 -24.82 2.97 9.29
C SER D 735 -24.35 2.22 8.06
N VAL D 736 -23.08 1.80 8.05
CA VAL D 736 -22.55 1.13 6.88
C VAL D 736 -22.06 -0.27 7.16
N ASP D 737 -22.56 -1.21 6.38
CA ASP D 737 -22.15 -2.59 6.44
C ASP D 737 -20.87 -2.74 5.61
N CYS D 738 -19.71 -2.95 6.27
CA CYS D 738 -18.36 -3.00 5.70
C CYS D 738 -18.19 -4.20 4.76
N THR D 739 -19.00 -5.24 4.95
CA THR D 739 -18.84 -6.38 4.10
C THR D 739 -19.58 -6.07 2.84
N MET D 740 -20.79 -5.55 2.96
CA MET D 740 -21.49 -5.24 1.73
C MET D 740 -20.80 -4.14 0.95
N TYR D 741 -20.20 -3.17 1.64
CA TYR D 741 -19.54 -2.09 0.93
C TYR D 741 -18.30 -2.59 0.22
N ILE D 742 -17.47 -3.36 0.90
CA ILE D 742 -16.19 -3.75 0.32
C ILE D 742 -16.26 -5.00 -0.58
N CYS D 743 -16.93 -6.08 -0.11
CA CYS D 743 -16.93 -7.40 -0.71
C CYS D 743 -18.22 -7.72 -1.43
N GLY D 744 -19.33 -7.20 -0.98
CA GLY D 744 -20.54 -7.50 -1.74
C GLY D 744 -20.87 -8.97 -1.61
N ASP D 745 -20.60 -9.52 -0.44
CA ASP D 745 -20.78 -10.91 -0.08
C ASP D 745 -19.80 -11.89 -0.73
N SER D 746 -18.77 -11.40 -1.42
CA SER D 746 -17.74 -12.29 -1.91
C SER D 746 -17.04 -12.97 -0.75
N THR D 747 -16.96 -14.30 -0.83
CA THR D 747 -16.34 -15.10 0.20
C THR D 747 -14.86 -14.90 0.23
N GLU D 748 -14.25 -14.85 -0.95
CA GLU D 748 -12.81 -14.71 -1.03
C GLU D 748 -12.35 -13.37 -0.45
N CYS D 749 -13.10 -12.27 -0.74
CA CYS D 749 -12.85 -10.94 -0.24
C CYS D 749 -13.00 -10.93 1.29
N SER D 750 -14.07 -11.52 1.82
CA SER D 750 -14.25 -11.50 3.25
C SER D 750 -13.08 -12.17 3.94
N ASN D 751 -12.62 -13.28 3.38
CA ASN D 751 -11.50 -13.97 3.99
C ASN D 751 -10.23 -13.13 3.95
N LEU D 752 -10.08 -12.27 2.95
CA LEU D 752 -8.93 -11.39 2.88
C LEU D 752 -9.10 -10.22 3.85
N LEU D 753 -10.33 -9.84 4.20
CA LEU D 753 -10.53 -8.76 5.15
C LEU D 753 -10.08 -9.19 6.52
N LEU D 754 -10.09 -10.48 6.76
CA LEU D 754 -9.68 -11.00 8.05
C LEU D 754 -8.17 -10.89 8.23
N GLN D 755 -7.44 -10.53 7.18
CA GLN D 755 -5.99 -10.40 7.25
C GLN D 755 -5.59 -8.96 7.62
N TYR D 756 -6.58 -8.11 7.78
CA TYR D 756 -6.42 -6.71 8.14
C TYR D 756 -6.72 -6.55 9.61
N GLY D 757 -6.60 -5.35 10.13
CA GLY D 757 -6.89 -5.16 11.54
C GLY D 757 -8.40 -5.09 11.71
N SER D 758 -8.87 -4.80 12.91
CA SER D 758 -10.30 -4.77 13.19
C SER D 758 -10.95 -3.47 12.76
N PHE D 759 -10.90 -3.24 11.45
CA PHE D 759 -11.40 -2.02 10.88
C PHE D 759 -12.94 -1.92 10.83
N CYS D 760 -13.69 -3.07 10.75
CA CYS D 760 -15.15 -3.06 10.69
C CYS D 760 -15.69 -2.61 12.01
N THR D 761 -15.04 -3.06 13.07
CA THR D 761 -15.47 -2.68 14.38
C THR D 761 -15.29 -1.20 14.55
N GLN D 762 -14.14 -0.65 14.16
CA GLN D 762 -13.97 0.77 14.37
C GLN D 762 -14.85 1.62 13.47
N LEU D 763 -15.05 1.23 12.21
CA LEU D 763 -15.88 2.04 11.33
C LEU D 763 -17.32 2.02 11.80
N ASN D 764 -17.81 0.86 12.23
CA ASN D 764 -19.18 0.77 12.61
C ASN D 764 -19.42 1.43 13.94
N ARG D 765 -18.45 1.35 14.86
CA ARG D 765 -18.66 1.98 16.13
C ARG D 765 -18.64 3.48 15.99
N ALA D 766 -17.77 4.02 15.13
CA ALA D 766 -17.73 5.46 14.97
C ALA D 766 -19.04 5.96 14.41
N LEU D 767 -19.62 5.25 13.44
CA LEU D 767 -20.86 5.70 12.87
C LEU D 767 -22.01 5.52 13.85
N THR D 768 -21.95 4.48 14.67
CA THR D 768 -23.00 4.29 15.66
C THR D 768 -22.95 5.42 16.65
N GLY D 769 -21.76 5.81 17.09
CA GLY D 769 -21.64 6.88 18.05
C GLY D 769 -22.24 8.16 17.50
N ILE D 770 -22.02 8.44 16.21
CA ILE D 770 -22.62 9.62 15.63
C ILE D 770 -24.12 9.48 15.64
N ALA D 771 -24.63 8.34 15.23
CA ALA D 771 -26.07 8.18 15.19
C ALA D 771 -26.71 8.41 16.55
N VAL D 772 -26.07 7.96 17.61
CA VAL D 772 -26.65 8.19 18.92
C VAL D 772 -26.65 9.66 19.27
N GLU D 773 -25.54 10.33 18.99
CA GLU D 773 -25.39 11.75 19.27
C GLU D 773 -26.48 12.55 18.58
N GLN D 774 -26.90 12.14 17.39
CA GLN D 774 -27.90 12.92 16.69
C GLN D 774 -29.24 12.93 17.44
N ASP D 775 -29.57 11.88 18.19
CA ASP D 775 -30.83 11.92 18.91
C ASP D 775 -30.62 12.70 20.16
N LYS D 776 -29.42 12.62 20.72
CA LYS D 776 -29.15 13.39 21.92
C LYS D 776 -29.30 14.87 21.62
N ASN D 777 -28.81 15.32 20.47
CA ASN D 777 -28.88 16.72 20.11
C ASN D 777 -30.31 17.19 19.99
N THR D 778 -31.16 16.37 19.38
CA THR D 778 -32.53 16.76 19.22
C THR D 778 -33.22 16.84 20.57
N GLN D 779 -32.92 15.88 21.43
CA GLN D 779 -33.54 15.84 22.74
C GLN D 779 -33.14 17.05 23.57
N GLU D 780 -31.87 17.44 23.54
CA GLU D 780 -31.46 18.60 24.34
C GLU D 780 -32.03 19.92 23.85
N VAL D 781 -32.16 20.08 22.54
CA VAL D 781 -32.70 21.30 22.00
C VAL D 781 -34.18 21.44 22.24
N PHE D 782 -34.97 20.40 22.01
CA PHE D 782 -36.41 20.59 22.14
C PHE D 782 -37.06 20.15 23.43
N ALA D 783 -36.56 19.12 24.11
CA ALA D 783 -37.26 18.62 25.28
C ALA D 783 -36.85 19.36 26.54
N GLN D 784 -37.13 20.65 26.58
CA GLN D 784 -36.75 21.47 27.73
C GLN D 784 -37.90 21.71 28.66
N VAL D 785 -39.03 21.17 28.31
CA VAL D 785 -40.24 21.33 29.05
C VAL D 785 -40.64 19.94 29.53
N LYS D 786 -41.02 19.80 30.79
CA LYS D 786 -41.38 18.49 31.30
C LYS D 786 -42.82 18.11 31.05
N GLN D 787 -43.68 19.11 30.94
CA GLN D 787 -45.10 18.85 30.70
C GLN D 787 -45.48 19.42 29.38
N ILE D 788 -46.50 18.86 28.79
CA ILE D 788 -46.98 19.41 27.56
C ILE D 788 -48.06 20.37 27.90
N TYR D 789 -47.75 21.62 27.74
CA TYR D 789 -48.65 22.67 28.07
C TYR D 789 -49.52 22.89 26.89
N LYS D 790 -50.76 23.18 27.15
CA LYS D 790 -51.67 23.50 26.08
C LYS D 790 -52.27 24.85 26.27
N THR D 791 -52.59 25.48 25.16
CA THR D 791 -53.20 26.78 25.19
C THR D 791 -54.69 26.66 25.40
N PRO D 792 -55.35 27.74 25.82
CA PRO D 792 -56.77 27.90 25.90
C PRO D 792 -57.18 28.05 24.45
N PRO D 793 -58.45 28.08 24.13
CA PRO D 793 -58.90 28.41 22.80
C PRO D 793 -58.19 29.73 22.55
N ILE D 794 -57.76 30.00 21.32
CA ILE D 794 -56.94 31.18 21.17
C ILE D 794 -57.73 32.45 21.08
N LYS D 795 -57.84 33.05 22.24
CA LYS D 795 -58.59 34.25 22.46
C LYS D 795 -58.00 35.00 23.64
N ASP D 796 -58.34 36.28 23.74
CA ASP D 796 -58.01 37.13 24.88
C ASP D 796 -56.53 37.27 25.21
N PHE D 797 -55.70 37.45 24.19
CA PHE D 797 -54.28 37.65 24.44
C PHE D 797 -53.89 39.10 24.31
N GLY D 798 -54.80 40.00 24.63
CA GLY D 798 -54.51 41.42 24.66
C GLY D 798 -54.56 42.10 23.31
N GLY D 799 -54.89 41.35 22.29
CA GLY D 799 -54.91 41.85 20.93
C GLY D 799 -53.72 41.33 20.16
N PHE D 800 -52.87 40.56 20.82
CA PHE D 800 -51.72 39.97 20.16
C PHE D 800 -52.24 38.72 19.45
N ASN D 801 -51.82 38.53 18.19
CA ASN D 801 -52.20 37.43 17.30
C ASN D 801 -51.03 36.44 17.13
N PHE D 802 -51.19 35.22 17.70
CA PHE D 802 -50.18 34.16 17.68
C PHE D 802 -50.57 33.05 16.72
N SER D 803 -51.54 33.30 15.86
CA SER D 803 -52.02 32.23 14.99
C SER D 803 -51.04 31.70 13.98
N GLN D 804 -49.98 32.44 13.63
CA GLN D 804 -49.08 31.91 12.64
C GLN D 804 -47.93 31.13 13.27
N ILE D 805 -47.85 31.14 14.60
CA ILE D 805 -46.80 30.41 15.31
C ILE D 805 -47.39 29.17 15.99
N LEU D 806 -48.66 29.24 16.37
CA LEU D 806 -49.34 28.12 17.01
C LEU D 806 -49.81 27.10 15.98
N PRO D 807 -49.96 25.81 16.33
CA PRO D 807 -50.41 24.76 15.46
C PRO D 807 -51.75 25.05 14.82
N ASP D 808 -51.88 24.68 13.55
CA ASP D 808 -53.10 24.83 12.77
C ASP D 808 -53.98 23.58 12.89
N PRO D 809 -55.13 23.62 13.59
CA PRO D 809 -56.03 22.51 13.85
C PRO D 809 -56.64 21.88 12.61
N SER D 810 -56.62 22.59 11.48
CA SER D 810 -57.23 22.05 10.27
C SER D 810 -56.33 21.13 9.47
N LYS D 811 -55.05 21.06 9.82
CA LYS D 811 -54.14 20.27 9.01
C LYS D 811 -53.98 18.83 9.54
N PRO D 812 -53.61 17.85 8.67
CA PRO D 812 -53.26 16.46 8.98
C PRO D 812 -52.09 16.32 9.94
N SER D 813 -51.28 17.35 10.02
CA SER D 813 -50.12 17.40 10.88
C SER D 813 -50.24 18.74 11.54
N LYS D 814 -50.30 18.71 12.86
CA LYS D 814 -50.59 19.92 13.61
C LYS D 814 -49.38 20.80 13.78
N ARG D 815 -49.07 21.50 12.72
CA ARG D 815 -47.93 22.39 12.63
C ARG D 815 -48.46 23.77 12.38
N SER D 816 -47.72 24.77 12.77
CA SER D 816 -48.16 26.14 12.57
C SER D 816 -48.01 26.47 11.11
N PRO D 817 -48.66 27.52 10.58
CA PRO D 817 -48.45 28.03 9.25
C PRO D 817 -46.99 28.29 8.92
N ILE D 818 -46.21 28.82 9.89
CA ILE D 818 -44.79 29.03 9.62
C ILE D 818 -44.07 27.71 9.55
N GLU D 819 -44.35 26.78 10.44
CA GLU D 819 -43.68 25.50 10.38
C GLU D 819 -44.01 24.79 9.09
N ASP D 820 -45.25 24.88 8.62
CA ASP D 820 -45.61 24.19 7.40
C ASP D 820 -44.78 24.76 6.25
N LEU D 821 -44.56 26.08 6.25
CA LEU D 821 -43.74 26.70 5.23
C LEU D 821 -42.29 26.23 5.30
N LEU D 822 -41.72 26.15 6.49
CA LEU D 822 -40.33 25.74 6.66
C LEU D 822 -40.13 24.31 6.16
N PHE D 823 -41.10 23.45 6.46
CA PHE D 823 -41.02 22.06 6.04
C PHE D 823 -41.17 21.88 4.55
N ASN D 824 -42.05 22.65 3.92
CA ASN D 824 -42.20 22.52 2.49
C ASN D 824 -41.02 23.09 1.71
N LYS D 825 -40.35 24.11 2.27
CA LYS D 825 -39.21 24.73 1.59
C LYS D 825 -37.87 23.99 1.67
N VAL D 826 -37.55 23.31 2.79
CA VAL D 826 -36.26 22.63 2.81
C VAL D 826 -36.42 21.28 2.07
N THR D 827 -35.53 21.00 1.08
CA THR D 827 -35.57 19.80 0.24
C THR D 827 -34.67 18.72 0.85
N LYS D 854 -28.53 1.79 -1.26
CA LYS D 854 -28.63 0.62 -0.40
C LYS D 854 -27.87 -0.63 -0.91
N PHE D 855 -27.53 -0.67 -2.21
CA PHE D 855 -26.91 -1.80 -2.93
C PHE D 855 -25.56 -2.21 -2.37
N ASN D 856 -24.92 -1.28 -1.67
CA ASN D 856 -23.62 -1.45 -1.08
C ASN D 856 -23.65 -1.36 0.44
N GLY D 857 -24.78 -1.65 1.07
CA GLY D 857 -24.80 -1.70 2.53
C GLY D 857 -25.01 -0.38 3.25
N LEU D 858 -25.56 0.62 2.58
CA LEU D 858 -25.77 1.90 3.24
C LEU D 858 -27.18 1.98 3.79
N THR D 859 -27.30 2.06 5.09
CA THR D 859 -28.58 2.09 5.77
C THR D 859 -28.86 3.43 6.44
N VAL D 860 -30.05 3.95 6.20
CA VAL D 860 -30.47 5.20 6.84
C VAL D 860 -31.40 4.85 7.97
N LEU D 861 -31.09 5.36 9.15
CA LEU D 861 -31.84 5.05 10.33
C LEU D 861 -32.84 6.16 10.66
N PRO D 862 -34.02 5.85 11.22
CA PRO D 862 -34.99 6.82 11.64
C PRO D 862 -34.54 7.47 12.93
N PRO D 863 -34.98 8.69 13.23
CA PRO D 863 -34.81 9.43 14.46
C PRO D 863 -35.70 8.84 15.50
N LEU D 864 -35.38 9.03 16.77
CA LEU D 864 -36.31 8.61 17.81
C LEU D 864 -37.54 9.51 17.85
N LEU D 865 -37.33 10.81 17.72
CA LEU D 865 -38.45 11.74 17.77
C LEU D 865 -38.86 12.11 16.37
N THR D 866 -40.08 11.78 16.05
CA THR D 866 -40.61 12.02 14.72
C THR D 866 -41.01 13.47 14.64
N ASP D 867 -41.30 13.96 13.44
CA ASP D 867 -41.68 15.36 13.31
C ASP D 867 -42.89 15.71 14.15
N GLU D 868 -43.79 14.76 14.32
CA GLU D 868 -44.96 14.96 15.14
C GLU D 868 -44.60 15.21 16.60
N MET D 869 -43.55 14.56 17.10
CA MET D 869 -43.17 14.74 18.49
C MET D 869 -42.43 16.02 18.67
N ILE D 870 -41.72 16.45 17.64
CA ILE D 870 -41.03 17.70 17.73
C ILE D 870 -42.07 18.78 17.74
N ALA D 871 -43.09 18.64 16.90
CA ALA D 871 -44.15 19.62 16.87
C ALA D 871 -44.84 19.71 18.22
N GLN D 872 -45.04 18.57 18.91
CA GLN D 872 -45.66 18.66 20.22
C GLN D 872 -44.77 19.37 21.23
N TYR D 873 -43.45 19.15 21.18
CA TYR D 873 -42.62 19.87 22.13
C TYR D 873 -42.63 21.35 21.83
N THR D 874 -42.60 21.72 20.56
CA THR D 874 -42.59 23.12 20.20
C THR D 874 -43.89 23.77 20.64
N SER D 875 -45.00 23.09 20.44
CA SER D 875 -46.28 23.62 20.82
C SER D 875 -46.32 23.84 22.32
N ALA D 876 -45.80 22.89 23.10
CA ALA D 876 -45.78 23.04 24.55
C ALA D 876 -44.97 24.24 24.98
N LEU D 877 -43.84 24.48 24.33
CA LEU D 877 -43.04 25.63 24.68
C LEU D 877 -43.76 26.91 24.36
N LEU D 878 -44.48 26.96 23.25
CA LEU D 878 -45.20 28.17 22.94
C LEU D 878 -46.33 28.37 23.92
N ALA D 879 -47.02 27.30 24.29
CA ALA D 879 -48.13 27.44 25.21
C ALA D 879 -47.64 27.98 26.52
N GLY D 880 -46.48 27.51 26.96
CA GLY D 880 -45.89 27.97 28.19
C GLY D 880 -45.52 29.44 28.08
N THR D 881 -44.82 29.80 27.02
CA THR D 881 -44.34 31.15 26.83
C THR D 881 -45.47 32.14 26.79
N ILE D 882 -46.55 31.79 26.10
CA ILE D 882 -47.69 32.65 25.94
C ILE D 882 -48.54 32.79 27.19
N THR D 883 -48.83 31.69 27.92
CA THR D 883 -49.71 31.80 29.07
C THR D 883 -49.05 31.96 30.45
N SER D 884 -47.76 31.63 30.62
CA SER D 884 -47.11 31.71 31.93
C SER D 884 -45.73 32.40 31.93
N GLY D 885 -45.33 32.99 30.83
CA GLY D 885 -44.05 33.67 30.73
C GLY D 885 -42.89 32.74 30.97
N TRP D 886 -41.99 33.12 31.85
CA TRP D 886 -40.84 32.27 32.14
C TRP D 886 -41.02 31.36 33.32
N THR D 887 -42.18 31.39 33.95
CA THR D 887 -42.32 30.61 35.16
C THR D 887 -42.43 29.13 34.88
N PHE D 888 -42.85 28.74 33.67
CA PHE D 888 -42.95 27.33 33.34
C PHE D 888 -41.57 26.72 33.23
N GLY D 889 -40.58 27.57 33.09
CA GLY D 889 -39.20 27.20 32.97
C GLY D 889 -38.66 26.96 34.37
N ALA D 890 -38.55 28.04 35.14
CA ALA D 890 -37.97 28.00 36.49
C ALA D 890 -38.73 27.14 37.53
N GLY D 891 -40.05 27.06 37.45
CA GLY D 891 -40.80 26.33 38.46
C GLY D 891 -42.10 25.81 37.86
N PRO D 892 -43.22 25.83 38.59
CA PRO D 892 -44.51 25.41 38.10
C PRO D 892 -44.95 26.48 37.16
N ALA D 893 -45.78 26.18 36.18
CA ALA D 893 -46.26 27.29 35.38
C ALA D 893 -47.27 28.07 36.16
N LEU D 894 -47.14 29.38 36.15
CA LEU D 894 -48.07 30.27 36.79
C LEU D 894 -48.74 31.16 35.77
N GLN D 895 -50.05 31.12 35.66
CA GLN D 895 -50.73 31.91 34.65
C GLN D 895 -50.59 33.40 34.90
N ILE D 896 -50.49 34.15 33.81
CA ILE D 896 -50.46 35.62 33.87
C ILE D 896 -51.17 36.19 32.64
N PRO D 897 -51.92 37.31 32.70
CA PRO D 897 -52.50 37.93 31.54
C PRO D 897 -51.40 38.24 30.57
N PHE D 898 -51.61 38.04 29.28
CA PHE D 898 -50.52 38.29 28.36
C PHE D 898 -49.98 39.73 28.46
N PRO D 899 -50.79 40.79 28.47
CA PRO D 899 -50.31 42.15 28.58
C PRO D 899 -49.47 42.39 29.83
N MET D 900 -49.62 41.59 30.89
CA MET D 900 -48.80 41.87 32.04
C MET D 900 -47.49 41.22 31.82
N GLN D 901 -47.50 40.14 31.06
CA GLN D 901 -46.26 39.49 30.76
C GLN D 901 -45.41 40.46 29.98
N MET D 902 -46.05 41.17 29.05
CA MET D 902 -45.30 42.15 28.29
C MET D 902 -44.85 43.28 29.18
N ALA D 903 -45.64 43.68 30.17
CA ALA D 903 -45.22 44.76 31.04
C ALA D 903 -43.94 44.39 31.74
N TYR D 904 -43.79 43.13 32.13
CA TYR D 904 -42.58 42.76 32.82
C TYR D 904 -41.42 42.69 31.86
N ARG D 905 -41.67 42.27 30.63
CA ARG D 905 -40.63 42.22 29.63
C ARG D 905 -40.15 43.63 29.28
N PHE D 906 -41.05 44.62 29.34
CA PHE D 906 -40.66 46.01 29.13
C PHE D 906 -39.82 46.53 30.29
N ASN D 907 -40.17 46.18 31.53
CA ASN D 907 -39.34 46.65 32.64
C ASN D 907 -37.95 46.07 32.52
N GLY D 908 -37.87 44.86 31.99
CA GLY D 908 -36.65 44.12 31.81
C GLY D 908 -35.68 44.76 30.82
N ILE D 909 -36.13 45.73 30.02
CA ILE D 909 -35.27 46.40 29.08
C ILE D 909 -35.09 47.85 29.46
N GLY D 910 -35.50 48.23 30.67
CA GLY D 910 -35.35 49.60 31.10
C GLY D 910 -36.43 50.56 30.63
N VAL D 911 -37.61 50.07 30.30
CA VAL D 911 -38.69 50.91 29.86
C VAL D 911 -39.81 50.66 30.84
N THR D 912 -40.46 51.69 31.34
CA THR D 912 -41.47 51.45 32.35
C THR D 912 -42.75 50.84 31.78
N GLN D 913 -43.67 50.51 32.69
CA GLN D 913 -44.92 49.83 32.36
C GLN D 913 -45.94 50.73 31.72
N ASN D 914 -45.81 52.02 31.96
CA ASN D 914 -46.76 52.97 31.44
C ASN D 914 -46.76 52.86 29.95
N VAL D 915 -45.58 52.64 29.36
CA VAL D 915 -45.48 52.64 27.93
C VAL D 915 -46.29 51.53 27.35
N LEU D 916 -46.19 50.34 27.90
CA LEU D 916 -46.96 49.26 27.35
C LEU D 916 -48.43 49.45 27.45
N TYR D 917 -48.92 49.86 28.60
CA TYR D 917 -50.36 49.88 28.67
C TYR D 917 -50.94 51.02 27.86
N GLU D 918 -50.29 52.17 27.87
CA GLU D 918 -50.82 53.28 27.14
C GLU D 918 -50.79 53.03 25.64
N ASN D 919 -49.79 52.30 25.19
CA ASN D 919 -49.62 51.97 23.79
C ASN D 919 -49.96 50.52 23.51
N GLN D 920 -50.76 49.87 24.35
CA GLN D 920 -51.02 48.46 24.10
C GLN D 920 -51.58 48.17 22.73
N LYS D 921 -52.47 49.01 22.22
CA LYS D 921 -53.03 48.71 20.91
C LYS D 921 -51.95 48.82 19.84
N LEU D 922 -51.11 49.84 19.94
CA LEU D 922 -50.05 50.03 18.96
C LEU D 922 -49.07 48.88 18.99
N ILE D 923 -48.70 48.45 20.18
CA ILE D 923 -47.73 47.39 20.32
C ILE D 923 -48.27 46.11 19.75
N ALA D 924 -49.53 45.77 20.04
CA ALA D 924 -50.07 44.55 19.49
C ALA D 924 -50.10 44.62 17.97
N ASN D 925 -50.41 45.78 17.40
CA ASN D 925 -50.44 45.87 15.96
C ASN D 925 -49.06 45.78 15.33
N GLN D 926 -48.04 46.37 15.96
CA GLN D 926 -46.71 46.28 15.39
C GLN D 926 -46.24 44.83 15.44
N PHE D 927 -46.57 44.14 16.52
CA PHE D 927 -46.21 42.75 16.68
C PHE D 927 -46.86 41.88 15.62
N ASN D 928 -48.16 42.07 15.44
CA ASN D 928 -48.89 41.24 14.51
C ASN D 928 -48.39 41.43 13.08
N SER D 929 -48.04 42.66 12.73
CA SER D 929 -47.53 42.91 11.39
C SER D 929 -46.18 42.27 11.20
N ALA D 930 -45.33 42.31 12.22
CA ALA D 930 -44.01 41.72 12.10
C ALA D 930 -44.08 40.23 11.83
N ILE D 931 -45.04 39.54 12.45
CA ILE D 931 -45.11 38.11 12.21
C ILE D 931 -45.51 37.85 10.76
N GLY D 932 -46.46 38.62 10.23
CA GLY D 932 -46.85 38.41 8.84
C GLY D 932 -45.67 38.63 7.89
N LYS D 933 -44.81 39.60 8.21
CA LYS D 933 -43.65 39.87 7.38
C LYS D 933 -42.70 38.68 7.34
N ILE D 934 -42.59 37.95 8.44
CA ILE D 934 -41.72 36.79 8.49
C ILE D 934 -42.16 35.74 7.51
N GLN D 935 -43.46 35.50 7.45
CA GLN D 935 -43.92 34.51 6.49
C GLN D 935 -43.59 34.92 5.07
N ASP D 936 -43.75 36.20 4.74
CA ASP D 936 -43.46 36.61 3.39
C ASP D 936 -41.98 36.47 3.07
N SER D 937 -41.13 36.75 4.06
CA SER D 937 -39.70 36.65 3.87
C SER D 937 -39.27 35.22 3.63
N LEU D 938 -39.76 34.29 4.45
CA LEU D 938 -39.38 32.89 4.29
C LEU D 938 -39.89 32.33 2.99
N SER D 939 -41.08 32.76 2.59
CA SER D 939 -41.69 32.28 1.36
C SER D 939 -40.98 32.77 0.10
N SER D 940 -40.69 34.08 0.05
CA SER D 940 -40.09 34.68 -1.13
C SER D 940 -38.57 34.57 -1.25
N THR D 941 -37.86 34.34 -0.14
CA THR D 941 -36.41 34.27 -0.21
C THR D 941 -35.93 32.86 0.11
N PRO D 942 -35.64 32.00 -0.90
CA PRO D 942 -35.30 30.60 -0.73
C PRO D 942 -33.97 30.37 -0.01
N SER D 943 -33.14 31.41 0.01
CA SER D 943 -31.84 31.35 0.64
C SER D 943 -31.95 31.43 2.15
N ALA D 944 -33.15 31.79 2.64
CA ALA D 944 -33.38 32.00 4.05
C ALA D 944 -33.08 30.75 4.86
N LEU D 945 -33.35 29.59 4.28
CA LEU D 945 -33.17 28.33 4.96
C LEU D 945 -31.92 27.62 4.51
N GLY D 946 -31.01 28.35 3.87
CA GLY D 946 -29.79 27.78 3.33
C GLY D 946 -28.99 27.00 4.34
N LYS D 947 -28.98 27.38 5.60
CA LYS D 947 -28.21 26.61 6.57
C LYS D 947 -28.69 25.17 6.72
N LEU D 948 -30.00 24.95 6.62
CA LEU D 948 -30.49 23.61 6.84
C LEU D 948 -30.35 22.84 5.55
N GLN D 949 -30.49 23.55 4.44
CA GLN D 949 -30.37 22.89 3.16
C GLN D 949 -28.94 22.43 2.97
N ASP D 950 -27.99 23.22 3.45
CA ASP D 950 -26.59 22.90 3.32
C ASP D 950 -26.23 21.66 4.12
N VAL D 951 -26.78 21.51 5.32
CA VAL D 951 -26.47 20.30 6.07
C VAL D 951 -26.92 19.09 5.28
N VAL D 952 -28.10 19.17 4.71
CA VAL D 952 -28.61 18.06 3.92
C VAL D 952 -27.72 17.79 2.73
N ASN D 953 -27.31 18.83 2.03
CA ASN D 953 -26.54 18.65 0.83
C ASN D 953 -25.15 18.08 1.11
N GLN D 954 -24.51 18.49 2.21
CA GLN D 954 -23.18 17.97 2.47
C GLN D 954 -23.21 16.50 2.81
N ASN D 955 -24.21 16.06 3.56
CA ASN D 955 -24.23 14.65 3.89
C ASN D 955 -24.59 13.83 2.67
N ALA D 956 -25.45 14.36 1.80
CA ALA D 956 -25.80 13.64 0.60
C ALA D 956 -24.59 13.45 -0.28
N GLN D 957 -23.74 14.47 -0.36
CA GLN D 957 -22.54 14.36 -1.16
C GLN D 957 -21.56 13.39 -0.56
N ALA D 958 -21.43 13.36 0.78
CA ALA D 958 -20.50 12.44 1.37
C ALA D 958 -20.85 11.01 1.00
N LEU D 959 -22.15 10.70 1.00
CA LEU D 959 -22.59 9.37 0.62
C LEU D 959 -22.45 9.13 -0.86
N ASN D 960 -22.72 10.13 -1.70
CA ASN D 960 -22.59 9.89 -3.12
C ASN D 960 -21.14 9.66 -3.48
N THR D 961 -20.24 10.33 -2.79
CA THR D 961 -18.84 10.14 -3.06
C THR D 961 -18.48 8.73 -2.67
N LEU D 962 -18.92 8.27 -1.51
CA LEU D 962 -18.58 6.92 -1.07
C LEU D 962 -19.04 5.91 -2.13
N VAL D 963 -20.24 6.11 -2.67
CA VAL D 963 -20.78 5.24 -3.70
C VAL D 963 -19.99 5.26 -4.98
N LYS D 964 -19.58 6.43 -5.44
CA LYS D 964 -18.83 6.51 -6.68
C LYS D 964 -17.38 6.04 -6.53
N GLN D 965 -16.78 6.18 -5.35
CA GLN D 965 -15.39 5.74 -5.23
C GLN D 965 -15.36 4.23 -5.35
N LEU D 966 -16.45 3.60 -4.95
CA LEU D 966 -16.60 2.17 -5.03
C LEU D 966 -16.33 1.63 -6.44
N SER D 967 -16.68 2.39 -7.50
CA SER D 967 -16.52 1.86 -8.86
C SER D 967 -15.14 2.10 -9.48
N SER D 968 -14.22 2.76 -8.77
CA SER D 968 -12.86 2.94 -9.28
C SER D 968 -12.10 1.62 -9.20
N ASN D 969 -11.15 1.42 -10.11
CA ASN D 969 -10.36 0.21 -10.09
C ASN D 969 -9.29 0.20 -9.01
N PHE D 970 -8.77 1.36 -8.62
CA PHE D 970 -7.70 1.41 -7.63
C PHE D 970 -6.47 0.56 -7.96
N GLY D 971 -6.15 0.43 -9.25
CA GLY D 971 -5.01 -0.37 -9.68
C GLY D 971 -5.38 -1.80 -10.09
N ALA D 972 -6.62 -2.18 -9.83
CA ALA D 972 -7.13 -3.49 -10.18
C ALA D 972 -7.46 -3.53 -11.66
N ILE D 973 -7.57 -4.75 -12.19
CA ILE D 973 -7.99 -4.92 -13.58
C ILE D 973 -9.44 -4.50 -13.85
N SER D 974 -10.26 -4.58 -12.81
CA SER D 974 -11.66 -4.21 -12.87
C SER D 974 -12.15 -3.85 -11.50
N SER D 975 -13.05 -2.88 -11.44
CA SER D 975 -13.69 -2.45 -10.20
C SER D 975 -14.82 -3.35 -9.81
N VAL D 976 -15.20 -4.23 -10.70
CA VAL D 976 -16.27 -5.12 -10.43
C VAL D 976 -15.69 -6.39 -9.89
N LEU D 977 -16.00 -6.68 -8.64
CA LEU D 977 -15.45 -7.82 -7.97
C LEU D 977 -15.89 -9.08 -8.66
N ASN D 978 -17.11 -9.06 -9.21
CA ASN D 978 -17.63 -10.19 -9.91
C ASN D 978 -16.90 -10.48 -11.22
N ASP D 979 -16.25 -9.48 -11.86
CA ASP D 979 -15.53 -9.76 -13.09
C ASP D 979 -14.27 -10.49 -12.73
N ILE D 980 -13.69 -10.09 -11.61
CA ILE D 980 -12.46 -10.73 -11.19
C ILE D 980 -12.78 -12.16 -10.85
N LEU D 981 -13.83 -12.36 -10.08
CA LEU D 981 -14.21 -13.71 -9.68
C LEU D 981 -14.65 -14.59 -10.85
N SER D 982 -15.36 -14.02 -11.83
CA SER D 982 -15.84 -14.79 -12.96
C SER D 982 -14.77 -15.20 -13.97
N ARG D 983 -13.82 -14.33 -14.30
CA ARG D 983 -12.84 -14.76 -15.30
C ARG D 983 -11.44 -15.02 -14.78
N LEU D 984 -11.03 -14.36 -13.71
CA LEU D 984 -9.65 -14.53 -13.32
C LEU D 984 -9.53 -15.81 -12.48
N CYS D 985 -8.40 -16.53 -12.65
CA CYS D 985 -8.11 -17.82 -12.04
C CYS D 985 -7.66 -17.57 -10.58
N PRO D 986 -8.18 -18.32 -9.57
CA PRO D 986 -8.04 -18.07 -8.13
C PRO D 986 -6.77 -17.40 -7.55
N PRO D 987 -5.51 -17.82 -7.78
CA PRO D 987 -4.37 -17.14 -7.20
C PRO D 987 -4.19 -15.71 -7.73
N GLU D 988 -4.70 -15.46 -8.94
CA GLU D 988 -4.56 -14.15 -9.52
C GLU D 988 -5.71 -13.33 -9.02
N ALA D 989 -6.84 -14.02 -8.79
CA ALA D 989 -8.01 -13.33 -8.28
C ALA D 989 -7.65 -12.79 -6.93
N GLU D 990 -6.92 -13.54 -6.12
CA GLU D 990 -6.54 -13.02 -4.81
C GLU D 990 -5.79 -11.71 -4.91
N VAL D 991 -4.88 -11.61 -5.87
CA VAL D 991 -4.14 -10.35 -5.99
C VAL D 991 -5.06 -9.19 -6.38
N GLN D 992 -5.93 -9.41 -7.35
CA GLN D 992 -6.78 -8.31 -7.80
C GLN D 992 -7.83 -7.92 -6.76
N ILE D 993 -8.31 -8.89 -6.00
CA ILE D 993 -9.31 -8.65 -4.98
C ILE D 993 -8.67 -7.79 -3.92
N ASP D 994 -7.44 -8.11 -3.53
CA ASP D 994 -6.77 -7.33 -2.52
C ASP D 994 -6.53 -5.88 -2.98
N ARG D 995 -6.29 -5.65 -4.27
CA ARG D 995 -6.13 -4.26 -4.69
C ARG D 995 -7.45 -3.51 -4.47
N LEU D 996 -8.58 -4.16 -4.75
CA LEU D 996 -9.84 -3.48 -4.53
C LEU D 996 -10.11 -3.28 -3.05
N ILE D 997 -9.72 -4.24 -2.21
CA ILE D 997 -9.95 -4.07 -0.79
C ILE D 997 -9.21 -2.88 -0.26
N THR D 998 -7.96 -2.71 -0.63
CA THR D 998 -7.25 -1.56 -0.08
C THR D 998 -7.95 -0.27 -0.48
N GLY D 999 -8.36 -0.16 -1.75
CA GLY D 999 -9.01 1.05 -2.19
C GLY D 999 -10.35 1.33 -1.47
N ARG D 1000 -11.13 0.28 -1.27
CA ARG D 1000 -12.42 0.47 -0.62
C ARG D 1000 -12.21 0.81 0.86
N LEU D 1001 -11.21 0.22 1.51
CA LEU D 1001 -10.98 0.57 2.90
C LEU D 1001 -10.60 2.02 3.03
N GLN D 1002 -9.80 2.55 2.11
CA GLN D 1002 -9.45 3.96 2.22
C GLN D 1002 -10.67 4.83 2.02
N SER D 1003 -11.58 4.41 1.15
CA SER D 1003 -12.79 5.17 0.91
C SER D 1003 -13.63 5.24 2.17
N LEU D 1004 -13.80 4.10 2.86
CA LEU D 1004 -14.56 4.08 4.11
C LEU D 1004 -13.90 4.85 5.22
N GLN D 1005 -12.58 4.78 5.34
CA GLN D 1005 -11.95 5.50 6.43
C GLN D 1005 -12.09 6.99 6.19
N THR D 1006 -12.02 7.42 4.94
CA THR D 1006 -12.16 8.83 4.63
C THR D 1006 -13.57 9.29 4.97
N TYR D 1007 -14.56 8.50 4.57
CA TYR D 1007 -15.94 8.83 4.85
C TYR D 1007 -16.20 8.98 6.31
N VAL D 1008 -15.76 8.02 7.11
CA VAL D 1008 -16.04 8.09 8.52
C VAL D 1008 -15.35 9.28 9.15
N THR D 1009 -14.09 9.55 8.80
CA THR D 1009 -13.41 10.68 9.41
C THR D 1009 -14.17 11.96 9.09
N GLN D 1010 -14.63 12.11 7.85
CA GLN D 1010 -15.37 13.30 7.48
C GLN D 1010 -16.67 13.38 8.23
N GLN D 1011 -17.36 12.25 8.46
CA GLN D 1011 -18.59 12.33 9.22
C GLN D 1011 -18.33 12.68 10.66
N LEU D 1012 -17.21 12.25 11.24
CA LEU D 1012 -16.92 12.61 12.61
C LEU D 1012 -16.67 14.11 12.73
N ILE D 1013 -15.96 14.68 11.77
CA ILE D 1013 -15.71 16.11 11.83
C ILE D 1013 -17.01 16.88 11.63
N ARG D 1014 -17.81 16.48 10.64
CA ARG D 1014 -19.06 17.16 10.41
C ARG D 1014 -19.99 17.00 11.61
N ALA D 1015 -19.98 15.82 12.24
CA ALA D 1015 -20.83 15.60 13.39
C ALA D 1015 -20.47 16.56 14.48
N ALA D 1016 -19.18 16.84 14.66
CA ALA D 1016 -18.75 17.76 15.68
C ALA D 1016 -19.29 19.16 15.42
N GLU D 1017 -19.32 19.56 14.15
CA GLU D 1017 -19.85 20.88 13.83
C GLU D 1017 -21.34 20.96 14.14
N ILE D 1018 -22.07 19.89 13.86
CA ILE D 1018 -23.48 19.85 14.16
C ILE D 1018 -23.69 19.87 15.65
N ARG D 1019 -22.87 19.15 16.41
CA ARG D 1019 -23.03 19.18 17.84
C ARG D 1019 -22.82 20.56 18.37
N ALA D 1020 -21.83 21.30 17.89
CA ALA D 1020 -21.62 22.64 18.38
C ALA D 1020 -22.84 23.50 18.10
N SER D 1021 -23.46 23.34 16.92
CA SER D 1021 -24.65 24.09 16.59
C SER D 1021 -25.79 23.71 17.50
N ALA D 1022 -25.96 22.41 17.75
CA ALA D 1022 -27.02 21.93 18.62
C ALA D 1022 -26.86 22.45 20.03
N ASN D 1023 -25.61 22.55 20.52
CA ASN D 1023 -25.40 23.04 21.86
C ASN D 1023 -25.79 24.50 21.93
N LEU D 1024 -25.49 25.24 20.86
CA LEU D 1024 -25.87 26.63 20.83
C LEU D 1024 -27.36 26.77 20.75
N ALA D 1025 -28.02 25.96 19.93
CA ALA D 1025 -29.44 26.05 19.81
C ALA D 1025 -30.12 25.76 21.13
N ALA D 1026 -29.61 24.77 21.87
CA ALA D 1026 -30.18 24.44 23.15
C ALA D 1026 -30.01 25.57 24.13
N THR D 1027 -28.84 26.22 24.09
CA THR D 1027 -28.58 27.33 24.98
C THR D 1027 -29.53 28.45 24.69
N LYS D 1028 -29.72 28.75 23.42
CA LYS D 1028 -30.60 29.82 23.02
C LYS D 1028 -32.01 29.52 23.41
N MET D 1029 -32.45 28.28 23.31
CA MET D 1029 -33.81 28.10 23.74
C MET D 1029 -33.95 28.35 25.23
N SER D 1030 -33.00 27.89 26.04
CA SER D 1030 -33.17 28.11 27.46
C SER D 1030 -33.15 29.58 27.79
N GLU D 1031 -32.25 30.32 27.18
CA GLU D 1031 -32.09 31.74 27.49
C GLU D 1031 -32.96 32.76 26.77
N CYS D 1032 -33.44 32.46 25.54
CA CYS D 1032 -34.24 33.35 24.70
C CYS D 1032 -35.72 32.99 24.79
N VAL D 1033 -36.05 31.71 25.02
CA VAL D 1033 -37.44 31.28 25.02
C VAL D 1033 -37.97 31.11 26.44
N LEU D 1034 -37.18 30.53 27.33
CA LEU D 1034 -37.65 30.25 28.69
C LEU D 1034 -37.22 31.34 29.66
N GLY D 1035 -37.02 32.53 29.13
CA GLY D 1035 -36.57 33.69 29.88
C GLY D 1035 -36.46 34.90 29.00
N GLN D 1036 -35.80 35.92 29.52
CA GLN D 1036 -35.54 37.17 28.82
C GLN D 1036 -34.06 37.36 28.90
N SER D 1037 -33.41 37.65 27.78
CA SER D 1037 -31.95 37.74 27.83
C SER D 1037 -31.38 39.12 27.68
N LYS D 1038 -30.33 39.38 28.45
CA LYS D 1038 -29.61 40.64 28.39
C LYS D 1038 -28.30 40.54 27.63
N ARG D 1039 -28.08 39.40 27.00
CA ARG D 1039 -26.86 39.23 26.25
C ARG D 1039 -27.02 39.91 24.91
N VAL D 1040 -26.14 40.85 24.62
CA VAL D 1040 -26.30 41.65 23.43
C VAL D 1040 -26.13 40.89 22.15
N ASP D 1041 -27.11 41.07 21.28
CA ASP D 1041 -27.24 40.46 19.98
C ASP D 1041 -27.24 38.95 20.02
N PHE D 1042 -27.47 38.38 21.19
CA PHE D 1042 -27.57 36.94 21.34
C PHE D 1042 -28.91 36.38 20.86
N CYS D 1043 -30.03 37.06 21.22
CA CYS D 1043 -31.41 36.70 20.93
C CYS D 1043 -31.94 37.75 19.94
N GLY D 1044 -31.10 38.12 18.99
CA GLY D 1044 -31.48 39.08 17.97
C GLY D 1044 -31.02 40.47 18.30
N LYS D 1045 -30.96 41.33 17.28
CA LYS D 1045 -30.56 42.71 17.43
C LYS D 1045 -31.69 43.52 18.07
N GLY D 1046 -31.34 44.40 19.00
CA GLY D 1046 -32.32 45.23 19.69
C GLY D 1046 -32.45 44.76 21.11
N TYR D 1047 -33.37 45.31 21.86
CA TYR D 1047 -33.48 44.88 23.23
C TYR D 1047 -34.39 43.67 23.26
N HIS D 1048 -33.95 42.58 23.82
CA HIS D 1048 -34.80 41.40 23.73
C HIS D 1048 -35.98 41.41 24.65
N LEU D 1049 -37.17 41.07 24.11
CA LEU D 1049 -38.37 40.96 24.90
C LEU D 1049 -38.74 39.52 25.08
N MET D 1050 -38.81 38.74 23.99
CA MET D 1050 -39.22 37.33 24.04
C MET D 1050 -38.93 36.60 22.76
N SER D 1051 -38.95 35.28 22.78
CA SER D 1051 -38.78 34.53 21.53
C SER D 1051 -39.72 33.35 21.44
N PHE D 1052 -39.99 32.93 20.22
CA PHE D 1052 -40.84 31.79 19.97
C PHE D 1052 -40.17 30.82 19.01
N PRO D 1053 -39.91 29.56 19.39
CA PRO D 1053 -39.30 28.57 18.54
C PRO D 1053 -40.30 28.06 17.53
N GLN D 1054 -39.81 27.59 16.40
CA GLN D 1054 -40.56 26.88 15.38
C GLN D 1054 -39.72 25.68 14.90
N SER D 1055 -40.36 24.55 14.65
CA SER D 1055 -39.67 23.37 14.14
C SER D 1055 -39.30 23.47 12.67
N ALA D 1056 -38.17 22.89 12.27
CA ALA D 1056 -37.79 22.84 10.86
C ALA D 1056 -37.08 21.52 10.61
N PRO D 1057 -36.99 21.01 9.39
CA PRO D 1057 -36.28 19.78 9.14
C PRO D 1057 -34.87 19.92 9.63
N HIS D 1058 -34.44 18.97 10.44
CA HIS D 1058 -33.11 18.93 11.00
C HIS D 1058 -32.66 20.16 11.76
N GLY D 1059 -33.59 20.96 12.28
CA GLY D 1059 -33.16 22.13 13.02
C GLY D 1059 -34.27 22.94 13.63
N VAL D 1060 -33.88 24.08 14.19
CA VAL D 1060 -34.82 24.92 14.89
C VAL D 1060 -34.73 26.34 14.38
N VAL D 1061 -35.87 26.97 14.27
CA VAL D 1061 -35.96 28.34 13.85
C VAL D 1061 -36.50 29.19 14.96
N PHE D 1062 -35.79 30.25 15.30
CA PHE D 1062 -36.27 31.09 16.37
C PHE D 1062 -36.76 32.41 15.87
N LEU D 1063 -37.94 32.80 16.30
CA LEU D 1063 -38.46 34.10 15.95
C LEU D 1063 -38.19 34.98 17.17
N HIS D 1064 -37.34 35.95 17.02
CA HIS D 1064 -36.92 36.78 18.15
C HIS D 1064 -37.57 38.12 18.14
N VAL D 1065 -38.27 38.45 19.21
CA VAL D 1065 -39.00 39.69 19.29
C VAL D 1065 -38.19 40.68 20.09
N THR D 1066 -37.84 41.80 19.47
CA THR D 1066 -37.04 42.78 20.15
C THR D 1066 -37.64 44.18 20.06
N TYR D 1067 -37.28 45.01 21.01
CA TYR D 1067 -37.67 46.40 21.09
C TYR D 1067 -36.62 47.26 20.50
N VAL D 1068 -37.01 48.08 19.55
CA VAL D 1068 -36.05 48.94 18.92
C VAL D 1068 -36.48 50.39 19.07
N PRO D 1069 -35.67 51.26 19.68
CA PRO D 1069 -35.98 52.66 19.83
C PRO D 1069 -36.17 53.25 18.46
N ALA D 1070 -37.08 54.19 18.31
CA ALA D 1070 -37.32 54.77 17.00
C ALA D 1070 -36.96 56.24 17.00
N GLN D 1071 -37.81 57.09 16.44
CA GLN D 1071 -37.40 58.47 16.23
C GLN D 1071 -37.00 59.19 17.50
N GLU D 1072 -35.79 59.75 17.48
CA GLU D 1072 -35.19 60.52 18.56
C GLU D 1072 -35.20 62.03 18.40
N LYS D 1073 -35.05 62.73 19.52
CA LYS D 1073 -34.86 64.17 19.51
C LYS D 1073 -33.61 64.58 20.29
N ASN D 1074 -33.02 65.76 19.92
CA ASN D 1074 -31.84 66.39 20.54
C ASN D 1074 -32.25 67.25 21.75
N PHE D 1075 -31.83 66.84 22.97
CA PHE D 1075 -32.12 67.54 24.24
C PHE D 1075 -30.83 68.01 24.88
N THR D 1076 -30.91 69.09 25.64
CA THR D 1076 -29.75 69.55 26.37
C THR D 1076 -29.72 68.79 27.67
N THR D 1077 -28.55 68.46 28.17
CA THR D 1077 -28.47 67.74 29.43
C THR D 1077 -27.53 68.35 30.46
N ALA D 1078 -27.56 67.75 31.64
CA ALA D 1078 -26.70 68.13 32.76
C ALA D 1078 -26.61 66.95 33.69
N PRO D 1079 -25.48 66.72 34.37
CA PRO D 1079 -25.30 65.66 35.34
C PRO D 1079 -26.04 65.85 36.63
N ALA D 1080 -26.39 67.09 36.97
CA ALA D 1080 -27.05 67.36 38.22
C ALA D 1080 -27.74 68.70 38.18
N ILE D 1081 -28.68 68.87 39.08
CA ILE D 1081 -29.36 70.13 39.29
C ILE D 1081 -28.96 70.74 40.62
N CYS D 1082 -28.60 72.03 40.63
CA CYS D 1082 -28.25 72.79 41.82
C CYS D 1082 -29.50 73.52 42.31
N HIS D 1083 -29.90 73.23 43.54
CA HIS D 1083 -31.12 73.85 44.04
C HIS D 1083 -30.87 74.97 45.04
N ASP D 1084 -30.50 74.61 46.27
CA ASP D 1084 -30.21 75.56 47.33
C ASP D 1084 -28.76 75.46 47.78
N GLY D 1085 -27.91 74.99 46.90
CA GLY D 1085 -26.51 74.78 47.18
C GLY D 1085 -26.25 73.29 47.25
N LYS D 1086 -27.31 72.50 47.39
CA LYS D 1086 -27.20 71.05 47.38
C LYS D 1086 -27.30 70.53 45.94
N ALA D 1087 -26.60 69.43 45.65
CA ALA D 1087 -26.64 68.81 44.31
C ALA D 1087 -27.62 67.65 44.21
N HIS D 1088 -28.55 67.76 43.26
CA HIS D 1088 -29.58 66.76 43.01
C HIS D 1088 -29.31 65.92 41.77
N PHE D 1089 -29.33 64.61 41.93
CA PHE D 1089 -29.09 63.67 40.83
C PHE D 1089 -30.37 62.88 40.59
N PRO D 1090 -30.67 62.38 39.40
CA PRO D 1090 -31.86 61.58 39.15
C PRO D 1090 -31.75 60.27 39.88
N ARG D 1091 -32.87 59.74 40.38
CA ARG D 1091 -32.84 58.41 40.97
C ARG D 1091 -32.83 57.35 39.90
N GLU D 1092 -33.66 57.55 38.89
CA GLU D 1092 -33.81 56.63 37.77
C GLU D 1092 -34.09 57.42 36.51
N GLY D 1093 -33.09 58.05 35.93
CA GLY D 1093 -33.41 58.90 34.80
C GLY D 1093 -32.29 59.84 34.42
N VAL D 1094 -32.58 60.68 33.46
CA VAL D 1094 -31.64 61.64 32.96
C VAL D 1094 -32.23 63.05 32.95
N PHE D 1095 -31.46 64.05 33.37
CA PHE D 1095 -32.02 65.39 33.30
C PHE D 1095 -31.89 65.88 31.88
N VAL D 1096 -32.95 66.43 31.36
CA VAL D 1096 -32.97 66.94 30.01
C VAL D 1096 -33.52 68.32 29.99
N SER D 1097 -33.29 69.03 28.91
CA SER D 1097 -33.92 70.31 28.81
C SER D 1097 -34.29 70.62 27.38
N ASN D 1098 -35.47 71.24 27.22
CA ASN D 1098 -35.94 71.82 25.98
C ASN D 1098 -35.41 73.26 25.99
N GLY D 1099 -35.82 74.13 25.06
CA GLY D 1099 -35.28 75.51 25.00
C GLY D 1099 -35.43 76.35 26.31
N THR D 1100 -36.47 76.10 27.12
CA THR D 1100 -36.67 76.87 28.35
C THR D 1100 -36.76 76.09 29.69
N HIS D 1101 -37.06 74.79 29.66
CA HIS D 1101 -37.26 74.07 30.92
C HIS D 1101 -36.60 72.72 31.07
N TRP D 1102 -36.17 72.49 32.30
CA TRP D 1102 -35.59 71.22 32.74
C TRP D 1102 -36.62 70.25 33.26
N PHE D 1103 -36.49 69.01 32.79
CA PHE D 1103 -37.33 67.87 33.10
C PHE D 1103 -36.49 66.65 33.35
N VAL D 1104 -37.06 65.64 33.96
CA VAL D 1104 -36.30 64.40 34.08
C VAL D 1104 -37.05 63.28 33.37
N THR D 1105 -36.36 62.50 32.54
CA THR D 1105 -37.00 61.43 31.78
C THR D 1105 -36.42 60.09 32.12
N GLN D 1106 -37.11 59.03 31.72
CA GLN D 1106 -36.54 57.72 31.85
C GLN D 1106 -35.49 57.67 30.75
N ARG D 1107 -34.42 56.94 30.95
CA ARG D 1107 -33.35 56.95 29.97
C ARG D 1107 -33.74 56.56 28.55
N ASN D 1108 -34.62 55.59 28.39
CA ASN D 1108 -34.95 55.05 27.09
C ASN D 1108 -36.22 55.54 26.45
N PHE D 1109 -36.85 56.58 26.98
CA PHE D 1109 -38.09 57.01 26.35
C PHE D 1109 -38.43 58.43 26.77
N TYR D 1110 -38.76 59.29 25.83
CA TYR D 1110 -39.03 60.66 26.22
C TYR D 1110 -40.39 60.90 26.82
N GLU D 1111 -40.43 60.73 28.13
CA GLU D 1111 -41.59 60.91 28.99
C GLU D 1111 -41.19 61.83 30.17
N PRO D 1112 -41.08 63.16 29.96
CA PRO D 1112 -40.57 64.14 30.90
C PRO D 1112 -41.44 64.36 32.09
N GLN D 1113 -40.81 64.43 33.24
CA GLN D 1113 -41.46 64.71 34.49
C GLN D 1113 -40.97 66.01 35.07
N ILE D 1114 -41.74 66.59 35.96
CA ILE D 1114 -41.28 67.76 36.68
C ILE D 1114 -40.22 67.27 37.63
N ILE D 1115 -39.13 68.00 37.75
CA ILE D 1115 -38.10 67.57 38.66
C ILE D 1115 -38.53 67.91 40.06
N THR D 1116 -38.66 66.89 40.87
CA THR D 1116 -39.13 66.99 42.24
C THR D 1116 -38.24 66.17 43.12
N THR D 1117 -38.46 66.29 44.41
CA THR D 1117 -37.71 65.55 45.42
C THR D 1117 -38.05 64.06 45.43
N ASP D 1118 -39.05 63.66 44.66
CA ASP D 1118 -39.41 62.25 44.54
C ASP D 1118 -38.64 61.61 43.40
N ASN D 1119 -38.16 62.44 42.46
CA ASN D 1119 -37.51 61.95 41.26
C ASN D 1119 -36.00 61.98 41.38
N THR D 1120 -35.49 62.82 42.28
CA THR D 1120 -34.06 63.01 42.48
C THR D 1120 -33.64 62.69 43.89
N PHE D 1121 -32.34 62.65 44.09
CA PHE D 1121 -31.78 62.42 45.41
C PHE D 1121 -30.62 63.37 45.59
N VAL D 1122 -30.25 63.62 46.83
CA VAL D 1122 -29.20 64.60 47.07
C VAL D 1122 -27.93 64.07 47.63
N SER D 1123 -26.83 64.47 47.02
CA SER D 1123 -25.54 64.08 47.53
C SER D 1123 -24.45 65.08 47.19
N GLY D 1124 -23.83 65.65 48.21
CA GLY D 1124 -22.79 66.62 47.96
C GLY D 1124 -23.37 67.98 47.67
N ASN D 1125 -22.49 68.97 47.52
CA ASN D 1125 -22.90 70.33 47.25
C ASN D 1125 -22.69 70.64 45.75
N CYS D 1126 -23.04 71.87 45.32
CA CYS D 1126 -22.97 72.34 43.94
C CYS D 1126 -21.56 72.67 43.44
N ASP D 1127 -20.54 72.58 44.29
CA ASP D 1127 -19.20 72.94 43.85
C ASP D 1127 -18.42 71.79 43.24
N VAL D 1128 -18.72 70.56 43.67
CA VAL D 1128 -17.98 69.39 43.25
C VAL D 1128 -18.34 68.85 41.85
N VAL D 1129 -19.60 68.93 41.44
CA VAL D 1129 -19.99 68.37 40.15
C VAL D 1129 -19.65 69.32 39.02
N ILE D 1130 -19.00 68.80 38.00
CA ILE D 1130 -18.61 69.58 36.85
C ILE D 1130 -19.79 69.70 35.90
N GLY D 1131 -20.17 70.92 35.55
CA GLY D 1131 -21.29 71.07 34.63
C GLY D 1131 -22.66 71.04 35.28
N ILE D 1132 -22.73 71.29 36.58
CA ILE D 1132 -24.00 71.31 37.29
C ILE D 1132 -24.75 72.56 36.88
N VAL D 1133 -26.07 72.47 36.71
CA VAL D 1133 -26.81 73.66 36.32
C VAL D 1133 -27.82 73.99 37.39
N ASN D 1134 -28.27 75.26 37.46
CA ASN D 1134 -29.28 75.75 38.40
C ASN D 1134 -30.69 75.46 37.87
N ASN D 1135 -31.59 74.99 38.77
CA ASN D 1135 -33.01 74.79 38.48
C ASN D 1135 -33.78 74.76 39.78
N THR D 1136 -35.08 74.61 39.69
CA THR D 1136 -35.88 74.48 40.87
C THR D 1136 -36.30 73.05 41.02
N VAL D 1137 -36.03 72.48 42.18
CA VAL D 1137 -36.49 71.14 42.46
C VAL D 1137 -37.71 71.31 43.32
N TYR D 1138 -38.81 70.75 42.89
CA TYR D 1138 -40.04 70.99 43.61
C TYR D 1138 -40.33 70.03 44.73
N ASP D 1139 -40.68 70.59 45.86
CA ASP D 1139 -41.08 69.84 47.03
C ASP D 1139 -42.59 69.66 46.96
N PRO D 1140 -43.10 68.43 46.74
CA PRO D 1140 -44.50 68.13 46.52
C PRO D 1140 -45.35 68.29 47.77
N LEU D 1141 -44.69 68.37 48.92
CA LEU D 1141 -45.40 68.44 50.17
C LEU D 1141 -45.46 69.81 50.76
N GLN D 1142 -44.42 70.60 50.53
CA GLN D 1142 -44.36 71.91 51.13
C GLN D 1142 -45.70 72.67 51.00
N PRO D 1143 -46.42 72.72 49.85
CA PRO D 1143 -47.68 73.42 49.74
C PRO D 1143 -48.72 73.02 50.79
N GLU D 1144 -48.70 71.76 51.25
CA GLU D 1144 -49.68 71.31 52.23
C GLU D 1144 -49.29 71.78 53.60
N LEU D 1145 -47.98 71.87 53.82
CA LEU D 1145 -47.44 72.32 55.09
C LEU D 1145 -47.72 73.81 55.21
N ASP D 1146 -47.66 74.52 54.08
CA ASP D 1146 -47.92 75.95 54.02
C ASP D 1146 -49.43 76.31 54.14
N SER D 1147 -50.33 75.49 53.53
CA SER D 1147 -51.78 75.64 53.52
C SER D 1147 -52.34 75.19 54.88
N VAL E 2 32.74 -49.56 -15.97
CA VAL E 2 32.19 -50.62 -16.81
C VAL E 2 33.34 -51.50 -17.35
N GLN E 3 34.04 -51.03 -18.42
CA GLN E 3 35.16 -51.72 -19.07
C GLN E 3 36.14 -50.77 -19.72
N LEU E 4 37.40 -51.18 -19.72
CA LEU E 4 38.49 -50.53 -20.41
C LEU E 4 39.07 -51.56 -21.38
N VAL E 5 38.94 -51.32 -22.67
CA VAL E 5 39.41 -52.31 -23.62
C VAL E 5 40.83 -52.03 -24.05
N GLN E 6 41.72 -52.92 -23.64
CA GLN E 6 43.14 -52.76 -23.85
C GLN E 6 43.70 -53.41 -25.10
N SER E 7 44.81 -52.85 -25.53
CA SER E 7 45.63 -53.32 -26.63
C SER E 7 46.32 -54.63 -26.26
N GLY E 8 46.75 -55.40 -27.26
CA GLY E 8 47.44 -56.66 -27.01
C GLY E 8 48.92 -56.47 -26.70
N ALA E 9 49.64 -57.60 -26.60
CA ALA E 9 51.08 -57.65 -26.26
C ALA E 9 51.95 -57.36 -27.47
N GLU E 10 53.18 -56.90 -27.21
CA GLU E 10 54.14 -56.66 -28.30
C GLU E 10 55.59 -56.79 -27.86
N VAL E 11 56.46 -57.04 -28.84
CA VAL E 11 57.89 -57.10 -28.59
C VAL E 11 58.61 -56.11 -29.50
N LYS E 12 59.41 -55.22 -28.93
CA LYS E 12 60.10 -54.23 -29.74
C LYS E 12 61.58 -54.00 -29.42
N LYS E 13 62.29 -53.47 -30.40
CA LYS E 13 63.69 -53.09 -30.29
C LYS E 13 63.85 -51.95 -29.28
N PRO E 14 64.88 -51.94 -28.40
CA PRO E 14 65.09 -50.89 -27.43
C PRO E 14 65.15 -49.56 -28.15
N GLY E 15 64.57 -48.55 -27.53
CA GLY E 15 64.51 -47.21 -28.07
C GLY E 15 63.23 -46.95 -28.87
N SER E 16 62.49 -48.01 -29.21
CA SER E 16 61.26 -47.88 -29.99
C SER E 16 60.06 -47.70 -29.07
N SER E 17 59.34 -46.60 -29.26
CA SER E 17 58.22 -46.30 -28.40
C SER E 17 57.09 -47.32 -28.47
N VAL E 18 56.52 -47.56 -27.31
CA VAL E 18 55.39 -48.45 -27.14
C VAL E 18 54.11 -47.71 -26.91
N LYS E 19 53.15 -47.85 -27.80
CA LYS E 19 51.92 -47.09 -27.61
C LYS E 19 50.71 -47.99 -27.59
N VAL E 20 49.95 -47.86 -26.51
CA VAL E 20 48.75 -48.64 -26.28
C VAL E 20 47.58 -47.75 -25.91
N SER E 21 46.38 -48.29 -25.97
CA SER E 21 45.23 -47.50 -25.57
C SER E 21 44.15 -48.34 -24.86
N CYS E 22 43.26 -47.65 -24.11
CA CYS E 22 42.11 -48.18 -23.36
C CYS E 22 40.81 -47.50 -23.80
N LYS E 23 40.07 -48.22 -24.62
CA LYS E 23 38.83 -47.71 -25.20
C LYS E 23 37.62 -48.03 -24.31
N ALA E 24 36.72 -47.08 -24.13
CA ALA E 24 35.53 -47.36 -23.34
C ALA E 24 34.32 -46.64 -23.90
N SER E 25 33.17 -47.31 -23.84
CA SER E 25 31.93 -46.72 -24.27
C SER E 25 31.31 -45.89 -23.17
N GLY E 26 30.35 -45.05 -23.54
CA GLY E 26 29.62 -44.25 -22.56
C GLY E 26 30.33 -42.94 -22.24
N GLY E 27 29.78 -42.18 -21.29
CA GLY E 27 30.32 -40.86 -20.95
C GLY E 27 31.48 -40.90 -19.96
N THR E 28 32.48 -41.71 -20.27
CA THR E 28 33.56 -41.95 -19.33
C THR E 28 34.66 -40.95 -19.44
N PHE E 29 34.74 -40.23 -20.56
CA PHE E 29 35.82 -39.26 -20.70
C PHE E 29 35.67 -38.25 -19.57
N SER E 30 34.45 -37.73 -19.41
CA SER E 30 34.20 -36.76 -18.38
C SER E 30 33.84 -37.34 -17.01
N SER E 31 33.33 -38.57 -16.96
CA SER E 31 32.93 -39.11 -15.67
C SER E 31 34.05 -39.75 -14.85
N TYR E 32 35.12 -40.25 -15.48
CA TYR E 32 36.15 -40.91 -14.69
C TYR E 32 37.58 -40.53 -15.06
N THR E 33 38.48 -40.62 -14.08
CA THR E 33 39.92 -40.40 -14.32
C THR E 33 40.62 -41.72 -14.63
N ILE E 34 41.49 -41.74 -15.64
CA ILE E 34 42.16 -43.00 -15.99
C ILE E 34 43.64 -42.99 -15.65
N SER E 35 44.05 -44.00 -14.90
CA SER E 35 45.41 -44.14 -14.41
C SER E 35 46.11 -45.32 -15.02
N TRP E 36 47.40 -45.16 -15.28
CA TRP E 36 48.20 -46.24 -15.78
C TRP E 36 49.16 -46.74 -14.72
N VAL E 37 49.16 -48.06 -14.56
CA VAL E 37 49.95 -48.80 -13.57
C VAL E 37 50.81 -49.90 -14.20
N ARG E 38 52.06 -49.97 -13.78
CA ARG E 38 53.03 -50.95 -14.24
C ARG E 38 53.10 -52.15 -13.32
N GLN E 39 53.08 -53.34 -13.90
CA GLN E 39 53.22 -54.58 -13.16
C GLN E 39 54.23 -55.52 -13.79
N ALA E 40 55.48 -55.44 -13.39
CA ALA E 40 56.43 -56.36 -14.01
C ALA E 40 55.91 -57.74 -13.66
N PRO E 41 56.04 -58.77 -14.51
CA PRO E 41 55.51 -60.06 -14.20
C PRO E 41 56.14 -60.59 -12.93
N GLY E 42 55.30 -61.12 -12.05
CA GLY E 42 55.73 -61.68 -10.78
C GLY E 42 55.90 -60.62 -9.69
N GLN E 43 55.66 -59.36 -10.04
CA GLN E 43 55.82 -58.23 -9.14
C GLN E 43 54.52 -57.58 -8.69
N GLY E 44 54.68 -56.56 -7.84
CA GLY E 44 53.57 -55.77 -7.33
C GLY E 44 53.35 -54.61 -8.26
N LEU E 45 52.71 -53.56 -7.79
CA LEU E 45 52.35 -52.47 -8.68
C LEU E 45 53.12 -51.17 -8.49
N GLU E 46 53.35 -50.47 -9.60
CA GLU E 46 53.92 -49.13 -9.59
C GLU E 46 53.05 -48.15 -10.37
N TRP E 47 52.82 -46.98 -9.81
CA TRP E 47 52.00 -46.00 -10.53
C TRP E 47 52.84 -45.29 -11.58
N MET E 48 52.32 -45.11 -12.81
CA MET E 48 53.06 -44.37 -13.83
C MET E 48 52.54 -42.96 -14.00
N GLY E 49 51.22 -42.83 -14.05
CA GLY E 49 50.63 -41.52 -14.28
C GLY E 49 49.12 -41.57 -14.45
N ARG E 50 48.48 -40.40 -14.46
CA ARG E 50 47.03 -40.32 -14.61
C ARG E 50 46.58 -39.16 -15.44
N ILE E 51 45.55 -39.40 -16.23
CA ILE E 51 44.95 -38.33 -16.98
C ILE E 51 43.54 -38.09 -16.54
N ILE E 52 43.26 -36.82 -16.28
CA ILE E 52 41.97 -36.31 -15.85
C ILE E 52 41.44 -35.68 -17.10
N PRO E 53 40.72 -36.42 -17.97
CA PRO E 53 40.41 -35.97 -19.29
C PRO E 53 39.45 -34.79 -19.26
N ILE E 54 38.66 -34.71 -18.19
CA ILE E 54 37.70 -33.63 -18.02
C ILE E 54 38.35 -32.28 -17.86
N LEU E 55 39.56 -32.26 -17.33
CA LEU E 55 40.26 -31.05 -17.03
C LEU E 55 41.45 -30.88 -17.95
N ASP E 56 41.63 -31.79 -18.92
CA ASP E 56 42.81 -31.78 -19.77
C ASP E 56 44.13 -31.74 -18.97
N ARG E 57 44.25 -32.51 -17.88
CA ARG E 57 45.51 -32.49 -17.12
C ARG E 57 46.09 -33.87 -16.84
N VAL E 58 47.43 -33.94 -16.77
CA VAL E 58 48.12 -35.19 -16.48
C VAL E 58 49.18 -35.07 -15.38
N MET E 59 49.20 -36.04 -14.48
CA MET E 59 50.21 -36.10 -13.43
C MET E 59 51.05 -37.36 -13.60
N TYR E 60 52.36 -37.27 -13.36
CA TYR E 60 53.21 -38.45 -13.47
C TYR E 60 54.01 -38.74 -12.24
N ALA E 61 54.32 -40.03 -12.06
CA ALA E 61 55.23 -40.48 -11.02
C ALA E 61 56.60 -39.95 -11.39
N GLN E 62 57.40 -39.52 -10.44
CA GLN E 62 58.70 -38.96 -10.81
C GLN E 62 59.61 -39.93 -11.52
N LYS E 63 59.57 -41.19 -11.11
CA LYS E 63 60.44 -42.20 -11.68
C LYS E 63 60.08 -42.54 -13.13
N PHE E 64 58.89 -42.12 -13.56
CA PHE E 64 58.39 -42.34 -14.90
C PHE E 64 58.33 -41.06 -15.75
N GLN E 65 58.89 -39.96 -15.26
CA GLN E 65 58.83 -38.76 -16.09
C GLN E 65 59.79 -38.94 -17.24
N GLY E 66 59.45 -38.39 -18.41
CA GLY E 66 60.30 -38.53 -19.60
C GLY E 66 59.95 -39.82 -20.34
N ARG E 67 59.90 -40.90 -19.57
CA ARG E 67 59.55 -42.26 -19.97
C ARG E 67 58.08 -42.39 -20.33
N VAL E 68 57.19 -41.73 -19.60
CA VAL E 68 55.77 -41.92 -19.86
C VAL E 68 55.04 -40.66 -20.34
N THR E 69 54.32 -40.80 -21.46
CA THR E 69 53.46 -39.74 -22.00
C THR E 69 52.00 -40.22 -22.05
N ILE E 70 51.09 -39.44 -21.47
CA ILE E 70 49.68 -39.82 -21.41
C ILE E 70 48.75 -38.78 -22.02
N THR E 71 47.84 -39.24 -22.87
CA THR E 71 46.82 -38.40 -23.49
C THR E 71 45.46 -39.10 -23.54
N ALA E 72 44.45 -38.44 -24.11
CA ALA E 72 43.12 -39.04 -24.25
C ALA E 72 42.37 -38.43 -25.43
N ASP E 73 41.50 -39.24 -26.03
CA ASP E 73 40.64 -38.84 -27.14
C ASP E 73 39.20 -38.67 -26.71
N LYS E 74 38.70 -37.45 -26.90
CA LYS E 74 37.34 -37.04 -26.56
C LYS E 74 36.28 -37.82 -27.36
N SER E 75 36.58 -38.20 -28.60
CA SER E 75 35.60 -38.92 -29.40
C SER E 75 35.75 -40.42 -29.15
N THR E 76 34.78 -40.98 -28.44
CA THR E 76 34.80 -42.36 -27.97
C THR E 76 35.95 -42.48 -27.00
N SER E 77 35.69 -42.05 -25.78
CA SER E 77 36.66 -41.96 -24.72
C SER E 77 37.70 -43.04 -24.78
N THR E 78 38.90 -42.63 -25.14
CA THR E 78 40.01 -43.55 -25.16
C THR E 78 41.22 -42.96 -24.45
N ALA E 79 41.81 -43.72 -23.53
CA ALA E 79 43.02 -43.27 -22.89
C ALA E 79 44.19 -43.80 -23.68
N TYR E 80 45.23 -43.02 -23.82
CA TYR E 80 46.42 -43.49 -24.53
C TYR E 80 47.67 -43.29 -23.72
N MET E 81 48.59 -44.20 -23.87
CA MET E 81 49.88 -44.03 -23.23
C MET E 81 51.02 -44.51 -24.10
N GLU E 82 52.08 -43.71 -24.09
CA GLU E 82 53.29 -44.04 -24.80
C GLU E 82 54.48 -44.19 -23.88
N LEU E 83 55.17 -45.32 -23.99
CA LEU E 83 56.36 -45.56 -23.19
C LEU E 83 57.60 -45.36 -24.06
N SER E 84 58.32 -44.28 -23.77
CA SER E 84 59.47 -43.85 -24.52
C SER E 84 60.69 -44.58 -24.03
N SER E 85 61.78 -44.53 -24.80
CA SER E 85 63.03 -45.11 -24.35
C SER E 85 62.91 -46.55 -23.86
N LEU E 86 62.27 -47.40 -24.64
CA LEU E 86 62.12 -48.80 -24.29
C LEU E 86 63.45 -49.46 -24.05
N ARG E 87 63.55 -50.18 -22.94
CA ARG E 87 64.73 -50.93 -22.55
C ARG E 87 64.29 -52.34 -22.28
N SER E 88 65.14 -53.35 -22.50
CA SER E 88 64.77 -54.74 -22.19
C SER E 88 64.61 -54.95 -20.70
N GLU E 89 65.30 -54.12 -19.92
CA GLU E 89 65.18 -54.16 -18.48
C GLU E 89 63.74 -53.81 -18.08
N ASP E 90 63.10 -52.92 -18.85
CA ASP E 90 61.77 -52.47 -18.53
C ASP E 90 60.74 -53.37 -19.20
N THR E 91 60.72 -54.61 -18.74
CA THR E 91 59.73 -55.57 -19.23
C THR E 91 58.63 -55.66 -18.22
N ALA E 92 57.42 -55.39 -18.67
CA ALA E 92 56.31 -55.38 -17.75
C ALA E 92 54.97 -55.53 -18.37
N VAL E 93 54.03 -55.94 -17.54
CA VAL E 93 52.65 -56.00 -17.93
C VAL E 93 52.08 -54.71 -17.45
N TYR E 94 51.40 -53.97 -18.29
CA TYR E 94 50.87 -52.75 -17.72
C TYR E 94 49.45 -52.52 -18.14
N TYR E 95 48.74 -51.78 -17.32
CA TYR E 95 47.32 -51.61 -17.48
C TYR E 95 46.76 -50.27 -17.06
N CYS E 96 45.53 -50.01 -17.53
CA CYS E 96 44.72 -48.87 -17.16
C CYS E 96 43.71 -49.29 -16.07
N ALA E 97 43.39 -48.31 -15.22
CA ALA E 97 42.47 -48.46 -14.11
C ALA E 97 41.59 -47.23 -13.98
N ARG E 98 40.35 -47.42 -13.50
CA ARG E 98 39.43 -46.31 -13.39
C ARG E 98 39.30 -45.71 -11.98
N ARG E 99 39.51 -44.41 -11.88
CA ARG E 99 39.32 -43.76 -10.61
C ARG E 99 37.85 -43.40 -10.53
N ALA E 100 37.15 -44.31 -9.88
CA ALA E 100 35.70 -44.42 -9.69
C ALA E 100 35.06 -43.24 -8.97
N ILE E 101 35.77 -42.61 -8.04
CA ILE E 101 35.16 -41.50 -7.34
C ILE E 101 35.59 -40.22 -8.00
N ASP E 102 34.67 -39.60 -8.71
CA ASP E 102 35.00 -38.39 -9.41
C ASP E 102 33.75 -37.58 -9.59
N SER E 103 33.88 -36.41 -10.17
CA SER E 103 32.73 -35.56 -10.44
C SER E 103 33.10 -34.41 -11.35
N ASP E 104 32.11 -33.71 -11.82
CA ASP E 104 32.36 -32.51 -12.61
C ASP E 104 32.52 -31.28 -11.71
N THR E 105 32.55 -31.53 -10.40
CA THR E 105 32.74 -30.55 -9.37
C THR E 105 34.09 -30.80 -8.69
N TYR E 106 34.84 -31.80 -9.20
CA TYR E 106 36.14 -32.16 -8.63
C TYR E 106 36.07 -32.55 -7.16
N VAL E 107 35.22 -33.55 -6.87
CA VAL E 107 35.02 -34.13 -5.54
C VAL E 107 36.26 -34.83 -4.96
N GLU E 108 37.12 -35.30 -5.86
CA GLU E 108 38.39 -36.00 -5.62
C GLU E 108 38.34 -37.49 -5.41
N GLN E 109 39.38 -38.12 -5.97
CA GLN E 109 39.58 -39.55 -6.07
C GLN E 109 40.30 -40.17 -4.89
N SER E 110 40.07 -41.46 -4.70
CA SER E 110 40.75 -42.23 -3.68
C SER E 110 41.18 -43.57 -4.25
N HIS E 111 40.22 -44.48 -4.43
CA HIS E 111 40.53 -45.82 -4.93
C HIS E 111 40.18 -46.03 -6.39
N PHE E 112 40.50 -47.23 -6.85
CA PHE E 112 40.23 -47.66 -8.21
C PHE E 112 39.46 -48.95 -8.34
N ASP E 113 38.78 -49.07 -9.47
CA ASP E 113 38.06 -50.27 -9.85
C ASP E 113 38.18 -50.49 -11.36
N TYR E 114 37.56 -51.57 -11.86
CA TYR E 114 37.54 -51.90 -13.28
C TYR E 114 38.92 -51.98 -13.90
N TRP E 115 39.84 -52.67 -13.25
CA TRP E 115 41.20 -52.79 -13.79
C TRP E 115 41.20 -53.66 -15.03
N GLY E 116 41.96 -53.24 -16.04
CA GLY E 116 42.08 -53.97 -17.30
C GLY E 116 43.08 -55.12 -17.30
N GLN E 117 43.74 -55.36 -16.17
CA GLN E 117 44.74 -56.41 -15.98
C GLN E 117 46.07 -56.12 -16.67
N GLY E 118 46.06 -55.93 -17.97
CA GLY E 118 47.27 -55.48 -18.65
C GLY E 118 47.81 -56.27 -19.81
N THR E 119 48.75 -55.61 -20.49
CA THR E 119 49.44 -56.09 -21.66
C THR E 119 50.94 -56.20 -21.48
N LEU E 120 51.51 -57.34 -21.82
CA LEU E 120 52.94 -57.51 -21.69
C LEU E 120 53.70 -56.92 -22.84
N VAL E 121 54.65 -56.07 -22.49
CA VAL E 121 55.53 -55.51 -23.48
C VAL E 121 56.94 -55.81 -23.10
N THR E 122 57.66 -56.36 -24.06
CA THR E 122 59.04 -56.75 -23.85
C THR E 122 59.90 -56.43 -25.10
N VAL E 123 61.15 -56.93 -25.10
CA VAL E 123 62.18 -56.79 -26.13
C VAL E 123 62.59 -58.20 -26.56
N GLU F 1 58.08 -38.34 -2.57
CA GLU F 1 56.78 -38.97 -2.74
C GLU F 1 56.46 -39.77 -1.46
N ILE F 2 55.27 -40.41 -1.44
CA ILE F 2 54.76 -41.21 -0.32
C ILE F 2 55.16 -42.68 -0.54
N VAL F 3 55.79 -43.26 0.48
CA VAL F 3 56.29 -44.61 0.41
C VAL F 3 55.73 -45.52 1.50
N MET F 4 55.31 -46.72 1.12
CA MET F 4 54.79 -47.65 2.11
C MET F 4 55.50 -48.97 2.23
N THR F 5 55.59 -49.40 3.49
CA THR F 5 56.15 -50.66 3.92
C THR F 5 55.02 -51.56 4.41
N GLN F 6 55.03 -52.81 3.99
CA GLN F 6 54.00 -53.73 4.44
C GLN F 6 54.63 -54.86 5.25
N SER F 7 53.84 -55.43 6.14
CA SER F 7 54.31 -56.50 7.01
C SER F 7 53.22 -57.51 7.36
N PRO F 8 53.57 -58.81 7.37
CA PRO F 8 54.84 -59.48 7.11
C PRO F 8 55.13 -59.49 5.63
N ALA F 9 56.36 -59.77 5.22
CA ALA F 9 56.54 -59.89 3.77
C ALA F 9 55.70 -61.05 3.24
N THR F 10 55.66 -62.13 4.03
CA THR F 10 54.88 -63.33 3.74
C THR F 10 54.14 -63.78 5.00
N LEU F 11 52.85 -64.05 4.88
CA LEU F 11 52.03 -64.52 5.97
C LEU F 11 51.64 -66.00 5.80
N SER F 12 52.13 -66.86 6.69
CA SER F 12 51.84 -68.29 6.58
C SER F 12 50.76 -68.71 7.58
N LEU F 13 49.60 -69.09 7.04
CA LEU F 13 48.43 -69.45 7.86
C LEU F 13 47.70 -70.70 7.40
N SER F 14 47.15 -71.43 8.34
CA SER F 14 46.31 -72.56 7.97
C SER F 14 44.98 -71.98 7.49
N PRO F 15 44.21 -72.65 6.64
CA PRO F 15 42.90 -72.19 6.27
C PRO F 15 42.07 -72.11 7.54
N GLY F 16 41.27 -71.07 7.64
CA GLY F 16 40.37 -70.87 8.78
C GLY F 16 40.98 -70.02 9.90
N GLU F 17 42.27 -69.72 9.81
CA GLU F 17 42.93 -68.91 10.83
C GLU F 17 42.76 -67.43 10.58
N ARG F 18 42.91 -66.64 11.64
CA ARG F 18 42.80 -65.18 11.58
C ARG F 18 44.01 -64.52 10.97
N ALA F 19 43.79 -63.62 10.01
CA ALA F 19 44.90 -62.92 9.40
C ALA F 19 44.89 -61.45 9.73
N THR F 20 46.07 -60.93 10.05
CA THR F 20 46.23 -59.51 10.27
C THR F 20 47.28 -59.03 9.31
N LEU F 21 46.96 -58.02 8.54
CA LEU F 21 47.87 -57.46 7.56
C LEU F 21 48.19 -56.01 7.87
N SER F 22 49.47 -55.68 8.02
CA SER F 22 49.86 -54.32 8.37
C SER F 22 50.43 -53.52 7.20
N CYS F 23 50.07 -52.20 7.16
CA CYS F 23 50.60 -51.21 6.23
C CYS F 23 51.07 -49.97 7.00
N ARG F 24 52.28 -49.50 6.69
CA ARG F 24 52.83 -48.32 7.34
C ARG F 24 53.38 -47.30 6.35
N ALA F 25 52.85 -46.09 6.42
CA ALA F 25 53.26 -45.04 5.50
C ALA F 25 54.42 -44.21 6.05
N SER F 26 55.25 -43.67 5.14
CA SER F 26 56.34 -42.76 5.48
C SER F 26 55.85 -41.41 6.00
N GLN F 27 54.69 -40.98 5.51
CA GLN F 27 54.05 -39.74 5.92
C GLN F 27 52.56 -40.00 5.90
N SER F 28 51.77 -39.01 6.29
CA SER F 28 50.34 -39.20 6.31
C SER F 28 49.67 -39.25 4.95
N VAL F 29 48.70 -40.16 4.85
CA VAL F 29 47.83 -40.27 3.67
C VAL F 29 46.41 -40.01 4.12
N SER F 30 46.24 -39.52 5.35
CA SER F 30 44.91 -39.31 5.89
C SER F 30 44.14 -40.64 5.87
N SER F 31 43.13 -40.75 5.01
CA SER F 31 42.32 -41.96 4.85
C SER F 31 42.34 -42.44 3.39
N TYR F 32 43.26 -41.92 2.59
CA TYR F 32 43.28 -42.27 1.17
C TYR F 32 43.99 -43.56 0.84
N LEU F 33 43.44 -44.65 1.32
CA LEU F 33 43.98 -45.97 0.99
C LEU F 33 42.98 -46.93 0.41
N ALA F 34 43.50 -47.85 -0.34
CA ALA F 34 42.65 -48.93 -0.81
C ALA F 34 43.39 -50.24 -0.71
N TRP F 35 42.66 -51.31 -0.47
CA TRP F 35 43.29 -52.63 -0.39
C TRP F 35 42.87 -53.42 -1.58
N TYR F 36 43.83 -54.15 -2.15
CA TYR F 36 43.58 -55.03 -3.29
C TYR F 36 44.14 -56.46 -3.10
N GLN F 37 43.47 -57.47 -3.68
CA GLN F 37 43.94 -58.89 -3.65
C GLN F 37 44.43 -59.46 -4.98
N GLN F 38 45.72 -59.85 -5.00
CA GLN F 38 46.40 -60.37 -6.18
C GLN F 38 46.48 -61.88 -6.27
N LYS F 39 46.04 -62.41 -7.40
CA LYS F 39 46.20 -63.82 -7.67
C LYS F 39 47.47 -63.80 -8.50
N PRO F 40 48.34 -64.82 -8.49
CA PRO F 40 49.57 -64.79 -9.25
C PRO F 40 49.32 -64.50 -10.72
N GLY F 41 50.09 -63.55 -11.26
CA GLY F 41 50.02 -63.15 -12.67
C GLY F 41 48.91 -62.13 -12.97
N GLN F 42 48.11 -61.79 -11.96
CA GLN F 42 46.99 -60.88 -12.10
C GLN F 42 47.23 -59.53 -11.47
N ALA F 43 46.47 -58.55 -11.91
CA ALA F 43 46.45 -57.25 -11.27
C ALA F 43 45.38 -57.40 -10.18
N PRO F 44 45.66 -57.06 -8.92
CA PRO F 44 44.77 -57.29 -7.79
C PRO F 44 43.41 -56.56 -7.83
N SER F 45 42.38 -57.22 -7.30
CA SER F 45 41.00 -56.70 -7.25
C SER F 45 40.67 -55.90 -6.00
N LEU F 46 39.82 -54.86 -6.14
CA LEU F 46 39.46 -54.01 -4.99
C LEU F 46 38.73 -54.73 -3.89
N LEU F 47 39.24 -54.55 -2.68
CA LEU F 47 38.69 -55.15 -1.49
C LEU F 47 38.10 -54.09 -0.54
N ILE F 48 38.91 -53.06 -0.28
CA ILE F 48 38.63 -51.96 0.66
C ILE F 48 38.89 -50.58 0.11
N TYR F 49 38.06 -49.62 0.52
CA TYR F 49 38.25 -48.23 0.14
C TYR F 49 38.25 -47.25 1.32
N ASP F 50 38.90 -46.11 1.11
CA ASP F 50 39.04 -45.02 2.07
C ASP F 50 39.62 -45.55 3.40
N ALA F 51 40.56 -46.47 3.21
CA ALA F 51 41.36 -47.22 4.17
C ALA F 51 40.60 -48.13 5.12
N SER F 52 39.28 -48.33 4.97
CA SER F 52 38.59 -49.23 5.91
C SER F 52 37.28 -49.86 5.43
N ASN F 53 36.57 -49.20 4.52
CA ASN F 53 35.25 -49.60 4.10
C ASN F 53 35.27 -50.78 3.16
N ARG F 54 34.40 -51.72 3.40
CA ARG F 54 34.31 -52.88 2.55
C ARG F 54 33.71 -52.51 1.21
N ALA F 55 34.38 -52.93 0.12
CA ALA F 55 33.94 -52.67 -1.24
C ALA F 55 32.72 -53.50 -1.57
N THR F 56 31.86 -52.97 -2.42
CA THR F 56 30.67 -53.70 -2.81
C THR F 56 31.07 -55.01 -3.47
N GLY F 57 30.42 -56.10 -3.03
CA GLY F 57 30.68 -57.45 -3.54
C GLY F 57 31.64 -58.24 -2.66
N ILE F 58 32.25 -57.58 -1.69
CA ILE F 58 33.19 -58.19 -0.78
C ILE F 58 32.50 -58.73 0.49
N PRO F 59 32.76 -59.99 0.88
CA PRO F 59 32.27 -60.63 2.08
C PRO F 59 32.64 -59.88 3.35
N ALA F 60 31.76 -59.97 4.34
CA ALA F 60 31.85 -59.28 5.64
C ALA F 60 33.10 -59.63 6.46
N ARG F 61 33.74 -60.72 6.12
CA ARG F 61 34.95 -61.13 6.81
C ARG F 61 36.11 -60.17 6.58
N PHE F 62 36.04 -59.30 5.57
CA PHE F 62 37.12 -58.37 5.27
C PHE F 62 36.83 -56.91 5.64
N SER F 63 37.57 -56.36 6.59
CA SER F 63 37.37 -54.94 6.97
C SER F 63 38.67 -54.35 7.50
N GLY F 64 38.80 -53.02 7.46
CA GLY F 64 40.03 -52.45 8.00
C GLY F 64 39.83 -51.32 8.99
N SER F 65 40.95 -50.74 9.38
CA SER F 65 41.02 -49.64 10.32
C SER F 65 42.35 -48.89 10.18
N GLY F 66 42.45 -47.74 10.83
CA GLY F 66 43.70 -47.01 10.83
C GLY F 66 43.59 -45.61 10.27
N SER F 67 44.63 -44.83 10.50
CA SER F 67 44.67 -43.44 10.02
C SER F 67 46.07 -42.86 9.93
N GLY F 68 46.22 -41.87 9.04
CA GLY F 68 47.46 -41.15 8.98
C GLY F 68 48.51 -42.03 8.35
N THR F 69 49.24 -42.73 9.19
CA THR F 69 50.29 -43.61 8.72
C THR F 69 50.09 -45.07 9.06
N ASP F 70 49.23 -45.37 10.04
CA ASP F 70 49.13 -46.74 10.52
C ASP F 70 47.81 -47.39 10.14
N PHE F 71 47.89 -48.36 9.23
CA PHE F 71 46.70 -49.01 8.70
C PHE F 71 46.73 -50.53 8.77
N THR F 72 45.54 -51.13 8.88
CA THR F 72 45.48 -52.58 8.90
C THR F 72 44.19 -53.19 8.35
N LEU F 73 44.33 -54.42 7.87
CA LEU F 73 43.23 -55.27 7.40
C LEU F 73 43.08 -56.51 8.24
N THR F 74 41.85 -56.74 8.67
CA THR F 74 41.50 -57.92 9.43
C THR F 74 40.67 -58.84 8.56
N ILE F 75 41.10 -60.08 8.48
CA ILE F 75 40.34 -61.08 7.75
C ILE F 75 39.91 -62.01 8.86
N SER F 76 38.62 -62.03 9.19
CA SER F 76 38.23 -62.75 10.41
C SER F 76 38.58 -64.24 10.39
N SER F 77 38.49 -64.82 9.19
CA SER F 77 38.81 -66.20 8.90
C SER F 77 39.35 -66.23 7.49
N LEU F 78 40.59 -66.66 7.31
CA LEU F 78 41.16 -66.64 5.98
C LEU F 78 40.88 -67.96 5.26
N GLU F 79 40.09 -67.91 4.19
CA GLU F 79 39.68 -69.10 3.45
C GLU F 79 40.75 -69.44 2.42
N PRO F 80 40.88 -70.69 1.91
CA PRO F 80 41.86 -71.05 0.89
C PRO F 80 41.88 -70.10 -0.32
N GLU F 81 40.71 -69.61 -0.70
CA GLU F 81 40.56 -68.71 -1.84
C GLU F 81 41.11 -67.30 -1.60
N ASP F 82 41.31 -66.97 -0.33
CA ASP F 82 41.72 -65.66 0.10
C ASP F 82 43.23 -65.56 0.26
N PHE F 83 43.97 -66.62 -0.07
CA PHE F 83 45.43 -66.56 0.10
C PHE F 83 46.08 -65.90 -1.13
N ALA F 84 45.88 -64.58 -1.17
CA ALA F 84 46.26 -63.61 -2.20
C ALA F 84 47.40 -62.74 -1.72
N VAL F 85 48.02 -61.99 -2.63
CA VAL F 85 48.98 -61.02 -2.13
C VAL F 85 48.17 -59.76 -1.86
N TYR F 86 48.27 -59.23 -0.66
CA TYR F 86 47.49 -58.06 -0.31
C TYR F 86 48.28 -56.78 -0.42
N TYR F 87 47.72 -55.83 -1.13
CA TYR F 87 48.40 -54.56 -1.31
C TYR F 87 47.62 -53.37 -0.81
N CYS F 88 48.33 -52.39 -0.24
CA CYS F 88 47.82 -51.08 0.13
C CYS F 88 48.23 -50.05 -0.92
N GLN F 89 47.23 -49.37 -1.43
CA GLN F 89 47.40 -48.33 -2.40
C GLN F 89 47.36 -47.00 -1.72
N GLN F 90 48.40 -46.21 -1.94
CA GLN F 90 48.57 -44.87 -1.42
C GLN F 90 48.17 -43.95 -2.56
N PRO F 91 47.82 -42.69 -2.33
CA PRO F 91 47.37 -41.78 -3.36
C PRO F 91 48.02 -41.97 -4.75
N LEU F 92 49.35 -41.92 -4.82
CA LEU F 92 50.04 -42.05 -6.10
C LEU F 92 51.03 -43.22 -6.15
N THR F 93 51.04 -44.07 -5.13
CA THR F 93 52.02 -45.15 -5.05
C THR F 93 51.43 -46.44 -4.48
N PHE F 94 52.17 -47.55 -4.52
CA PHE F 94 51.68 -48.78 -3.90
C PHE F 94 52.73 -49.31 -2.94
N GLY F 95 52.30 -49.99 -1.88
CA GLY F 95 53.23 -50.61 -0.95
C GLY F 95 53.77 -51.93 -1.53
N GLY F 96 54.75 -52.52 -0.84
CA GLY F 96 55.37 -53.78 -1.30
C GLY F 96 54.44 -54.99 -1.39
N GLY F 97 53.46 -55.07 -0.50
CA GLY F 97 52.49 -56.15 -0.49
C GLY F 97 52.85 -57.30 0.44
N THR F 98 51.84 -57.98 0.96
CA THR F 98 52.06 -59.18 1.79
C THR F 98 51.57 -60.39 1.09
N LYS F 99 52.45 -61.35 0.88
CA LYS F 99 52.05 -62.56 0.21
C LYS F 99 51.43 -63.49 1.23
N VAL F 100 50.18 -63.86 1.03
CA VAL F 100 49.57 -64.73 2.01
C VAL F 100 49.58 -66.15 1.44
N GLU F 101 50.17 -67.09 2.18
CA GLU F 101 50.35 -68.47 1.74
C GLU F 101 49.72 -69.47 2.68
N ILE F 102 49.32 -70.61 2.14
CA ILE F 102 48.73 -71.64 2.98
C ILE F 102 49.88 -72.40 3.65
N LYS F 103 49.82 -72.51 5.00
CA LYS F 103 50.80 -73.18 5.85
C LYS F 103 50.94 -74.68 5.50
N CYS G 15 -13.23 -64.09 19.14
CA CYS G 15 -14.10 -63.88 18.00
C CYS G 15 -15.46 -64.57 18.24
N VAL G 16 -16.35 -63.89 19.00
CA VAL G 16 -17.71 -64.32 19.39
C VAL G 16 -18.78 -63.26 19.07
N ASN G 17 -19.89 -63.67 18.41
CA ASN G 17 -21.07 -62.83 18.14
C ASN G 17 -22.07 -63.02 19.29
N LEU G 18 -22.27 -61.98 20.14
CA LEU G 18 -23.13 -62.05 21.34
C LEU G 18 -24.62 -61.99 21.03
N THR G 19 -25.39 -62.76 21.79
CA THR G 19 -26.83 -62.79 21.65
C THR G 19 -27.51 -62.58 22.99
N THR G 20 -28.87 -62.70 22.99
CA THR G 20 -29.83 -62.50 24.11
C THR G 20 -30.13 -61.03 24.44
N ARG G 21 -29.53 -60.13 23.69
CA ARG G 21 -29.74 -58.70 23.83
C ARG G 21 -31.08 -58.34 23.23
N THR G 22 -31.72 -57.30 23.75
CA THR G 22 -33.00 -56.90 23.16
C THR G 22 -32.80 -55.81 22.13
N GLN G 23 -33.89 -55.44 21.46
CA GLN G 23 -33.81 -54.38 20.47
C GLN G 23 -34.68 -53.21 20.84
N LEU G 24 -34.03 -52.14 21.27
CA LEU G 24 -34.69 -50.92 21.67
C LEU G 24 -33.99 -49.74 21.00
N PRO G 25 -34.69 -48.65 20.70
CA PRO G 25 -34.16 -47.44 20.10
C PRO G 25 -33.27 -46.71 21.10
N PRO G 26 -32.37 -45.84 20.62
CA PRO G 26 -31.52 -44.97 21.38
C PRO G 26 -32.33 -43.88 22.03
N ALA G 27 -31.84 -43.37 23.13
CA ALA G 27 -32.46 -42.26 23.82
C ALA G 27 -31.67 -41.03 23.49
N TYR G 28 -32.23 -39.86 23.71
CA TYR G 28 -31.44 -38.67 23.47
C TYR G 28 -31.45 -37.79 24.69
N THR G 29 -30.34 -37.09 24.91
CA THR G 29 -30.24 -36.19 26.05
C THR G 29 -29.73 -34.80 25.68
N ASN G 30 -29.87 -33.91 26.66
CA ASN G 30 -29.46 -32.52 26.62
C ASN G 30 -28.01 -32.36 27.06
N SER G 31 -27.15 -31.88 26.16
CA SER G 31 -25.73 -31.71 26.46
C SER G 31 -25.43 -30.60 27.45
N PHE G 32 -26.41 -29.76 27.66
CA PHE G 32 -26.33 -28.60 28.51
C PHE G 32 -25.09 -27.78 28.19
N THR G 33 -24.20 -27.65 29.16
CA THR G 33 -23.00 -26.86 29.04
C THR G 33 -21.69 -27.66 29.08
N ARG G 34 -21.77 -28.94 28.80
CA ARG G 34 -20.61 -29.81 28.77
C ARG G 34 -19.95 -29.77 27.39
N GLY G 35 -18.67 -30.18 27.29
CA GLY G 35 -18.02 -30.28 25.99
C GLY G 35 -16.97 -29.22 25.67
N VAL G 36 -16.67 -28.41 26.67
CA VAL G 36 -15.66 -27.37 26.63
C VAL G 36 -14.36 -27.95 27.13
N TYR G 37 -13.27 -27.58 26.49
CA TYR G 37 -11.95 -28.03 26.82
C TYR G 37 -10.98 -26.91 26.64
N TYR G 38 -9.82 -27.02 27.25
CA TYR G 38 -8.82 -25.98 27.08
C TYR G 38 -8.33 -26.03 25.64
N PRO G 39 -8.56 -24.97 24.83
CA PRO G 39 -8.26 -24.91 23.41
C PRO G 39 -6.79 -24.74 23.12
N ASP G 40 -6.02 -24.47 24.14
CA ASP G 40 -4.62 -24.15 23.99
C ASP G 40 -3.87 -24.58 25.24
N LYS G 41 -2.56 -24.37 25.23
CA LYS G 41 -1.70 -24.70 26.34
C LYS G 41 -1.33 -23.45 27.11
N VAL G 42 -1.43 -22.30 26.49
CA VAL G 42 -1.01 -21.09 27.15
C VAL G 42 -1.80 -20.77 28.42
N PHE G 43 -1.09 -20.43 29.49
CA PHE G 43 -1.72 -20.00 30.72
C PHE G 43 -2.32 -18.63 30.56
N ARG G 44 -3.56 -18.49 30.98
CA ARG G 44 -4.23 -17.20 30.96
C ARG G 44 -4.82 -17.04 32.31
N SER G 45 -5.02 -15.82 32.78
CA SER G 45 -5.64 -15.64 34.10
C SER G 45 -6.46 -14.38 34.21
N SER G 46 -7.65 -14.53 34.79
CA SER G 46 -8.61 -13.43 34.98
C SER G 46 -8.92 -12.66 33.70
N VAL G 47 -9.19 -13.41 32.62
CA VAL G 47 -9.52 -12.85 31.30
C VAL G 47 -10.69 -13.52 30.63
N LEU G 48 -11.27 -12.83 29.66
CA LEU G 48 -12.26 -13.47 28.83
C LEU G 48 -11.64 -13.60 27.46
N HIS G 49 -11.51 -14.82 26.99
CA HIS G 49 -10.86 -15.07 25.72
C HIS G 49 -11.79 -15.63 24.67
N SER G 50 -11.83 -15.00 23.52
CA SER G 50 -12.68 -15.47 22.43
C SER G 50 -11.91 -16.38 21.52
N THR G 51 -12.43 -17.59 21.31
CA THR G 51 -11.75 -18.57 20.49
C THR G 51 -12.67 -19.34 19.55
N GLN G 52 -12.12 -19.77 18.41
CA GLN G 52 -12.86 -20.58 17.47
C GLN G 52 -12.23 -21.95 17.34
N ASP G 53 -13.03 -22.97 17.60
CA ASP G 53 -12.57 -24.37 17.58
C ASP G 53 -13.77 -25.29 17.43
N LEU G 54 -13.53 -26.60 17.40
CA LEU G 54 -14.62 -27.56 17.34
C LEU G 54 -14.99 -27.97 18.75
N PHE G 55 -16.18 -27.57 19.16
CA PHE G 55 -16.67 -27.77 20.51
C PHE G 55 -18.01 -28.44 20.49
N LEU G 56 -18.40 -29.10 21.56
CA LEU G 56 -19.77 -29.59 21.52
C LEU G 56 -20.61 -28.33 21.64
N PRO G 57 -21.63 -28.07 20.79
CA PRO G 57 -22.50 -26.93 20.89
C PRO G 57 -23.24 -27.01 22.19
N PHE G 58 -23.60 -25.89 22.77
CA PHE G 58 -24.39 -25.97 23.99
C PHE G 58 -25.81 -26.36 23.67
N PHE G 59 -26.38 -27.14 24.57
CA PHE G 59 -27.74 -27.67 24.51
C PHE G 59 -28.00 -28.50 23.27
N SER G 60 -26.99 -29.26 22.83
CA SER G 60 -27.09 -30.12 21.68
C SER G 60 -27.81 -31.43 22.02
N ASN G 61 -28.22 -32.19 20.96
CA ASN G 61 -28.86 -33.50 21.06
C ASN G 61 -27.79 -34.61 21.03
N VAL G 62 -27.55 -35.24 22.20
CA VAL G 62 -26.53 -36.25 22.46
C VAL G 62 -27.15 -37.64 22.47
N THR G 63 -26.57 -38.59 21.75
CA THR G 63 -27.19 -39.90 21.72
C THR G 63 -26.81 -40.69 22.96
N TRP G 64 -27.80 -41.23 23.62
CA TRP G 64 -27.67 -41.99 24.85
C TRP G 64 -27.80 -43.49 24.64
N PHE G 65 -26.70 -44.17 24.95
CA PHE G 65 -26.54 -45.60 24.76
C PHE G 65 -26.56 -46.29 26.11
N HIS G 66 -27.04 -47.53 26.15
CA HIS G 66 -27.10 -48.24 27.40
C HIS G 66 -26.40 -49.58 27.36
N ALA G 67 -25.86 -49.97 28.50
CA ALA G 67 -25.29 -51.28 28.66
C ALA G 67 -25.68 -51.81 30.02
N ILE G 68 -26.98 -52.05 30.19
CA ILE G 68 -27.56 -52.48 31.45
C ILE G 68 -28.38 -53.77 31.31
N HIS G 69 -28.10 -54.77 32.15
CA HIS G 69 -28.83 -56.05 32.16
C HIS G 69 -30.38 -55.97 32.24
N VAL G 70 -30.91 -55.14 33.17
CA VAL G 70 -32.34 -54.94 33.47
C VAL G 70 -32.90 -56.25 34.06
N THR G 76 -34.98 -57.63 27.51
CA THR G 76 -34.85 -56.28 28.06
C THR G 76 -33.38 -55.77 28.18
N LYS G 77 -32.39 -56.68 28.07
CA LYS G 77 -30.93 -56.43 28.21
C LYS G 77 -30.28 -55.59 27.14
N ARG G 78 -29.52 -54.62 27.60
CA ARG G 78 -28.81 -53.69 26.73
C ARG G 78 -27.32 -53.85 26.88
N PHE G 79 -26.60 -53.56 25.80
CA PHE G 79 -25.16 -53.63 25.75
C PHE G 79 -24.76 -52.64 24.70
N ASP G 80 -25.67 -52.53 23.74
CA ASP G 80 -25.49 -51.72 22.57
C ASP G 80 -24.13 -51.95 21.89
N ASN G 81 -23.21 -51.00 22.07
CA ASN G 81 -21.90 -50.98 21.42
C ASN G 81 -21.89 -51.02 19.88
N PRO G 82 -22.61 -50.12 19.19
CA PRO G 82 -22.69 -49.95 17.74
C PRO G 82 -21.48 -49.24 17.19
N VAL G 83 -21.32 -49.29 15.88
CA VAL G 83 -20.30 -48.46 15.25
C VAL G 83 -20.93 -47.11 14.95
N LEU G 84 -20.27 -46.04 15.38
CA LEU G 84 -20.75 -44.69 15.21
C LEU G 84 -19.87 -43.89 14.27
N PRO G 85 -20.37 -42.89 13.57
CA PRO G 85 -19.59 -41.94 12.79
C PRO G 85 -18.67 -41.18 13.72
N PHE G 86 -17.51 -40.77 13.22
CA PHE G 86 -16.59 -39.92 13.98
C PHE G 86 -16.76 -38.48 13.55
N ASN G 87 -17.11 -38.30 12.28
CA ASN G 87 -17.27 -37.00 11.66
C ASN G 87 -16.07 -36.09 11.88
N ASP G 88 -16.28 -34.94 12.52
CA ASP G 88 -15.21 -33.97 12.71
C ASP G 88 -14.53 -34.07 14.06
N GLY G 89 -14.86 -35.10 14.82
CA GLY G 89 -14.35 -35.28 16.15
C GLY G 89 -15.53 -35.42 17.06
N VAL G 90 -15.35 -36.12 18.16
CA VAL G 90 -16.48 -36.38 19.03
C VAL G 90 -16.32 -36.10 20.48
N TYR G 91 -17.47 -35.98 21.11
CA TYR G 91 -17.57 -35.85 22.54
C TYR G 91 -18.08 -37.14 23.09
N PHE G 92 -17.35 -37.70 24.02
CA PHE G 92 -17.77 -38.96 24.60
C PHE G 92 -17.87 -38.80 26.09
N ALA G 93 -18.92 -39.29 26.68
CA ALA G 93 -18.99 -39.21 28.11
C ALA G 93 -19.61 -40.43 28.65
N SER G 94 -19.20 -40.81 29.83
CA SER G 94 -19.82 -41.97 30.40
C SER G 94 -19.95 -41.91 31.88
N THR G 95 -20.93 -42.65 32.35
CA THR G 95 -21.16 -42.78 33.76
C THR G 95 -21.12 -44.24 34.09
N GLU G 96 -20.38 -44.55 35.14
CA GLU G 96 -20.26 -45.92 35.59
C GLU G 96 -19.85 -46.01 37.04
N LYS G 97 -19.83 -47.24 37.54
CA LYS G 97 -19.33 -47.51 38.87
C LYS G 97 -18.34 -48.68 38.95
N SER G 98 -18.10 -49.40 37.85
CA SER G 98 -17.24 -50.59 37.91
C SER G 98 -16.32 -50.87 36.72
N ASN G 99 -15.72 -49.84 36.10
CA ASN G 99 -14.78 -50.09 34.99
C ASN G 99 -15.29 -50.98 33.85
N ILE G 100 -16.45 -50.63 33.31
CA ILE G 100 -17.09 -51.36 32.23
C ILE G 100 -16.73 -50.79 30.89
N ILE G 101 -16.68 -49.47 30.79
CA ILE G 101 -16.39 -48.85 29.51
C ILE G 101 -14.88 -48.66 29.47
N ARG G 102 -14.21 -49.40 28.58
CA ARG G 102 -12.76 -49.42 28.60
C ARG G 102 -12.02 -48.94 27.37
N GLY G 103 -12.66 -48.85 26.24
CA GLY G 103 -11.82 -48.46 25.12
C GLY G 103 -12.54 -48.12 23.85
N TRP G 104 -11.74 -47.84 22.82
CA TRP G 104 -12.25 -47.43 21.54
C TRP G 104 -11.45 -47.96 20.36
N ILE G 105 -12.14 -48.14 19.26
CA ILE G 105 -11.53 -48.49 17.99
C ILE G 105 -11.80 -47.38 17.01
N PHE G 106 -10.77 -46.83 16.38
CA PHE G 106 -10.97 -45.75 15.42
C PHE G 106 -10.38 -46.06 14.05
N GLY G 107 -11.05 -45.67 12.99
CA GLY G 107 -10.49 -45.88 11.64
C GLY G 107 -11.48 -45.66 10.52
N THR G 108 -11.18 -46.16 9.32
CA THR G 108 -12.08 -46.00 8.18
C THR G 108 -12.77 -47.28 7.72
N THR G 109 -12.21 -48.43 8.08
CA THR G 109 -12.75 -49.72 7.64
C THR G 109 -12.86 -50.70 8.80
N LEU G 110 -11.74 -50.82 9.51
CA LEU G 110 -11.55 -51.73 10.65
C LEU G 110 -11.60 -53.22 10.20
N ASP G 111 -11.03 -53.50 9.02
CA ASP G 111 -10.99 -54.84 8.45
C ASP G 111 -9.61 -55.37 8.02
N SER G 112 -8.53 -54.83 8.58
CA SER G 112 -7.11 -55.19 8.27
C SER G 112 -6.56 -54.64 6.95
N LYS G 113 -7.38 -53.94 6.17
CA LYS G 113 -6.88 -53.41 4.90
C LYS G 113 -6.07 -52.14 5.09
N THR G 114 -6.32 -51.41 6.18
CA THR G 114 -5.60 -50.16 6.43
C THR G 114 -5.18 -50.05 7.88
N GLN G 115 -4.48 -48.97 8.20
CA GLN G 115 -4.06 -48.76 9.58
C GLN G 115 -5.23 -48.27 10.41
N SER G 116 -5.44 -48.90 11.56
CA SER G 116 -6.52 -48.53 12.47
C SER G 116 -5.97 -48.38 13.88
N LEU G 117 -6.62 -47.55 14.67
CA LEU G 117 -6.23 -47.26 16.05
C LEU G 117 -7.03 -47.94 17.13
N LEU G 118 -6.33 -48.67 17.97
CA LEU G 118 -6.95 -49.36 19.08
C LEU G 118 -6.46 -48.84 20.42
N ILE G 119 -7.39 -48.35 21.25
CA ILE G 119 -7.06 -47.88 22.57
C ILE G 119 -7.80 -48.69 23.62
N VAL G 120 -7.09 -49.46 24.44
CA VAL G 120 -7.79 -50.26 25.44
C VAL G 120 -7.28 -50.15 26.85
N ASN G 121 -8.18 -49.80 27.76
CA ASN G 121 -7.83 -49.73 29.15
C ASN G 121 -8.04 -51.11 29.74
N ASN G 122 -7.02 -51.94 29.64
CA ASN G 122 -7.07 -53.31 30.12
C ASN G 122 -6.88 -53.24 31.60
N ALA G 123 -7.25 -54.26 32.35
CA ALA G 123 -7.06 -54.15 33.78
C ALA G 123 -5.65 -53.85 34.21
N THR G 124 -4.62 -54.31 33.50
CA THR G 124 -3.28 -54.03 34.00
C THR G 124 -2.44 -53.01 33.23
N ASN G 125 -2.71 -52.78 31.94
CA ASN G 125 -1.89 -51.86 31.15
C ASN G 125 -2.71 -51.11 30.11
N VAL G 126 -2.49 -49.81 29.94
CA VAL G 126 -3.24 -49.12 28.90
C VAL G 126 -2.48 -49.28 27.62
N VAL G 127 -3.15 -49.79 26.59
CA VAL G 127 -2.48 -50.03 25.34
C VAL G 127 -3.01 -49.21 24.19
N ILE G 128 -2.11 -48.49 23.54
CA ILE G 128 -2.44 -47.71 22.36
C ILE G 128 -1.66 -48.24 21.17
N LYS G 129 -2.34 -48.78 20.19
CA LYS G 129 -1.65 -49.33 19.02
C LYS G 129 -2.27 -48.95 17.71
N VAL G 130 -1.43 -48.77 16.70
CA VAL G 130 -1.94 -48.53 15.36
C VAL G 130 -1.36 -49.63 14.47
N CYS G 131 -2.25 -50.48 13.89
CA CYS G 131 -1.88 -51.68 13.13
C CYS G 131 -2.92 -51.99 12.07
N GLU G 132 -2.58 -52.94 11.21
CA GLU G 132 -3.52 -53.42 10.21
C GLU G 132 -4.32 -54.51 10.88
N PHE G 133 -5.23 -54.05 11.71
CA PHE G 133 -6.05 -54.88 12.55
C PHE G 133 -7.25 -55.45 11.86
N GLN G 134 -7.51 -56.68 12.18
CA GLN G 134 -8.71 -57.36 11.76
C GLN G 134 -9.53 -57.46 12.99
N PHE G 135 -10.54 -56.63 13.05
CA PHE G 135 -11.37 -56.53 14.21
C PHE G 135 -12.49 -57.54 14.16
N CYS G 136 -12.95 -57.91 15.33
CA CYS G 136 -14.11 -58.77 15.47
C CYS G 136 -15.30 -57.90 15.10
N ASN G 137 -16.40 -58.50 14.63
CA ASN G 137 -17.56 -57.68 14.25
C ASN G 137 -18.49 -57.41 15.41
N ASP G 138 -18.08 -57.89 16.55
CA ASP G 138 -18.72 -57.71 17.84
C ASP G 138 -17.62 -57.85 18.88
N PRO G 139 -16.67 -56.91 18.93
CA PRO G 139 -15.53 -56.97 19.80
C PRO G 139 -15.94 -56.74 21.23
N PHE G 140 -15.25 -57.39 22.15
CA PHE G 140 -15.49 -57.14 23.56
C PHE G 140 -14.38 -57.60 24.48
N LEU G 141 -14.48 -57.12 25.71
CA LEU G 141 -13.60 -57.42 26.83
C LEU G 141 -14.42 -58.14 27.90
N GLY G 142 -13.81 -58.84 28.87
CA GLY G 142 -14.67 -59.35 29.95
C GLY G 142 -13.97 -59.92 31.18
N VAL G 143 -14.77 -59.99 32.26
CA VAL G 143 -14.41 -60.41 33.62
C VAL G 143 -15.31 -61.51 34.17
N TYR G 144 -14.69 -62.52 34.78
CA TYR G 144 -15.41 -63.63 35.35
C TYR G 144 -15.44 -63.57 36.88
N TYR G 145 -16.62 -63.79 37.45
CA TYR G 145 -16.77 -63.80 38.89
C TYR G 145 -17.00 -65.20 39.50
N HIS G 146 -16.21 -65.53 40.56
CA HIS G 146 -16.24 -66.76 41.34
C HIS G 146 -17.09 -66.52 42.61
N TRP G 152 -13.63 -61.51 40.83
CA TRP G 152 -13.73 -60.60 39.70
C TRP G 152 -12.34 -60.47 39.03
N MET G 153 -12.02 -61.39 38.09
CA MET G 153 -10.73 -61.44 37.34
C MET G 153 -10.98 -61.43 35.85
N GLU G 154 -10.10 -60.80 35.08
CA GLU G 154 -10.31 -60.80 33.64
C GLU G 154 -10.21 -62.17 33.05
N SER G 155 -11.11 -62.46 32.12
CA SER G 155 -11.09 -63.72 31.41
C SER G 155 -11.07 -63.55 29.90
N GLU G 156 -11.47 -62.38 29.39
CA GLU G 156 -11.56 -62.23 27.94
C GLU G 156 -11.02 -60.95 27.35
N PHE G 157 -10.49 -61.15 26.16
CA PHE G 157 -10.06 -60.11 25.24
C PHE G 157 -10.33 -60.63 23.85
N ARG G 158 -11.40 -60.16 23.23
CA ARG G 158 -11.79 -60.62 21.92
C ARG G 158 -12.09 -59.40 21.09
N VAL G 159 -11.05 -58.68 20.74
CA VAL G 159 -11.20 -57.43 20.04
C VAL G 159 -10.84 -57.61 18.58
N TYR G 160 -9.75 -58.32 18.34
CA TYR G 160 -9.24 -58.54 17.02
C TYR G 160 -8.63 -59.92 16.89
N SER G 161 -8.57 -60.40 15.65
CA SER G 161 -7.94 -61.67 15.30
C SER G 161 -6.54 -61.45 14.75
N SER G 162 -6.27 -60.23 14.31
CA SER G 162 -4.97 -59.88 13.72
C SER G 162 -4.60 -58.44 13.99
N ALA G 163 -3.29 -58.18 14.10
CA ALA G 163 -2.73 -56.84 14.29
C ALA G 163 -1.39 -56.76 13.59
N ASN G 164 -1.36 -56.80 12.26
CA ASN G 164 -0.04 -56.90 11.65
C ASN G 164 0.47 -55.54 11.21
N ASN G 165 1.69 -55.49 10.70
CA ASN G 165 2.22 -54.27 10.11
C ASN G 165 2.02 -53.02 11.00
N CYS G 166 2.33 -53.11 12.32
CA CYS G 166 2.15 -52.04 13.30
C CYS G 166 3.11 -50.86 13.09
N THR G 167 2.55 -49.66 13.18
CA THR G 167 3.31 -48.42 13.00
C THR G 167 3.46 -47.61 14.28
N PHE G 168 2.57 -47.84 15.24
CA PHE G 168 2.63 -47.08 16.49
C PHE G 168 2.30 -47.95 17.67
N GLU G 169 3.08 -47.84 18.74
CA GLU G 169 2.74 -48.55 19.94
C GLU G 169 3.22 -47.88 21.20
N TYR G 170 2.32 -47.80 22.16
CA TYR G 170 2.57 -47.32 23.51
C TYR G 170 1.86 -48.16 24.54
N VAL G 171 2.56 -48.50 25.62
CA VAL G 171 1.91 -49.22 26.70
C VAL G 171 2.23 -48.52 28.01
N SER G 172 1.20 -48.25 28.81
CA SER G 172 1.42 -47.57 30.08
C SER G 172 1.96 -48.53 31.14
N GLN G 173 2.44 -47.93 32.23
CA GLN G 173 2.98 -48.60 33.39
C GLN G 173 1.93 -49.49 34.03
N PRO G 174 2.27 -50.73 34.46
CA PRO G 174 1.36 -51.65 35.10
C PRO G 174 0.65 -51.03 36.30
N PHE G 175 -0.63 -51.33 36.42
CA PHE G 175 -1.47 -50.80 37.49
C PHE G 175 -2.54 -51.79 37.88
N LEU G 176 -3.17 -51.57 39.03
CA LEU G 176 -4.28 -52.43 39.45
C LEU G 176 -5.64 -51.82 39.17
N MET G 177 -6.48 -52.52 38.41
CA MET G 177 -7.82 -52.02 38.14
C MET G 177 -8.81 -52.67 39.07
N ASP G 178 -9.74 -51.88 39.56
CA ASP G 178 -10.80 -52.38 40.42
C ASP G 178 -11.91 -53.01 39.58
N LEU G 179 -12.01 -54.33 39.61
CA LEU G 179 -12.98 -55.04 38.77
C LEU G 179 -14.23 -55.43 39.54
N GLU G 180 -14.32 -54.99 40.80
CA GLU G 180 -15.42 -55.38 41.66
C GLU G 180 -16.79 -54.93 41.18
N GLY G 181 -17.75 -55.85 41.23
CA GLY G 181 -19.13 -55.60 40.82
C GLY G 181 -19.89 -54.79 41.89
N LYS G 182 -19.48 -53.53 42.01
CA LYS G 182 -20.01 -52.57 42.97
C LYS G 182 -21.43 -52.18 42.63
N GLN G 183 -22.20 -51.88 43.68
CA GLN G 183 -23.59 -51.48 43.53
C GLN G 183 -23.83 -50.00 43.84
N GLY G 184 -25.08 -49.54 43.67
CA GLY G 184 -25.42 -48.12 43.92
C GLY G 184 -25.62 -47.36 42.61
N ASN G 185 -25.51 -46.02 42.69
CA ASN G 185 -25.76 -45.15 41.55
C ASN G 185 -24.46 -45.02 40.80
N PHE G 186 -24.42 -44.30 39.69
CA PHE G 186 -23.14 -44.18 39.01
C PHE G 186 -22.32 -43.22 39.85
N LYS G 187 -21.03 -43.53 40.01
CA LYS G 187 -20.16 -42.74 40.89
C LYS G 187 -19.07 -41.96 40.15
N ASN G 188 -18.74 -42.40 38.95
CA ASN G 188 -17.65 -41.81 38.20
C ASN G 188 -18.03 -41.31 36.83
N LEU G 189 -17.88 -40.01 36.62
CA LEU G 189 -18.14 -39.41 35.33
C LEU G 189 -16.87 -39.12 34.61
N ARG G 190 -16.75 -39.68 33.43
CA ARG G 190 -15.56 -39.47 32.65
C ARG G 190 -15.93 -38.86 31.34
N GLU G 191 -15.31 -37.74 31.03
CA GLU G 191 -15.62 -37.08 29.78
C GLU G 191 -14.38 -36.99 28.95
N PHE G 192 -14.53 -37.21 27.66
CA PHE G 192 -13.46 -37.14 26.71
C PHE G 192 -13.79 -36.40 25.43
N VAL G 193 -12.79 -35.80 24.86
CA VAL G 193 -12.89 -35.24 23.52
C VAL G 193 -11.84 -35.86 22.65
N PHE G 194 -12.29 -36.38 21.51
CA PHE G 194 -11.43 -37.04 20.55
C PHE G 194 -11.40 -36.32 19.22
N LYS G 195 -10.25 -35.76 18.88
CA LYS G 195 -10.12 -35.00 17.65
C LYS G 195 -9.00 -35.51 16.76
N ASN G 196 -9.10 -35.29 15.46
CA ASN G 196 -8.02 -35.72 14.58
C ASN G 196 -7.56 -34.58 13.69
N ILE G 197 -6.48 -33.93 14.09
CA ILE G 197 -5.98 -32.76 13.38
C ILE G 197 -4.56 -32.93 12.87
N ASP G 198 -4.41 -32.84 11.57
CA ASP G 198 -3.12 -32.95 10.92
C ASP G 198 -2.35 -34.20 11.33
N GLY G 199 -3.07 -35.31 11.48
CA GLY G 199 -2.45 -36.57 11.84
C GLY G 199 -2.35 -36.81 13.35
N TYR G 200 -2.72 -35.82 14.15
CA TYR G 200 -2.64 -36.00 15.58
C TYR G 200 -3.95 -36.36 16.20
N PHE G 201 -3.94 -37.43 16.96
CA PHE G 201 -5.16 -37.82 17.61
C PHE G 201 -5.07 -37.21 18.99
N LYS G 202 -5.90 -36.21 19.21
CA LYS G 202 -5.85 -35.42 20.42
C LYS G 202 -6.89 -35.85 21.40
N ILE G 203 -6.45 -36.17 22.60
CA ILE G 203 -7.38 -36.62 23.62
C ILE G 203 -7.36 -35.69 24.81
N TYR G 204 -8.55 -35.25 25.18
CA TYR G 204 -8.77 -34.38 26.34
C TYR G 204 -9.67 -35.13 27.28
N SER G 205 -9.56 -34.88 28.59
CA SER G 205 -10.50 -35.51 29.50
C SER G 205 -10.61 -34.85 30.86
N LYS G 206 -11.65 -35.27 31.57
CA LYS G 206 -11.89 -34.87 32.96
C LYS G 206 -12.59 -35.98 33.71
N HIS G 207 -12.22 -36.17 34.96
CA HIS G 207 -12.85 -37.14 35.84
C HIS G 207 -13.45 -36.44 37.06
N THR G 208 -14.76 -36.52 37.21
CA THR G 208 -15.43 -35.89 38.33
C THR G 208 -16.33 -36.90 39.03
N PRO G 209 -16.58 -36.75 40.34
CA PRO G 209 -17.51 -37.56 41.09
C PRO G 209 -18.94 -37.22 40.74
N ILE G 210 -19.77 -38.24 40.70
CA ILE G 210 -21.20 -38.14 40.47
C ILE G 210 -22.07 -38.98 41.38
N ASN G 211 -23.36 -38.67 41.36
CA ASN G 211 -24.39 -39.48 41.99
C ASN G 211 -25.55 -39.54 40.99
N LEU G 212 -25.42 -40.36 39.95
CA LEU G 212 -26.39 -40.32 38.85
C LEU G 212 -27.06 -41.61 38.46
N VAL G 213 -28.30 -41.48 38.00
CA VAL G 213 -29.02 -42.65 37.53
C VAL G 213 -29.52 -42.62 36.07
N ARG G 214 -29.47 -41.46 35.39
CA ARG G 214 -30.01 -41.42 34.01
C ARG G 214 -29.28 -40.54 33.00
N ASP G 215 -28.85 -39.34 33.38
CA ASP G 215 -28.35 -38.41 32.37
C ASP G 215 -27.12 -37.69 32.87
N LEU G 216 -26.56 -36.83 32.04
CA LEU G 216 -25.39 -36.07 32.40
C LEU G 216 -25.82 -34.95 33.34
N PRO G 217 -24.98 -34.53 34.27
CA PRO G 217 -25.25 -33.46 35.18
C PRO G 217 -25.25 -32.13 34.46
N GLN G 218 -26.08 -31.22 34.92
CA GLN G 218 -26.13 -29.89 34.33
C GLN G 218 -25.12 -28.97 34.99
N GLY G 219 -23.87 -29.19 34.67
CA GLY G 219 -22.77 -28.42 35.24
C GLY G 219 -21.75 -28.00 34.18
N PHE G 220 -20.62 -27.48 34.65
CA PHE G 220 -19.59 -27.02 33.73
C PHE G 220 -18.20 -27.32 34.25
N SER G 221 -17.35 -27.82 33.38
CA SER G 221 -15.95 -28.08 33.66
C SER G 221 -15.24 -28.19 32.34
N ALA G 222 -14.04 -27.63 32.21
CA ALA G 222 -13.30 -27.77 30.97
C ALA G 222 -12.40 -28.99 31.04
N LEU G 223 -12.30 -29.71 29.94
CA LEU G 223 -11.43 -30.88 29.91
C LEU G 223 -9.99 -30.46 29.68
N GLU G 224 -9.05 -31.20 30.24
CA GLU G 224 -7.63 -30.89 30.08
C GLU G 224 -7.05 -31.82 29.05
N PRO G 225 -6.03 -31.46 28.30
CA PRO G 225 -5.38 -32.35 27.38
C PRO G 225 -4.67 -33.46 28.14
N LEU G 226 -4.69 -34.67 27.61
CA LEU G 226 -3.95 -35.79 28.19
C LEU G 226 -2.82 -36.26 27.32
N VAL G 227 -3.12 -36.43 26.05
CA VAL G 227 -2.14 -36.95 25.12
C VAL G 227 -2.38 -36.41 23.74
N ASP G 228 -1.31 -36.28 22.97
CA ASP G 228 -1.40 -35.84 21.61
C ASP G 228 -0.58 -36.83 20.79
N LEU G 229 -1.27 -37.75 20.12
CA LEU G 229 -0.64 -38.87 19.44
C LEU G 229 -0.31 -38.66 17.96
N PRO G 230 0.98 -38.72 17.54
CA PRO G 230 1.48 -38.50 16.20
C PRO G 230 1.26 -39.73 15.34
N ILE G 231 0.01 -39.98 14.96
CA ILE G 231 -0.33 -41.21 14.28
C ILE G 231 -0.41 -41.17 12.77
N GLY G 232 -1.02 -40.14 12.19
CA GLY G 232 -1.13 -40.08 10.74
C GLY G 232 -2.22 -40.93 10.06
N ILE G 233 -3.35 -41.20 10.71
CA ILE G 233 -4.36 -42.02 10.04
C ILE G 233 -5.67 -41.27 9.91
N ASN G 234 -6.47 -41.75 8.98
CA ASN G 234 -7.80 -41.28 8.65
C ASN G 234 -8.85 -41.95 9.52
N ILE G 235 -9.62 -41.18 10.27
CA ILE G 235 -10.66 -41.76 11.10
C ILE G 235 -12.02 -41.24 10.66
N THR G 236 -12.92 -42.13 10.28
CA THR G 236 -14.25 -41.70 9.86
C THR G 236 -15.34 -42.32 10.72
N ARG G 237 -15.02 -43.42 11.40
CA ARG G 237 -15.96 -44.17 12.25
C ARG G 237 -15.23 -44.66 13.48
N PHE G 238 -15.98 -44.95 14.54
CA PHE G 238 -15.37 -45.54 15.70
C PHE G 238 -16.35 -46.43 16.46
N GLN G 239 -15.82 -47.27 17.32
CA GLN G 239 -16.67 -48.13 18.13
C GLN G 239 -16.13 -48.17 19.54
N THR G 240 -16.98 -48.26 20.55
CA THR G 240 -16.42 -48.33 21.89
C THR G 240 -16.15 -49.76 22.28
N LEU G 241 -15.55 -49.96 23.43
CA LEU G 241 -15.32 -51.30 23.95
C LEU G 241 -15.79 -51.42 25.36
N LEU G 242 -16.70 -52.37 25.56
CA LEU G 242 -17.30 -52.62 26.84
C LEU G 242 -16.87 -53.97 27.37
N ALA G 243 -16.76 -54.07 28.69
CA ALA G 243 -16.51 -55.34 29.32
C ALA G 243 -17.82 -56.06 29.59
N LEU G 244 -17.78 -57.38 29.51
CA LEU G 244 -18.88 -58.25 29.84
C LEU G 244 -18.64 -58.88 31.18
N HIS G 245 -19.73 -59.19 31.87
CA HIS G 245 -19.60 -59.90 33.11
C HIS G 245 -20.14 -61.31 32.98
N ARG G 246 -19.36 -62.25 33.46
CA ARG G 246 -19.74 -63.66 33.48
C ARG G 246 -19.52 -64.14 34.89
N SER G 247 -20.15 -65.21 35.27
CA SER G 247 -19.98 -65.71 36.63
C SER G 247 -20.36 -67.15 36.73
N TYR G 248 -20.06 -67.71 37.89
CA TYR G 248 -20.41 -69.09 38.25
C TYR G 248 -21.93 -69.36 38.23
N LEU G 249 -22.75 -68.31 38.29
CA LEU G 249 -24.20 -68.43 38.27
C LEU G 249 -24.80 -68.17 36.89
N THR G 250 -23.95 -67.96 35.90
CA THR G 250 -24.33 -67.63 34.53
C THR G 250 -24.04 -68.86 33.64
N PRO G 251 -24.86 -69.17 32.61
CA PRO G 251 -24.60 -70.23 31.65
C PRO G 251 -23.24 -69.98 31.04
N GLY G 252 -22.51 -71.03 30.67
CA GLY G 252 -21.16 -70.85 30.12
C GLY G 252 -21.08 -70.64 28.61
N ASP G 253 -22.21 -70.61 27.92
CA ASP G 253 -22.17 -70.43 26.47
C ASP G 253 -21.53 -69.10 26.15
N SER G 254 -20.55 -69.07 25.26
CA SER G 254 -19.86 -67.82 24.96
C SER G 254 -20.73 -66.73 24.32
N SER G 255 -21.82 -67.11 23.63
CA SER G 255 -22.67 -66.14 22.97
C SER G 255 -23.80 -65.68 23.88
N SER G 256 -24.44 -66.63 24.58
CA SER G 256 -25.60 -66.27 25.43
C SER G 256 -25.33 -66.16 26.94
N GLY G 257 -24.25 -66.76 27.41
CA GLY G 257 -23.90 -66.87 28.83
C GLY G 257 -23.23 -65.63 29.41
N TRP G 258 -23.90 -64.50 29.37
CA TRP G 258 -23.30 -63.28 29.88
C TRP G 258 -24.31 -62.22 30.30
N THR G 259 -23.85 -61.27 31.11
CA THR G 259 -24.67 -60.12 31.50
C THR G 259 -23.94 -58.78 31.34
N ALA G 260 -24.69 -57.70 31.49
CA ALA G 260 -24.14 -56.36 31.40
C ALA G 260 -24.21 -55.66 32.76
N GLY G 261 -23.03 -55.37 33.32
CA GLY G 261 -23.00 -54.68 34.59
C GLY G 261 -23.54 -53.34 34.18
N ALA G 262 -24.24 -52.64 35.04
CA ALA G 262 -24.77 -51.39 34.52
C ALA G 262 -23.72 -50.36 34.23
N ALA G 263 -23.88 -49.76 33.07
CA ALA G 263 -23.10 -48.63 32.59
C ALA G 263 -23.89 -47.89 31.52
N ALA G 264 -23.54 -46.64 31.27
CA ALA G 264 -24.16 -45.90 30.17
C ALA G 264 -23.19 -44.89 29.58
N TYR G 265 -23.40 -44.54 28.32
CA TYR G 265 -22.55 -43.53 27.71
C TYR G 265 -23.31 -42.67 26.73
N TYR G 266 -22.74 -41.52 26.48
CA TYR G 266 -23.37 -40.55 25.65
C TYR G 266 -22.40 -40.10 24.55
N VAL G 267 -22.88 -39.95 23.32
CA VAL G 267 -22.01 -39.46 22.26
C VAL G 267 -22.55 -38.26 21.51
N GLY G 268 -21.75 -37.22 21.45
CA GLY G 268 -22.13 -36.01 20.74
C GLY G 268 -21.09 -35.75 19.68
N TYR G 269 -21.31 -34.71 18.88
CA TYR G 269 -20.36 -34.38 17.83
C TYR G 269 -19.92 -32.98 17.95
N LEU G 270 -18.67 -32.73 17.62
CA LEU G 270 -18.15 -31.39 17.71
C LEU G 270 -18.49 -30.64 16.45
N GLN G 271 -18.70 -29.34 16.58
CA GLN G 271 -18.97 -28.48 15.44
C GLN G 271 -18.17 -27.22 15.60
N PRO G 272 -17.80 -26.53 14.53
CA PRO G 272 -17.11 -25.28 14.64
C PRO G 272 -18.03 -24.25 15.27
N ARG G 273 -17.52 -23.62 16.30
CA ARG G 273 -18.21 -22.61 17.06
C ARG G 273 -17.26 -21.61 17.64
N THR G 274 -17.80 -20.45 17.94
CA THR G 274 -17.04 -19.46 18.63
C THR G 274 -17.55 -19.42 20.03
N PHE G 275 -16.63 -19.47 20.97
CA PHE G 275 -16.91 -19.38 22.37
C PHE G 275 -16.17 -18.29 23.07
N LEU G 276 -16.84 -17.71 24.05
CA LEU G 276 -16.18 -16.76 24.91
C LEU G 276 -15.86 -17.55 26.17
N LEU G 277 -14.58 -17.74 26.48
CA LEU G 277 -14.22 -18.55 27.63
C LEU G 277 -13.73 -17.70 28.78
N LYS G 278 -14.26 -17.98 29.96
CA LYS G 278 -13.87 -17.23 31.14
C LYS G 278 -12.85 -17.93 31.98
N TYR G 279 -11.67 -17.32 32.09
CA TYR G 279 -10.56 -17.82 32.89
C TYR G 279 -10.53 -17.06 34.19
N ASN G 280 -10.57 -17.77 35.29
CA ASN G 280 -10.56 -17.16 36.61
C ASN G 280 -9.15 -16.93 37.08
N GLU G 281 -9.00 -16.47 38.31
CA GLU G 281 -7.67 -16.30 38.83
C GLU G 281 -7.17 -17.74 38.89
N ASN G 282 -5.86 -17.98 38.73
CA ASN G 282 -5.19 -19.29 38.64
C ASN G 282 -5.45 -20.01 37.29
N GLY G 283 -6.15 -19.38 36.32
CA GLY G 283 -6.30 -19.86 34.93
C GLY G 283 -7.26 -21.02 34.65
N THR G 284 -8.23 -21.25 35.50
CA THR G 284 -9.16 -22.33 35.27
C THR G 284 -10.35 -21.80 34.49
N ILE G 285 -10.80 -22.53 33.49
CA ILE G 285 -11.98 -22.04 32.79
C ILE G 285 -13.16 -22.36 33.69
N THR G 286 -13.93 -21.34 34.03
CA THR G 286 -15.06 -21.54 34.92
C THR G 286 -16.37 -21.37 34.22
N ASP G 287 -16.36 -20.66 33.09
CA ASP G 287 -17.61 -20.49 32.38
C ASP G 287 -17.38 -20.36 30.88
N ALA G 288 -18.45 -20.26 30.11
CA ALA G 288 -18.33 -20.08 28.67
C ALA G 288 -19.63 -19.59 28.02
N VAL G 289 -19.52 -18.87 26.92
CA VAL G 289 -20.69 -18.50 26.14
C VAL G 289 -20.63 -19.09 24.75
N ASP G 290 -21.67 -19.82 24.38
CA ASP G 290 -21.75 -20.37 23.02
C ASP G 290 -22.38 -19.28 22.19
N CYS G 291 -21.58 -18.61 21.33
CA CYS G 291 -21.95 -17.40 20.60
C CYS G 291 -23.03 -17.67 19.55
N ALA G 292 -23.29 -18.94 19.26
CA ALA G 292 -24.30 -19.26 18.26
C ALA G 292 -25.59 -19.78 18.88
N LEU G 293 -25.68 -19.83 20.20
CA LEU G 293 -26.84 -20.44 20.83
C LEU G 293 -28.15 -19.65 20.73
N ASP G 294 -28.11 -18.35 20.99
CA ASP G 294 -29.31 -17.51 20.95
C ASP G 294 -28.87 -16.03 20.85
N PRO G 295 -29.78 -15.05 20.70
CA PRO G 295 -29.47 -13.62 20.61
C PRO G 295 -28.85 -12.99 21.85
N LEU G 296 -28.97 -13.62 23.02
CA LEU G 296 -28.40 -12.96 24.17
C LEU G 296 -26.96 -13.36 24.24
N SER G 297 -26.71 -14.59 23.81
CA SER G 297 -25.37 -15.12 23.78
C SER G 297 -24.61 -14.31 22.76
N GLU G 298 -25.27 -13.97 21.64
CA GLU G 298 -24.60 -13.16 20.64
C GLU G 298 -24.23 -11.82 21.22
N THR G 299 -25.13 -11.23 22.02
CA THR G 299 -24.85 -9.95 22.63
C THR G 299 -23.67 -10.07 23.58
N LYS G 300 -23.65 -11.12 24.41
CA LYS G 300 -22.54 -11.32 25.34
C LYS G 300 -21.17 -11.47 24.65
N CYS G 301 -21.10 -12.21 23.51
CA CYS G 301 -19.87 -12.40 22.75
C CYS G 301 -19.46 -11.08 22.09
N THR G 302 -20.42 -10.33 21.58
CA THR G 302 -20.16 -9.07 20.92
C THR G 302 -19.51 -8.09 21.87
N LEU G 303 -20.00 -8.06 23.09
CA LEU G 303 -19.53 -7.15 24.11
C LEU G 303 -18.39 -7.69 24.98
N LYS G 304 -17.94 -8.91 24.73
CA LYS G 304 -16.91 -9.52 25.56
C LYS G 304 -17.27 -9.46 27.02
N SER G 305 -18.46 -9.91 27.36
CA SER G 305 -18.91 -9.89 28.74
C SER G 305 -19.87 -10.99 29.09
N PHE G 306 -19.88 -11.41 30.33
CA PHE G 306 -20.86 -12.40 30.78
C PHE G 306 -22.08 -11.73 31.43
N THR G 307 -22.05 -10.41 31.45
CA THR G 307 -23.11 -9.54 31.96
C THR G 307 -23.46 -8.49 30.93
N VAL G 308 -24.75 -8.28 30.69
CA VAL G 308 -25.16 -7.27 29.72
C VAL G 308 -26.10 -6.27 30.40
N GLU G 309 -25.79 -5.00 30.27
CA GLU G 309 -26.63 -3.98 30.87
C GLU G 309 -27.84 -3.71 30.01
N LYS G 310 -28.69 -2.82 30.45
CA LYS G 310 -29.90 -2.55 29.70
C LYS G 310 -29.63 -1.68 28.48
N GLY G 311 -30.25 -2.02 27.35
CA GLY G 311 -30.11 -1.21 26.14
C GLY G 311 -30.19 -2.03 24.85
N ILE G 312 -29.81 -1.42 23.73
CA ILE G 312 -29.85 -2.10 22.46
C ILE G 312 -28.46 -2.29 21.90
N TYR G 313 -28.15 -3.52 21.57
CA TYR G 313 -26.84 -3.79 21.04
C TYR G 313 -26.94 -4.34 19.64
N GLN G 314 -25.99 -4.04 18.78
CA GLN G 314 -26.04 -4.63 17.45
C GLN G 314 -25.33 -5.96 17.48
N THR G 315 -25.96 -6.99 16.92
CA THR G 315 -25.39 -8.32 16.90
C THR G 315 -25.44 -8.90 15.50
N SER G 316 -24.45 -8.54 14.70
CA SER G 316 -24.33 -8.91 13.30
C SER G 316 -25.47 -8.36 12.43
N ASN G 317 -25.66 -8.99 11.26
CA ASN G 317 -26.58 -8.51 10.25
C ASN G 317 -27.46 -9.60 9.67
N PHE G 318 -28.56 -9.16 9.08
CA PHE G 318 -29.55 -9.97 8.42
C PHE G 318 -29.52 -9.81 6.91
N ARG G 319 -29.68 -10.92 6.20
CA ARG G 319 -29.78 -10.86 4.76
C ARG G 319 -30.63 -11.98 4.16
N VAL G 320 -31.49 -11.58 3.23
CA VAL G 320 -32.32 -12.52 2.48
C VAL G 320 -31.50 -13.22 1.42
N GLN G 321 -31.60 -14.54 1.41
CA GLN G 321 -30.83 -15.34 0.47
C GLN G 321 -31.67 -15.68 -0.75
N PRO G 322 -31.06 -15.87 -1.93
CA PRO G 322 -31.74 -16.30 -3.12
C PRO G 322 -32.21 -17.72 -2.94
N THR G 323 -33.38 -18.01 -3.49
CA THR G 323 -33.96 -19.34 -3.41
C THR G 323 -34.13 -19.97 -4.78
N GLU G 324 -33.61 -19.31 -5.80
CA GLU G 324 -33.79 -19.72 -7.19
C GLU G 324 -32.63 -19.27 -8.07
N SER G 325 -32.45 -19.95 -9.21
CA SER G 325 -31.41 -19.61 -10.20
C SER G 325 -31.97 -19.49 -11.62
N ILE G 326 -31.91 -18.28 -12.16
CA ILE G 326 -32.50 -17.92 -13.45
C ILE G 326 -31.49 -17.44 -14.47
N VAL G 327 -31.54 -17.98 -15.67
CA VAL G 327 -30.58 -17.55 -16.67
C VAL G 327 -31.19 -16.70 -17.77
N ARG G 328 -32.20 -17.19 -18.49
CA ARG G 328 -32.80 -16.44 -19.61
C ARG G 328 -31.80 -16.02 -20.70
N PHE G 329 -30.98 -16.94 -21.12
CA PHE G 329 -29.99 -16.73 -22.18
C PHE G 329 -30.77 -16.71 -23.52
N PRO G 330 -30.36 -15.94 -24.57
CA PRO G 330 -30.93 -15.91 -25.92
C PRO G 330 -31.00 -17.27 -26.56
N ASN G 331 -31.99 -17.46 -27.42
CA ASN G 331 -32.17 -18.76 -28.05
C ASN G 331 -31.25 -18.94 -29.26
N ILE G 332 -29.98 -19.15 -28.96
CA ILE G 332 -28.95 -19.35 -29.97
C ILE G 332 -28.72 -20.83 -30.11
N THR G 333 -29.00 -21.33 -31.30
CA THR G 333 -28.90 -22.75 -31.59
C THR G 333 -27.70 -23.06 -32.47
N ASN G 334 -26.96 -22.02 -32.81
CA ASN G 334 -25.79 -22.12 -33.65
C ASN G 334 -24.63 -22.59 -32.82
N LEU G 335 -23.81 -23.47 -33.35
CA LEU G 335 -22.64 -23.88 -32.59
C LEU G 335 -21.43 -23.22 -33.22
N CYS G 336 -20.42 -22.85 -32.40
CA CYS G 336 -19.18 -22.20 -32.85
C CYS G 336 -18.28 -23.22 -33.55
N PRO G 337 -17.72 -22.88 -34.72
CA PRO G 337 -16.94 -23.75 -35.58
C PRO G 337 -15.52 -24.01 -35.09
N PHE G 338 -15.40 -24.49 -33.87
CA PHE G 338 -14.11 -24.81 -33.33
C PHE G 338 -13.64 -26.07 -34.00
N GLY G 339 -14.57 -26.89 -34.47
CA GLY G 339 -14.26 -28.15 -35.15
C GLY G 339 -13.86 -27.92 -36.60
N GLU G 340 -13.85 -26.65 -37.06
CA GLU G 340 -13.41 -26.33 -38.41
C GLU G 340 -12.01 -25.74 -38.33
N VAL G 341 -11.73 -25.04 -37.22
CA VAL G 341 -10.43 -24.44 -36.95
C VAL G 341 -9.45 -25.55 -36.56
N PHE G 342 -9.89 -26.37 -35.63
CA PHE G 342 -9.18 -27.52 -35.14
C PHE G 342 -9.65 -28.61 -36.08
N ASN G 343 -8.89 -29.72 -36.23
CA ASN G 343 -9.22 -30.85 -37.13
C ASN G 343 -9.25 -30.44 -38.62
N ALA G 344 -8.57 -29.33 -38.99
CA ALA G 344 -8.41 -28.81 -40.36
C ALA G 344 -7.30 -29.58 -41.06
N THR G 345 -7.32 -29.59 -42.39
CA THR G 345 -6.28 -30.26 -43.15
C THR G 345 -5.16 -29.32 -43.57
N ARG G 346 -5.40 -28.02 -43.48
CA ARG G 346 -4.39 -27.05 -43.84
C ARG G 346 -4.35 -25.90 -42.85
N PHE G 347 -3.13 -25.60 -42.46
CA PHE G 347 -2.78 -24.53 -41.54
C PHE G 347 -1.78 -23.65 -42.26
N ALA G 348 -1.74 -22.37 -41.96
CA ALA G 348 -0.77 -21.52 -42.63
C ALA G 348 0.59 -21.66 -42.02
N SER G 349 1.61 -21.38 -42.78
CA SER G 349 2.92 -21.31 -42.19
C SER G 349 2.92 -19.96 -41.52
N VAL G 350 3.87 -19.66 -40.66
CA VAL G 350 3.64 -18.38 -40.04
C VAL G 350 4.28 -17.33 -40.90
N TYR G 351 3.42 -16.70 -41.65
CA TYR G 351 3.73 -15.71 -42.66
C TYR G 351 2.45 -14.97 -42.82
N ALA G 352 1.44 -15.78 -42.64
CA ALA G 352 0.04 -15.50 -42.78
C ALA G 352 -0.61 -16.42 -41.81
N TRP G 353 -1.85 -16.21 -41.48
CA TRP G 353 -2.55 -17.19 -40.68
C TRP G 353 -4.02 -17.03 -40.89
N ASN G 354 -4.76 -18.10 -40.63
CA ASN G 354 -6.20 -18.00 -40.73
C ASN G 354 -6.65 -17.16 -39.57
N ARG G 355 -7.56 -16.19 -39.78
CA ARG G 355 -8.04 -15.37 -38.67
C ARG G 355 -9.56 -15.39 -38.57
N LYS G 356 -10.14 -16.52 -38.85
CA LYS G 356 -11.58 -16.65 -38.82
C LYS G 356 -12.19 -16.21 -37.50
N ARG G 357 -13.20 -15.37 -37.63
CA ARG G 357 -13.94 -14.83 -36.51
C ARG G 357 -15.14 -15.72 -36.18
N ILE G 358 -15.29 -15.97 -34.91
CA ILE G 358 -16.35 -16.76 -34.32
C ILE G 358 -17.36 -15.84 -33.65
N SER G 359 -18.63 -15.92 -34.09
CA SER G 359 -19.69 -15.06 -33.57
C SER G 359 -21.08 -15.68 -33.64
N ASN G 360 -22.02 -15.14 -32.85
CA ASN G 360 -23.44 -15.53 -32.86
C ASN G 360 -23.66 -17.04 -32.72
N CYS G 361 -23.00 -17.64 -31.72
CA CYS G 361 -22.94 -19.08 -31.50
C CYS G 361 -22.62 -19.52 -30.07
N VAL G 362 -22.77 -20.82 -29.84
CA VAL G 362 -22.43 -21.43 -28.60
C VAL G 362 -21.02 -22.01 -28.65
N ALA G 363 -20.16 -21.37 -27.89
CA ALA G 363 -18.76 -21.68 -27.75
C ALA G 363 -18.59 -22.72 -26.72
N ASP G 364 -19.07 -23.88 -27.03
CA ASP G 364 -18.88 -24.96 -26.11
C ASP G 364 -17.41 -25.25 -26.28
N TYR G 365 -16.63 -25.10 -25.21
CA TYR G 365 -15.20 -25.24 -25.37
C TYR G 365 -14.75 -26.67 -25.11
N SER G 366 -15.73 -27.56 -24.90
CA SER G 366 -15.57 -29.00 -24.72
C SER G 366 -14.46 -29.35 -23.79
N VAL G 367 -14.30 -28.55 -22.74
CA VAL G 367 -13.17 -28.68 -21.84
C VAL G 367 -11.96 -29.26 -22.57
N LEU G 368 -11.55 -28.61 -23.67
CA LEU G 368 -10.46 -29.11 -24.49
C LEU G 368 -9.18 -29.23 -23.71
N TYR G 369 -9.00 -28.40 -22.72
CA TYR G 369 -7.82 -28.44 -21.88
C TYR G 369 -7.69 -29.78 -21.14
N ASN G 370 -8.79 -30.51 -20.97
CA ASN G 370 -8.79 -31.81 -20.31
C ASN G 370 -8.76 -33.00 -21.29
N SER G 371 -8.67 -32.72 -22.59
CA SER G 371 -8.72 -33.80 -23.59
C SER G 371 -7.43 -34.59 -23.75
N ALA G 372 -6.31 -33.98 -23.33
CA ALA G 372 -4.97 -34.54 -23.48
C ALA G 372 -4.58 -34.75 -24.94
N SER G 373 -5.27 -34.04 -25.86
CA SER G 373 -4.94 -34.09 -27.27
C SER G 373 -3.99 -32.98 -27.61
N PHE G 374 -3.73 -32.13 -26.62
CA PHE G 374 -2.88 -30.98 -26.83
C PHE G 374 -1.68 -31.06 -25.92
N SER G 375 -0.54 -30.57 -26.39
CA SER G 375 0.64 -30.54 -25.53
C SER G 375 0.63 -29.25 -24.75
N THR G 376 0.03 -28.24 -25.34
CA THR G 376 -0.09 -26.93 -24.75
C THR G 376 -1.53 -26.43 -24.77
N PHE G 377 -1.99 -25.95 -23.63
CA PHE G 377 -3.29 -25.31 -23.55
C PHE G 377 -3.14 -24.29 -22.45
N LYS G 378 -2.67 -23.12 -22.81
CA LYS G 378 -2.35 -22.13 -21.80
C LYS G 378 -3.14 -20.83 -21.96
N CYS G 379 -3.96 -20.47 -20.95
CA CYS G 379 -4.81 -19.28 -20.94
C CYS G 379 -4.14 -18.19 -20.11
N TYR G 380 -4.37 -16.95 -20.51
CA TYR G 380 -3.74 -15.83 -19.81
C TYR G 380 -4.68 -14.87 -19.06
N GLY G 381 -5.67 -14.32 -19.74
CA GLY G 381 -6.57 -13.34 -19.10
C GLY G 381 -7.79 -14.00 -18.51
N VAL G 382 -7.90 -15.30 -18.71
CA VAL G 382 -9.02 -16.06 -18.22
C VAL G 382 -8.49 -17.36 -17.60
N CYS G 383 -9.26 -17.97 -16.68
CA CYS G 383 -8.98 -19.29 -16.11
C CYS G 383 -9.51 -20.33 -17.10
N PRO G 384 -8.74 -21.34 -17.53
CA PRO G 384 -9.15 -22.30 -18.55
C PRO G 384 -10.40 -23.09 -18.16
N THR G 385 -10.69 -23.16 -16.87
CA THR G 385 -11.83 -23.91 -16.41
C THR G 385 -13.11 -23.11 -16.37
N LYS G 386 -13.01 -21.79 -16.55
CA LYS G 386 -14.15 -20.89 -16.48
C LYS G 386 -14.61 -20.46 -17.88
N LEU G 387 -13.99 -21.02 -18.90
CA LEU G 387 -14.28 -20.63 -20.26
C LEU G 387 -15.72 -20.88 -20.68
N ASN G 388 -16.34 -21.91 -20.13
CA ASN G 388 -17.72 -22.20 -20.48
C ASN G 388 -18.74 -21.35 -19.73
N ASP G 389 -18.28 -20.55 -18.77
CA ASP G 389 -19.19 -19.67 -18.06
C ASP G 389 -19.16 -18.27 -18.66
N LEU G 390 -18.00 -17.89 -19.21
CA LEU G 390 -17.77 -16.57 -19.77
C LEU G 390 -18.34 -16.35 -21.18
N CYS G 391 -18.77 -15.10 -21.46
CA CYS G 391 -19.20 -14.63 -22.77
C CYS G 391 -18.22 -13.61 -23.35
N PHE G 392 -18.14 -13.65 -24.66
CA PHE G 392 -17.31 -12.81 -25.47
C PHE G 392 -18.14 -12.17 -26.57
N THR G 393 -17.73 -11.00 -27.02
CA THR G 393 -18.35 -10.41 -28.17
C THR G 393 -17.85 -11.23 -29.34
N ASN G 394 -16.55 -11.51 -29.31
CA ASN G 394 -15.92 -12.28 -30.36
C ASN G 394 -14.80 -13.17 -29.90
N VAL G 395 -14.59 -14.22 -30.69
CA VAL G 395 -13.43 -15.06 -30.55
C VAL G 395 -12.74 -15.16 -31.91
N TYR G 396 -11.45 -14.96 -31.96
CA TYR G 396 -10.77 -15.09 -33.25
C TYR G 396 -9.79 -16.21 -33.14
N ALA G 397 -9.78 -17.09 -34.12
CA ALA G 397 -8.85 -18.19 -34.04
C ALA G 397 -7.71 -18.07 -35.02
N ASP G 398 -6.53 -17.71 -34.52
CA ASP G 398 -5.35 -17.52 -35.36
C ASP G 398 -4.69 -18.88 -35.57
N SER G 399 -4.74 -19.40 -36.79
CA SER G 399 -4.31 -20.78 -37.06
C SER G 399 -3.13 -21.00 -38.03
N PHE G 400 -2.04 -21.57 -37.47
CA PHE G 400 -0.75 -21.76 -38.13
C PHE G 400 0.17 -22.90 -37.62
N VAL G 401 1.24 -23.21 -38.39
CA VAL G 401 2.23 -24.27 -38.05
C VAL G 401 3.63 -23.75 -37.74
N ILE G 402 4.15 -24.22 -36.61
CA ILE G 402 5.48 -23.88 -36.09
C ILE G 402 6.30 -25.10 -35.66
N ARG G 403 7.61 -24.91 -35.45
CA ARG G 403 8.47 -25.96 -34.88
C ARG G 403 8.22 -26.11 -33.39
N GLY G 404 8.41 -27.31 -32.86
CA GLY G 404 8.24 -27.58 -31.43
C GLY G 404 9.05 -26.71 -30.49
N ASP G 405 10.25 -26.32 -30.87
CA ASP G 405 11.06 -25.51 -29.97
C ASP G 405 10.63 -24.07 -29.93
N GLU G 406 9.67 -23.70 -30.76
CA GLU G 406 9.19 -22.34 -30.77
C GLU G 406 7.75 -22.25 -30.23
N VAL G 407 7.23 -23.33 -29.66
CA VAL G 407 5.87 -23.28 -29.12
C VAL G 407 5.80 -22.27 -28.00
N ARG G 408 6.86 -22.19 -27.22
CA ARG G 408 6.96 -21.28 -26.10
C ARG G 408 6.94 -19.80 -26.51
N GLN G 409 7.16 -19.50 -27.79
CA GLN G 409 7.16 -18.12 -28.24
C GLN G 409 5.75 -17.63 -28.53
N ILE G 410 4.77 -18.52 -28.61
CA ILE G 410 3.46 -18.02 -28.93
C ILE G 410 2.78 -17.69 -27.62
N ALA G 411 3.13 -16.54 -27.12
CA ALA G 411 2.64 -16.06 -25.84
C ALA G 411 2.84 -14.55 -25.82
N PRO G 412 2.00 -13.81 -25.09
CA PRO G 412 2.10 -12.39 -24.96
C PRO G 412 3.39 -12.01 -24.32
N GLY G 413 3.99 -10.97 -24.86
CA GLY G 413 5.20 -10.42 -24.28
C GLY G 413 6.46 -11.20 -24.60
N GLN G 414 6.38 -12.21 -25.45
CA GLN G 414 7.57 -12.98 -25.74
C GLN G 414 8.29 -12.42 -26.92
N THR G 415 9.58 -12.75 -27.01
CA THR G 415 10.47 -12.39 -28.10
C THR G 415 11.03 -13.66 -28.69
N GLY G 416 11.62 -13.57 -29.87
CA GLY G 416 12.18 -14.74 -30.53
C GLY G 416 11.93 -14.66 -32.02
N LYS G 417 12.39 -15.62 -32.80
CA LYS G 417 12.22 -15.42 -34.23
C LYS G 417 10.75 -15.36 -34.65
N ILE G 418 9.90 -16.16 -34.03
CA ILE G 418 8.52 -16.09 -34.44
C ILE G 418 7.86 -14.96 -33.72
N ALA G 419 8.07 -14.86 -32.42
CA ALA G 419 7.39 -13.82 -31.70
C ALA G 419 7.70 -12.43 -32.25
N ASP G 420 8.92 -12.18 -32.73
CA ASP G 420 9.21 -10.86 -33.24
C ASP G 420 8.96 -10.65 -34.72
N TYR G 421 9.15 -11.64 -35.60
CA TYR G 421 8.96 -11.37 -37.03
C TYR G 421 7.78 -12.07 -37.70
N ASN G 422 7.20 -13.06 -37.06
CA ASN G 422 6.18 -13.86 -37.73
C ASN G 422 4.78 -13.83 -37.13
N TYR G 423 4.68 -13.82 -35.81
CA TYR G 423 3.40 -13.80 -35.11
C TYR G 423 3.56 -13.23 -33.73
N LYS G 424 3.08 -12.01 -33.53
CA LYS G 424 3.30 -11.33 -32.27
C LYS G 424 2.05 -11.18 -31.43
N LEU G 425 2.15 -11.48 -30.14
CA LEU G 425 1.06 -11.25 -29.21
C LEU G 425 1.44 -10.08 -28.30
N PRO G 426 0.48 -9.18 -27.98
CA PRO G 426 0.66 -8.00 -27.17
C PRO G 426 0.84 -8.40 -25.73
N ASP G 427 1.50 -7.57 -24.94
CA ASP G 427 1.65 -7.88 -23.53
C ASP G 427 0.29 -8.02 -22.85
N ASP G 428 -0.66 -7.18 -23.27
CA ASP G 428 -2.02 -7.19 -22.75
C ASP G 428 -2.86 -8.13 -23.62
N PHE G 429 -3.01 -9.37 -23.18
CA PHE G 429 -3.69 -10.36 -23.99
C PHE G 429 -4.71 -11.18 -23.23
N THR G 430 -5.88 -11.30 -23.82
CA THR G 430 -6.91 -12.14 -23.27
C THR G 430 -7.16 -13.15 -24.34
N GLY G 431 -7.06 -14.41 -23.98
CA GLY G 431 -7.17 -15.49 -24.91
C GLY G 431 -6.42 -16.71 -24.34
N CYS G 432 -6.37 -17.77 -25.17
CA CYS G 432 -5.73 -19.07 -24.87
C CYS G 432 -4.89 -19.56 -26.05
N VAL G 433 -3.71 -20.09 -25.75
CA VAL G 433 -2.82 -20.66 -26.76
C VAL G 433 -2.86 -22.17 -26.72
N ILE G 434 -3.27 -22.76 -27.83
CA ILE G 434 -3.45 -24.20 -27.88
C ILE G 434 -2.54 -24.83 -28.94
N ALA G 435 -1.75 -25.86 -28.59
CA ALA G 435 -0.87 -26.45 -29.61
C ALA G 435 -0.70 -27.96 -29.49
N TRP G 436 -0.51 -28.64 -30.64
CA TRP G 436 -0.33 -30.08 -30.66
C TRP G 436 0.53 -30.60 -31.83
N ASN G 437 1.10 -31.80 -31.66
CA ASN G 437 2.00 -32.42 -32.67
C ASN G 437 1.31 -32.84 -33.98
N SER G 438 1.96 -32.56 -35.13
CA SER G 438 1.40 -32.90 -36.44
C SER G 438 2.27 -33.78 -37.35
N ASN G 439 2.98 -34.75 -36.79
CA ASN G 439 3.85 -35.59 -37.62
C ASN G 439 3.14 -36.37 -38.70
N ASN G 440 1.88 -36.71 -38.51
CA ASN G 440 1.20 -37.49 -39.53
C ASN G 440 0.38 -36.65 -40.51
N LEU G 441 0.53 -35.31 -40.47
CA LEU G 441 -0.16 -34.44 -41.42
C LEU G 441 0.83 -33.49 -42.11
N ASP G 442 1.66 -32.82 -41.30
CA ASP G 442 2.53 -31.74 -41.75
C ASP G 442 3.97 -32.16 -42.00
N SER G 443 4.24 -33.44 -42.01
CA SER G 443 5.59 -33.91 -42.27
C SER G 443 5.60 -34.87 -43.45
N LYS G 444 6.65 -34.77 -44.25
CA LYS G 444 6.84 -35.65 -45.40
C LYS G 444 8.19 -36.32 -45.36
N VAL G 445 8.34 -37.46 -45.99
CA VAL G 445 9.60 -38.20 -45.91
C VAL G 445 10.81 -37.43 -46.37
N GLY G 446 10.71 -36.69 -47.47
CA GLY G 446 11.84 -35.89 -47.93
C GLY G 446 11.84 -34.47 -47.34
N GLY G 447 10.86 -34.21 -46.48
CA GLY G 447 10.60 -32.93 -45.84
C GLY G 447 9.43 -32.21 -46.51
N ASN G 448 8.56 -31.61 -45.71
CA ASN G 448 7.43 -30.82 -46.18
C ASN G 448 7.87 -29.38 -46.24
N TYR G 449 8.12 -28.88 -47.43
CA TYR G 449 8.67 -27.54 -47.57
C TYR G 449 7.65 -26.51 -47.94
N ASN G 450 6.38 -26.82 -47.71
CA ASN G 450 5.34 -25.84 -48.01
C ASN G 450 5.12 -24.93 -46.82
N TYR G 451 5.86 -25.18 -45.76
CA TYR G 451 5.78 -24.36 -44.58
C TYR G 451 7.02 -23.50 -44.48
N LEU G 452 6.82 -22.18 -44.51
CA LEU G 452 7.90 -21.22 -44.47
C LEU G 452 7.70 -20.13 -43.42
N TYR G 453 8.77 -19.52 -42.96
CA TYR G 453 8.66 -18.44 -41.97
C TYR G 453 9.55 -17.26 -42.31
N ARG G 454 9.20 -16.08 -41.82
CA ARG G 454 10.04 -14.95 -42.10
C ARG G 454 11.30 -15.04 -41.28
N LEU G 455 12.42 -15.00 -41.97
CA LEU G 455 13.71 -15.10 -41.34
C LEU G 455 14.44 -13.77 -41.35
N PHE G 456 14.30 -13.06 -42.48
CA PHE G 456 15.03 -11.83 -42.65
C PHE G 456 14.15 -10.58 -42.72
N ARG G 457 14.06 -9.85 -41.60
CA ARG G 457 13.19 -8.69 -41.47
C ARG G 457 13.97 -7.50 -40.88
N LYS G 458 13.56 -6.28 -41.23
CA LYS G 458 14.24 -5.05 -40.78
C LYS G 458 13.78 -4.47 -39.45
N SER G 459 12.58 -4.82 -38.99
CA SER G 459 12.02 -4.28 -37.76
C SER G 459 11.04 -5.30 -37.19
N ASN G 460 10.56 -5.07 -35.99
CA ASN G 460 9.63 -6.02 -35.39
C ASN G 460 8.24 -5.90 -35.97
N LEU G 461 7.51 -7.01 -35.88
CA LEU G 461 6.13 -7.14 -36.32
C LEU G 461 5.21 -6.59 -35.23
N LYS G 462 4.14 -5.90 -35.60
CA LYS G 462 3.19 -5.41 -34.61
C LYS G 462 2.31 -6.57 -34.14
N PRO G 463 1.73 -6.50 -32.93
CA PRO G 463 0.81 -7.49 -32.45
C PRO G 463 -0.31 -7.67 -33.44
N PHE G 464 -0.60 -8.93 -33.74
CA PHE G 464 -1.62 -9.38 -34.66
C PHE G 464 -1.56 -8.90 -36.11
N GLU G 465 -0.44 -8.38 -36.62
CA GLU G 465 -0.48 -8.04 -38.05
C GLU G 465 0.23 -9.13 -38.81
N ARG G 466 -0.24 -9.42 -40.02
CA ARG G 466 0.42 -10.41 -40.86
C ARG G 466 1.56 -9.77 -41.59
N ASP G 467 2.59 -10.54 -41.87
CA ASP G 467 3.69 -10.00 -42.64
C ASP G 467 3.48 -10.07 -44.14
N ILE G 468 3.13 -11.26 -44.61
CA ILE G 468 2.97 -11.57 -46.02
C ILE G 468 3.83 -10.77 -47.01
N SER G 469 5.14 -10.64 -46.72
CA SER G 469 6.03 -9.90 -47.60
C SER G 469 7.13 -10.73 -48.22
N THR G 470 7.46 -10.39 -49.46
CA THR G 470 8.52 -11.02 -50.25
C THR G 470 9.65 -10.06 -50.56
N GLU G 471 9.68 -8.92 -49.88
CA GLU G 471 10.71 -7.90 -50.09
C GLU G 471 12.08 -8.48 -49.83
N ILE G 472 13.02 -8.25 -50.73
CA ILE G 472 14.33 -8.83 -50.54
C ILE G 472 15.07 -8.04 -49.50
N TYR G 473 15.60 -8.75 -48.51
CA TYR G 473 16.29 -8.17 -47.37
C TYR G 473 17.79 -8.13 -47.55
N GLN G 474 18.39 -6.99 -47.26
CA GLN G 474 19.83 -6.82 -47.38
C GLN G 474 20.46 -6.91 -46.01
N ALA G 475 21.29 -7.94 -45.81
CA ALA G 475 21.94 -8.19 -44.55
C ALA G 475 23.30 -7.50 -44.47
N GLY G 476 23.71 -6.89 -45.58
CA GLY G 476 25.02 -6.24 -45.65
C GLY G 476 24.93 -4.83 -46.21
N SER G 477 26.09 -4.26 -46.57
CA SER G 477 26.15 -2.89 -47.09
C SER G 477 25.97 -2.76 -48.60
N THR G 478 25.96 -3.88 -49.31
CA THR G 478 25.80 -3.87 -50.76
C THR G 478 24.30 -3.77 -51.03
N PRO G 479 23.82 -2.82 -51.89
CA PRO G 479 22.40 -2.64 -52.24
C PRO G 479 21.67 -3.94 -52.65
N CYS G 480 22.37 -4.87 -53.37
CA CYS G 480 21.91 -6.21 -53.77
C CYS G 480 20.47 -6.14 -54.32
N ASN G 481 20.25 -5.23 -55.26
CA ASN G 481 18.90 -4.92 -55.68
C ASN G 481 18.29 -5.89 -56.65
N GLY G 482 17.61 -6.88 -56.09
CA GLY G 482 16.95 -7.95 -56.85
C GLY G 482 17.92 -9.06 -57.17
N VAL G 483 19.05 -9.04 -56.50
CA VAL G 483 20.09 -10.03 -56.70
C VAL G 483 19.78 -11.32 -55.96
N GLU G 484 19.26 -11.19 -54.75
CA GLU G 484 18.92 -12.30 -53.86
C GLU G 484 20.09 -13.24 -53.65
N GLY G 485 21.24 -12.66 -53.35
CA GLY G 485 22.40 -13.46 -53.10
C GLY G 485 23.53 -12.60 -52.60
N PHE G 486 24.68 -13.22 -52.38
CA PHE G 486 25.89 -12.59 -51.81
C PHE G 486 25.67 -12.12 -50.38
N ASN G 487 24.81 -11.12 -50.21
CA ASN G 487 24.44 -10.61 -48.90
C ASN G 487 22.95 -10.28 -48.72
N CYS G 488 22.03 -10.66 -49.66
CA CYS G 488 20.60 -10.40 -49.52
C CYS G 488 19.83 -11.68 -49.76
N TYR G 489 18.65 -11.73 -49.20
CA TYR G 489 17.87 -12.93 -49.27
C TYR G 489 16.40 -12.78 -49.56
N PHE G 490 15.85 -13.79 -50.21
CA PHE G 490 14.42 -13.90 -50.27
C PHE G 490 14.10 -14.10 -48.79
N PRO G 491 13.23 -13.29 -48.19
CA PRO G 491 13.00 -13.21 -46.76
C PRO G 491 12.36 -14.39 -46.06
N LEU G 492 11.69 -15.23 -46.85
CA LEU G 492 10.92 -16.36 -46.36
C LEU G 492 11.64 -17.71 -46.51
N GLN G 493 11.90 -18.37 -45.39
CA GLN G 493 12.67 -19.61 -45.30
C GLN G 493 11.85 -20.85 -45.01
N SER G 494 12.08 -21.95 -45.73
CA SER G 494 11.32 -23.17 -45.48
C SER G 494 11.77 -23.96 -44.25
N TYR G 495 10.88 -24.81 -43.74
CA TYR G 495 11.19 -25.69 -42.63
C TYR G 495 11.40 -27.13 -43.07
N GLY G 496 12.34 -27.81 -42.42
CA GLY G 496 12.58 -29.23 -42.70
C GLY G 496 11.59 -30.14 -41.95
N PHE G 497 10.32 -30.03 -42.26
CA PHE G 497 9.34 -30.82 -41.52
C PHE G 497 9.27 -32.22 -42.08
N GLN G 498 10.03 -33.07 -41.41
CA GLN G 498 10.28 -34.44 -41.78
C GLN G 498 9.96 -35.38 -40.58
N PRO G 499 9.39 -36.60 -40.78
CA PRO G 499 8.96 -37.58 -39.79
C PRO G 499 9.97 -38.13 -38.77
N THR G 500 11.26 -38.05 -39.04
CA THR G 500 12.21 -38.60 -38.09
C THR G 500 13.13 -37.53 -37.53
N ASN G 501 12.75 -36.26 -37.68
CA ASN G 501 13.59 -35.22 -37.14
C ASN G 501 13.33 -35.17 -35.63
N GLY G 502 14.00 -34.29 -34.92
CA GLY G 502 13.84 -34.23 -33.47
C GLY G 502 12.50 -33.66 -33.07
N VAL G 503 12.10 -33.88 -31.82
CA VAL G 503 10.80 -33.42 -31.33
C VAL G 503 10.65 -31.90 -31.40
N GLY G 504 11.76 -31.17 -31.29
CA GLY G 504 11.75 -29.72 -31.36
C GLY G 504 11.69 -29.19 -32.79
N TYR G 505 11.86 -30.09 -33.77
CA TYR G 505 11.87 -29.74 -35.17
C TYR G 505 10.61 -30.20 -35.84
N GLN G 506 9.91 -31.12 -35.20
CA GLN G 506 8.68 -31.63 -35.73
C GLN G 506 7.70 -30.46 -35.72
N PRO G 507 6.77 -30.40 -36.67
CA PRO G 507 5.74 -29.40 -36.76
C PRO G 507 4.71 -29.60 -35.68
N TYR G 508 4.17 -28.49 -35.22
CA TYR G 508 3.06 -28.43 -34.30
C TYR G 508 2.03 -27.47 -34.83
N ARG G 509 0.78 -27.82 -34.65
CA ARG G 509 -0.28 -26.95 -35.03
C ARG G 509 -0.61 -26.12 -33.85
N VAL G 510 -0.69 -24.82 -34.06
CA VAL G 510 -1.04 -23.93 -32.99
C VAL G 510 -2.18 -23.02 -33.37
N VAL G 511 -3.12 -22.92 -32.46
CA VAL G 511 -4.26 -22.06 -32.60
C VAL G 511 -4.33 -21.11 -31.45
N VAL G 512 -4.40 -19.83 -31.73
CA VAL G 512 -4.51 -18.89 -30.64
C VAL G 512 -5.90 -18.30 -30.65
N LEU G 513 -6.59 -18.44 -29.54
CA LEU G 513 -7.92 -17.89 -29.46
C LEU G 513 -7.86 -16.57 -28.77
N SER G 514 -8.07 -15.51 -29.53
CA SER G 514 -8.02 -14.14 -29.04
C SER G 514 -9.42 -13.74 -28.64
N PHE G 515 -9.57 -13.25 -27.42
CA PHE G 515 -10.89 -12.93 -26.91
C PHE G 515 -11.21 -11.45 -26.76
N GLU G 516 -12.44 -11.10 -27.19
CA GLU G 516 -13.00 -9.77 -26.99
C GLU G 516 -14.10 -9.93 -25.97
N LEU G 517 -13.87 -9.45 -24.75
CA LEU G 517 -14.81 -9.69 -23.65
C LEU G 517 -16.16 -9.08 -24.00
N LEU G 518 -17.25 -9.74 -23.57
CA LEU G 518 -18.55 -9.27 -24.01
C LEU G 518 -19.04 -7.91 -23.51
N HIS G 519 -18.76 -6.86 -24.28
CA HIS G 519 -19.30 -5.52 -23.99
C HIS G 519 -20.65 -5.33 -24.71
N ALA G 520 -20.88 -6.24 -25.64
CA ALA G 520 -21.99 -6.36 -26.56
C ALA G 520 -23.11 -7.26 -26.02
N PRO G 521 -24.28 -7.35 -26.65
CA PRO G 521 -25.29 -8.36 -26.36
C PRO G 521 -24.60 -9.70 -26.62
N ALA G 522 -25.00 -10.77 -25.91
CA ALA G 522 -24.31 -12.04 -26.09
C ALA G 522 -24.19 -12.40 -27.53
N THR G 523 -22.97 -12.74 -27.89
CA THR G 523 -22.61 -13.10 -29.23
C THR G 523 -21.98 -14.48 -29.22
N VAL G 524 -20.87 -14.65 -28.47
CA VAL G 524 -20.21 -15.95 -28.34
C VAL G 524 -20.23 -16.35 -26.85
N CYS G 525 -20.90 -17.47 -26.48
CA CYS G 525 -21.00 -17.88 -25.04
C CYS G 525 -20.93 -19.37 -24.87
N GLY G 526 -20.70 -19.81 -23.64
CA GLY G 526 -20.61 -21.23 -23.39
C GLY G 526 -21.98 -21.89 -23.50
N PRO G 527 -22.09 -23.18 -23.17
CA PRO G 527 -23.25 -24.03 -23.29
C PRO G 527 -24.22 -23.80 -22.15
N LYS G 528 -24.78 -22.60 -22.12
CA LYS G 528 -25.70 -22.18 -21.09
C LYS G 528 -27.06 -22.78 -21.36
N LYS G 529 -27.81 -23.04 -20.31
CA LYS G 529 -29.14 -23.55 -20.48
C LYS G 529 -30.11 -22.47 -20.12
N SER G 530 -31.25 -22.45 -20.79
CA SER G 530 -32.27 -21.51 -20.45
C SER G 530 -33.03 -22.01 -19.25
N THR G 531 -33.72 -21.09 -18.63
CA THR G 531 -34.59 -21.32 -17.49
C THR G 531 -35.87 -20.56 -17.74
N ASN G 532 -36.82 -20.75 -16.86
CA ASN G 532 -38.04 -19.99 -16.94
C ASN G 532 -37.74 -18.65 -16.32
N LEU G 533 -38.75 -17.79 -16.26
CA LEU G 533 -38.51 -16.49 -15.66
C LEU G 533 -39.26 -16.36 -14.36
N VAL G 534 -38.54 -16.00 -13.32
CA VAL G 534 -39.16 -15.84 -12.03
C VAL G 534 -39.13 -14.40 -11.64
N LYS G 535 -40.30 -13.87 -11.37
CA LYS G 535 -40.43 -12.50 -10.98
C LYS G 535 -40.73 -12.52 -9.51
N ASN G 536 -40.34 -11.46 -8.84
CA ASN G 536 -40.48 -11.33 -7.41
C ASN G 536 -39.56 -12.38 -6.82
N LYS G 537 -39.55 -12.49 -5.50
CA LYS G 537 -38.69 -13.42 -4.79
C LYS G 537 -37.22 -13.04 -5.01
N CYS G 538 -36.30 -13.58 -4.18
CA CYS G 538 -34.87 -13.30 -4.30
C CYS G 538 -34.26 -14.36 -5.20
N VAL G 539 -33.72 -13.89 -6.32
CA VAL G 539 -33.21 -14.72 -7.39
C VAL G 539 -31.76 -14.45 -7.75
N ASN G 540 -31.00 -15.52 -7.91
CA ASN G 540 -29.64 -15.45 -8.36
C ASN G 540 -29.72 -15.54 -9.91
N PHE G 541 -29.41 -14.46 -10.62
CA PHE G 541 -29.59 -14.48 -12.07
C PHE G 541 -28.30 -14.32 -12.91
N ASN G 542 -28.35 -14.86 -14.14
CA ASN G 542 -27.22 -14.77 -15.09
C ASN G 542 -27.41 -13.99 -16.41
N PHE G 543 -28.58 -14.04 -17.06
CA PHE G 543 -28.79 -13.38 -18.36
C PHE G 543 -27.63 -13.63 -19.34
N ASN G 544 -27.02 -12.55 -19.85
CA ASN G 544 -25.89 -12.60 -20.78
C ASN G 544 -24.65 -12.09 -20.07
N GLY G 545 -24.75 -12.01 -18.77
CA GLY G 545 -23.73 -11.42 -17.96
C GLY G 545 -24.49 -10.60 -16.94
N LEU G 546 -23.83 -9.69 -16.26
CA LEU G 546 -24.51 -8.94 -15.22
C LEU G 546 -24.99 -9.89 -14.13
N THR G 547 -24.20 -10.91 -13.86
CA THR G 547 -24.55 -11.88 -12.83
C THR G 547 -24.71 -11.16 -11.53
N GLY G 548 -25.78 -11.51 -10.83
CA GLY G 548 -26.04 -10.86 -9.56
C GLY G 548 -27.26 -11.43 -8.89
N THR G 549 -27.62 -10.86 -7.75
CA THR G 549 -28.75 -11.33 -6.99
C THR G 549 -29.70 -10.21 -6.71
N GLY G 550 -30.98 -10.46 -6.91
CA GLY G 550 -31.98 -9.45 -6.65
C GLY G 550 -33.38 -9.94 -6.95
N VAL G 551 -34.32 -9.05 -6.88
CA VAL G 551 -35.71 -9.34 -7.09
C VAL G 551 -36.09 -8.74 -8.44
N LEU G 552 -36.56 -9.57 -9.34
CA LEU G 552 -36.87 -9.09 -10.69
C LEU G 552 -38.34 -8.75 -10.83
N THR G 553 -38.67 -7.50 -11.15
CA THR G 553 -40.08 -7.14 -11.27
C THR G 553 -40.36 -6.46 -12.59
N GLU G 554 -41.61 -6.33 -12.97
CA GLU G 554 -41.92 -5.65 -14.22
C GLU G 554 -41.50 -4.19 -14.12
N SER G 555 -40.86 -3.71 -15.18
CA SER G 555 -40.41 -2.32 -15.24
C SER G 555 -41.35 -1.44 -16.04
N ASN G 556 -41.41 -0.16 -15.67
CA ASN G 556 -42.18 0.82 -16.42
C ASN G 556 -41.28 1.69 -17.29
N LYS G 557 -40.02 1.28 -17.42
CA LYS G 557 -39.04 2.01 -18.21
C LYS G 557 -39.22 1.81 -19.68
N LYS G 558 -38.96 2.85 -20.43
CA LYS G 558 -39.04 2.76 -21.86
C LYS G 558 -37.67 2.77 -22.48
N PHE G 559 -37.14 1.59 -22.76
CA PHE G 559 -35.80 1.54 -23.33
C PHE G 559 -35.88 1.84 -24.80
N LEU G 560 -34.85 2.46 -25.32
CA LEU G 560 -34.77 2.67 -26.74
C LEU G 560 -34.46 1.26 -27.25
N PRO G 561 -34.81 0.91 -28.49
CA PRO G 561 -34.68 -0.41 -29.09
C PRO G 561 -33.29 -1.00 -29.14
N PHE G 562 -32.28 -0.17 -28.96
CA PHE G 562 -30.91 -0.65 -29.01
C PHE G 562 -30.25 -0.75 -27.65
N GLN G 563 -30.90 -0.27 -26.59
CA GLN G 563 -30.19 -0.19 -25.32
C GLN G 563 -29.90 -1.49 -24.56
N GLN G 564 -30.85 -2.44 -24.53
CA GLN G 564 -30.70 -3.75 -23.85
C GLN G 564 -30.55 -3.75 -22.30
N PHE G 565 -29.63 -2.98 -21.80
CA PHE G 565 -29.28 -2.84 -20.39
C PHE G 565 -29.57 -1.44 -19.86
N GLY G 566 -29.32 -1.19 -18.57
CA GLY G 566 -29.56 0.12 -17.97
C GLY G 566 -28.98 0.24 -16.58
N ARG G 567 -28.61 1.48 -16.23
CA ARG G 567 -27.95 1.81 -14.96
C ARG G 567 -28.49 3.02 -14.21
N ASP G 568 -28.15 3.04 -12.94
CA ASP G 568 -28.40 4.10 -11.98
C ASP G 568 -27.29 5.12 -11.91
N ILE G 569 -27.51 6.11 -11.05
CA ILE G 569 -26.57 7.19 -10.74
C ILE G 569 -25.29 6.62 -10.16
N ALA G 570 -25.46 5.57 -9.39
CA ALA G 570 -24.41 4.84 -8.70
C ALA G 570 -23.63 3.89 -9.62
N ASP G 571 -23.98 3.85 -10.92
CA ASP G 571 -23.38 2.98 -11.92
C ASP G 571 -23.81 1.53 -11.75
N THR G 572 -24.78 1.29 -10.91
CA THR G 572 -25.28 -0.04 -10.69
C THR G 572 -26.29 -0.40 -11.72
N THR G 573 -26.60 -1.69 -11.87
CA THR G 573 -27.63 -2.08 -12.81
C THR G 573 -28.97 -1.68 -12.25
N ASP G 574 -29.76 -1.01 -13.07
CA ASP G 574 -31.10 -0.57 -12.67
C ASP G 574 -32.11 -1.56 -13.20
N ALA G 575 -31.93 -1.91 -14.47
CA ALA G 575 -32.86 -2.76 -15.16
C ALA G 575 -32.17 -3.50 -16.28
N VAL G 576 -32.74 -4.64 -16.65
CA VAL G 576 -32.26 -5.47 -17.73
C VAL G 576 -33.37 -5.88 -18.69
N ARG G 577 -33.12 -5.82 -19.99
CA ARG G 577 -34.08 -6.32 -20.94
C ARG G 577 -33.88 -7.82 -21.02
N ASP G 578 -34.95 -8.56 -20.88
CA ASP G 578 -34.91 -10.00 -20.93
C ASP G 578 -34.49 -10.41 -22.34
N PRO G 579 -33.38 -11.13 -22.54
CA PRO G 579 -32.87 -11.54 -23.82
C PRO G 579 -33.94 -12.23 -24.68
N GLN G 580 -34.93 -12.84 -24.05
CA GLN G 580 -36.00 -13.47 -24.81
C GLN G 580 -37.29 -12.75 -24.44
N THR G 581 -38.10 -12.44 -25.45
CA THR G 581 -39.41 -11.73 -25.41
C THR G 581 -39.28 -10.23 -25.12
N LEU G 582 -38.10 -9.80 -24.68
CA LEU G 582 -37.70 -8.42 -24.44
C LEU G 582 -38.48 -7.62 -23.40
N GLU G 583 -38.98 -8.28 -22.36
CA GLU G 583 -39.64 -7.57 -21.28
C GLU G 583 -38.59 -6.83 -20.48
N ILE G 584 -38.89 -5.62 -20.03
CA ILE G 584 -37.90 -4.91 -19.22
C ILE G 584 -38.18 -5.22 -17.76
N LEU G 585 -37.15 -5.66 -17.04
CA LEU G 585 -37.28 -5.99 -15.65
C LEU G 585 -36.41 -5.10 -14.77
N ASP G 586 -36.98 -4.60 -13.69
CA ASP G 586 -36.24 -3.80 -12.73
C ASP G 586 -35.57 -4.71 -11.75
N ILE G 587 -34.39 -4.35 -11.29
CA ILE G 587 -33.74 -5.19 -10.30
C ILE G 587 -33.64 -4.52 -8.94
N THR G 588 -34.29 -5.10 -7.96
CA THR G 588 -34.28 -4.56 -6.61
C THR G 588 -33.37 -5.44 -5.73
N PRO G 589 -32.45 -4.91 -4.92
CA PRO G 589 -31.63 -5.69 -4.01
C PRO G 589 -32.54 -6.44 -3.04
N CYS G 590 -32.11 -7.64 -2.58
CA CYS G 590 -32.84 -8.47 -1.61
C CYS G 590 -32.69 -7.80 -0.23
N SER G 591 -33.73 -7.87 0.60
CA SER G 591 -33.72 -7.16 1.87
C SER G 591 -32.57 -7.52 2.79
N PHE G 592 -32.06 -6.50 3.45
CA PHE G 592 -30.97 -6.66 4.38
C PHE G 592 -31.09 -5.56 5.39
N GLY G 593 -30.38 -5.71 6.49
CA GLY G 593 -30.33 -4.66 7.50
C GLY G 593 -29.58 -5.19 8.69
N GLY G 594 -29.31 -4.37 9.68
CA GLY G 594 -28.61 -4.90 10.82
C GLY G 594 -29.62 -5.55 11.73
N VAL G 595 -29.12 -6.30 12.70
CA VAL G 595 -29.98 -6.91 13.68
C VAL G 595 -29.54 -6.48 15.04
N SER G 596 -30.47 -6.02 15.83
CA SER G 596 -30.10 -5.60 17.16
C SER G 596 -30.96 -6.26 18.19
N VAL G 597 -30.41 -6.38 19.39
CA VAL G 597 -31.09 -7.06 20.45
C VAL G 597 -31.40 -6.10 21.57
N ILE G 598 -32.66 -6.09 21.95
CA ILE G 598 -33.21 -5.27 23.00
C ILE G 598 -33.13 -6.05 24.26
N THR G 599 -32.29 -5.60 25.17
CA THR G 599 -32.01 -6.37 26.35
C THR G 599 -32.30 -5.65 27.67
N PRO G 600 -33.18 -6.17 28.53
CA PRO G 600 -33.42 -5.71 29.88
C PRO G 600 -32.12 -6.08 30.52
N GLY G 601 -31.68 -5.45 31.56
CA GLY G 601 -30.38 -5.90 32.04
C GLY G 601 -30.47 -7.36 32.50
N THR G 602 -29.34 -8.07 32.40
CA THR G 602 -29.23 -9.50 32.76
C THR G 602 -29.26 -9.72 34.25
N ASN G 603 -29.24 -8.62 34.99
CA ASN G 603 -29.34 -8.68 36.42
C ASN G 603 -30.81 -8.65 36.84
N THR G 604 -31.70 -8.61 35.85
CA THR G 604 -33.13 -8.59 36.03
C THR G 604 -33.75 -9.79 35.34
N SER G 605 -33.45 -9.95 34.06
CA SER G 605 -34.05 -11.03 33.28
C SER G 605 -33.21 -11.41 32.06
N ASN G 606 -33.53 -12.55 31.47
CA ASN G 606 -32.86 -13.01 30.26
C ASN G 606 -33.75 -13.06 29.04
N GLN G 607 -34.85 -12.33 29.07
CA GLN G 607 -35.72 -12.29 27.91
C GLN G 607 -35.19 -11.23 27.01
N VAL G 608 -35.18 -11.44 25.71
CA VAL G 608 -34.75 -10.39 24.82
C VAL G 608 -35.72 -10.25 23.67
N ALA G 609 -35.71 -9.10 23.03
CA ALA G 609 -36.50 -8.91 21.82
C ALA G 609 -35.55 -8.62 20.69
N VAL G 610 -35.85 -9.06 19.49
CA VAL G 610 -34.93 -8.82 18.40
C VAL G 610 -35.51 -7.97 17.29
N LEU G 611 -34.77 -6.94 16.93
CA LEU G 611 -35.18 -6.00 15.91
C LEU G 611 -34.38 -6.15 14.60
N TYR G 612 -35.10 -6.25 13.50
CA TYR G 612 -34.47 -6.30 12.18
C TYR G 612 -34.65 -4.91 11.59
N GLN G 613 -33.57 -4.22 11.29
CA GLN G 613 -33.69 -2.82 10.92
C GLN G 613 -34.51 -2.46 9.69
N ASP G 614 -34.50 -3.26 8.65
CA ASP G 614 -35.26 -2.85 7.46
C ASP G 614 -35.89 -4.03 6.75
N VAL G 615 -36.90 -4.58 7.36
CA VAL G 615 -37.56 -5.74 6.81
C VAL G 615 -39.06 -5.51 6.89
N ASN G 616 -39.86 -5.94 5.86
CA ASN G 616 -41.32 -5.84 5.88
C ASN G 616 -41.91 -7.01 6.68
N CYS G 617 -41.53 -7.04 7.97
CA CYS G 617 -41.77 -7.95 9.09
C CYS G 617 -42.80 -9.02 8.75
N TRP G 633 -43.20 -12.33 7.51
CA TRP G 633 -42.76 -12.04 6.15
C TRP G 633 -41.29 -11.56 6.16
N ARG G 634 -40.42 -12.26 5.40
CA ARG G 634 -38.98 -12.04 5.20
C ARG G 634 -38.12 -12.19 6.45
N VAL G 635 -38.67 -12.74 7.50
CA VAL G 635 -37.94 -13.02 8.70
C VAL G 635 -38.20 -14.49 9.01
N TYR G 636 -37.16 -15.23 9.30
CA TYR G 636 -37.25 -16.66 9.55
C TYR G 636 -37.26 -17.06 11.03
N SER G 637 -37.22 -16.07 11.91
CA SER G 637 -37.19 -16.29 13.34
C SER G 637 -38.58 -16.60 13.89
N THR G 638 -38.61 -17.07 15.14
CA THR G 638 -39.84 -17.41 15.84
C THR G 638 -39.93 -16.74 17.20
N GLY G 639 -40.98 -17.09 17.94
CA GLY G 639 -41.25 -16.52 19.27
C GLY G 639 -42.52 -15.68 19.32
N SER G 640 -43.21 -15.58 18.19
CA SER G 640 -44.46 -14.83 18.07
C SER G 640 -44.24 -13.38 18.45
N ASN G 641 -45.30 -12.68 18.86
CA ASN G 641 -45.14 -11.28 19.22
C ASN G 641 -44.44 -10.53 18.10
N VAL G 642 -44.94 -10.69 16.89
CA VAL G 642 -44.32 -10.06 15.75
C VAL G 642 -45.01 -8.74 15.43
N PHE G 643 -44.25 -7.66 15.55
CA PHE G 643 -44.76 -6.31 15.37
C PHE G 643 -44.02 -5.52 14.30
N GLN G 644 -44.76 -4.90 13.39
CA GLN G 644 -44.16 -4.10 12.35
C GLN G 644 -44.11 -2.64 12.73
N THR G 645 -42.93 -2.06 12.70
CA THR G 645 -42.82 -0.65 12.98
C THR G 645 -41.98 0.05 11.93
N ARG G 646 -41.91 1.36 12.01
CA ARG G 646 -41.15 2.14 11.03
C ARG G 646 -39.66 1.95 11.19
N ALA G 647 -39.29 1.51 12.36
CA ALA G 647 -37.91 1.25 12.72
C ALA G 647 -37.47 -0.17 12.39
N GLY G 648 -38.34 -1.01 11.84
CA GLY G 648 -37.95 -2.38 11.55
C GLY G 648 -38.98 -3.43 12.03
N CYS G 649 -38.58 -4.72 12.00
CA CYS G 649 -39.41 -5.85 12.43
C CYS G 649 -39.02 -6.20 13.84
N LEU G 650 -39.96 -6.06 14.75
CA LEU G 650 -39.66 -6.31 16.13
C LEU G 650 -40.30 -7.60 16.60
N ILE G 651 -39.48 -8.56 16.99
CA ILE G 651 -40.02 -9.84 17.42
C ILE G 651 -39.72 -10.21 18.85
N GLY G 652 -40.79 -10.48 19.59
CA GLY G 652 -40.70 -10.89 20.99
C GLY G 652 -41.24 -9.85 21.97
N ALA G 653 -41.38 -8.61 21.52
CA ALA G 653 -41.93 -7.57 22.37
C ALA G 653 -43.44 -7.51 22.15
N GLU G 654 -44.18 -7.29 23.21
CA GLU G 654 -45.61 -7.15 23.09
C GLU G 654 -46.02 -5.70 22.93
N HIS G 655 -46.65 -5.37 21.84
CA HIS G 655 -47.06 -3.99 21.67
C HIS G 655 -48.28 -3.69 22.52
N VAL G 656 -48.27 -2.54 23.19
CA VAL G 656 -49.41 -2.13 24.01
C VAL G 656 -49.86 -0.73 23.61
N ASN G 657 -51.09 -0.37 23.99
CA ASN G 657 -51.61 0.94 23.64
C ASN G 657 -51.40 1.99 24.73
N ASN G 658 -50.68 1.60 25.76
CA ASN G 658 -50.36 2.47 26.87
C ASN G 658 -49.05 3.14 26.60
N SER G 659 -49.04 4.45 26.51
CA SER G 659 -47.79 5.13 26.28
C SER G 659 -47.11 5.27 27.61
N TYR G 660 -45.81 5.47 27.58
CA TYR G 660 -45.05 5.64 28.82
C TYR G 660 -43.81 6.44 28.58
N GLU G 661 -43.06 6.71 29.61
CA GLU G 661 -41.79 7.38 29.45
C GLU G 661 -40.89 6.40 28.70
N CYS G 662 -40.01 6.91 27.81
CA CYS G 662 -39.08 6.08 27.05
C CYS G 662 -38.00 5.48 27.95
N ASP G 663 -37.73 4.20 27.73
CA ASP G 663 -36.71 3.49 28.49
C ASP G 663 -35.65 3.05 27.47
N ILE G 664 -35.89 1.95 26.75
CA ILE G 664 -34.93 1.58 25.74
C ILE G 664 -35.48 2.06 24.40
N PRO G 665 -34.90 3.04 23.74
CA PRO G 665 -35.45 3.58 22.52
C PRO G 665 -35.27 2.63 21.38
N ILE G 666 -36.24 2.55 20.49
CA ILE G 666 -36.09 1.78 19.26
C ILE G 666 -35.96 2.68 18.06
N GLY G 667 -36.85 3.64 17.95
CA GLY G 667 -36.85 4.58 16.84
C GLY G 667 -38.25 4.87 16.35
N ALA G 668 -38.42 6.00 15.66
CA ALA G 668 -39.68 6.41 15.09
C ALA G 668 -40.81 6.47 16.11
N GLY G 669 -40.51 6.97 17.30
CA GLY G 669 -41.49 7.14 18.35
C GLY G 669 -41.70 5.92 19.23
N ILE G 670 -41.07 4.81 18.92
CA ILE G 670 -41.24 3.58 19.69
C ILE G 670 -40.07 3.29 20.62
N CYS G 671 -40.39 2.94 21.89
CA CYS G 671 -39.49 2.54 22.96
C CYS G 671 -39.96 1.19 23.52
N ALA G 672 -39.06 0.49 24.21
CA ALA G 672 -39.39 -0.77 24.86
C ALA G 672 -38.99 -0.79 26.32
N SER G 673 -39.67 -1.63 27.09
CA SER G 673 -39.42 -1.78 28.52
C SER G 673 -39.79 -3.16 29.03
N TYR G 674 -39.34 -3.49 30.24
CA TYR G 674 -39.68 -4.78 30.86
C TYR G 674 -40.68 -4.55 31.99
N GLN G 675 -41.93 -4.91 31.73
CA GLN G 675 -43.05 -4.61 32.64
C GLN G 675 -44.10 -5.72 32.69
N THR G 676 -44.91 -5.79 33.80
CA THR G 676 -46.05 -6.71 33.99
C THR G 676 -47.24 -6.20 33.17
N SER G 689 -45.24 -13.17 34.54
CA SER G 689 -45.45 -11.85 35.11
C SER G 689 -44.98 -10.76 34.10
N GLN G 690 -43.67 -10.40 34.14
CA GLN G 690 -43.02 -9.39 33.31
C GLN G 690 -42.55 -9.92 31.97
N SER G 691 -42.62 -9.04 30.98
CA SER G 691 -42.15 -9.33 29.64
C SER G 691 -41.78 -8.04 28.94
N ILE G 692 -41.12 -8.15 27.81
CA ILE G 692 -40.76 -6.96 27.07
C ILE G 692 -41.94 -6.46 26.29
N ILE G 693 -42.21 -5.16 26.41
CA ILE G 693 -43.30 -4.54 25.69
C ILE G 693 -42.78 -3.41 24.83
N ALA G 694 -43.56 -3.06 23.83
CA ALA G 694 -43.27 -1.95 22.95
C ALA G 694 -44.38 -0.93 23.06
N TYR G 695 -44.02 0.33 23.04
CA TYR G 695 -45.02 1.38 23.15
C TYR G 695 -44.59 2.68 22.52
N THR G 696 -45.57 3.54 22.25
CA THR G 696 -45.24 4.87 21.79
C THR G 696 -44.82 5.64 23.02
N MET G 697 -43.73 6.35 22.91
CA MET G 697 -43.27 7.12 24.04
C MET G 697 -44.13 8.34 24.27
N SER G 698 -44.29 8.66 25.54
CA SER G 698 -44.98 9.83 26.00
C SER G 698 -44.03 10.98 26.07
N LEU G 699 -44.50 12.18 25.80
CA LEU G 699 -43.61 13.32 25.89
C LEU G 699 -43.80 14.06 27.19
N GLY G 700 -44.61 13.50 28.08
CA GLY G 700 -44.88 14.13 29.37
C GLY G 700 -46.37 14.25 29.66
N ALA G 701 -46.67 14.60 30.90
CA ALA G 701 -48.03 14.79 31.37
C ALA G 701 -48.57 16.03 30.73
N GLU G 702 -49.88 16.14 30.56
CA GLU G 702 -50.40 17.38 30.01
C GLU G 702 -50.70 18.38 31.12
N ASN G 703 -50.62 19.66 30.79
CA ASN G 703 -50.93 20.71 31.74
C ASN G 703 -51.68 21.88 31.12
N SER G 704 -52.96 21.98 31.43
CA SER G 704 -53.72 23.08 30.88
C SER G 704 -53.62 24.23 31.86
N VAL G 705 -53.05 25.32 31.41
CA VAL G 705 -52.87 26.48 32.26
C VAL G 705 -54.15 27.28 32.23
N ALA G 706 -54.63 27.68 33.40
CA ALA G 706 -55.89 28.41 33.47
C ALA G 706 -55.72 29.87 33.12
N TYR G 707 -55.42 30.11 31.87
CA TYR G 707 -55.20 31.44 31.37
C TYR G 707 -56.48 32.23 31.36
N SER G 708 -56.39 33.44 31.83
CA SER G 708 -57.47 34.39 31.83
C SER G 708 -56.88 35.77 31.82
N ASN G 709 -57.57 36.72 31.17
CA ASN G 709 -57.14 38.12 31.02
C ASN G 709 -57.08 38.89 32.35
N ASN G 710 -57.72 38.37 33.44
CA ASN G 710 -57.71 38.96 34.78
C ASN G 710 -57.23 38.01 35.87
N SER G 711 -56.43 36.98 35.56
CA SER G 711 -56.02 36.07 36.64
C SER G 711 -54.54 35.75 36.67
N ILE G 712 -53.95 35.86 37.85
CA ILE G 712 -52.53 35.60 38.04
C ILE G 712 -52.25 34.60 39.16
N ALA G 713 -51.32 33.68 38.96
CA ALA G 713 -50.96 32.81 40.07
C ALA G 713 -49.68 33.30 40.70
N ILE G 714 -49.67 33.31 42.02
CA ILE G 714 -48.51 33.79 42.78
C ILE G 714 -48.10 32.79 43.85
N PRO G 715 -46.84 32.38 43.96
CA PRO G 715 -46.38 31.45 44.96
C PRO G 715 -46.52 32.07 46.32
N THR G 716 -46.93 31.30 47.29
CA THR G 716 -47.03 31.75 48.68
C THR G 716 -45.95 31.12 49.61
N ASN G 717 -45.11 30.22 49.05
CA ASN G 717 -44.06 29.45 49.70
C ASN G 717 -42.99 29.15 48.65
N PHE G 718 -41.85 28.58 49.06
CA PHE G 718 -40.71 28.20 48.21
C PHE G 718 -39.93 27.08 48.83
N THR G 719 -39.11 26.44 47.99
CA THR G 719 -38.17 25.46 48.47
C THR G 719 -36.79 25.76 47.94
N ILE G 720 -35.79 25.15 48.57
CA ILE G 720 -34.43 25.27 48.12
C ILE G 720 -34.06 23.91 47.61
N SER G 721 -33.56 23.90 46.40
CA SER G 721 -33.20 22.68 45.74
C SER G 721 -31.75 22.71 45.41
N VAL G 722 -31.05 21.60 45.58
CA VAL G 722 -29.67 21.62 45.19
C VAL G 722 -29.50 20.47 44.22
N THR G 723 -28.96 20.75 43.06
CA THR G 723 -28.79 19.68 42.09
C THR G 723 -27.36 19.49 41.70
N THR G 724 -27.09 18.44 40.95
CA THR G 724 -25.70 18.15 40.60
C THR G 724 -25.44 18.08 39.10
N GLU G 725 -24.41 18.81 38.68
CA GLU G 725 -24.01 18.81 37.28
C GLU G 725 -22.57 18.39 37.13
N ILE G 726 -22.32 17.45 36.24
CA ILE G 726 -20.96 16.91 36.09
C ILE G 726 -20.34 17.12 34.74
N LEU G 727 -19.12 17.65 34.74
CA LEU G 727 -18.41 17.84 33.49
C LEU G 727 -16.99 17.27 33.54
N PRO G 728 -16.53 16.59 32.49
CA PRO G 728 -15.15 16.20 32.30
C PRO G 728 -14.29 17.42 32.12
N VAL G 729 -13.08 17.36 32.60
CA VAL G 729 -12.11 18.41 32.39
C VAL G 729 -10.90 17.90 31.62
N SER G 730 -10.45 16.70 31.92
CA SER G 730 -9.22 16.20 31.33
C SER G 730 -9.28 14.72 31.06
N MET G 731 -8.31 14.24 30.30
CA MET G 731 -8.20 12.82 30.02
C MET G 731 -6.76 12.41 30.20
N THR G 732 -6.51 11.11 30.30
CA THR G 732 -5.16 10.62 30.51
C THR G 732 -4.20 11.08 29.43
N LYS G 733 -3.06 11.58 29.87
CA LYS G 733 -2.01 12.07 29.00
C LYS G 733 -1.09 10.93 28.65
N THR G 734 -0.91 10.64 27.38
CA THR G 734 -0.04 9.55 27.00
C THR G 734 0.97 10.00 25.97
N SER G 735 1.97 9.16 25.79
CA SER G 735 3.00 9.35 24.79
C SER G 735 3.41 8.00 24.22
N VAL G 736 3.61 7.94 22.91
CA VAL G 736 3.96 6.66 22.30
C VAL G 736 5.28 6.69 21.57
N ASP G 737 6.13 5.73 21.93
CA ASP G 737 7.41 5.55 21.28
C ASP G 737 7.19 4.72 20.01
N CYS G 738 7.32 5.36 18.81
CA CYS G 738 7.04 4.79 17.50
C CYS G 738 8.00 3.66 17.14
N THR G 739 9.17 3.64 17.76
CA THR G 739 10.09 2.59 17.43
C THR G 739 9.69 1.40 18.24
N MET G 740 9.41 1.60 19.51
CA MET G 740 9.00 0.43 20.28
C MET G 740 7.67 -0.12 19.80
N TYR G 741 6.75 0.75 19.36
CA TYR G 741 5.47 0.26 18.89
C TYR G 741 5.61 -0.51 17.61
N ILE G 742 6.35 0.03 16.64
CA ILE G 742 6.40 -0.61 15.34
C ILE G 742 7.45 -1.71 15.20
N CYS G 743 8.70 -1.46 15.67
CA CYS G 743 9.87 -2.30 15.46
C CYS G 743 10.25 -3.09 16.70
N GLY G 744 10.02 -2.56 17.88
CA GLY G 744 10.38 -3.38 19.02
C GLY G 744 11.88 -3.53 19.11
N ASP G 745 12.59 -2.48 18.72
CA ASP G 745 14.03 -2.38 18.66
C ASP G 745 14.69 -3.19 17.55
N SER G 746 13.92 -3.76 16.62
CA SER G 746 14.53 -4.39 15.47
C SER G 746 15.28 -3.37 14.65
N THR G 747 16.53 -3.69 14.35
CA THR G 747 17.40 -2.82 13.58
C THR G 747 16.96 -2.74 12.15
N GLU G 748 16.59 -3.88 11.58
CA GLU G 748 16.20 -3.91 10.18
C GLU G 748 14.93 -3.09 9.95
N CYS G 749 13.94 -3.18 10.88
CA CYS G 749 12.70 -2.43 10.84
C CYS G 749 13.00 -0.94 10.96
N SER G 750 13.84 -0.54 11.91
CA SER G 750 14.12 0.87 12.07
C SER G 750 14.70 1.43 10.79
N ASN G 751 15.59 0.69 10.16
CA ASN G 751 16.20 1.17 8.93
C ASN G 751 15.16 1.31 7.82
N LEU G 752 14.12 0.48 7.84
CA LEU G 752 13.06 0.60 6.85
C LEU G 752 12.13 1.77 7.19
N LEU G 753 12.04 2.16 8.47
CA LEU G 753 11.20 3.30 8.83
C LEU G 753 11.79 4.57 8.29
N LEU G 754 13.10 4.57 8.08
CA LEU G 754 13.77 5.74 7.56
C LEU G 754 13.44 5.96 6.08
N GLN G 755 12.77 5.00 5.44
CA GLN G 755 12.41 5.11 4.03
C GLN G 755 11.03 5.75 3.87
N TYR G 756 10.39 6.06 4.99
CA TYR G 756 9.08 6.67 5.06
C TYR G 756 9.24 8.14 5.35
N GLY G 757 8.16 8.87 5.43
CA GLY G 757 8.29 10.28 5.72
C GLY G 757 8.50 10.45 7.22
N SER G 758 8.52 11.68 7.70
CA SER G 758 8.79 11.94 9.12
C SER G 758 7.55 11.74 9.98
N PHE G 759 7.09 10.50 10.00
CA PHE G 759 5.87 10.16 10.70
C PHE G 759 6.03 10.11 12.23
N CYS G 760 7.25 9.81 12.78
CA CYS G 760 7.48 9.72 14.23
C CYS G 760 7.38 11.10 14.81
N THR G 761 7.89 12.07 14.08
CA THR G 761 7.85 13.43 14.54
C THR G 761 6.41 13.86 14.61
N GLN G 762 5.62 13.60 13.57
CA GLN G 762 4.25 14.07 13.64
C GLN G 762 3.42 13.33 14.68
N LEU G 763 3.59 12.02 14.83
CA LEU G 763 2.78 11.30 15.79
C LEU G 763 3.13 11.73 17.21
N ASN G 764 4.41 11.94 17.48
CA ASN G 764 4.80 12.28 18.81
C ASN G 764 4.45 13.70 19.13
N ARG G 765 4.54 14.60 18.15
CA ARG G 765 4.20 15.96 18.45
C ARG G 765 2.71 16.10 18.67
N ALA G 766 1.89 15.38 17.92
CA ALA G 766 0.46 15.48 18.12
C ALA G 766 0.09 15.00 19.51
N LEU G 767 0.69 13.91 19.97
CA LEU G 767 0.36 13.42 21.29
C LEU G 767 0.91 14.34 22.36
N THR G 768 2.06 14.95 22.13
CA THR G 768 2.60 15.87 23.10
C THR G 768 1.67 17.06 23.23
N GLY G 769 1.18 17.58 22.11
CA GLY G 769 0.31 18.72 22.16
C GLY G 769 -0.95 18.41 22.97
N ILE G 770 -1.47 17.20 22.83
CA ILE G 770 -2.63 16.84 23.62
C ILE G 770 -2.25 16.80 25.08
N ALA G 771 -1.12 16.18 25.41
CA ALA G 771 -0.74 16.08 26.80
C ALA G 771 -0.61 17.46 27.44
N VAL G 772 -0.08 18.43 26.71
CA VAL G 772 0.03 19.75 27.30
C VAL G 772 -1.33 20.37 27.54
N GLU G 773 -2.22 20.23 26.55
CA GLU G 773 -3.55 20.77 26.65
C GLU G 773 -4.27 20.23 27.86
N GLN G 774 -4.04 18.98 28.23
CA GLN G 774 -4.75 18.42 29.36
C GLN G 774 -4.40 19.13 30.67
N ASP G 775 -3.18 19.67 30.81
CA ASP G 775 -2.88 20.37 32.04
C ASP G 775 -3.43 21.75 31.95
N LYS G 776 -3.45 22.31 30.74
CA LYS G 776 -4.03 23.62 30.58
C LYS G 776 -5.49 23.61 30.97
N ASN G 777 -6.22 22.56 30.60
CA ASN G 777 -7.63 22.47 30.90
C ASN G 777 -7.87 22.42 32.39
N THR G 778 -7.05 21.66 33.10
CA THR G 778 -7.22 21.55 34.53
C THR G 778 -6.94 22.88 35.19
N GLN G 779 -5.90 23.56 34.72
CA GLN G 779 -5.51 24.83 35.31
C GLN G 779 -6.60 25.87 35.10
N GLU G 780 -7.21 25.93 33.90
CA GLU G 780 -8.24 26.94 33.68
C GLU G 780 -9.51 26.69 34.47
N VAL G 781 -9.88 25.43 34.66
CA VAL G 781 -11.08 25.13 35.40
C VAL G 781 -10.92 25.36 36.88
N PHE G 782 -9.82 24.94 37.48
CA PHE G 782 -9.74 25.08 38.93
C PHE G 782 -8.96 26.26 39.48
N ALA G 783 -7.93 26.73 38.80
CA ALA G 783 -7.12 27.79 39.38
C ALA G 783 -7.66 29.17 39.08
N GLN G 784 -8.86 29.45 39.57
CA GLN G 784 -9.50 30.73 39.32
C GLN G 784 -9.38 31.68 40.47
N VAL G 785 -8.72 31.21 41.50
CA VAL G 785 -8.53 31.96 42.71
C VAL G 785 -7.04 32.15 42.87
N LYS G 786 -6.61 33.37 43.18
CA LYS G 786 -5.18 33.62 43.31
C LYS G 786 -4.62 33.29 44.69
N GLN G 787 -5.46 33.35 45.70
CA GLN G 787 -5.03 33.05 47.05
C GLN G 787 -5.74 31.85 47.55
N ILE G 788 -5.14 31.16 48.47
CA ILE G 788 -5.82 30.05 49.06
C ILE G 788 -6.51 30.54 50.28
N TYR G 789 -7.81 30.62 50.18
CA TYR G 789 -8.61 31.13 51.24
C TYR G 789 -8.90 30.00 52.15
N LYS G 790 -8.92 30.29 53.42
CA LYS G 790 -9.27 29.28 54.39
C LYS G 790 -10.45 29.72 55.20
N THR G 791 -11.21 28.74 55.65
CA THR G 791 -12.36 29.00 56.47
C THR G 791 -11.95 29.17 57.91
N PRO G 792 -12.81 29.77 58.73
CA PRO G 792 -12.71 29.85 60.16
C PRO G 792 -13.05 28.46 60.61
N PRO G 793 -12.94 28.12 61.88
CA PRO G 793 -13.43 26.87 62.40
C PRO G 793 -14.87 26.88 61.92
N ILE G 794 -15.43 25.73 61.57
CA ILE G 794 -16.75 25.81 60.96
C ILE G 794 -17.85 25.94 61.96
N LYS G 795 -18.20 27.20 62.14
CA LYS G 795 -19.20 27.63 63.07
C LYS G 795 -19.80 28.94 62.60
N ASP G 796 -20.96 29.27 63.15
CA ASP G 796 -21.63 30.55 62.94
C ASP G 796 -21.96 30.92 61.50
N PHE G 797 -22.45 29.96 60.73
CA PHE G 797 -22.85 30.26 59.36
C PHE G 797 -24.34 30.40 59.22
N GLY G 798 -24.99 30.87 60.27
CA GLY G 798 -26.41 31.17 60.22
C GLY G 798 -27.31 29.98 60.40
N GLY G 799 -26.72 28.82 60.62
CA GLY G 799 -27.46 27.58 60.75
C GLY G 799 -27.30 26.75 59.50
N PHE G 800 -26.56 27.26 58.52
CA PHE G 800 -26.31 26.52 57.30
C PHE G 800 -25.15 25.58 57.61
N ASN G 801 -25.26 24.31 57.19
CA ASN G 801 -24.30 23.24 57.40
C ASN G 801 -23.57 22.90 56.09
N PHE G 802 -22.26 23.23 56.03
CA PHE G 802 -21.40 23.03 54.86
C PHE G 802 -20.44 21.88 55.07
N SER G 803 -20.67 21.07 56.09
CA SER G 803 -19.71 20.01 56.40
C SER G 803 -19.56 18.93 55.35
N GLN G 804 -20.52 18.74 54.45
CA GLN G 804 -20.33 17.67 53.49
C GLN G 804 -19.66 18.17 52.21
N ILE G 805 -19.44 19.48 52.11
CA ILE G 805 -18.78 20.05 50.94
C ILE G 805 -17.35 20.48 51.30
N LEU G 806 -17.13 20.85 52.55
CA LEU G 806 -15.81 21.27 53.03
C LEU G 806 -14.94 20.06 53.34
N PRO G 807 -13.61 20.16 53.26
CA PRO G 807 -12.67 19.09 53.56
C PRO G 807 -12.85 18.51 54.93
N ASP G 808 -12.70 17.19 55.02
CA ASP G 808 -12.78 16.43 56.26
C ASP G 808 -11.40 16.32 56.92
N PRO G 809 -11.13 16.99 58.05
CA PRO G 809 -9.85 17.03 58.75
C PRO G 809 -9.36 15.68 59.26
N SER G 810 -10.27 14.70 59.38
CA SER G 810 -9.87 13.40 59.91
C SER G 810 -9.28 12.46 58.88
N LYS G 811 -9.36 12.81 57.61
CA LYS G 811 -8.89 11.88 56.59
C LYS G 811 -7.42 12.14 56.19
N PRO G 812 -6.71 11.10 55.67
CA PRO G 812 -5.35 11.16 55.09
C PRO G 812 -5.23 12.09 53.90
N SER G 813 -6.36 12.37 53.27
CA SER G 813 -6.44 13.24 52.12
C SER G 813 -7.59 14.14 52.45
N LYS G 814 -7.32 15.42 52.48
CA LYS G 814 -8.29 16.39 52.96
C LYS G 814 -9.32 16.73 51.90
N ARG G 815 -10.25 15.82 51.74
CA ARG G 815 -11.31 15.91 50.77
C ARG G 815 -12.61 15.92 51.52
N SER G 816 -13.63 16.50 50.95
CA SER G 816 -14.92 16.55 51.62
C SER G 816 -15.53 15.17 51.55
N PRO G 817 -16.54 14.84 52.38
CA PRO G 817 -17.32 13.63 52.28
C PRO G 817 -17.88 13.37 50.88
N ILE G 818 -18.33 14.43 50.19
CA ILE G 818 -18.83 14.24 48.83
C ILE G 818 -17.69 13.93 47.89
N GLU G 819 -16.57 14.63 48.00
CA GLU G 819 -15.47 14.33 47.14
C GLU G 819 -14.96 12.93 47.36
N ASP G 820 -14.92 12.48 48.61
CA ASP G 820 -14.42 11.15 48.86
C ASP G 820 -15.32 10.13 48.16
N LEU G 821 -16.63 10.38 48.17
CA LEU G 821 -17.56 9.50 47.49
C LEU G 821 -17.34 9.50 45.99
N LEU G 822 -17.13 10.67 45.38
CA LEU G 822 -16.94 10.77 43.94
C LEU G 822 -15.67 10.02 43.51
N PHE G 823 -14.63 10.14 44.31
CA PHE G 823 -13.38 9.47 44.01
C PHE G 823 -13.45 7.97 44.15
N ASN G 824 -14.17 7.49 45.16
CA ASN G 824 -14.28 6.05 45.32
C ASN G 824 -15.18 5.41 44.26
N LYS G 825 -16.17 6.15 43.76
CA LYS G 825 -17.08 5.62 42.76
C LYS G 825 -16.57 5.58 41.31
N VAL G 826 -15.77 6.55 40.87
CA VAL G 826 -15.32 6.47 39.47
C VAL G 826 -14.13 5.49 39.42
N THR G 827 -14.18 4.48 38.52
CA THR G 827 -13.17 3.43 38.37
C THR G 827 -12.16 3.84 37.29
N LYS G 854 2.80 -1.30 28.45
CA LYS G 854 4.13 -0.66 28.34
C LYS G 854 5.11 -1.39 27.39
N PHE G 855 4.85 -2.68 27.07
CA PHE G 855 5.71 -3.58 26.28
C PHE G 855 5.98 -3.09 24.86
N ASN G 856 5.10 -2.22 24.38
CA ASN G 856 5.16 -1.65 23.07
C ASN G 856 5.36 -0.14 23.07
N GLY G 857 5.95 0.41 24.13
CA GLY G 857 6.26 1.83 24.12
C GLY G 857 5.15 2.78 24.54
N LEU G 858 4.16 2.30 25.26
CA LEU G 858 3.08 3.19 25.66
C LEU G 858 3.33 3.72 27.06
N THR G 859 3.52 5.02 27.16
CA THR G 859 3.84 5.67 28.43
C THR G 859 2.71 6.58 28.90
N VAL G 860 2.35 6.41 30.17
CA VAL G 860 1.34 7.26 30.79
C VAL G 860 2.04 8.32 31.61
N LEU G 861 1.70 9.56 31.38
CA LEU G 861 2.36 10.67 32.04
C LEU G 861 1.52 11.17 33.21
N PRO G 862 2.11 11.65 34.31
CA PRO G 862 1.42 12.23 35.42
C PRO G 862 0.94 13.63 35.06
N PRO G 863 -0.10 14.13 35.70
CA PRO G 863 -0.63 15.49 35.63
C PRO G 863 0.29 16.39 36.39
N LEU G 864 0.29 17.67 36.08
CA LEU G 864 1.03 18.60 36.91
C LEU G 864 0.38 18.79 38.27
N LEU G 865 -0.94 18.91 38.29
CA LEU G 865 -1.64 19.12 39.54
C LEU G 865 -2.19 17.81 40.03
N THR G 866 -1.73 17.41 41.19
CA THR G 866 -2.11 16.14 41.78
C THR G 866 -3.47 16.32 42.41
N ASP G 867 -4.11 15.24 42.81
CA ASP G 867 -5.43 15.36 43.41
C ASP G 867 -5.40 16.24 44.65
N GLU G 868 -4.31 16.22 45.37
CA GLU G 868 -4.16 17.04 46.55
C GLU G 868 -4.19 18.53 46.21
N MET G 869 -3.64 18.92 45.05
CA MET G 869 -3.62 20.32 44.69
C MET G 869 -4.95 20.74 44.17
N ILE G 870 -5.67 19.82 43.56
CA ILE G 870 -6.98 20.15 43.08
C ILE G 870 -7.86 20.35 44.29
N ALA G 871 -7.71 19.48 45.29
CA ALA G 871 -8.48 19.61 46.50
C ALA G 871 -8.20 20.95 47.16
N GLN G 872 -6.94 21.42 47.16
CA GLN G 872 -6.68 22.71 47.75
C GLN G 872 -7.33 23.85 46.99
N TYR G 873 -7.34 23.78 45.66
CA TYR G 873 -8.01 24.85 44.93
C TYR G 873 -9.50 24.84 45.19
N THR G 874 -10.10 23.65 45.25
CA THR G 874 -11.52 23.56 45.48
C THR G 874 -11.85 24.10 46.85
N SER G 875 -11.04 23.75 47.85
CA SER G 875 -11.27 24.21 49.20
C SER G 875 -11.20 25.73 49.24
N ALA G 876 -10.22 26.33 48.55
CA ALA G 876 -10.10 27.78 48.53
C ALA G 876 -11.31 28.44 47.93
N LEU G 877 -11.86 27.85 46.88
CA LEU G 877 -13.03 28.43 46.27
C LEU G 877 -14.22 28.33 47.20
N LEU G 878 -14.35 27.24 47.93
CA LEU G 878 -15.46 27.16 48.85
C LEU G 878 -15.28 28.14 49.99
N ALA G 879 -14.06 28.29 50.48
CA ALA G 879 -13.85 29.21 51.57
C ALA G 879 -14.21 30.61 51.16
N GLY G 880 -13.86 30.96 49.93
CA GLY G 880 -14.18 32.27 49.39
C GLY G 880 -15.68 32.44 49.28
N THR G 881 -16.34 31.47 48.67
CA THR G 881 -17.77 31.54 48.43
C THR G 881 -18.54 31.67 49.72
N ILE G 882 -18.16 30.91 50.73
CA ILE G 882 -18.82 30.90 52.01
C ILE G 882 -18.58 32.14 52.84
N THR G 883 -17.35 32.65 52.93
CA THR G 883 -17.09 33.79 53.79
C THR G 883 -17.09 35.19 53.15
N SER G 884 -16.96 35.30 51.81
CA SER G 884 -16.91 36.62 51.17
C SER G 884 -17.80 36.77 49.92
N GLY G 885 -18.65 35.80 49.65
CA GLY G 885 -19.54 35.85 48.50
C GLY G 885 -18.79 35.92 47.20
N TRP G 886 -19.14 36.87 46.35
CA TRP G 886 -18.47 37.01 45.07
C TRP G 886 -17.32 38.00 45.08
N THR G 887 -17.04 38.61 46.22
CA THR G 887 -16.05 39.65 46.20
C THR G 887 -14.64 39.10 46.06
N PHE G 888 -14.43 37.83 46.44
CA PHE G 888 -13.09 37.24 46.31
C PHE G 888 -12.76 37.05 44.84
N GLY G 889 -13.79 37.08 44.01
CA GLY G 889 -13.66 36.91 42.60
C GLY G 889 -13.28 38.24 42.00
N ALA G 890 -14.19 39.20 42.05
CA ALA G 890 -14.00 40.53 41.46
C ALA G 890 -12.85 41.38 42.03
N GLY G 891 -12.56 41.28 43.32
CA GLY G 891 -11.54 42.12 43.93
C GLY G 891 -10.93 41.41 45.14
N PRO G 892 -10.63 42.11 46.23
CA PRO G 892 -10.10 41.55 47.43
C PRO G 892 -11.24 40.81 48.07
N ALA G 893 -10.99 39.79 48.85
CA ALA G 893 -12.13 39.20 49.52
C ALA G 893 -12.57 40.10 50.64
N LEU G 894 -13.86 40.33 50.74
CA LEU G 894 -14.45 41.12 51.78
C LEU G 894 -15.39 40.27 52.61
N GLN G 895 -15.15 40.14 53.90
CA GLN G 895 -15.99 39.28 54.72
C GLN G 895 -17.41 39.80 54.83
N ILE G 896 -18.36 38.87 54.86
CA ILE G 896 -19.77 39.21 55.07
C ILE G 896 -20.44 38.09 55.90
N PRO G 897 -21.38 38.35 56.83
CA PRO G 897 -22.10 37.31 57.53
C PRO G 897 -22.77 36.43 56.51
N PHE G 898 -22.76 35.13 56.71
CA PHE G 898 -23.36 34.29 55.70
C PHE G 898 -24.83 34.65 55.40
N PRO G 899 -25.73 34.85 56.38
CA PRO G 899 -27.09 35.22 56.12
C PRO G 899 -27.24 36.51 55.31
N MET G 900 -26.25 37.39 55.31
CA MET G 900 -26.43 38.59 54.52
C MET G 900 -26.07 38.27 53.13
N GLN G 901 -25.17 37.32 52.96
CA GLN G 901 -24.80 36.92 51.64
C GLN G 901 -26.02 36.34 50.99
N MET G 902 -26.78 35.56 51.74
CA MET G 902 -27.98 35.00 51.20
C MET G 902 -28.99 36.10 50.91
N ALA G 903 -29.07 37.13 51.75
CA ALA G 903 -30.02 38.18 51.50
C ALA G 903 -29.76 38.83 50.16
N TYR G 904 -28.49 38.97 49.80
CA TYR G 904 -28.21 39.60 48.53
C TYR G 904 -28.51 38.66 47.39
N ARG G 905 -28.29 37.37 47.59
CA ARG G 905 -28.59 36.40 46.57
C ARG G 905 -30.10 36.32 46.34
N PHE G 906 -30.90 36.55 47.39
CA PHE G 906 -32.35 36.60 47.25
C PHE G 906 -32.78 37.85 46.48
N ASN G 907 -32.15 39.00 46.75
CA ASN G 907 -32.54 40.20 45.98
C ASN G 907 -32.24 39.98 44.51
N GLY G 908 -31.18 39.24 44.25
CA GLY G 908 -30.71 38.94 42.93
C GLY G 908 -31.67 38.11 42.09
N ILE G 909 -32.67 37.49 42.72
CA ILE G 909 -33.64 36.70 41.99
C ILE G 909 -35.01 37.34 42.06
N GLY G 910 -35.08 38.59 42.51
CA GLY G 910 -36.35 39.28 42.57
C GLY G 910 -37.19 38.98 43.80
N VAL G 911 -36.58 38.55 44.89
CA VAL G 911 -37.29 38.26 46.11
C VAL G 911 -36.68 39.16 47.15
N THR G 912 -37.48 39.83 47.94
CA THR G 912 -36.88 40.76 48.90
C THR G 912 -36.18 40.08 50.07
N GLN G 913 -35.55 40.89 50.90
CA GLN G 913 -34.74 40.43 52.03
C GLN G 913 -35.55 39.95 53.19
N ASN G 914 -36.78 40.43 53.28
CA ASN G 914 -37.65 40.08 54.37
C ASN G 914 -37.82 38.60 54.39
N VAL G 915 -37.91 38.00 53.20
CA VAL G 915 -38.19 36.60 53.12
C VAL G 915 -37.09 35.80 53.74
N LEU G 916 -35.85 36.12 53.44
CA LEU G 916 -34.78 35.37 54.03
C LEU G 916 -34.69 35.49 55.51
N TYR G 917 -34.80 36.69 56.04
CA TYR G 917 -34.56 36.74 57.46
C TYR G 917 -35.71 36.15 58.23
N GLU G 918 -36.93 36.38 57.79
CA GLU G 918 -38.06 35.86 58.51
C GLU G 918 -38.10 34.33 58.47
N ASN G 919 -37.65 33.77 57.36
CA ASN G 919 -37.61 32.35 57.17
C ASN G 919 -36.20 31.79 57.27
N GLN G 920 -35.29 32.48 57.93
CA GLN G 920 -33.92 31.98 57.95
C GLN G 920 -33.80 30.57 58.48
N LYS G 921 -34.56 30.21 59.52
CA LYS G 921 -34.42 28.87 60.03
C LYS G 921 -34.90 27.84 59.02
N LEU G 922 -36.01 28.14 58.36
CA LEU G 922 -36.54 27.24 57.36
C LEU G 922 -35.59 27.07 56.20
N ILE G 923 -35.02 28.16 55.75
CA ILE G 923 -34.14 28.11 54.61
C ILE G 923 -32.91 27.30 54.93
N ALA G 924 -32.32 27.52 56.10
CA ALA G 924 -31.15 26.74 56.45
C ALA G 924 -31.49 25.26 56.52
N ASN G 925 -32.68 24.91 57.03
CA ASN G 925 -33.02 23.50 57.10
C ASN G 925 -33.27 22.89 55.73
N GLN G 926 -33.90 23.63 54.82
CA GLN G 926 -34.14 23.07 53.51
C GLN G 926 -32.81 22.86 52.80
N PHE G 927 -31.88 23.79 52.99
CA PHE G 927 -30.56 23.70 52.39
C PHE G 927 -29.82 22.48 52.91
N ASN G 928 -29.81 22.31 54.23
CA ASN G 928 -29.06 21.24 54.83
C ASN G 928 -29.59 19.88 54.39
N SER G 929 -30.91 19.77 54.25
CA SER G 929 -31.48 18.50 53.83
C SER G 929 -31.12 18.22 52.38
N ALA G 930 -31.12 19.24 51.53
CA ALA G 930 -30.79 19.03 50.13
C ALA G 930 -29.38 18.48 49.96
N ILE G 931 -28.44 18.95 50.79
CA ILE G 931 -27.09 18.46 50.62
C ILE G 931 -27.04 16.97 50.99
N GLY G 932 -27.72 16.59 52.07
CA GLY G 932 -27.71 15.17 52.44
C GLY G 932 -28.30 14.30 51.33
N LYS G 933 -29.32 14.80 50.64
CA LYS G 933 -29.93 14.05 49.55
C LYS G 933 -28.94 13.80 48.43
N ILE G 934 -28.06 14.75 48.18
CA ILE G 934 -27.07 14.59 47.12
C ILE G 934 -26.16 13.44 47.40
N GLN G 935 -25.72 13.31 48.64
CA GLN G 935 -24.86 12.19 48.94
C GLN G 935 -25.58 10.86 48.72
N ASP G 936 -26.85 10.78 49.09
CA ASP G 936 -27.56 9.53 48.89
C ASP G 936 -27.72 9.21 47.42
N SER G 937 -27.96 10.25 46.61
CA SER G 937 -28.12 10.06 45.19
C SER G 937 -26.85 9.57 44.53
N LEU G 938 -25.72 10.20 44.84
CA LEU G 938 -24.46 9.79 44.24
C LEU G 938 -24.07 8.39 44.67
N SER G 939 -24.35 8.06 45.93
CA SER G 939 -24.02 6.76 46.46
C SER G 939 -24.86 5.62 45.86
N SER G 940 -26.17 5.82 45.80
CA SER G 940 -27.07 4.78 45.32
C SER G 940 -27.25 4.67 43.82
N THR G 941 -26.94 5.72 43.06
CA THR G 941 -27.12 5.66 41.62
C THR G 941 -25.78 5.72 40.90
N PRO G 942 -25.18 4.57 40.49
CA PRO G 942 -23.85 4.48 39.93
C PRO G 942 -23.72 5.16 38.57
N SER G 943 -24.86 5.39 37.92
CA SER G 943 -24.90 6.01 36.61
C SER G 943 -24.69 7.51 36.71
N ALA G 944 -24.75 8.04 37.93
CA ALA G 944 -24.65 9.46 38.17
C ALA G 944 -23.34 10.03 37.66
N LEU G 945 -22.28 9.25 37.74
CA LEU G 945 -20.96 9.68 37.35
C LEU G 945 -20.57 9.13 36.00
N GLY G 946 -21.55 8.64 35.24
CA GLY G 946 -21.30 8.02 33.95
C GLY G 946 -20.49 8.88 33.01
N LYS G 947 -20.62 10.19 33.04
CA LYS G 947 -19.83 11.00 32.14
C LYS G 947 -18.33 10.87 32.37
N LEU G 948 -17.91 10.73 33.62
CA LEU G 948 -16.49 10.68 33.88
C LEU G 948 -16.00 9.28 33.62
N GLN G 949 -16.87 8.32 33.91
CA GLN G 949 -16.49 6.94 33.71
C GLN G 949 -16.33 6.68 32.23
N ASP G 950 -17.16 7.32 31.41
CA ASP G 950 -17.11 7.15 29.97
C ASP G 950 -15.82 7.72 29.40
N VAL G 951 -15.35 8.85 29.90
CA VAL G 951 -14.10 9.37 29.37
C VAL G 951 -13.00 8.37 29.63
N VAL G 952 -12.99 7.80 30.83
CA VAL G 952 -11.97 6.82 31.14
C VAL G 952 -12.08 5.60 30.24
N ASN G 953 -13.29 5.11 30.04
CA ASN G 953 -13.46 3.92 29.25
C ASN G 953 -13.09 4.10 27.79
N GLN G 954 -13.40 5.27 27.21
CA GLN G 954 -13.07 5.44 25.81
C GLN G 954 -11.57 5.51 25.58
N ASN G 955 -10.84 6.15 26.49
CA ASN G 955 -9.41 6.22 26.26
C ASN G 955 -8.78 4.86 26.50
N ALA G 956 -9.31 4.09 27.45
CA ALA G 956 -8.78 2.77 27.71
C ALA G 956 -8.96 1.90 26.49
N GLN G 957 -10.10 2.00 25.83
CA GLN G 957 -10.34 1.22 24.64
C GLN G 957 -9.46 1.65 23.50
N ALA G 958 -9.21 2.95 23.35
CA ALA G 958 -8.36 3.38 22.25
C ALA G 958 -6.99 2.75 22.38
N LEU G 959 -6.47 2.67 23.61
CA LEU G 959 -5.18 2.04 23.82
C LEU G 959 -5.24 0.55 23.66
N ASN G 960 -6.32 -0.10 24.12
CA ASN G 960 -6.36 -1.53 23.98
C ASN G 960 -6.45 -1.91 22.52
N THR G 961 -7.14 -1.10 21.73
CA THR G 961 -7.23 -1.38 20.33
C THR G 961 -5.86 -1.26 19.73
N LEU G 962 -5.12 -0.20 20.06
CA LEU G 962 -3.79 -0.02 19.49
C LEU G 962 -2.93 -1.25 19.80
N VAL G 963 -3.02 -1.76 21.01
CA VAL G 963 -2.28 -2.94 21.42
C VAL G 963 -2.67 -4.19 20.67
N LYS G 964 -3.96 -4.42 20.47
CA LYS G 964 -4.39 -5.61 19.77
C LYS G 964 -4.14 -5.53 18.27
N GLN G 965 -4.17 -4.35 17.67
CA GLN G 965 -3.94 -4.28 16.23
C GLN G 965 -2.51 -4.67 15.94
N LEU G 966 -1.64 -4.42 16.91
CA LEU G 966 -0.25 -4.76 16.81
C LEU G 966 -0.03 -6.24 16.49
N SER G 967 -0.90 -7.15 16.97
CA SER G 967 -0.67 -8.58 16.75
C SER G 967 -1.25 -9.14 15.45
N SER G 968 -1.91 -8.29 14.64
CA SER G 968 -2.41 -8.74 13.33
C SER G 968 -1.26 -8.90 12.37
N ASN G 969 -1.38 -9.82 11.41
CA ASN G 969 -0.34 -10.01 10.43
C ASN G 969 -0.30 -8.94 9.35
N PHE G 970 -1.44 -8.34 9.03
CA PHE G 970 -1.48 -7.33 7.96
C PHE G 970 -0.93 -7.81 6.62
N GLY G 971 -1.09 -9.09 6.30
CA GLY G 971 -0.60 -9.64 5.04
C GLY G 971 0.77 -10.32 5.19
N ALA G 972 1.41 -10.15 6.34
CA ALA G 972 2.69 -10.75 6.62
C ALA G 972 2.52 -12.21 6.97
N ILE G 973 3.60 -12.96 6.88
CA ILE G 973 3.59 -14.37 7.30
C ILE G 973 3.38 -14.57 8.80
N SER G 974 3.78 -13.58 9.58
CA SER G 974 3.65 -13.58 11.03
C SER G 974 3.63 -12.18 11.54
N SER G 975 2.86 -11.95 12.59
CA SER G 975 2.77 -10.67 13.27
C SER G 975 3.91 -10.46 14.23
N VAL G 976 4.66 -11.51 14.48
CA VAL G 976 5.75 -11.42 15.38
C VAL G 976 6.98 -11.11 14.57
N LEU G 977 7.54 -9.95 14.81
CA LEU G 977 8.68 -9.49 14.07
C LEU G 977 9.85 -10.41 14.31
N ASN G 978 9.93 -10.95 15.51
CA ASN G 978 10.99 -11.87 15.86
C ASN G 978 10.90 -13.19 15.10
N ASP G 979 9.70 -13.63 14.65
CA ASP G 979 9.63 -14.89 13.92
C ASP G 979 10.19 -14.65 12.55
N ILE G 980 9.91 -13.46 12.02
CA ILE G 980 10.40 -13.15 10.69
C ILE G 980 11.91 -13.09 10.75
N LEU G 981 12.43 -12.38 11.75
CA LEU G 981 13.86 -12.25 11.88
C LEU G 981 14.57 -13.57 12.20
N SER G 982 13.96 -14.43 13.01
CA SER G 982 14.57 -15.69 13.37
C SER G 982 14.61 -16.75 12.28
N ARG G 983 13.54 -16.89 11.48
CA ARG G 983 13.62 -17.94 10.46
C ARG G 983 13.72 -17.46 9.04
N LEU G 984 13.22 -16.28 8.71
CA LEU G 984 13.22 -15.91 7.33
C LEU G 984 14.60 -15.32 6.98
N CYS G 985 15.07 -15.61 5.74
CA CYS G 985 16.39 -15.24 5.24
C CYS G 985 16.35 -13.75 4.81
N PRO G 986 17.34 -12.91 5.17
CA PRO G 986 17.33 -11.45 5.05
C PRO G 986 16.59 -10.74 3.90
N PRO G 987 16.74 -11.03 2.59
CA PRO G 987 15.99 -10.31 1.58
C PRO G 987 14.48 -10.57 1.65
N GLU G 988 14.10 -11.71 2.20
CA GLU G 988 12.71 -12.04 2.30
C GLU G 988 12.20 -11.42 3.57
N ALA G 989 13.09 -11.33 4.56
CA ALA G 989 12.72 -10.72 5.82
C ALA G 989 12.38 -9.28 5.53
N GLU G 990 13.14 -8.61 4.66
CA GLU G 990 12.81 -7.23 4.36
C GLU G 990 11.40 -7.08 3.84
N VAL G 991 10.97 -7.98 2.97
CA VAL G 991 9.61 -7.86 2.47
C VAL G 991 8.57 -8.04 3.56
N GLN G 992 8.74 -9.05 4.40
CA GLN G 992 7.74 -9.30 5.44
C GLN G 992 7.72 -8.22 6.52
N ILE G 993 8.89 -7.65 6.81
CA ILE G 993 9.00 -6.63 7.82
C ILE G 993 8.27 -5.42 7.32
N ASP G 994 8.44 -5.07 6.04
CA ASP G 994 7.77 -3.92 5.48
C ASP G 994 6.24 -4.10 5.51
N ARG G 995 5.74 -5.32 5.33
CA ARG G 995 4.29 -5.48 5.42
C ARG G 995 3.82 -5.14 6.83
N LEU G 996 4.58 -5.56 7.85
CA LEU G 996 4.18 -5.23 9.20
C LEU G 996 4.30 -3.74 9.46
N ILE G 997 5.32 -3.08 8.91
CA ILE G 997 5.46 -1.66 9.15
C ILE G 997 4.29 -0.92 8.61
N THR G 998 3.84 -1.22 7.41
CA THR G 998 2.72 -0.47 6.89
C THR G 998 1.50 -0.63 7.81
N GLY G 999 1.23 -1.86 8.24
CA GLY G 999 0.08 -2.09 9.10
C GLY G 999 0.17 -1.35 10.45
N ARG G 1000 1.36 -1.35 11.05
CA ARG G 1000 1.51 -0.68 12.32
C ARG G 1000 1.42 0.83 12.16
N LEU G 1001 1.94 1.37 11.06
CA LEU G 1001 1.83 2.80 10.86
C LEU G 1001 0.38 3.21 10.73
N GLN G 1002 -0.43 2.41 10.05
CA GLN G 1002 -1.84 2.78 9.94
C GLN G 1002 -2.52 2.74 11.28
N SER G 1003 -2.12 1.78 12.13
CA SER G 1003 -2.70 1.68 13.45
C SER G 1003 -2.38 2.93 14.27
N LEU G 1004 -1.13 3.39 14.23
CA LEU G 1004 -0.75 4.60 14.96
C LEU G 1004 -1.40 5.84 14.43
N GLN G 1005 -1.53 5.96 13.11
CA GLN G 1005 -2.14 7.17 12.59
C GLN G 1005 -3.60 7.22 12.98
N THR G 1006 -4.26 6.06 13.00
CA THR G 1006 -5.66 6.03 13.38
C THR G 1006 -5.80 6.42 14.83
N TYR G 1007 -4.95 5.87 15.69
CA TYR G 1007 -4.99 6.18 17.10
C TYR G 1007 -4.82 7.64 17.35
N VAL G 1008 -3.81 8.26 16.75
CA VAL G 1008 -3.57 9.66 17.01
C VAL G 1008 -4.72 10.51 16.50
N THR G 1009 -5.26 10.23 15.33
CA THR G 1009 -6.36 11.04 14.84
C THR G 1009 -7.53 10.96 15.80
N GLN G 1010 -7.82 9.76 16.30
CA GLN G 1010 -8.92 9.60 17.24
C GLN G 1010 -8.64 10.34 18.52
N GLN G 1011 -7.39 10.35 19.01
CA GLN G 1011 -7.11 11.09 20.23
C GLN G 1011 -7.25 12.57 19.99
N LEU G 1012 -6.90 13.08 18.80
CA LEU G 1012 -7.05 14.50 18.55
C LEU G 1012 -8.51 14.90 18.55
N ILE G 1013 -9.37 14.07 17.98
CA ILE G 1013 -10.78 14.40 17.96
C ILE G 1013 -11.34 14.33 19.38
N ARG G 1014 -11.01 13.28 20.11
CA ARG G 1014 -11.49 13.15 21.47
C ARG G 1014 -10.97 14.29 22.33
N ALA G 1015 -9.71 14.69 22.12
CA ALA G 1015 -9.14 15.76 22.90
C ALA G 1015 -9.92 17.03 22.68
N ALA G 1016 -10.38 17.27 21.45
CA ALA G 1016 -11.15 18.45 21.16
C ALA G 1016 -12.47 18.44 21.94
N GLU G 1017 -13.09 17.27 22.07
CA GLU G 1017 -14.34 17.18 22.82
C GLU G 1017 -14.11 17.49 24.28
N ILE G 1018 -13.00 17.01 24.83
CA ILE G 1018 -12.67 17.28 26.21
C ILE G 1018 -12.38 18.74 26.39
N ARG G 1019 -11.68 19.36 25.45
CA ARG G 1019 -11.41 20.77 25.59
C ARG G 1019 -12.69 21.57 25.60
N ALA G 1020 -13.65 21.23 24.76
CA ALA G 1020 -14.89 21.97 24.77
C ALA G 1020 -15.58 21.83 26.12
N SER G 1021 -15.54 20.64 26.71
CA SER G 1021 -16.14 20.43 28.02
C SER G 1021 -15.41 21.24 29.07
N ALA G 1022 -14.06 21.24 29.02
CA ALA G 1022 -13.27 21.99 29.96
C ALA G 1022 -13.54 23.47 29.87
N ASN G 1023 -13.74 23.99 28.65
CA ASN G 1023 -14.02 25.41 28.50
C ASN G 1023 -15.34 25.74 29.12
N LEU G 1024 -16.31 24.84 28.96
CA LEU G 1024 -17.61 25.05 29.58
C LEU G 1024 -17.51 24.98 31.07
N ALA G 1025 -16.76 24.03 31.60
CA ALA G 1025 -16.63 23.89 33.02
C ALA G 1025 -15.99 25.14 33.61
N ALA G 1026 -14.98 25.68 32.93
CA ALA G 1026 -14.32 26.87 33.42
C ALA G 1026 -15.26 28.05 33.42
N THR G 1027 -16.10 28.14 32.39
CA THR G 1027 -17.05 29.23 32.29
C THR G 1027 -18.03 29.14 33.42
N LYS G 1028 -18.53 27.94 33.68
CA LYS G 1028 -19.48 27.73 34.74
C LYS G 1028 -18.88 28.04 36.06
N MET G 1029 -17.64 27.72 36.29
CA MET G 1029 -17.15 28.08 37.60
C MET G 1029 -17.10 29.59 37.75
N SER G 1030 -16.65 30.32 36.73
CA SER G 1030 -16.58 31.75 36.91
C SER G 1030 -17.95 32.35 37.12
N GLU G 1031 -18.93 31.90 36.36
CA GLU G 1031 -20.27 32.47 36.44
C GLU G 1031 -21.25 31.93 37.49
N CYS G 1032 -21.10 30.66 37.93
CA CYS G 1032 -21.99 29.98 38.88
C CYS G 1032 -21.37 29.99 40.28
N VAL G 1033 -20.04 29.98 40.38
CA VAL G 1033 -19.39 29.88 41.68
C VAL G 1033 -18.87 31.23 42.15
N LEU G 1034 -18.28 32.01 41.26
CA LEU G 1034 -17.68 33.29 41.66
C LEU G 1034 -18.62 34.46 41.39
N GLY G 1035 -19.91 34.16 41.40
CA GLY G 1035 -20.96 35.12 41.15
C GLY G 1035 -22.32 34.47 41.26
N GLN G 1036 -23.33 35.18 40.76
CA GLN G 1036 -24.70 34.74 40.73
C GLN G 1036 -25.13 34.87 39.29
N SER G 1037 -25.72 33.84 38.72
CA SER G 1037 -26.04 33.91 37.30
C SER G 1037 -27.50 34.03 36.97
N LYS G 1038 -27.79 34.85 35.97
CA LYS G 1038 -29.14 35.04 35.47
C LYS G 1038 -29.40 34.28 34.18
N ARG G 1039 -28.46 33.46 33.78
CA ARG G 1039 -28.63 32.70 32.55
C ARG G 1039 -29.52 31.51 32.85
N VAL G 1040 -30.62 31.42 32.15
CA VAL G 1040 -31.60 30.39 32.46
C VAL G 1040 -31.12 28.99 32.19
N ASP G 1041 -31.28 28.16 33.21
CA ASP G 1041 -30.92 26.77 33.25
C ASP G 1041 -29.45 26.53 33.00
N PHE G 1042 -28.65 27.57 33.11
CA PHE G 1042 -27.20 27.44 32.97
C PHE G 1042 -26.53 26.85 34.21
N CYS G 1043 -26.93 27.32 35.41
CA CYS G 1043 -26.40 26.95 36.72
C CYS G 1043 -27.51 26.17 37.43
N GLY G 1044 -28.19 25.30 36.69
CA GLY G 1044 -29.23 24.47 37.24
C GLY G 1044 -30.60 25.07 37.00
N LYS G 1045 -31.63 24.23 37.11
CA LYS G 1045 -33.01 24.63 36.95
C LYS G 1045 -33.48 25.40 38.18
N GLY G 1046 -34.23 26.48 37.97
CA GLY G 1046 -34.75 27.29 39.06
C GLY G 1046 -34.00 28.60 39.09
N TYR G 1047 -34.24 29.43 40.08
CA TYR G 1047 -33.55 30.70 40.08
C TYR G 1047 -32.23 30.49 40.77
N HIS G 1048 -31.13 30.84 40.15
CA HIS G 1048 -29.87 30.52 40.80
C HIS G 1048 -29.51 31.42 41.95
N LEU G 1049 -29.09 30.80 43.07
CA LEU G 1049 -28.63 31.55 44.22
C LEU G 1049 -27.13 31.45 44.35
N MET G 1050 -26.57 30.23 44.30
CA MET G 1050 -25.12 30.02 44.47
C MET G 1050 -24.72 28.62 44.08
N SER G 1051 -23.42 28.40 43.89
CA SER G 1051 -22.96 27.04 43.61
C SER G 1051 -21.68 26.72 44.34
N PHE G 1052 -21.45 25.44 44.56
CA PHE G 1052 -20.26 24.96 45.21
C PHE G 1052 -19.60 23.86 44.40
N PRO G 1053 -18.35 23.99 43.94
CA PRO G 1053 -17.65 22.98 43.18
C PRO G 1053 -17.17 21.89 44.10
N GLN G 1054 -17.01 20.69 43.56
CA GLN G 1054 -16.39 19.55 44.20
C GLN G 1054 -15.45 18.87 43.18
N SER G 1055 -14.30 18.40 43.62
CA SER G 1055 -13.37 17.69 42.76
C SER G 1055 -13.80 16.27 42.43
N ALA G 1056 -13.50 15.78 41.23
CA ALA G 1056 -13.78 14.40 40.87
C ALA G 1056 -12.66 13.92 39.95
N PRO G 1057 -12.41 12.62 39.81
CA PRO G 1057 -11.39 12.16 38.90
C PRO G 1057 -11.66 12.69 37.53
N HIS G 1058 -10.67 13.31 36.94
CA HIS G 1058 -10.75 13.87 35.60
C HIS G 1058 -11.88 14.86 35.34
N GLY G 1059 -12.40 15.50 36.39
CA GLY G 1059 -13.47 16.45 36.15
C GLY G 1059 -13.95 17.20 37.36
N VAL G 1060 -15.01 17.95 37.17
CA VAL G 1060 -15.54 18.78 38.22
C VAL G 1060 -17.02 18.55 38.38
N VAL G 1061 -17.46 18.54 39.61
CA VAL G 1061 -18.86 18.38 39.94
C VAL G 1061 -19.39 19.62 40.59
N PHE G 1062 -20.46 20.16 40.06
CA PHE G 1062 -21.00 21.36 40.65
C PHE G 1062 -22.29 21.11 41.37
N LEU G 1063 -22.39 21.59 42.59
CA LEU G 1063 -23.63 21.48 43.32
C LEU G 1063 -24.29 22.84 43.19
N HIS G 1064 -25.41 22.89 42.51
CA HIS G 1064 -26.07 24.16 42.21
C HIS G 1064 -27.26 24.38 43.09
N VAL G 1065 -27.27 25.49 43.81
CA VAL G 1065 -28.33 25.79 44.73
C VAL G 1065 -29.28 26.77 44.08
N THR G 1066 -30.53 26.37 43.94
CA THR G 1066 -31.49 27.23 43.30
C THR G 1066 -32.76 27.39 44.13
N TYR G 1067 -33.45 28.49 43.89
CA TYR G 1067 -34.71 28.82 44.52
C TYR G 1067 -35.84 28.42 43.62
N VAL G 1068 -36.74 27.63 44.16
CA VAL G 1068 -37.85 27.17 43.38
C VAL G 1068 -39.16 27.59 44.04
N PRO G 1069 -40.03 28.36 43.37
CA PRO G 1069 -41.30 28.77 43.91
C PRO G 1069 -42.09 27.53 44.22
N ALA G 1070 -42.87 27.54 45.28
CA ALA G 1070 -43.64 26.36 45.63
C ALA G 1070 -45.12 26.64 45.52
N GLN G 1071 -45.91 26.22 46.52
CA GLN G 1071 -47.36 26.29 46.35
C GLN G 1071 -47.88 27.67 46.05
N GLU G 1072 -48.63 27.78 44.95
CA GLU G 1072 -49.27 28.99 44.47
C GLU G 1072 -50.76 29.11 44.73
N LYS G 1073 -51.26 30.34 44.68
CA LYS G 1073 -52.69 30.60 44.74
C LYS G 1073 -53.16 31.46 43.55
N ASN G 1074 -54.46 31.33 43.18
CA ASN G 1074 -55.15 32.06 42.12
C ASN G 1074 -55.69 33.41 42.63
N PHE G 1075 -55.14 34.54 42.13
CA PHE G 1075 -55.54 35.91 42.51
C PHE G 1075 -56.09 36.65 41.31
N THR G 1076 -56.97 37.59 41.55
CA THR G 1076 -57.48 38.41 40.47
C THR G 1076 -56.51 39.55 40.29
N THR G 1077 -56.30 39.99 39.08
CA THR G 1077 -55.38 41.09 38.86
C THR G 1077 -55.93 42.23 38.02
N ALA G 1078 -55.14 43.28 37.92
CA ALA G 1078 -55.44 44.46 37.12
C ALA G 1078 -54.13 45.16 36.81
N PRO G 1079 -53.97 45.80 35.65
CA PRO G 1079 -52.81 46.56 35.27
C PRO G 1079 -52.62 47.86 36.01
N ALA G 1080 -53.70 48.41 36.56
CA ALA G 1080 -53.62 49.68 37.23
C ALA G 1080 -54.81 49.88 38.13
N ILE G 1081 -54.65 50.78 39.08
CA ILE G 1081 -55.72 51.21 39.95
C ILE G 1081 -56.13 52.64 39.64
N CYS G 1082 -57.44 52.89 39.50
CA CYS G 1082 -58.02 54.20 39.26
C CYS G 1082 -58.41 54.81 40.60
N HIS G 1083 -57.84 55.96 40.92
CA HIS G 1083 -58.14 56.55 42.23
C HIS G 1083 -59.09 57.74 42.14
N ASP G 1084 -58.58 58.88 41.70
CA ASP G 1084 -59.35 60.11 41.55
C ASP G 1084 -59.42 60.56 40.10
N GLY G 1085 -59.26 59.62 39.20
CA GLY G 1085 -59.24 59.87 37.78
C GLY G 1085 -57.82 59.67 37.26
N LYS G 1086 -56.86 59.64 38.19
CA LYS G 1086 -55.48 59.36 37.83
C LYS G 1086 -55.23 57.85 37.86
N ALA G 1087 -54.32 57.37 37.00
CA ALA G 1087 -53.97 55.94 36.96
C ALA G 1087 -52.70 55.62 37.74
N HIS G 1088 -52.82 54.69 38.68
CA HIS G 1088 -51.74 54.25 39.54
C HIS G 1088 -51.19 52.87 39.16
N PHE G 1089 -49.89 52.78 38.95
CA PHE G 1089 -49.23 51.53 38.58
C PHE G 1089 -48.29 51.13 39.71
N PRO G 1090 -47.97 49.87 39.95
CA PRO G 1090 -47.05 49.46 40.99
C PRO G 1090 -45.66 49.94 40.65
N ARG G 1091 -44.87 50.31 41.65
CA ARG G 1091 -43.48 50.64 41.39
C ARG G 1091 -42.65 49.39 41.23
N GLU G 1092 -42.89 48.42 42.09
CA GLU G 1092 -42.18 47.16 42.11
C GLU G 1092 -43.13 46.06 42.54
N GLY G 1093 -44.02 45.62 41.67
CA GLY G 1093 -45.00 44.66 42.15
C GLY G 1093 -46.16 44.49 41.21
N VAL G 1094 -47.11 43.69 41.66
CA VAL G 1094 -48.30 43.39 40.89
C VAL G 1094 -49.56 43.63 41.72
N PHE G 1095 -50.57 44.23 41.12
CA PHE G 1095 -51.80 44.41 41.89
C PHE G 1095 -52.55 43.12 41.87
N VAL G 1096 -53.01 42.69 43.02
CA VAL G 1096 -53.75 41.46 43.15
C VAL G 1096 -55.00 41.68 43.92
N SER G 1097 -55.92 40.76 43.82
CA SER G 1097 -57.07 40.89 44.67
C SER G 1097 -57.57 39.54 45.10
N ASN G 1098 -58.00 39.48 46.38
CA ASN G 1098 -58.72 38.35 46.97
C ASN G 1098 -60.20 38.65 46.68
N GLY G 1099 -61.15 37.88 47.24
CA GLY G 1099 -62.58 38.10 46.95
C GLY G 1099 -63.14 39.53 47.21
N THR G 1100 -62.56 40.27 48.18
CA THR G 1100 -63.04 41.62 48.48
C THR G 1100 -62.03 42.78 48.41
N HIS G 1101 -60.73 42.51 48.49
CA HIS G 1101 -59.76 43.61 48.55
C HIS G 1101 -58.54 43.52 47.67
N TRP G 1102 -58.15 44.70 47.18
CA TRP G 1102 -56.96 44.90 46.39
C TRP G 1102 -55.74 45.21 47.24
N PHE G 1103 -54.65 44.52 46.91
CA PHE G 1103 -53.34 44.61 47.55
C PHE G 1103 -52.25 44.63 46.52
N VAL G 1104 -51.07 45.04 46.89
CA VAL G 1104 -49.97 44.93 45.93
C VAL G 1104 -48.89 44.03 46.50
N THR G 1105 -48.41 43.07 45.70
CA THR G 1105 -47.39 42.12 46.17
C THR G 1105 -46.14 42.21 45.36
N GLN G 1106 -45.07 41.62 45.88
CA GLN G 1106 -43.88 41.50 45.09
C GLN G 1106 -44.20 40.43 44.07
N ARG G 1107 -43.64 40.51 42.88
CA ARG G 1107 -44.02 39.55 41.86
C ARG G 1107 -43.84 38.09 42.19
N ASN G 1108 -42.77 37.74 42.90
CA ASN G 1108 -42.44 36.35 43.16
C ASN G 1108 -42.82 35.79 44.51
N PHE G 1109 -43.62 36.50 45.29
CA PHE G 1109 -43.96 35.95 46.60
C PHE G 1109 -45.19 36.62 47.17
N TYR G 1110 -46.14 35.85 47.65
CA TYR G 1110 -47.35 36.48 48.13
C TYR G 1110 -47.24 37.11 49.51
N GLU G 1111 -46.84 38.35 49.49
CA GLU G 1111 -46.66 39.22 50.65
C GLU G 1111 -47.38 40.55 50.40
N PRO G 1112 -48.73 40.60 50.51
CA PRO G 1112 -49.59 41.71 50.15
C PRO G 1112 -49.44 42.91 51.03
N GLN G 1113 -49.41 44.06 50.39
CA GLN G 1113 -49.33 45.33 51.05
C GLN G 1113 -50.56 46.15 50.78
N ILE G 1114 -50.84 47.11 51.63
CA ILE G 1114 -51.91 48.05 51.35
C ILE G 1114 -51.44 48.90 50.21
N ILE G 1115 -52.31 49.17 49.25
CA ILE G 1115 -51.90 50.00 48.15
C ILE G 1115 -51.89 51.44 48.61
N THR G 1116 -50.72 52.05 48.56
CA THR G 1116 -50.50 53.40 49.00
C THR G 1116 -49.70 54.13 47.97
N THR G 1117 -49.53 55.41 48.19
CA THR G 1117 -48.75 56.28 47.30
C THR G 1117 -47.25 56.01 47.39
N ASP G 1118 -46.83 55.16 48.32
CA ASP G 1118 -45.44 54.77 48.45
C ASP G 1118 -45.16 53.54 47.61
N ASN G 1119 -46.21 52.78 47.29
CA ASN G 1119 -46.07 51.53 46.58
C ASN G 1119 -46.32 51.67 45.10
N THR G 1120 -47.07 52.71 44.72
CA THR G 1120 -47.44 52.96 43.35
C THR G 1120 -46.96 54.29 42.85
N PHE G 1121 -47.09 54.51 41.55
CA PHE G 1121 -46.72 55.77 40.94
C PHE G 1121 -47.79 56.14 39.95
N VAL G 1122 -47.88 57.41 39.61
CA VAL G 1122 -48.94 57.83 38.74
C VAL G 1122 -48.55 58.31 37.38
N SER G 1123 -49.23 57.80 36.38
CA SER G 1123 -48.98 58.25 35.03
C SER G 1123 -50.19 58.11 34.13
N GLY G 1124 -50.66 59.22 33.60
CA GLY G 1124 -51.82 59.17 32.73
C GLY G 1124 -53.09 59.14 33.54
N ASN G 1125 -54.22 59.18 32.85
CA ASN G 1125 -55.53 59.16 33.48
C ASN G 1125 -56.13 57.74 33.35
N CYS G 1126 -57.35 57.55 33.90
CA CYS G 1126 -58.07 56.28 33.94
C CYS G 1126 -58.73 55.87 32.61
N ASP G 1127 -58.65 56.69 31.58
CA ASP G 1127 -59.30 56.34 30.33
C ASP G 1127 -58.42 55.55 29.37
N VAL G 1128 -57.11 55.74 29.46
CA VAL G 1128 -56.18 55.12 28.54
C VAL G 1128 -55.85 53.65 28.83
N VAL G 1129 -55.79 53.24 30.08
CA VAL G 1129 -55.44 51.85 30.41
C VAL G 1129 -56.61 50.93 30.26
N ILE G 1130 -56.40 49.84 29.54
CA ILE G 1130 -57.45 48.85 29.32
C ILE G 1130 -57.53 47.94 30.51
N GLY G 1131 -58.71 47.81 31.10
CA GLY G 1131 -58.84 46.91 32.24
C GLY G 1131 -58.46 47.54 33.57
N ILE G 1132 -58.45 48.86 33.66
CA ILE G 1132 -58.13 49.54 34.90
C ILE G 1132 -59.29 49.36 35.86
N VAL G 1133 -59.02 49.15 37.14
CA VAL G 1133 -60.12 48.98 38.08
C VAL G 1133 -60.07 50.08 39.12
N ASN G 1134 -61.21 50.39 39.76
CA ASN G 1134 -61.34 51.38 40.83
C ASN G 1134 -60.92 50.80 42.18
N ASN G 1135 -60.15 51.57 42.97
CA ASN G 1135 -59.77 51.23 44.35
C ASN G 1135 -59.38 52.50 45.07
N THR G 1136 -59.03 52.36 46.33
CA THR G 1136 -58.54 53.49 47.08
C THR G 1136 -57.06 53.37 47.26
N VAL G 1137 -56.34 54.40 46.87
CA VAL G 1137 -54.92 54.42 47.09
C VAL G 1137 -54.73 55.28 48.32
N TYR G 1138 -54.07 54.74 49.31
CA TYR G 1138 -53.96 55.48 50.54
C TYR G 1138 -52.77 56.39 50.65
N ASP G 1139 -53.05 57.60 51.08
CA ASP G 1139 -52.04 58.61 51.32
C ASP G 1139 -51.63 58.48 52.78
N PRO G 1140 -50.39 58.03 53.09
CA PRO G 1140 -49.91 57.74 54.42
C PRO G 1140 -49.68 58.99 55.26
N LEU G 1141 -49.67 60.14 54.60
CA LEU G 1141 -49.38 61.38 55.29
C LEU G 1141 -50.59 62.21 55.56
N GLN G 1142 -51.57 62.14 54.67
CA GLN G 1142 -52.74 62.97 54.83
C GLN G 1142 -53.28 62.97 56.27
N PRO G 1143 -53.42 61.84 57.01
CA PRO G 1143 -53.91 61.85 58.37
C PRO G 1143 -53.14 62.79 59.32
N GLU G 1144 -51.85 63.01 59.08
CA GLU G 1144 -51.06 63.87 59.95
C GLU G 1144 -51.33 65.31 59.62
N LEU G 1145 -51.59 65.56 58.34
CA LEU G 1145 -51.88 66.90 57.86
C LEU G 1145 -53.27 67.29 58.38
N ASP G 1146 -54.17 66.31 58.47
CA ASP G 1146 -55.52 66.52 58.96
C ASP G 1146 -55.60 66.68 60.50
N SER G 1147 -54.77 65.92 61.26
CA SER G 1147 -54.66 65.92 62.72
C SER G 1147 -53.89 67.16 63.17
N VAL H 2 39.56 -24.44 -40.26
CA VAL H 2 40.52 -25.47 -39.89
C VAL H 2 41.08 -26.15 -41.16
N GLN H 3 40.30 -27.10 -41.75
CA GLN H 3 40.67 -27.86 -42.96
C GLN H 3 39.46 -28.31 -43.75
N LEU H 4 39.65 -28.37 -45.06
CA LEU H 4 38.71 -28.90 -46.02
C LEU H 4 39.43 -30.04 -46.75
N VAL H 5 38.98 -31.27 -46.55
CA VAL H 5 39.69 -32.38 -47.16
C VAL H 5 39.09 -32.73 -48.50
N GLN H 6 39.88 -32.49 -49.54
CA GLN H 6 39.45 -32.63 -50.92
C GLN H 6 39.76 -33.98 -51.54
N SER H 7 38.95 -34.28 -52.55
CA SER H 7 39.06 -35.44 -53.42
C SER H 7 40.28 -35.31 -54.32
N GLY H 8 40.77 -36.44 -54.85
CA GLY H 8 41.92 -36.41 -55.74
C GLY H 8 41.55 -36.05 -57.18
N ALA H 9 42.54 -36.15 -58.08
CA ALA H 9 42.41 -35.81 -59.51
C ALA H 9 41.76 -36.92 -60.31
N GLU H 10 41.16 -36.57 -61.44
CA GLU H 10 40.57 -37.58 -62.33
C GLU H 10 40.53 -37.16 -63.79
N VAL H 11 40.44 -38.15 -64.67
CA VAL H 11 40.31 -37.89 -66.09
C VAL H 11 39.07 -38.60 -66.62
N LYS H 12 38.17 -37.87 -67.26
CA LYS H 12 36.94 -38.47 -67.77
C LYS H 12 36.53 -38.09 -69.19
N LYS H 13 35.72 -38.95 -69.79
CA LYS H 13 35.14 -38.75 -71.11
C LYS H 13 34.20 -37.53 -71.10
N PRO H 14 34.17 -36.66 -72.13
CA PRO H 14 33.30 -35.52 -72.17
C PRO H 14 31.87 -35.97 -72.00
N GLY H 15 31.10 -35.19 -71.26
CA GLY H 15 29.72 -35.46 -70.98
C GLY H 15 29.54 -36.22 -69.66
N SER H 16 30.62 -36.76 -69.10
CA SER H 16 30.55 -37.52 -67.85
C SER H 16 30.75 -36.61 -66.65
N SER H 17 29.77 -36.59 -65.76
CA SER H 17 29.83 -35.70 -64.61
C SER H 17 30.98 -35.98 -63.68
N VAL H 18 31.54 -34.89 -63.16
CA VAL H 18 32.62 -34.90 -62.21
C VAL H 18 32.15 -34.56 -60.82
N LYS H 19 32.29 -35.47 -59.88
CA LYS H 19 31.80 -35.16 -58.55
C LYS H 19 32.88 -35.32 -57.51
N VAL H 20 33.08 -34.24 -56.76
CA VAL H 20 34.07 -34.18 -55.71
C VAL H 20 33.47 -33.67 -54.42
N SER H 21 34.18 -33.84 -53.32
CA SER H 21 33.69 -33.32 -52.07
C SER H 21 34.81 -32.80 -51.15
N CYS H 22 34.44 -31.94 -50.17
CA CYS H 22 35.28 -31.32 -49.14
C CYS H 22 34.76 -31.64 -47.74
N LYS H 23 35.42 -32.60 -47.11
CA LYS H 23 35.04 -33.08 -45.79
C LYS H 23 35.71 -32.29 -44.68
N ALA H 24 34.96 -31.94 -43.63
CA ALA H 24 35.59 -31.25 -42.51
C ALA H 24 34.99 -31.67 -41.19
N SER H 25 35.84 -31.76 -40.18
CA SER H 25 35.40 -32.09 -38.84
C SER H 25 34.91 -30.85 -38.12
N GLY H 26 34.18 -31.08 -37.02
CA GLY H 26 33.71 -29.98 -36.18
C GLY H 26 32.39 -29.41 -36.67
N GLY H 27 31.92 -28.34 -36.03
CA GLY H 27 30.61 -27.75 -36.34
C GLY H 27 30.64 -26.77 -37.51
N THR H 28 31.20 -27.21 -38.62
CA THR H 28 31.42 -26.32 -39.74
C THR H 28 30.25 -26.23 -40.65
N PHE H 29 29.33 -27.20 -40.60
CA PHE H 29 28.19 -27.13 -41.50
C PHE H 29 27.45 -25.84 -41.20
N SER H 30 27.18 -25.60 -39.92
CA SER H 30 26.46 -24.41 -39.53
C SER H 30 27.34 -23.19 -39.29
N SER H 31 28.64 -23.37 -38.99
CA SER H 31 29.46 -22.21 -38.71
C SER H 31 30.04 -21.51 -39.93
N TYR H 32 30.23 -22.20 -41.07
CA TYR H 32 30.84 -21.54 -42.21
C TYR H 32 30.17 -21.80 -43.55
N THR H 33 30.28 -20.85 -44.46
CA THR H 33 29.78 -21.02 -45.84
C THR H 33 30.89 -21.56 -46.75
N ILE H 34 30.58 -22.54 -47.60
CA ILE H 34 31.62 -23.11 -48.45
C ILE H 34 31.42 -22.76 -49.92
N SER H 35 32.47 -22.20 -50.50
CA SER H 35 32.47 -21.73 -51.88
C SER H 35 33.38 -22.53 -52.76
N TRP H 36 32.97 -22.75 -53.99
CA TRP H 36 33.79 -23.43 -54.95
C TRP H 36 34.29 -22.46 -56.01
N VAL H 37 35.60 -22.55 -56.24
CA VAL H 37 36.38 -21.71 -57.14
C VAL H 37 37.18 -22.53 -58.17
N ARG H 38 37.11 -22.10 -59.42
CA ARG H 38 37.82 -22.73 -60.53
C ARG H 38 39.14 -22.04 -60.83
N GLN H 39 40.19 -22.84 -60.98
CA GLN H 39 41.50 -22.33 -61.35
C GLN H 39 42.13 -23.10 -62.49
N ALA H 40 41.91 -22.69 -63.72
CA ALA H 40 42.53 -23.46 -64.79
C ALA H 40 44.02 -23.37 -64.52
N PRO H 41 44.84 -24.40 -64.80
CA PRO H 41 46.24 -24.34 -64.50
C PRO H 41 46.87 -23.19 -65.23
N GLY H 42 47.70 -22.42 -64.50
CA GLY H 42 48.40 -21.28 -65.06
C GLY H 42 47.55 -20.00 -65.06
N GLN H 43 46.30 -20.11 -64.60
CA GLN H 43 45.35 -19.02 -64.60
C GLN H 43 45.02 -18.48 -63.21
N GLY H 44 44.16 -17.46 -63.21
CA GLY H 44 43.67 -16.82 -62.00
C GLY H 44 42.41 -17.53 -61.56
N LEU H 45 41.59 -16.87 -60.77
CA LEU H 45 40.43 -17.55 -60.22
C LEU H 45 39.08 -17.12 -60.76
N GLU H 46 38.16 -18.08 -60.84
CA GLU H 46 36.77 -17.81 -61.19
C GLU H 46 35.82 -18.41 -60.16
N TRP H 47 34.83 -17.64 -59.74
CA TRP H 47 33.89 -18.17 -58.76
C TRP H 47 32.87 -19.07 -59.44
N MET H 48 32.55 -20.24 -58.88
CA MET H 48 31.53 -21.09 -59.48
C MET H 48 30.21 -21.02 -58.72
N GLY H 49 30.29 -21.06 -57.40
CA GLY H 49 29.08 -21.04 -56.59
C GLY H 49 29.35 -21.24 -55.11
N ARG H 50 28.33 -21.05 -54.29
CA ARG H 50 28.46 -21.20 -52.83
C ARG H 50 27.26 -21.80 -52.17
N ILE H 51 27.52 -22.64 -51.19
CA ILE H 51 26.44 -23.18 -50.41
C ILE H 51 26.53 -22.72 -48.99
N ILE H 52 25.40 -22.25 -48.50
CA ILE H 52 25.20 -21.74 -47.17
C ILE H 52 24.44 -22.86 -46.50
N PRO H 53 25.12 -23.86 -45.91
CA PRO H 53 24.49 -25.08 -45.50
C PRO H 53 23.52 -24.85 -44.34
N ILE H 54 23.77 -23.79 -43.58
CA ILE H 54 22.92 -23.43 -42.45
C ILE H 54 21.52 -23.02 -42.88
N LEU H 55 21.41 -22.48 -44.07
CA LEU H 55 20.17 -21.95 -44.56
C LEU H 55 19.63 -22.81 -45.70
N ASP H 56 20.32 -23.92 -46.01
CA ASP H 56 19.94 -24.75 -47.15
C ASP H 56 19.83 -23.94 -48.46
N ARG H 57 20.76 -23.01 -48.73
CA ARG H 57 20.67 -22.23 -49.99
C ARG H 57 21.96 -22.20 -50.79
N VAL H 58 21.81 -22.13 -52.13
CA VAL H 58 22.97 -22.07 -53.02
C VAL H 58 22.88 -20.95 -54.05
N MET H 59 23.98 -20.25 -54.27
CA MET H 59 24.06 -19.21 -55.29
C MET H 59 25.11 -19.60 -56.32
N TYR H 60 24.85 -19.33 -57.60
CA TYR H 60 25.83 -19.65 -58.63
C TYR H 60 26.21 -18.48 -59.50
N ALA H 61 27.43 -18.53 -60.02
CA ALA H 61 27.91 -17.59 -61.01
C ALA H 61 27.09 -17.84 -62.26
N GLN H 62 26.72 -16.81 -63.00
CA GLN H 62 25.89 -17.05 -64.18
C GLN H 62 26.55 -17.92 -65.23
N LYS H 63 27.85 -17.75 -65.41
CA LYS H 63 28.59 -18.49 -66.42
C LYS H 63 28.69 -19.98 -66.10
N PHE H 64 28.42 -20.34 -64.85
CA PHE H 64 28.46 -21.71 -64.36
C PHE H 64 27.08 -22.30 -64.08
N GLN H 65 26.00 -21.61 -64.45
CA GLN H 65 24.70 -22.21 -64.17
C GLN H 65 24.50 -23.36 -65.13
N GLY H 66 23.81 -24.41 -64.68
CA GLY H 66 23.58 -25.59 -65.53
C GLY H 66 24.76 -26.57 -65.38
N ARG H 67 25.96 -26.01 -65.53
CA ARG H 67 27.25 -26.66 -65.41
C ARG H 67 27.56 -27.06 -63.97
N VAL H 68 27.20 -26.23 -63.00
CA VAL H 68 27.58 -26.54 -61.62
C VAL H 68 26.39 -26.78 -60.69
N THR H 69 26.44 -27.92 -59.97
CA THR H 69 25.46 -28.27 -58.94
C THR H 69 26.15 -28.42 -57.58
N ILE H 70 25.66 -27.72 -56.56
CA ILE H 70 26.28 -27.76 -55.24
C ILE H 70 25.30 -28.17 -54.14
N THR H 71 25.75 -29.09 -53.30
CA THR H 71 24.99 -29.58 -52.14
C THR H 71 25.89 -29.77 -50.92
N ALA H 72 25.31 -30.21 -49.81
CA ALA H 72 26.09 -30.49 -48.60
C ALA H 72 25.41 -31.55 -47.73
N ASP H 73 26.23 -32.29 -46.99
CA ASP H 73 25.78 -33.32 -46.06
C ASP H 73 25.94 -32.89 -44.62
N LYS H 74 24.81 -32.86 -43.92
CA LYS H 74 24.70 -32.47 -42.51
C LYS H 74 25.49 -33.40 -41.59
N SER H 75 25.57 -34.69 -41.93
CA SER H 75 26.29 -35.62 -41.07
C SER H 75 27.76 -35.65 -41.47
N THR H 76 28.59 -35.08 -40.61
CA THR H 76 30.02 -34.87 -40.88
C THR H 76 30.12 -33.92 -42.04
N SER H 77 29.97 -32.64 -41.74
CA SER H 77 29.92 -31.57 -42.70
C SER H 77 30.78 -31.81 -43.91
N THR H 78 30.12 -32.08 -45.02
CA THR H 78 30.82 -32.25 -46.27
C THR H 78 30.17 -31.43 -47.37
N ALA H 79 30.98 -30.67 -48.09
CA ALA H 79 30.45 -29.93 -49.23
C ALA H 79 30.64 -30.79 -50.45
N TYR H 80 29.67 -30.77 -51.35
CA TYR H 80 29.79 -31.54 -52.58
C TYR H 80 29.54 -30.69 -53.79
N MET H 81 30.24 -30.99 -54.86
CA MET H 81 29.99 -30.32 -56.11
C MET H 81 30.09 -31.25 -57.29
N GLU H 82 29.15 -31.08 -58.21
CA GLU H 82 29.12 -31.82 -59.44
C GLU H 82 29.25 -30.91 -60.66
N LEU H 83 30.21 -31.23 -61.52
CA LEU H 83 30.39 -30.47 -62.75
C LEU H 83 29.82 -31.27 -63.93
N SER H 84 28.72 -30.78 -64.46
CA SER H 84 27.96 -31.43 -65.51
C SER H 84 28.57 -31.06 -66.84
N SER H 85 28.19 -31.79 -67.89
CA SER H 85 28.62 -31.44 -69.24
C SER H 85 30.12 -31.22 -69.36
N LEU H 86 30.91 -32.17 -68.85
CA LEU H 86 32.36 -32.08 -68.95
C LEU H 86 32.81 -31.94 -70.38
N ARG H 87 33.70 -30.99 -70.62
CA ARG H 87 34.29 -30.73 -71.92
C ARG H 87 35.80 -30.73 -71.71
N SER H 88 36.58 -31.12 -72.73
CA SER H 88 38.05 -31.08 -72.60
C SER H 88 38.56 -29.66 -72.51
N GLU H 89 37.79 -28.73 -73.06
CA GLU H 89 38.11 -27.33 -72.97
C GLU H 89 38.08 -26.89 -71.50
N ASP H 90 37.19 -27.48 -70.71
CA ASP H 90 37.03 -27.11 -69.32
C ASP H 90 37.96 -27.94 -68.44
N THR H 91 39.24 -27.73 -68.64
CA THR H 91 40.24 -28.40 -67.82
C THR H 91 40.70 -27.43 -66.77
N ALA H 92 40.55 -27.84 -65.52
CA ALA H 92 40.91 -26.94 -64.45
C ALA H 92 41.17 -27.61 -63.14
N VAL H 93 41.87 -26.88 -62.29
CA VAL H 93 42.09 -27.30 -60.94
C VAL H 93 41.03 -26.59 -60.16
N TYR H 94 40.27 -27.28 -59.36
CA TYR H 94 39.29 -26.51 -58.64
C TYR H 94 39.22 -26.90 -57.19
N TYR H 95 38.77 -25.96 -56.39
CA TYR H 95 38.82 -26.11 -54.95
C TYR H 95 37.69 -25.46 -54.18
N CYS H 96 37.56 -25.88 -52.92
CA CYS H 96 36.66 -25.32 -51.94
C CYS H 96 37.43 -24.34 -51.03
N ALA H 97 36.69 -23.33 -50.58
CA ALA H 97 37.20 -22.29 -49.71
C ALA H 97 36.18 -21.94 -48.64
N ARG H 98 36.66 -21.52 -47.45
CA ARG H 98 35.76 -21.22 -46.36
C ARG H 98 35.46 -19.72 -46.17
N ARG H 99 34.19 -19.38 -46.16
CA ARG H 99 33.83 -18.01 -45.88
C ARG H 99 33.73 -17.89 -44.37
N ALA H 100 34.86 -17.42 -43.85
CA ALA H 100 35.24 -17.28 -42.44
C ALA H 100 34.33 -16.35 -41.63
N ILE H 101 33.78 -15.32 -42.24
CA ILE H 101 32.94 -14.44 -41.45
C ILE H 101 31.51 -14.84 -41.66
N ASP H 102 30.92 -15.44 -40.64
CA ASP H 102 29.57 -15.89 -40.75
C ASP H 102 28.97 -15.94 -39.37
N SER H 103 27.70 -16.29 -39.30
CA SER H 103 27.02 -16.41 -38.01
C SER H 103 25.67 -17.08 -38.18
N ASP H 104 25.07 -17.43 -37.08
CA ASP H 104 23.73 -17.97 -37.11
C ASP H 104 22.68 -16.86 -37.08
N THR H 105 23.16 -15.63 -37.17
CA THR H 105 22.36 -14.43 -37.21
C THR H 105 22.51 -13.79 -38.59
N TYR H 106 23.25 -14.47 -39.49
CA TYR H 106 23.49 -13.96 -40.84
C TYR H 106 24.16 -12.59 -40.87
N VAL H 107 25.31 -12.50 -40.20
CA VAL H 107 26.17 -11.30 -40.11
C VAL H 107 26.74 -10.84 -41.47
N GLU H 108 26.88 -11.80 -42.38
CA GLU H 108 27.39 -11.68 -43.76
C GLU H 108 28.89 -11.75 -43.96
N GLN H 109 29.21 -12.40 -45.08
CA GLN H 109 30.54 -12.77 -45.51
C GLN H 109 31.24 -11.71 -46.35
N SER H 110 32.56 -11.77 -46.34
CA SER H 110 33.39 -10.90 -47.15
C SER H 110 34.51 -11.70 -47.79
N HIS H 111 35.51 -12.06 -47.01
CA HIS H 111 36.67 -12.79 -47.52
C HIS H 111 36.66 -14.27 -47.19
N PHE H 112 37.68 -14.95 -47.69
CA PHE H 112 37.90 -16.37 -47.47
C PHE H 112 39.25 -16.74 -46.92
N ASP H 113 39.26 -17.89 -46.26
CA ASP H 113 40.49 -18.48 -45.75
C ASP H 113 40.40 -20.01 -45.87
N TYR H 114 41.45 -20.71 -45.43
CA TYR H 114 41.51 -22.17 -45.43
C TYR H 114 41.24 -22.78 -46.81
N TRP H 115 41.88 -22.25 -47.84
CA TRP H 115 41.66 -22.79 -49.18
C TRP H 115 42.28 -24.16 -49.31
N GLY H 116 41.56 -25.06 -49.97
CA GLY H 116 42.00 -26.44 -50.18
C GLY H 116 42.96 -26.64 -51.36
N GLN H 117 43.29 -25.56 -52.07
CA GLN H 117 44.17 -25.56 -53.25
C GLN H 117 43.55 -26.15 -54.50
N GLY H 118 43.12 -27.41 -54.43
CA GLY H 118 42.35 -27.98 -55.53
C GLY H 118 42.81 -29.26 -56.17
N THR H 119 41.89 -29.79 -56.97
CA THR H 119 42.02 -31.02 -57.72
C THR H 119 41.91 -30.85 -59.21
N LEU H 120 42.87 -31.38 -59.96
CA LEU H 120 42.80 -31.27 -61.41
C LEU H 120 41.89 -32.28 -62.04
N VAL H 121 40.97 -31.76 -62.83
CA VAL H 121 40.11 -32.62 -63.59
C VAL H 121 40.22 -32.27 -65.05
N THR H 122 40.47 -33.31 -65.83
CA THR H 122 40.64 -33.16 -67.25
C THR H 122 39.97 -34.32 -68.02
N VAL H 123 40.25 -34.40 -69.34
CA VAL H 123 39.74 -35.37 -70.32
C VAL H 123 40.96 -36.04 -70.95
N GLU I 1 26.92 -8.85 -63.62
CA GLU I 1 27.72 -9.15 -62.43
C GLU I 1 28.78 -8.06 -62.27
N ILE I 2 29.60 -8.17 -61.21
CA ILE I 2 30.67 -7.22 -60.87
C ILE I 2 31.99 -7.69 -61.51
N VAL I 3 32.63 -6.80 -62.23
CA VAL I 3 33.85 -7.11 -62.95
C VAL I 3 35.02 -6.21 -62.57
N MET I 4 36.19 -6.81 -62.35
CA MET I 4 37.35 -6.02 -62.01
C MET I 4 38.54 -6.14 -62.93
N THR I 5 39.17 -4.99 -63.11
CA THR I 5 40.38 -4.79 -63.88
C THR I 5 41.52 -4.48 -62.94
N GLN I 6 42.66 -5.13 -63.14
CA GLN I 6 43.81 -4.86 -62.30
C GLN I 6 44.94 -4.28 -63.11
N SER I 7 45.80 -3.52 -62.44
CA SER I 7 46.91 -2.85 -63.10
C SER I 7 48.14 -2.72 -62.21
N PRO I 8 49.34 -2.94 -62.77
CA PRO I 8 49.72 -3.31 -64.13
C PRO I 8 49.41 -4.76 -64.38
N ALA I 9 49.40 -5.19 -65.64
CA ALA I 9 49.22 -6.64 -65.81
C ALA I 9 50.39 -7.39 -65.17
N THR I 10 51.59 -6.82 -65.32
CA THR I 10 52.82 -7.34 -64.74
C THR I 10 53.62 -6.18 -64.11
N LEU I 11 54.07 -6.37 -62.89
CA LEU I 11 54.88 -5.39 -62.17
C LEU I 11 56.33 -5.84 -62.04
N SER I 12 57.25 -5.12 -62.68
CA SER I 12 58.67 -5.49 -62.63
C SER I 12 59.43 -4.61 -61.65
N LEU I 13 59.90 -5.22 -60.56
CA LEU I 13 60.59 -4.51 -59.49
C LEU I 13 61.84 -5.20 -58.97
N SER I 14 62.82 -4.42 -58.56
CA SER I 14 63.98 -5.00 -57.92
C SER I 14 63.55 -5.38 -56.50
N PRO I 15 64.18 -6.35 -55.84
CA PRO I 15 63.88 -6.64 -54.46
C PRO I 15 64.18 -5.40 -53.64
N GLY I 16 63.33 -5.11 -52.69
CA GLY I 16 63.49 -3.97 -51.79
C GLY I 16 62.77 -2.71 -52.27
N GLU I 17 62.25 -2.73 -53.50
CA GLU I 17 61.54 -1.56 -54.03
C GLU I 17 60.09 -1.54 -53.61
N ARG I 18 59.49 -0.34 -53.64
CA ARG I 18 58.09 -0.13 -53.29
C ARG I 18 57.13 -0.60 -54.36
N ALA I 19 56.12 -1.37 -53.97
CA ALA I 19 55.15 -1.82 -54.95
C ALA I 19 53.78 -1.23 -54.70
N THR I 20 53.14 -0.80 -55.77
CA THR I 20 51.79 -0.32 -55.69
C THR I 20 50.97 -1.17 -56.64
N LEU I 21 49.90 -1.74 -56.13
CA LEU I 21 49.02 -2.59 -56.92
C LEU I 21 47.62 -2.01 -57.00
N SER I 22 47.12 -1.78 -58.21
CA SER I 22 45.80 -1.18 -58.37
C SER I 22 44.71 -2.17 -58.78
N CYS I 23 43.49 -1.97 -58.21
CA CYS I 23 42.27 -2.69 -58.54
C CYS I 23 41.13 -1.70 -58.82
N ARG I 24 40.42 -1.90 -59.93
CA ARG I 24 39.30 -1.03 -60.28
C ARG I 24 38.04 -1.82 -60.64
N ALA I 25 36.96 -1.53 -59.91
CA ALA I 25 35.71 -2.24 -60.13
C ALA I 25 34.81 -1.52 -61.14
N SER I 26 33.99 -2.30 -61.85
CA SER I 26 32.99 -1.79 -62.78
C SER I 26 31.85 -1.04 -62.08
N GLN I 27 31.54 -1.45 -60.86
CA GLN I 27 30.53 -0.83 -60.02
C GLN I 27 31.02 -0.91 -58.60
N SER I 28 30.26 -0.36 -57.66
CA SER I 28 30.69 -0.39 -56.28
C SER I 28 30.61 -1.74 -55.61
N VAL I 29 31.63 -2.03 -54.80
CA VAL I 29 31.66 -3.21 -53.95
C VAL I 29 31.73 -2.74 -52.51
N SER I 30 31.52 -1.45 -52.28
CA SER I 30 31.64 -0.89 -50.94
C SER I 30 33.05 -1.18 -50.40
N SER I 31 33.16 -2.06 -49.41
CA SER I 31 34.44 -2.44 -48.81
C SER I 31 34.63 -3.97 -48.89
N TYR I 32 33.83 -4.64 -49.70
CA TYR I 32 33.89 -6.11 -49.75
C TYR I 32 34.97 -6.65 -50.66
N LEU I 33 36.21 -6.40 -50.30
CA LEU I 33 37.34 -6.96 -51.04
C LEU I 33 38.32 -7.72 -50.22
N ALA I 34 38.98 -8.63 -50.86
CA ALA I 34 40.09 -9.30 -50.21
C ALA I 34 41.26 -9.43 -51.16
N TRP I 35 42.46 -9.40 -50.62
CA TRP I 35 43.64 -9.55 -51.46
C TRP I 35 44.25 -10.88 -51.15
N TYR I 36 44.70 -11.56 -52.21
CA TYR I 36 45.37 -12.85 -52.10
C TYR I 36 46.71 -12.92 -52.89
N GLN I 37 47.69 -13.70 -52.38
CA GLN I 37 48.99 -13.92 -53.08
C GLN I 37 49.22 -15.32 -53.64
N GLN I 38 49.38 -15.39 -54.97
CA GLN I 38 49.54 -16.64 -55.71
C GLN I 38 50.98 -17.01 -56.04
N LYS I 39 51.35 -18.23 -55.68
CA LYS I 39 52.64 -18.74 -56.07
C LYS I 39 52.26 -19.54 -57.31
N PRO I 40 53.09 -19.71 -58.33
CA PRO I 40 52.72 -20.44 -59.52
C PRO I 40 52.21 -21.83 -59.20
N GLY I 41 51.06 -22.17 -59.80
CA GLY I 41 50.43 -23.48 -59.63
C GLY I 41 49.57 -23.60 -58.37
N GLN I 42 49.57 -22.55 -57.53
CA GLN I 42 48.84 -22.55 -56.27
C GLN I 42 47.62 -21.67 -56.29
N ALA I 43 46.71 -21.93 -55.38
CA ALA I 43 45.57 -21.06 -55.15
C ALA I 43 46.09 -20.04 -54.14
N PRO I 44 45.96 -18.73 -54.38
CA PRO I 44 46.54 -17.68 -53.57
C PRO I 44 46.05 -17.60 -52.11
N SER I 45 46.96 -17.21 -51.21
CA SER I 45 46.69 -17.09 -49.76
C SER I 45 46.21 -15.71 -49.32
N LEU I 46 45.32 -15.68 -48.31
CA LEU I 46 44.77 -14.39 -47.83
C LEU I 46 45.79 -13.45 -47.25
N LEU I 47 45.76 -12.22 -47.74
CA LEU I 47 46.64 -11.17 -47.32
C LEU I 47 45.90 -10.05 -46.58
N ILE I 48 44.81 -9.59 -47.22
CA ILE I 48 43.96 -8.47 -46.78
C ILE I 48 42.48 -8.75 -46.79
N TYR I 49 41.77 -8.18 -45.82
CA TYR I 49 40.32 -8.29 -45.77
C TYR I 49 39.60 -6.94 -45.62
N ASP I 50 38.34 -6.93 -46.08
CA ASP I 50 37.43 -5.79 -46.05
C ASP I 50 38.09 -4.58 -46.72
N ALA I 51 38.80 -4.91 -47.81
CA ALA I 51 39.56 -4.10 -48.74
C ALA I 51 40.76 -3.34 -48.15
N SER I 52 41.14 -3.55 -46.89
CA SER I 52 42.30 -2.80 -46.37
C SER I 52 43.04 -3.41 -45.18
N ASN I 53 42.35 -4.19 -44.36
CA ASN I 53 42.88 -4.69 -43.11
C ASN I 53 43.84 -5.83 -43.31
N ARG I 54 44.95 -5.78 -42.61
CA ARG I 54 45.94 -6.83 -42.71
C ARG I 54 45.43 -8.10 -42.02
N ALA I 55 45.52 -9.23 -42.74
CA ALA I 55 45.09 -10.53 -42.24
C ALA I 55 46.04 -11.01 -41.16
N THR I 56 45.51 -11.77 -40.21
CA THR I 56 46.35 -12.31 -39.16
C THR I 56 47.43 -13.19 -39.75
N GLY I 57 48.67 -12.97 -39.31
CA GLY I 57 49.84 -13.72 -39.77
C GLY I 57 50.61 -12.99 -40.87
N ILE I 58 50.04 -11.91 -41.38
CA ILE I 58 50.65 -11.11 -42.42
C ILE I 58 51.51 -9.97 -41.87
N PRO I 59 52.76 -9.82 -42.34
CA PRO I 59 53.70 -8.76 -41.98
C PRO I 59 53.14 -7.37 -42.24
N ALA I 60 53.55 -6.42 -41.41
CA ALA I 60 53.11 -5.02 -41.41
C ALA I 60 53.39 -4.27 -42.69
N ARG I 61 54.28 -4.79 -43.52
CA ARG I 61 54.61 -4.17 -44.79
C ARG I 61 53.44 -4.20 -45.78
N PHE I 62 52.42 -5.04 -45.53
CA PHE I 62 51.28 -5.14 -46.45
C PHE I 62 49.99 -4.52 -45.91
N SER I 63 49.50 -3.46 -46.57
CA SER I 63 48.24 -2.83 -46.15
C SER I 63 47.54 -2.19 -47.33
N GLY I 64 46.22 -1.98 -47.24
CA GLY I 64 45.56 -1.33 -48.36
C GLY I 64 44.70 -0.14 -48.00
N SER I 65 44.00 0.36 -49.01
CA SER I 65 43.11 1.49 -48.92
C SER I 65 42.15 1.51 -50.10
N GLY I 66 41.12 2.36 -50.01
CA GLY I 66 40.20 2.52 -51.13
C GLY I 66 38.77 2.22 -50.78
N SER I 67 37.88 2.61 -51.68
CA SER I 67 36.45 2.40 -51.47
C SER I 67 35.63 2.43 -52.75
N GLY I 68 34.48 1.75 -52.72
CA GLY I 68 33.56 1.84 -53.82
C GLY I 68 34.12 1.06 -54.99
N THR I 69 34.84 1.78 -55.85
CA THR I 69 35.42 1.16 -57.02
C THR I 69 36.93 1.22 -57.07
N ASP I 70 37.54 2.12 -56.30
CA ASP I 70 38.98 2.33 -56.43
C ASP I 70 39.76 1.82 -55.23
N PHE I 71 40.53 0.75 -55.45
CA PHE I 71 41.25 0.09 -54.38
C PHE I 71 42.73 -0.12 -54.66
N THR I 72 43.53 -0.15 -53.60
CA THR I 72 44.95 -0.39 -53.77
C THR I 72 45.65 -1.07 -52.59
N LEU I 73 46.73 -1.76 -52.94
CA LEU I 73 47.65 -2.39 -51.99
C LEU I 73 49.04 -1.80 -52.06
N THR I 74 49.55 -1.44 -50.89
CA THR I 74 50.88 -0.92 -50.75
C THR I 74 51.75 -1.95 -50.07
N ILE I 75 52.86 -2.26 -50.71
CA ILE I 75 53.82 -3.17 -50.11
C ILE I 75 55.01 -2.25 -49.86
N SER I 76 55.31 -1.96 -48.59
CA SER I 76 56.28 -0.90 -48.36
C SER I 76 57.66 -1.19 -48.95
N SER I 77 58.02 -2.46 -48.94
CA SER I 77 59.26 -3.00 -49.48
C SER I 77 58.93 -4.39 -50.00
N LEU I 78 59.11 -4.64 -51.27
CA LEU I 78 58.74 -5.93 -51.82
C LEU I 78 59.94 -6.89 -51.74
N GLU I 79 59.81 -7.94 -50.94
CA GLU I 79 60.91 -8.89 -50.72
C GLU I 79 60.86 -9.95 -51.82
N PRO I 80 61.95 -10.68 -52.14
CA PRO I 80 61.96 -11.74 -53.15
C PRO I 80 60.81 -12.75 -52.99
N GLU I 81 60.45 -13.05 -51.75
CA GLU I 81 59.40 -14.00 -51.43
C GLU I 81 57.99 -13.50 -51.73
N ASP I 82 57.86 -12.19 -51.90
CA ASP I 82 56.61 -11.51 -52.10
C ASP I 82 56.29 -11.33 -53.57
N PHE I 83 57.14 -11.82 -54.48
CA PHE I 83 56.86 -11.64 -55.91
C PHE I 83 55.89 -12.70 -56.41
N ALA I 84 54.64 -12.50 -55.99
CA ALA I 84 53.45 -13.33 -56.19
C ALA I 84 52.50 -12.69 -57.17
N VAL I 85 51.50 -13.42 -57.64
CA VAL I 85 50.49 -12.75 -58.44
C VAL I 85 49.46 -12.26 -57.44
N TYR I 86 49.15 -10.98 -57.47
CA TYR I 86 48.20 -10.43 -56.51
C TYR I 86 46.82 -10.29 -57.08
N TYR I 87 45.86 -10.82 -56.35
CA TYR I 87 44.48 -10.75 -56.80
C TYR I 87 43.55 -10.06 -55.84
N CYS I 88 42.59 -9.30 -56.40
CA CYS I 88 41.47 -8.70 -55.67
C CYS I 88 40.23 -9.54 -55.89
N GLN I 89 39.64 -9.92 -54.77
CA GLN I 89 38.41 -10.69 -54.76
C GLN I 89 37.26 -9.77 -54.51
N GLN I 90 36.28 -9.82 -55.40
CA GLN I 90 35.05 -9.06 -55.36
C GLN I 90 34.01 -10.01 -54.78
N PRO I 91 32.90 -9.55 -54.23
CA PRO I 91 31.90 -10.41 -53.62
C PRO I 91 31.72 -11.80 -54.26
N LEU I 92 31.44 -11.85 -55.56
CA LEU I 92 31.21 -13.11 -56.24
C LEU I 92 32.16 -13.37 -57.42
N THR I 93 33.17 -12.53 -57.59
CA THR I 93 34.08 -12.63 -58.74
C THR I 93 35.53 -12.32 -58.38
N PHE I 94 36.46 -12.56 -59.29
CA PHE I 94 37.86 -12.18 -59.02
C PHE I 94 38.37 -11.32 -60.17
N GLY I 95 39.30 -10.41 -59.87
CA GLY I 95 39.92 -9.60 -60.92
C GLY I 95 41.00 -10.41 -61.66
N GLY I 96 41.53 -9.83 -62.73
CA GLY I 96 42.56 -10.50 -63.54
C GLY I 96 43.87 -10.83 -62.83
N GLY I 97 44.28 -9.99 -61.89
CA GLY I 97 45.49 -10.19 -61.11
C GLY I 97 46.71 -9.48 -61.68
N THR I 98 47.64 -9.11 -60.80
CA THR I 98 48.92 -8.52 -61.23
C THR I 98 50.05 -9.43 -60.94
N LYS I 99 50.79 -9.80 -61.98
CA LYS I 99 51.90 -10.70 -61.76
C LYS I 99 53.09 -9.88 -61.33
N VAL I 100 53.62 -10.15 -60.15
CA VAL I 100 54.75 -9.36 -59.72
C VAL I 100 56.02 -10.19 -59.95
N GLU I 101 56.97 -9.62 -60.70
CA GLU I 101 58.19 -10.31 -61.10
C GLU I 101 59.44 -9.58 -60.67
N ILE I 102 60.51 -10.33 -60.45
CA ILE I 102 61.76 -9.70 -60.06
C ILE I 102 62.44 -9.17 -61.33
N LYS I 103 62.80 -7.86 -61.31
CA LYS I 103 63.44 -7.13 -62.41
C LYS I 103 64.80 -7.76 -62.79
C1 NAG J . -8.02 56.72 46.37
C2 NAG J . -7.54 57.92 47.29
C3 NAG J . -6.92 59.02 46.36
C4 NAG J . -5.72 58.41 45.54
C5 NAG J . -6.25 57.18 44.71
C6 NAG J . -5.17 56.47 43.90
C7 NAG J . -9.69 58.53 48.89
C8 NAG J . -9.96 57.52 50.00
N2 NAG J . -8.71 58.43 48.00
O3 NAG J . -6.43 60.08 47.19
O4 NAG J . -5.26 59.41 44.59
O5 NAG J . -6.88 56.19 45.62
O6 NAG J . -5.65 55.33 43.19
O7 NAG J . -10.44 59.50 48.79
C1 NAG J . -3.79 59.76 44.63
C2 NAG J . -3.40 60.52 43.30
C3 NAG J . -1.87 60.86 43.36
C4 NAG J . -1.56 61.71 44.65
C5 NAG J . -2.01 60.90 45.91
C6 NAG J . -1.84 61.68 47.22
C7 NAG J . -4.49 60.02 41.09
C8 NAG J . -4.72 59.08 39.94
N2 NAG J . -3.68 59.65 42.11
O3 NAG J . -1.49 61.60 42.19
O4 NAG J . -0.16 61.97 44.72
O5 NAG J . -3.46 60.56 45.80
O6 NAG J . -2.56 62.91 47.24
O7 NAG J . -5.04 61.13 41.09
C1 NAG K . -3.16 62.06 25.60
C2 NAG K . -3.10 63.62 25.31
C3 NAG K . -1.89 63.87 24.35
C4 NAG K . -0.56 63.36 25.00
C5 NAG K . -0.71 61.82 25.31
C6 NAG K . 0.50 61.22 26.01
C7 NAG K . -5.43 64.53 25.27
C8 NAG K . -6.66 64.89 24.49
N2 NAG K . -4.36 64.02 24.62
O3 NAG K . -1.78 65.28 24.09
O4 NAG K . 0.56 63.49 24.08
O5 NAG K . -1.88 61.61 26.19
O6 NAG K . 0.34 59.83 26.25
O7 NAG K . -5.42 64.71 26.49
C1 NAG K . 1.36 64.78 24.08
C2 NAG K . 2.90 64.42 24.03
C3 NAG K . 3.71 65.77 24.01
C4 NAG K . 3.27 66.63 22.77
C5 NAG K . 1.72 66.92 22.87
C6 NAG K . 1.16 67.68 21.68
C7 NAG K . 4.09 62.60 25.28
C8 NAG K . 4.38 61.88 26.55
N2 NAG K . 3.25 63.64 25.26
O3 NAG K . 5.12 65.48 23.90
O4 NAG K . 3.99 67.87 22.78
O5 NAG K . 0.99 65.63 22.95
O6 NAG K . 1.24 66.93 20.46
O7 NAG K . 4.64 62.21 24.23
C1 NAG L . -19.05 57.63 63.92
C2 NAG L . -17.90 58.23 64.85
C3 NAG L . -18.47 59.51 65.55
C4 NAG L . -18.93 60.57 64.50
C5 NAG L . -19.99 59.90 63.55
C6 NAG L . -20.44 60.82 62.40
C7 NAG L . -16.38 56.67 66.05
C8 NAG L . -16.16 55.70 67.18
N2 NAG L . -17.57 57.25 65.91
O3 NAG L . -17.42 60.07 66.36
O4 NAG L . -19.62 61.57 65.29
O5 NAG L . -19.44 58.66 62.93
O6 NAG L . -19.35 61.35 61.66
O7 NAG L . -15.44 56.90 65.28
C1 NAG L . -19.31 63.02 65.01
C2 NAG L . -20.36 63.88 65.84
C3 NAG L . -20.10 65.39 65.54
C4 NAG L . -18.61 65.75 65.91
C5 NAG L . -17.64 64.84 65.07
C6 NAG L . -16.16 65.06 65.42
C7 NAG L . -22.60 62.86 66.27
C8 NAG L . -23.97 62.49 65.77
N2 NAG L . -21.74 63.49 65.45
O3 NAG L . -21.00 66.20 66.32
O4 NAG L . -18.36 67.13 65.61
O5 NAG L . -17.94 63.40 65.35
O6 NAG L . -15.30 64.39 64.50
O7 NAG L . -22.29 62.59 67.43
C1 NAG M . -33.67 47.28 72.90
C2 NAG M . -35.22 47.52 72.64
C3 NAG M . -35.98 47.06 73.91
C4 NAG M . -35.69 45.53 74.20
C5 NAG M . -34.12 45.32 74.31
C6 NAG M . -33.74 43.84 74.42
C7 NAG M . -36.12 49.34 71.20
C8 NAG M . -36.32 50.79 70.87
N2 NAG M . -35.44 48.96 72.31
O3 NAG M . -37.39 47.28 73.71
O4 NAG M . -36.21 45.21 75.52
O5 NAG M . -33.42 45.85 73.11
O6 NAG M . -32.35 43.68 74.68
O7 NAG M . -36.61 48.51 70.42
C1 NAG M . -37.50 44.44 75.61
C2 NAG M . -37.62 43.89 77.09
C3 NAG M . -38.97 43.09 77.22
C4 NAG M . -40.17 44.04 76.86
C5 NAG M . -39.97 44.57 75.39
C6 NAG M . -41.05 45.57 74.96
C7 NAG M . -35.72 43.01 78.48
C8 NAG M . -34.57 42.06 78.64
N2 NAG M . -36.46 42.98 77.35
O3 NAG M . -39.12 42.63 78.58
O4 NAG M . -41.39 43.29 76.94
O5 NAG M . -38.66 45.26 75.29
O6 NAG M . -41.13 46.71 75.82
O7 NAG M . -35.99 43.81 79.40
C1 NAG N . -45.00 55.97 16.55
C2 NAG N . -46.07 57.10 16.27
C3 NAG N . -47.41 56.40 15.84
C4 NAG N . -47.17 55.50 14.58
C5 NAG N . -46.05 54.45 14.91
C6 NAG N . -45.69 53.54 13.74
C7 NAG N . -46.00 58.76 18.45
C8 NAG N . -44.78 59.66 18.52
N2 NAG N . -46.24 57.88 17.49
O3 NAG N . -48.37 57.42 15.53
O4 NAG N . -48.39 54.75 14.31
O5 NAG N . -44.82 55.15 15.34
O6 NAG N . -44.64 52.63 14.04
O7 NAG N . -46.84 58.84 19.35
C1 NAG N . -48.97 54.89 12.92
C2 NAG N . -50.02 53.72 12.69
C3 NAG N . -50.59 53.87 11.23
C4 NAG N . -51.24 55.29 11.04
C5 NAG N . -50.14 56.38 11.33
C6 NAG N . -50.68 57.81 11.27
C7 NAG N . -49.76 51.45 13.71
C8 NAG N . -49.03 50.13 13.81
N2 NAG N . -49.36 52.39 12.84
O3 NAG N . -51.59 52.86 11.01
O4 NAG N . -51.70 55.43 9.70
O5 NAG N . -49.59 56.20 12.70
O6 NAG N . -51.75 58.04 12.19
O7 NAG N . -50.75 51.64 14.45
C1 NAG O . -54.82 36.62 13.03
C2 NAG O . -56.40 36.62 13.24
C3 NAG O . -57.03 35.75 12.09
C4 NAG O . -56.63 36.31 10.68
C5 NAG O . -55.06 36.32 10.58
C6 NAG O . -54.55 36.92 9.27
C7 NAG O . -56.90 36.73 15.68
C8 NAG O . -57.19 36.00 16.97
N2 NAG O . -56.70 36.01 14.56
O3 NAG O . -58.46 35.75 12.23
O4 NAG O . -57.12 35.44 9.62
O5 NAG O . -54.50 37.13 11.68
O6 NAG O . -53.12 36.89 9.19
O7 NAG O . -56.85 37.95 15.68
C1 NAG O . -58.50 35.69 9.05
C2 NAG O . -58.41 35.60 7.47
C3 NAG O . -59.86 35.84 6.90
C4 NAG O . -60.86 34.77 7.50
C5 NAG O . -60.85 34.92 9.06
C6 NAG O . -61.72 33.86 9.77
C7 NAG O . -56.62 36.50 5.98
C8 NAG O . -55.74 37.63 5.54
N2 NAG O . -57.49 36.67 6.98
O3 NAG O . -59.85 35.70 5.45
O4 NAG O . -62.18 35.02 6.99
O5 NAG O . -59.46 34.74 9.58
O6 NAG O . -61.23 32.54 9.59
O7 NAG O . -56.54 35.40 5.38
C1 NAG P . -40.79 73.23 27.26
C2 NAG P . -41.38 74.28 26.21
C3 NAG P . -42.40 75.19 26.97
C4 NAG P . -43.54 74.35 27.62
C5 NAG P . -42.89 73.28 28.57
C6 NAG P . -43.92 72.32 29.19
C7 NAG P . -39.91 75.19 24.42
C8 NAG P . -38.80 76.13 24.03
N2 NAG P . -40.30 75.14 25.70
O3 NAG P . -42.97 76.11 26.02
O4 NAG P . -44.25 75.31 28.45
O5 NAG P . -41.90 72.45 27.84
O6 NAG P . -44.76 71.69 28.21
O7 NAG P . -40.43 74.49 23.55
C1 NAG P . -45.75 75.31 28.40
C2 NAG P . -46.26 76.27 29.55
C3 NAG P . -47.83 76.26 29.55
C4 NAG P . -48.36 76.70 28.14
C5 NAG P . -47.79 75.72 27.05
C6 NAG P . -48.19 76.12 25.62
C7 NAG P . -44.82 76.47 31.59
C8 NAG P . -44.32 75.89 32.89
N2 NAG P . -45.73 75.78 30.86
O3 NAG P . -48.31 77.16 30.56
O4 NAG P . -49.79 76.66 28.14
O5 NAG P . -46.30 75.72 27.11
O6 NAG P . -47.85 75.11 24.68
O7 NAG P . -44.39 77.57 31.22
C1 NAG Q . -26.66 79.95 39.78
C2 NAG Q . -26.67 79.71 41.35
C3 NAG Q . -25.85 80.87 42.00
C4 NAG Q . -24.38 80.86 41.46
C5 NAG Q . -24.41 80.96 39.87
C6 NAG Q . -23.03 80.80 39.25
C7 NAG Q . -28.55 78.62 42.57
C8 NAG Q . -29.99 78.57 43.01
N2 NAG Q . -28.09 79.64 41.82
O3 NAG Q . -25.88 80.69 43.43
O4 NAG Q . -23.74 82.10 41.88
O5 NAG Q . -25.27 79.89 39.29
O6 NAG Q . -23.06 81.04 37.84
O7 NAG Q . -27.81 77.70 42.92
C1 NAG Q . -22.76 82.03 43.03
C2 NAG Q . -21.93 83.38 43.03
C3 NAG Q . -20.91 83.34 44.22
C4 NAG Q . -21.69 83.15 45.57
C5 NAG Q . -22.51 81.80 45.50
C6 NAG Q . -23.37 81.55 46.73
C7 NAG Q . -21.14 84.60 40.99
C8 NAG Q . -20.38 84.60 39.70
N2 NAG Q . -21.20 83.48 41.73
O3 NAG Q . -20.18 84.59 44.27
O4 NAG Q . -20.74 83.08 46.65
O5 NAG Q . -23.42 81.85 44.32
O6 NAG Q . -24.31 82.60 46.99
O7 NAG Q . -21.70 85.65 41.37
C1 NAG R . -43.59 26.04 53.41
C2 NAG R . -44.57 25.94 54.67
C3 NAG R . -43.75 25.38 55.87
C4 NAG R . -43.15 23.98 55.51
C5 NAG R . -42.26 24.13 54.22
C6 NAG R . -41.65 22.81 53.74
C7 NAG R . -45.79 28.40 54.83
C8 NAG R . -46.84 28.66 53.77
N2 NAG R . -45.07 27.29 54.94
O3 NAG R . -44.63 25.25 56.99
O4 NAG R . -42.27 23.56 56.60
O5 NAG R . -43.06 24.70 53.12
O6 NAG R . -40.89 22.95 52.54
O7 NAG R . -45.55 29.29 55.66
C1 NAG R . -42.56 22.21 57.21
C2 NAG R . -41.30 21.75 58.06
C3 NAG R . -41.61 20.35 58.66
C4 NAG R . -42.92 20.42 59.54
C5 NAG R . -44.11 20.91 58.64
C6 NAG R . -45.40 21.11 59.42
C7 NAG R . -38.95 22.34 57.41
C8 NAG R . -37.78 22.20 56.47
N2 NAG R . -40.09 21.67 57.17
O3 NAG R . -40.50 19.92 59.49
O4 NAG R . -43.22 19.11 60.06
O5 NAG R . -43.76 22.23 58.04
O6 NAG R . -45.28 22.04 60.49
O7 NAG R . -38.83 23.08 58.40
C1 NAG S . -23.88 18.85 59.92
C2 NAG S . -23.56 19.03 61.48
C3 NAG S . -22.82 17.74 61.97
C4 NAG S . -23.70 16.46 61.70
C5 NAG S . -23.99 16.39 60.15
C6 NAG S . -24.90 15.21 59.77
C7 NAG S . -23.13 21.45 61.95
C8 NAG S . -22.15 22.58 62.08
N2 NAG S . -22.68 20.22 61.65
O3 NAG S . -22.56 17.85 63.38
O4 NAG S . -22.97 15.25 62.06
O5 NAG S . -24.67 17.63 59.72
O6 NAG S . -25.12 15.16 58.37
O7 NAG S . -24.34 21.67 62.10
C1 NAG S . -23.09 14.73 63.47
C2 NAG S . -23.31 13.15 63.40
C3 NAG S . -23.40 12.61 64.88
C4 NAG S . -22.09 13.00 65.66
C5 NAG S . -21.94 14.56 65.66
C6 NAG S . -20.65 15.05 66.33
C7 NAG S . -24.75 11.87 61.81
C8 NAG S . -26.08 11.67 61.13
N2 NAG S . -24.59 12.88 62.68
O3 NAG S . -23.53 11.18 64.86
O4 NAG S . -22.21 12.52 67.02
O5 NAG S . -21.90 15.05 64.26
O6 NAG S . -19.47 14.63 65.63
O7 NAG S . -23.82 11.09 61.55
C1 NAG T . -59.04 39.82 51.95
C2 NAG T . -60.15 38.97 52.73
C3 NAG T . -60.72 39.87 53.88
C4 NAG T . -59.59 40.35 54.85
C5 NAG T . -58.49 41.09 54.01
C6 NAG T . -57.27 41.50 54.86
C7 NAG T . -61.61 37.41 51.45
C8 NAG T . -62.77 37.21 50.53
N2 NAG T . -61.26 38.65 51.82
O3 NAG T . -61.69 39.10 54.61
O4 NAG T . -60.25 41.33 55.69
O5 NAG T . -57.99 40.22 52.91
O6 NAG T . -56.70 40.42 55.59
O7 NAG T . -60.99 36.41 51.88
C1 NAG T . -60.00 41.26 57.18
C2 NAG T . -60.64 42.56 57.81
C3 NAG T . -60.36 42.53 59.36
C4 NAG T . -60.96 41.23 59.98
C5 NAG T . -60.32 39.98 59.27
C6 NAG T . -60.90 38.65 59.76
C7 NAG T . -60.69 44.61 56.40
C8 NAG T . -59.98 45.79 55.78
N2 NAG T . -60.01 43.76 57.18
O3 NAG T . -60.97 43.69 59.96
O4 NAG T . -60.69 41.19 61.39
O5 NAG T . -60.56 40.05 57.80
O6 NAG T . -60.15 37.53 59.27
O7 NAG T . -61.90 44.46 56.16
C1 NAG U . -65.59 53.55 38.92
C2 NAG U . -65.07 55.05 38.86
C3 NAG U . -66.20 55.92 38.25
C4 NAG U . -66.55 55.40 36.79
C5 NAG U . -66.93 53.86 36.87
C6 NAG U . -67.12 53.23 35.50
C7 NAG U . -63.47 56.02 40.51
C8 NAG U . -63.09 56.43 41.91
N2 NAG U . -64.68 55.48 40.24
O3 NAG U . -65.76 57.29 38.21
O4 NAG U . -67.77 56.06 36.37
O5 NAG U . -65.85 53.08 37.55
O6 NAG U . -67.61 51.90 35.59
O7 NAG U . -62.64 56.21 39.63
C1 NAG U . -67.66 57.19 35.36
C2 NAG U . -69.11 57.44 34.78
C3 NAG U . -69.01 58.62 33.74
C4 NAG U . -68.45 59.90 34.45
C5 NAG U . -67.02 59.57 35.03
C6 NAG U . -66.40 60.72 35.83
C7 NAG U . -70.80 55.68 34.23
C8 NAG U . -71.16 54.42 33.51
N2 NAG U . -69.56 56.19 34.10
O3 NAG U . -70.33 58.92 33.23
O4 NAG U . -68.34 60.96 33.49
O5 NAG U . -67.13 58.41 35.97
O6 NAG U . -67.22 61.16 36.92
O7 NAG U . -71.65 56.24 34.95
C1 NAG V . 13.23 1.31 43.91
C2 NAG V . 11.80 1.72 44.47
C3 NAG V . 11.81 1.54 46.04
C4 NAG V . 12.15 0.05 46.40
C5 NAG V . 13.55 -0.32 45.77
C6 NAG V . 13.93 -1.78 46.00
C7 NAG V . 10.67 3.55 43.19
C8 NAG V . 10.49 5.01 42.89
N2 NAG V . 11.53 3.15 44.14
O3 NAG V . 10.51 1.87 46.57
O4 NAG V . 12.19 -0.10 47.81
O5 NAG V . 13.52 -0.10 44.30
O6 NAG V . 15.28 -2.05 45.63
O7 NAG V . 10.01 2.73 42.53
C1 NAG W . -23.10 36.30 66.92
C2 NAG W . -24.63 36.63 67.26
C3 NAG W . -24.71 37.14 68.73
C4 NAG W . -24.15 36.04 69.70
C5 NAG W . -22.66 35.72 69.30
C6 NAG W . -22.05 34.59 70.14
C7 NAG W . -25.81 37.40 65.20
C8 NAG W . -26.20 38.50 64.26
N2 NAG W . -25.08 37.68 66.30
O3 NAG W . -26.09 37.41 69.06
O4 NAG W . -24.19 36.52 71.05
O5 NAG W . -22.60 35.28 67.88
O6 NAG W . -22.79 33.37 70.04
O7 NAG W . -26.16 36.24 64.94
C1 NAG X . 28.16 -39.25 6.12
C2 NAG X . 28.97 -39.54 7.46
C3 NAG X . 29.76 -38.25 7.88
C4 NAG X . 30.71 -37.81 6.71
C5 NAG X . 29.86 -37.56 5.42
C6 NAG X . 30.70 -37.19 4.19
C7 NAG X . 27.84 -41.17 8.99
C8 NAG X . 26.81 -41.45 10.05
N2 NAG X . 28.00 -39.91 8.53
O3 NAG X . 30.53 -38.51 9.06
O4 NAG X . 31.39 -36.61 7.09
O5 NAG X . 29.10 -38.81 5.07
O6 NAG X . 29.88 -36.63 3.16
O7 NAG X . 28.53 -42.10 8.57
C1 NAG Y . 41.95 12.74 27.37
C2 NAG Y . 43.53 12.56 27.50
C3 NAG Y . 43.94 12.88 28.97
C4 NAG Y . 43.49 14.34 29.34
C5 NAG Y . 41.94 14.45 29.17
C6 NAG Y . 41.40 15.86 29.43
C7 NAG Y . 44.25 10.73 25.96
C8 NAG Y . 44.64 9.31 25.71
N2 NAG Y . 43.92 11.15 27.19
O3 NAG Y . 45.37 12.77 29.11
O4 NAG Y . 43.86 14.62 30.69
O5 NAG Y . 41.57 14.10 27.77
O6 NAG Y . 39.98 15.89 29.49
O7 NAG Y . 44.24 11.51 25.00
C1 NAG Z . 28.44 39.10 1.98
C2 NAG Z . 29.13 39.51 3.36
C3 NAG Z . 29.05 41.07 3.52
C4 NAG Z . 29.76 41.76 2.31
C5 NAG Z . 29.06 41.30 0.98
C6 NAG Z . 29.73 41.85 -0.28
C7 NAG Z . 28.90 37.98 5.32
C8 NAG Z . 28.06 37.36 6.40
N2 NAG Z . 28.36 38.86 4.46
O3 NAG Z . 29.72 41.45 4.74
O4 NAG Z . 29.65 43.18 2.45
O5 NAG Z . 29.12 39.82 0.88
O6 NAG Z . 29.48 43.24 -0.48
O7 NAG Z . 30.10 37.66 5.25
C1 NAG AA . -10.34 43.14 60.08
C2 NAG AA . -9.03 43.78 59.42
C3 NAG AA . -7.95 42.65 59.25
C4 NAG AA . -7.61 42.01 60.64
C5 NAG AA . -8.93 41.43 61.25
C6 NAG AA . -8.76 40.85 62.66
C7 NAG AA . -9.40 45.59 57.74
C8 NAG AA . -9.81 45.98 56.36
N2 NAG AA . -9.39 44.30 58.08
O3 NAG AA . -6.75 43.23 58.71
O4 NAG AA . -6.65 40.98 60.47
O5 NAG AA . -9.96 42.51 61.36
O6 NAG AA . -7.98 39.67 62.70
O7 NAG AA . -9.09 46.48 58.53
C1 NAG BA . 66.56 0.90 9.87
C2 NAG BA . 67.46 0.29 8.69
C3 NAG BA . 66.79 -1.02 8.16
C4 NAG BA . 66.62 -2.05 9.33
C5 NAG BA . 65.74 -1.39 10.46
C6 NAG BA . 65.58 -2.28 11.70
C7 NAG BA . 68.59 2.14 7.44
C8 NAG BA . 68.58 3.12 6.31
N2 NAG BA . 67.55 1.29 7.58
O3 NAG BA . 67.61 -1.61 7.13
O4 NAG BA . 65.97 -3.23 8.85
O5 NAG BA . 66.40 -0.13 10.92
O6 NAG BA . 64.62 -1.76 12.61
O7 NAG BA . 69.55 2.14 8.22
C1 NAG CA . 4.65 43.56 -13.62
C2 NAG CA . 4.59 44.18 -12.14
C3 NAG CA . 5.05 45.68 -12.21
C4 NAG CA . 6.50 45.76 -12.81
C5 NAG CA . 6.51 45.10 -14.23
C6 NAG CA . 7.91 45.06 -14.86
C7 NAG CA . 2.77 43.24 -10.70
C8 NAG CA . 1.33 43.21 -10.27
N2 NAG CA . 3.19 44.11 -11.64
O3 NAG CA . 5.05 46.24 -10.89
O4 NAG CA . 6.91 47.13 -12.90
O5 NAG CA . 6.02 43.69 -14.14
O6 NAG CA . 7.87 44.66 -16.23
O7 NAG CA . 3.55 42.43 -10.18
C1 NAG DA . -18.89 72.18 27.63
C2 NAG DA . -18.90 72.55 29.18
C3 NAG DA . -19.10 74.09 29.33
C4 NAG DA . -17.95 74.84 28.57
C5 NAG DA . -17.96 74.42 27.06
C6 NAG DA . -16.82 75.03 26.25
C7 NAG DA . -19.82 70.65 30.52
C8 NAG DA . -21.00 69.93 31.11
N2 NAG DA . -20.01 71.79 29.83
O3 NAG DA . -19.08 74.44 30.73
O4 NAG DA . -18.17 76.25 28.67
O5 NAG DA . -17.82 72.93 26.95
O6 NAG DA . -15.54 74.70 26.78
O7 NAG DA . -18.68 70.17 30.67
C1 NAG EA . 34.42 -0.88 -34.43
C2 NAG EA . 34.82 0.39 -35.30
C3 NAG EA . 33.51 1.05 -35.86
C4 NAG EA . 32.72 0.00 -36.72
C5 NAG EA . 32.38 -1.24 -35.81
C6 NAG EA . 31.65 -2.37 -36.55
C7 NAG EA . 36.86 1.58 -34.48
C8 NAG EA . 37.51 2.55 -33.54
N2 NAG EA . 35.54 1.35 -34.41
O3 NAG EA . 33.86 2.18 -36.69
O4 NAG EA . 31.51 0.60 -37.19
O5 NAG EA . 33.65 -1.81 -35.26
O6 NAG EA . 31.06 -3.28 -35.63
O7 NAG EA . 37.57 0.99 -35.32
C1 NAG FA . -14.30 29.81 -39.71
C2 NAG FA . -14.36 29.93 -41.31
C3 NAG FA . -14.47 31.45 -41.69
C4 NAG FA . -15.74 32.08 -41.01
C5 NAG FA . -15.62 31.91 -39.45
C6 NAG FA . -16.85 32.42 -38.70
C7 NAG FA . -13.01 28.08 -42.30
C8 NAG FA . -11.74 27.59 -42.91
N2 NAG FA . -13.13 29.37 -41.92
O3 NAG FA . -14.58 31.58 -43.12
O4 NAG FA . -15.81 33.46 -41.34
O5 NAG FA . -15.48 30.46 -39.12
O6 NAG FA . -16.63 32.46 -37.29
O7 NAG FA . -13.93 27.30 -42.14
C1 NAG GA . -42.26 9.58 -21.54
C2 NAG GA . -42.52 11.03 -22.17
C3 NAG GA . -43.98 11.47 -21.84
C4 NAG GA . -45.00 10.42 -22.40
C5 NAG GA . -44.68 9.01 -21.77
C6 NAG GA . -45.56 7.89 -22.32
C7 NAG GA . -40.63 12.66 -22.25
C8 NAG GA . -39.69 13.59 -21.53
N2 NAG GA . -41.55 11.97 -21.54
O3 NAG GA . -44.23 12.75 -22.46
O4 NAG GA . -46.33 10.82 -22.07
O5 NAG GA . -43.27 8.64 -22.08
O6 NAG GA . -46.90 7.95 -21.83
O7 NAG GA . -40.53 12.55 -23.47
C1 NAG HA . -28.93 66.90 16.32
C2 NAG HA . -29.88 66.38 15.15
C3 NAG HA . -29.01 66.02 13.89
C4 NAG HA . -28.18 67.27 13.44
C5 NAG HA . -27.28 67.74 14.63
C6 NAG HA . -26.50 69.03 14.33
C7 NAG HA . -31.89 65.07 15.85
C8 NAG HA . -32.45 63.78 16.34
N2 NAG HA . -30.57 65.16 15.61
O3 NAG HA . -29.87 65.61 12.82
O4 NAG HA . -27.38 66.92 12.31
O5 NAG HA . -28.14 68.04 15.81
O6 NAG HA . -25.48 68.85 13.36
O7 NAG HA . -32.66 66.01 15.67
C1 NAG IA . -10.19 10.76 -65.64
C2 NAG IA . -9.98 9.51 -66.62
C3 NAG IA . -8.69 8.73 -66.15
C4 NAG IA . -7.45 9.69 -66.18
C5 NAG IA . -7.73 10.91 -65.23
C6 NAG IA . -6.61 11.95 -65.23
C7 NAG IA . -12.18 8.64 -67.39
C8 NAG IA . -13.35 7.71 -67.20
N2 NAG IA . -11.16 8.60 -66.52
O3 NAG IA . -8.45 7.62 -67.04
O4 NAG IA . -6.28 8.99 -65.74
O5 NAG IA . -8.97 11.60 -65.67
O6 NAG IA . -6.78 12.93 -64.22
O7 NAG IA . -12.20 9.41 -68.35
C1 NAG JA . -45.48 -5.24 2.94
C2 NAG JA . -45.80 -3.67 3.07
C3 NAG JA . -47.34 -3.45 2.87
C4 NAG JA . -47.77 -4.01 1.46
C5 NAG JA . -47.40 -5.53 1.37
C6 NAG JA . -47.71 -6.14 0.00
C7 NAG JA . -44.31 -2.46 4.69
C8 NAG JA . -43.97 -2.06 6.09
N2 NAG JA . -45.40 -3.21 4.44
O3 NAG JA . -47.64 -2.06 2.95
O4 NAG JA . -49.18 -3.85 1.30
O5 NAG JA . -45.93 -5.71 1.62
O6 NAG JA . -47.56 -7.56 -0.01
O7 NAG JA . -43.57 -2.09 3.78
C1 NAG KA . -61.62 40.28 30.19
C2 NAG KA . -61.68 41.87 30.23
C3 NAG KA . -63.12 42.30 30.68
C4 NAG KA . -64.18 41.71 29.68
C5 NAG KA . -64.04 40.15 29.66
C6 NAG KA . -64.98 39.48 28.64
C7 NAG KA . -59.45 42.82 30.80
C8 NAG KA . -58.45 43.25 31.82
N2 NAG KA . -60.65 42.35 31.18
O3 NAG KA . -63.21 43.74 30.69
O4 NAG KA . -65.49 42.07 30.13
O5 NAG KA . -62.65 39.77 29.26
O6 NAG KA . -64.79 39.95 27.31
O7 NAG KA . -59.15 42.90 29.59
C1 NAG LA . -11.29 -33.53 -33.46
C2 NAG LA . -12.75 -34.14 -33.62
C3 NAG LA . -13.27 -34.59 -32.22
C4 NAG LA . -12.27 -35.63 -31.59
C5 NAG LA . -10.85 -34.97 -31.48
C6 NAG LA . -9.77 -35.92 -30.93
C7 NAG LA . -14.08 -33.09 -35.46
C8 NAG LA . -14.96 -31.97 -35.95
N2 NAG LA . -13.64 -33.09 -34.19
O3 NAG LA . -14.57 -35.19 -32.35
O4 NAG LA . -12.74 -36.01 -30.28
O5 NAG LA . -10.41 -34.53 -32.84
O6 NAG LA . -8.62 -35.19 -30.53
O7 NAG LA . -13.79 -34.01 -36.24
C1 NAG MA . -33.82 -33.68 19.79
C2 NAG MA . -34.23 -35.23 19.90
C3 NAG MA . -35.75 -35.32 20.26
C4 NAG MA . -36.02 -34.55 21.61
C5 NAG MA . -35.59 -33.05 21.44
C6 NAG MA . -35.73 -32.23 22.72
C7 NAG MA . -32.84 -36.52 18.27
C8 NAG MA . -32.69 -37.20 16.95
N2 NAG MA . -34.00 -35.92 18.60
O3 NAG MA . -36.13 -36.71 20.42
O4 NAG MA . -37.41 -34.63 21.93
O5 NAG MA . -34.15 -33.00 21.05
O6 NAG MA . -35.55 -30.84 22.48
O7 NAG MA . -31.90 -36.54 19.06
C1 NAG NA . -6.19 -19.96 43.64
C2 NAG NA . -7.65 -20.31 44.15
C3 NAG NA . -7.78 -19.92 45.66
C4 NAG NA . -6.70 -20.68 46.50
C5 NAG NA . -5.28 -20.32 45.94
C6 NAG NA . -4.13 -21.08 46.63
C7 NAG NA . -9.57 -20.06 42.57
C8 NAG NA . -10.51 -19.17 41.78
N2 NAG NA . -8.61 -19.51 43.35
O3 NAG NA . -9.09 -20.30 46.14
O4 NAG NA . -6.81 -20.30 47.87
O5 NAG NA . -5.20 -20.67 44.50
O6 NAG NA . -3.88 -20.61 47.95
O7 NAG NA . -9.71 -21.29 42.48
C1 NAG OA . -56.91 28.05 39.40
C2 NAG OA . -56.47 26.79 40.28
C3 NAG OA . -56.50 25.51 39.37
C4 NAG OA . -57.93 25.30 38.78
C5 NAG OA . -58.32 26.57 37.95
C6 NAG OA . -59.75 26.53 37.40
C7 NAG OA . -54.73 27.21 42.02
C8 NAG OA . -53.30 27.44 42.35
N2 NAG OA . -55.08 27.02 40.74
O3 NAG OA . -56.15 24.36 40.18
O4 NAG OA . -57.94 24.14 37.95
O5 NAG OA . -58.24 27.78 38.83
O6 NAG OA . -59.93 25.56 36.37
O7 NAG OA . -55.55 27.20 42.94
C1 NAG PA . -20.87 -62.64 13.02
C2 NAG PA . -19.87 -63.83 12.62
C3 NAG PA . -19.24 -63.50 11.22
C4 NAG PA . -20.38 -63.33 10.15
C5 NAG PA . -21.34 -62.17 10.62
C6 NAG PA . -22.54 -61.97 9.68
C7 NAG PA . -18.79 -64.77 14.66
C8 NAG PA . -17.66 -64.77 15.65
N2 NAG PA . -18.77 -63.92 13.63
O3 NAG PA . -18.37 -64.58 10.81
O4 NAG PA . -19.82 -63.01 8.88
O5 NAG PA . -21.89 -62.50 11.96
O6 NAG PA . -23.28 -60.79 10.00
O7 NAG PA . -19.72 -65.58 14.83
#